data_7FD5
#
_entry.id   7FD5
#
loop_
_entity.id
_entity.type
_entity.pdbx_description
1 polymer 'Lon protease'
2 polymer Alpha-S1-casein
3 non-polymer "ADENOSINE-5'-DIPHOSPHATE"
4 non-polymer N-[(1R)-1-(dihydroxyboranyl)-2-phenylethyl]-Nalpha-(pyrazin-2-ylcarbonyl)-L-phenylalaninamide
5 non-polymer 'PHOSPHOTHIOPHOSPHORIC ACID-ADENYLATE ESTER'
#
loop_
_entity_poly.entity_id
_entity_poly.type
_entity_poly.pdbx_seq_one_letter_code
_entity_poly.pdbx_strand_id
1 'polypeptide(L)'
;MRLELPVIPLRNTVILPHTTTPVDVGRAKSKRAVEEAMGADRLIFLVAQRDPEVDDPAPDDLYTWGVQAVVKQAMRLPDG
TLQVMVEARARAQVTDYIPGPYLRARGEVFSEIFPIDEAVVRVLVEELKEAFEKYVANHKSLRLDRYQLEAVKGTSDPAM
LADTIAYHATWTVAEKQEILELTDLEARLKKVLGLLSRDLERFELDKRVAQRVKEQMDTNQREYYLREQMKAIQKELGGE
DGLSDLEALRKKIEEVGMPEAVKTKALKELDRLERMQQGSPEATVARTYLDWLTEVPWSKADPEVLDINHTRQVLDEDHY
GLKDVKERILEYLAVRQLTQGLDVRNKAPILVLVGPPGVGKTSLGRSIARSMNRKFHRISLGGVRDEAEIRGHRRTYIGA
MPGKLIHAMKQVGVINPVILLDEIDKMSSDWRGDPASAMLEVLDPEQNNTFTDHYLDVPYDLSKVFFITTANTLQTIPRP
LLDRMEVIEIPGYTNMEKQAIARQYLWPKQVRESGMEGRIEVTDAAILRVISEYTREAGVRGLERELGKIARKGAKFWLE
GAWEGLRTIDASDIPTYLGIPRYRPDKAETEPQVGTAQGLAWTPVGGTLLTIEVAAVPGSGKLSLTGQLGEVMKESAQAA
LTYLRAHTQDYGLPEDFYNKVDLHVHVPDGATPKDGPSAGITMATAIASALSRRPARMDIAMTGEVSLRGKVMPIGGVKE
KLLAAHQAGIHKIVLPKDNEAQLEELPKEVLEGLEIKLVEDVGEVLEYLLLPEPTMPPVVQPSDNRQQPGAGA
;
F,B,D,C,E,A
2 'polypeptide(L)'
;(UNK)(UNK)(UNK)(UNK)(UNK)(UNK)(UNK)(UNK)(UNK)(UNK)(UNK)(UNK)(UNK)(UNK)(UNK)(UNK)
(UNK)(UNK)(UNK)(UNK)(UNK)(UNK)
;
S
#
loop_
_chem_comp.id
_chem_comp.type
_chem_comp.name
_chem_comp.formula
4KZ non-polymer N-[(1R)-1-(dihydroxyboranyl)-2-phenylethyl]-Nalpha-(pyrazin-2-ylcarbonyl)-L-phenylalaninamide 'C22 H23 B N4 O4'
ADP non-polymer ADENOSINE-5'-DIPHOSPHATE 'C10 H15 N5 O10 P2'
AGS non-polymer 'PHOSPHOTHIOPHOSPHORIC ACID-ADENYLATE ESTER' 'C10 H16 N5 O12 P3 S'
#
# COMPACT_ATOMS: atom_id res chain seq x y z
N ARG A 2 -13.92 -4.73 -116.46
CA ARG A 2 -14.10 -3.29 -116.48
C ARG A 2 -15.44 -2.90 -115.88
N LEU A 3 -16.37 -2.44 -116.72
CA LEU A 3 -17.77 -2.22 -116.39
C LEU A 3 -17.93 -1.20 -115.26
N GLU A 4 -17.73 0.08 -115.64
CA GLU A 4 -17.93 1.22 -114.75
C GLU A 4 -19.30 1.24 -114.08
N LEU A 5 -19.32 1.07 -112.76
CA LEU A 5 -20.55 1.06 -111.97
C LEU A 5 -20.43 2.13 -110.89
N PRO A 6 -21.54 2.67 -110.38
CA PRO A 6 -21.42 3.71 -109.36
C PRO A 6 -21.11 3.13 -107.99
N VAL A 7 -20.31 3.85 -107.23
CA VAL A 7 -20.00 3.52 -105.84
C VAL A 7 -20.99 4.23 -104.94
N ILE A 8 -21.79 3.49 -104.22
CA ILE A 8 -22.57 4.06 -103.13
C ILE A 8 -21.63 4.33 -101.96
N PRO A 9 -21.55 5.57 -101.46
CA PRO A 9 -20.52 5.92 -100.48
C PRO A 9 -20.79 5.28 -99.12
N LEU A 10 -19.86 4.46 -98.66
CA LEU A 10 -20.04 3.68 -97.44
C LEU A 10 -19.52 4.49 -96.26
N ARG A 11 -20.41 4.78 -95.31
CA ARG A 11 -20.09 5.58 -94.14
C ARG A 11 -20.04 4.77 -92.85
N ASN A 12 -20.74 3.65 -92.77
CA ASN A 12 -20.82 2.89 -91.52
C ASN A 12 -19.94 1.65 -91.49
N THR A 13 -19.86 0.89 -92.58
CA THR A 13 -19.03 -0.31 -92.64
C THR A 13 -18.83 -0.70 -94.10
N VAL A 14 -18.20 -1.87 -94.28
CA VAL A 14 -18.15 -2.57 -95.56
C VAL A 14 -19.41 -3.42 -95.66
N ILE A 15 -20.10 -3.34 -96.81
CA ILE A 15 -21.18 -4.28 -97.07
C ILE A 15 -20.56 -5.66 -97.24
N LEU A 16 -21.02 -6.62 -96.43
CA LEU A 16 -20.46 -7.96 -96.44
C LEU A 16 -20.69 -8.63 -97.80
N PRO A 17 -19.75 -9.45 -98.26
CA PRO A 17 -19.97 -10.19 -99.51
C PRO A 17 -21.02 -11.28 -99.33
N HIS A 18 -21.92 -11.35 -100.31
CA HIS A 18 -23.02 -12.34 -100.39
C HIS A 18 -23.96 -12.29 -99.20
N THR A 19 -24.06 -11.14 -98.53
CA THR A 19 -24.88 -11.05 -97.31
C THR A 19 -25.73 -9.79 -97.36
N THR A 20 -27.03 -9.95 -97.11
CA THR A 20 -27.98 -8.86 -97.12
C THR A 20 -27.82 -8.01 -95.87
N THR A 21 -27.67 -6.70 -96.07
CA THR A 21 -27.53 -5.64 -95.08
C THR A 21 -28.69 -4.66 -95.20
N PRO A 22 -29.12 -4.04 -94.09
CA PRO A 22 -30.23 -3.08 -94.17
C PRO A 22 -29.81 -1.81 -94.90
N VAL A 23 -30.79 -1.18 -95.54
CA VAL A 23 -30.55 -0.11 -96.51
C VAL A 23 -30.95 1.22 -95.88
N ASP A 24 -29.95 2.07 -95.66
CA ASP A 24 -30.12 3.48 -95.29
C ASP A 24 -29.36 4.30 -96.32
N VAL A 25 -30.03 4.61 -97.43
CA VAL A 25 -29.45 5.40 -98.52
C VAL A 25 -30.37 6.60 -98.72
N GLY A 26 -30.00 7.73 -98.13
CA GLY A 26 -30.80 8.94 -98.23
C GLY A 26 -30.03 10.24 -98.25
N ARG A 27 -28.71 10.20 -98.37
CA ARG A 27 -27.93 11.43 -98.40
C ARG A 27 -28.12 12.16 -99.73
N ALA A 28 -27.83 13.46 -99.71
CA ALA A 28 -28.25 14.37 -100.76
C ALA A 28 -27.50 14.21 -102.07
N LYS A 29 -26.41 13.44 -102.10
CA LYS A 29 -25.60 13.29 -103.30
C LYS A 29 -25.47 11.82 -103.68
N SER A 30 -26.57 11.07 -103.56
CA SER A 30 -26.52 9.65 -103.89
C SER A 30 -27.65 9.15 -104.77
N LYS A 31 -28.73 9.91 -104.97
CA LYS A 31 -29.78 9.52 -105.92
C LYS A 31 -29.24 9.50 -107.35
N ARG A 32 -28.23 10.32 -107.62
CA ARG A 32 -27.44 10.19 -108.85
C ARG A 32 -26.82 8.80 -108.93
N ALA A 33 -26.16 8.35 -107.86
CA ALA A 33 -25.61 7.00 -107.84
C ALA A 33 -26.69 5.93 -107.82
N VAL A 34 -27.88 6.24 -107.28
CA VAL A 34 -28.98 5.28 -107.27
C VAL A 34 -29.50 5.03 -108.67
N GLU A 35 -29.90 6.08 -109.39
CA GLU A 35 -30.38 5.86 -110.75
C GLU A 35 -29.26 5.79 -111.79
N GLU A 36 -28.01 5.77 -111.37
CA GLU A 36 -26.96 5.28 -112.25
C GLU A 36 -26.50 3.88 -111.89
N ALA A 37 -26.97 3.33 -110.76
CA ALA A 37 -26.94 1.88 -110.57
C ALA A 37 -28.14 1.21 -111.22
N MET A 38 -29.26 1.94 -111.31
CA MET A 38 -30.39 1.45 -112.09
C MET A 38 -30.08 1.43 -113.58
N GLY A 39 -29.25 2.35 -114.05
CA GLY A 39 -28.90 2.46 -115.45
C GLY A 39 -27.59 1.81 -115.84
N ALA A 40 -27.07 0.89 -115.03
CA ALA A 40 -25.81 0.24 -115.34
C ALA A 40 -25.93 -1.28 -115.22
N ASP A 41 -26.96 -1.84 -115.89
CA ASP A 41 -27.25 -3.27 -115.93
C ASP A 41 -27.57 -3.80 -114.52
N ARG A 42 -28.16 -2.92 -113.70
CA ARG A 42 -28.67 -3.21 -112.35
C ARG A 42 -27.58 -3.76 -111.43
N LEU A 43 -26.35 -3.28 -111.59
CA LEU A 43 -25.19 -3.76 -110.85
C LEU A 43 -24.49 -2.59 -110.17
N ILE A 44 -23.95 -2.84 -108.97
CA ILE A 44 -23.60 -1.80 -108.01
C ILE A 44 -22.15 -2.00 -107.57
N PHE A 45 -21.36 -0.92 -107.60
CA PHE A 45 -20.08 -0.91 -106.90
C PHE A 45 -20.25 -0.39 -105.48
N LEU A 46 -19.42 -0.90 -104.57
CA LEU A 46 -19.50 -0.56 -103.15
C LEU A 46 -18.06 -0.47 -102.62
N VAL A 47 -17.58 0.74 -102.36
CA VAL A 47 -16.25 0.94 -101.82
C VAL A 47 -16.39 1.67 -100.49
N ALA A 48 -15.77 1.11 -99.45
CA ALA A 48 -15.72 1.78 -98.16
C ALA A 48 -14.55 2.76 -98.10
N GLN A 49 -14.75 3.81 -97.33
CA GLN A 49 -13.72 4.83 -97.11
C GLN A 49 -12.76 4.34 -96.03
N ARG A 50 -11.93 5.26 -95.53
CA ARG A 50 -11.02 4.98 -94.42
C ARG A 50 -11.75 4.99 -93.09
N ASP A 51 -11.00 5.06 -91.99
CA ASP A 51 -11.46 5.20 -90.61
C ASP A 51 -12.45 6.37 -90.49
N PRO A 52 -13.47 6.32 -89.55
CA PRO A 52 -14.83 6.86 -89.81
C PRO A 52 -15.05 8.28 -90.35
N GLU A 53 -16.32 8.50 -90.70
CA GLU A 53 -16.88 9.42 -91.70
C GLU A 53 -16.18 10.75 -91.98
N VAL A 54 -15.97 11.03 -93.27
CA VAL A 54 -15.78 12.36 -93.81
C VAL A 54 -16.95 12.64 -94.74
N ASP A 55 -17.63 13.77 -94.54
CA ASP A 55 -18.96 13.99 -95.11
C ASP A 55 -18.98 14.22 -96.61
N ASP A 56 -17.95 14.84 -97.19
CA ASP A 56 -17.93 15.13 -98.62
C ASP A 56 -16.93 14.19 -99.27
N PRO A 57 -17.37 13.31 -100.18
CA PRO A 57 -16.47 12.28 -100.72
C PRO A 57 -15.37 12.83 -101.60
N ALA A 58 -14.27 12.09 -101.68
CA ALA A 58 -13.02 12.60 -102.22
C ALA A 58 -12.19 11.41 -102.70
N PRO A 59 -11.14 11.66 -103.52
CA PRO A 59 -10.18 10.58 -103.83
C PRO A 59 -9.12 10.37 -102.77
N ASP A 60 -9.37 10.85 -101.55
CA ASP A 60 -8.53 10.68 -100.37
C ASP A 60 -8.68 9.30 -99.73
N ASP A 61 -9.31 8.35 -100.44
CA ASP A 61 -9.78 7.08 -99.88
C ASP A 61 -8.96 5.93 -100.46
N LEU A 62 -7.64 6.10 -100.54
CA LEU A 62 -6.80 5.24 -101.36
C LEU A 62 -6.58 3.86 -100.74
N TYR A 63 -7.60 3.00 -100.89
CA TYR A 63 -7.50 1.56 -100.74
C TYR A 63 -7.21 0.94 -102.11
N THR A 64 -7.11 -0.39 -102.13
CA THR A 64 -6.93 -1.18 -103.35
C THR A 64 -7.83 -2.42 -103.33
N TRP A 65 -9.06 -2.28 -102.81
CA TRP A 65 -10.00 -3.39 -102.72
C TRP A 65 -11.41 -2.85 -102.97
N GLY A 66 -12.38 -3.76 -103.03
CA GLY A 66 -13.76 -3.38 -103.29
C GLY A 66 -14.72 -4.52 -103.06
N VAL A 67 -16.01 -4.23 -103.30
CA VAL A 67 -17.08 -5.24 -103.19
C VAL A 67 -18.24 -4.74 -104.04
N GLN A 68 -19.06 -5.68 -104.53
CA GLN A 68 -20.15 -5.40 -105.48
C GLN A 68 -21.50 -5.78 -104.88
N ALA A 69 -22.55 -5.56 -105.68
CA ALA A 69 -23.93 -5.83 -105.27
C ALA A 69 -24.81 -6.01 -106.51
N VAL A 70 -26.13 -6.00 -106.30
CA VAL A 70 -27.12 -6.15 -107.36
C VAL A 70 -28.39 -5.45 -106.91
N VAL A 71 -29.31 -5.22 -107.84
CA VAL A 71 -30.60 -4.60 -107.55
C VAL A 71 -31.64 -5.70 -107.38
N LYS A 72 -32.45 -5.61 -106.32
CA LYS A 72 -33.55 -6.55 -106.11
C LYS A 72 -34.91 -5.85 -106.15
N GLN A 73 -35.13 -4.85 -105.31
CA GLN A 73 -36.33 -4.02 -105.38
C GLN A 73 -35.93 -2.56 -105.32
N ALA A 74 -36.79 -1.70 -105.84
CA ALA A 74 -36.68 -0.25 -105.63
C ALA A 74 -38.08 0.28 -105.35
N MET A 75 -38.49 0.21 -104.09
CA MET A 75 -39.81 0.66 -103.66
C MET A 75 -39.60 1.82 -102.70
N ARG A 76 -40.03 3.01 -103.09
CA ARG A 76 -39.80 4.22 -102.30
C ARG A 76 -40.65 4.19 -101.04
N LEU A 77 -40.24 5.00 -100.05
CA LEU A 77 -40.94 5.06 -98.78
C LEU A 77 -41.70 6.38 -98.66
N PRO A 78 -42.86 6.40 -97.96
CA PRO A 78 -43.67 7.63 -97.86
C PRO A 78 -43.17 8.59 -96.79
N ASP A 79 -41.88 8.94 -96.84
CA ASP A 79 -41.31 9.90 -95.93
C ASP A 79 -40.29 10.84 -96.59
N GLY A 80 -40.07 10.73 -97.89
CA GLY A 80 -39.11 11.56 -98.60
C GLY A 80 -37.85 10.83 -99.02
N THR A 81 -37.56 9.66 -98.44
CA THR A 81 -36.31 8.96 -98.69
C THR A 81 -36.54 7.79 -99.63
N LEU A 82 -35.72 7.70 -100.67
CA LEU A 82 -35.77 6.62 -101.64
C LEU A 82 -35.24 5.34 -101.00
N GLN A 83 -35.79 4.20 -101.40
CA GLN A 83 -35.23 2.89 -101.05
C GLN A 83 -34.97 2.08 -102.31
N VAL A 84 -33.77 1.50 -102.38
CA VAL A 84 -33.45 0.43 -103.31
C VAL A 84 -32.66 -0.63 -102.53
N MET A 85 -33.14 -1.87 -102.54
CA MET A 85 -32.59 -2.87 -101.64
C MET A 85 -31.34 -3.48 -102.27
N VAL A 86 -30.19 -3.28 -101.62
CA VAL A 86 -28.92 -3.78 -102.11
C VAL A 86 -28.69 -5.18 -101.56
N GLU A 87 -27.99 -5.99 -102.34
CA GLU A 87 -27.65 -7.37 -101.94
C GLU A 87 -26.38 -7.73 -102.67
N ALA A 88 -25.34 -8.10 -101.93
CA ALA A 88 -24.04 -8.36 -102.54
C ALA A 88 -24.04 -9.69 -103.28
N ARG A 89 -23.35 -9.73 -104.41
CA ARG A 89 -23.20 -10.94 -105.20
C ARG A 89 -21.75 -11.37 -105.36
N ALA A 90 -20.83 -10.42 -105.45
CA ALA A 90 -19.41 -10.73 -105.51
C ALA A 90 -18.62 -9.60 -104.86
N ARG A 91 -17.32 -9.82 -104.67
CA ARG A 91 -16.41 -8.78 -104.25
C ARG A 91 -15.42 -8.51 -105.37
N ALA A 92 -15.03 -7.25 -105.53
CA ALA A 92 -14.25 -6.81 -106.66
C ALA A 92 -12.92 -6.22 -106.20
N GLN A 93 -12.07 -5.90 -107.16
CA GLN A 93 -10.82 -5.23 -106.90
C GLN A 93 -10.72 -4.03 -107.81
N VAL A 94 -10.66 -2.83 -107.21
CA VAL A 94 -10.53 -1.57 -107.92
C VAL A 94 -9.29 -0.87 -107.39
N THR A 95 -8.47 -0.34 -108.30
CA THR A 95 -7.27 0.43 -107.96
C THR A 95 -7.37 1.87 -108.41
N ASP A 96 -7.75 2.11 -109.66
CA ASP A 96 -7.87 3.44 -110.22
C ASP A 96 -9.04 4.18 -109.57
N TYR A 97 -9.01 5.51 -109.64
CA TYR A 97 -10.00 6.38 -109.04
C TYR A 97 -10.40 7.49 -110.00
N ILE A 98 -11.68 7.86 -109.97
CA ILE A 98 -12.20 9.02 -110.69
C ILE A 98 -12.69 10.02 -109.65
N PRO A 99 -12.22 11.28 -109.69
CA PRO A 99 -12.66 12.27 -108.70
C PRO A 99 -14.10 12.70 -108.96
N GLY A 100 -14.95 12.53 -107.94
CA GLY A 100 -16.35 12.89 -108.05
C GLY A 100 -16.63 14.23 -107.44
N PRO A 101 -17.91 14.57 -107.21
CA PRO A 101 -19.16 13.85 -107.51
C PRO A 101 -19.56 13.89 -109.00
N TYR A 102 -20.18 12.82 -109.54
CA TYR A 102 -20.55 11.61 -108.81
C TYR A 102 -19.43 10.58 -108.75
N LEU A 103 -19.65 9.53 -107.97
CA LEU A 103 -18.66 8.48 -107.76
C LEU A 103 -18.77 7.44 -108.85
N ARG A 104 -17.63 7.00 -109.38
CA ARG A 104 -17.60 6.06 -110.50
C ARG A 104 -16.25 5.36 -110.53
N ALA A 105 -16.23 4.06 -110.26
CA ALA A 105 -15.02 3.25 -110.27
C ALA A 105 -15.08 2.25 -111.41
N ARG A 106 -13.97 1.54 -111.62
CA ARG A 106 -13.89 0.50 -112.63
C ARG A 106 -13.30 -0.76 -112.01
N GLY A 107 -14.08 -1.84 -112.00
CA GLY A 107 -13.69 -3.06 -111.30
C GLY A 107 -12.89 -4.00 -112.19
N GLU A 108 -11.68 -4.31 -111.73
CA GLU A 108 -10.68 -4.91 -112.62
C GLU A 108 -10.81 -6.43 -112.77
N VAL A 109 -10.57 -7.17 -111.68
CA VAL A 109 -10.26 -8.60 -111.78
C VAL A 109 -10.96 -9.39 -110.68
N PHE A 110 -11.14 -10.68 -110.94
CA PHE A 110 -11.57 -11.65 -109.93
C PHE A 110 -10.36 -12.43 -109.46
N SER A 111 -9.76 -11.98 -108.35
CA SER A 111 -8.56 -12.64 -107.81
C SER A 111 -8.93 -13.31 -106.50
N GLU A 112 -9.04 -14.64 -106.53
CA GLU A 112 -9.59 -15.42 -105.42
C GLU A 112 -9.17 -16.87 -105.58
N ILE A 113 -8.69 -17.48 -104.50
CA ILE A 113 -8.37 -18.90 -104.49
C ILE A 113 -9.58 -19.66 -103.97
N PHE A 114 -9.75 -20.91 -104.42
CA PHE A 114 -10.74 -21.80 -103.86
C PHE A 114 -10.06 -22.94 -103.13
N PRO A 115 -10.33 -23.12 -101.85
CA PRO A 115 -9.67 -24.18 -101.07
C PRO A 115 -10.27 -25.55 -101.34
N ILE A 116 -9.69 -26.55 -100.66
CA ILE A 116 -10.11 -27.94 -100.75
C ILE A 116 -10.60 -28.28 -99.34
N ASP A 117 -11.06 -29.52 -99.12
CA ASP A 117 -11.29 -30.13 -97.81
C ASP A 117 -12.38 -29.39 -97.03
N GLU A 118 -13.60 -29.46 -97.58
CA GLU A 118 -14.78 -28.91 -96.93
C GLU A 118 -15.19 -29.68 -95.66
N ALA A 119 -14.59 -30.84 -95.39
CA ALA A 119 -14.87 -31.52 -94.13
C ALA A 119 -14.29 -30.74 -92.95
N VAL A 120 -13.14 -30.07 -93.16
CA VAL A 120 -12.62 -29.14 -92.17
C VAL A 120 -13.57 -27.96 -92.00
N VAL A 121 -14.19 -27.52 -93.09
CA VAL A 121 -15.21 -26.47 -93.04
C VAL A 121 -16.41 -26.94 -92.23
N ARG A 122 -16.81 -28.19 -92.40
CA ARG A 122 -17.97 -28.73 -91.68
C ARG A 122 -17.69 -28.83 -90.19
N VAL A 123 -16.53 -29.39 -89.82
CA VAL A 123 -16.16 -29.56 -88.41
C VAL A 123 -15.97 -28.19 -87.74
N LEU A 124 -15.36 -27.25 -88.46
CA LEU A 124 -15.09 -25.94 -87.89
C LEU A 124 -16.37 -25.13 -87.73
N VAL A 125 -17.28 -25.18 -88.71
CA VAL A 125 -18.54 -24.48 -88.58
C VAL A 125 -19.45 -25.15 -87.54
N GLU A 126 -19.29 -26.46 -87.30
CA GLU A 126 -20.10 -27.09 -86.26
C GLU A 126 -19.58 -26.77 -84.85
N GLU A 127 -18.26 -26.66 -84.68
CA GLU A 127 -17.77 -26.14 -83.40
C GLU A 127 -18.12 -24.67 -83.22
N LEU A 128 -18.12 -23.91 -84.32
CA LEU A 128 -18.61 -22.53 -84.33
C LEU A 128 -20.06 -22.45 -83.89
N LYS A 129 -20.89 -23.39 -84.33
CA LYS A 129 -22.29 -23.41 -83.96
C LYS A 129 -22.49 -23.88 -82.52
N GLU A 130 -21.62 -24.76 -82.01
CA GLU A 130 -21.73 -25.17 -80.60
C GLU A 130 -21.37 -24.01 -79.66
N ALA A 131 -20.28 -23.29 -79.98
CA ALA A 131 -20.00 -22.05 -79.25
C ALA A 131 -21.09 -21.01 -79.47
N PHE A 132 -21.76 -21.04 -80.62
CA PHE A 132 -22.90 -20.16 -80.82
C PHE A 132 -24.10 -20.61 -80.00
N GLU A 133 -24.17 -21.90 -79.68
CA GLU A 133 -25.22 -22.37 -78.78
C GLU A 133 -24.95 -21.91 -77.36
N LYS A 134 -23.66 -21.86 -76.98
CA LYS A 134 -23.27 -21.17 -75.73
C LYS A 134 -23.68 -19.71 -75.75
N TYR A 135 -23.46 -19.03 -76.88
CA TYR A 135 -23.74 -17.60 -77.02
C TYR A 135 -25.24 -17.31 -76.92
N VAL A 136 -26.07 -18.12 -77.58
CA VAL A 136 -27.51 -17.95 -77.51
C VAL A 136 -28.04 -18.32 -76.11
N ALA A 137 -27.45 -19.35 -75.50
CA ALA A 137 -27.88 -19.73 -74.15
C ALA A 137 -27.49 -18.69 -73.11
N ASN A 138 -26.44 -17.91 -73.37
CA ASN A 138 -26.08 -16.79 -72.52
C ASN A 138 -26.84 -15.51 -72.85
N HIS A 139 -27.55 -15.46 -73.98
CA HIS A 139 -28.34 -14.28 -74.34
C HIS A 139 -29.79 -14.34 -73.86
N LYS A 140 -30.04 -14.89 -72.68
CA LYS A 140 -31.38 -14.88 -72.11
C LYS A 140 -31.84 -13.51 -71.62
N SER A 141 -30.96 -12.50 -71.60
CA SER A 141 -31.35 -11.17 -71.15
C SER A 141 -30.96 -10.09 -72.16
N LEU A 142 -31.24 -10.32 -73.44
CA LEU A 142 -30.91 -9.37 -74.50
C LEU A 142 -32.08 -9.04 -75.43
N ARG A 143 -33.31 -9.45 -75.09
CA ARG A 143 -34.54 -9.22 -75.86
C ARG A 143 -34.45 -9.77 -77.28
N LEU A 144 -34.14 -11.05 -77.38
CA LEU A 144 -33.91 -11.71 -78.67
C LEU A 144 -35.15 -12.43 -79.16
N ASP A 145 -35.70 -11.98 -80.29
CA ASP A 145 -36.81 -12.67 -80.93
C ASP A 145 -36.32 -14.02 -81.43
N ARG A 146 -36.69 -15.08 -80.69
CA ARG A 146 -36.05 -16.39 -80.76
C ARG A 146 -36.37 -17.18 -82.02
N TYR A 147 -37.32 -16.72 -82.84
CA TYR A 147 -37.73 -17.47 -84.03
C TYR A 147 -36.81 -17.27 -85.22
N GLN A 148 -35.60 -16.75 -85.01
CA GLN A 148 -34.53 -16.84 -85.99
C GLN A 148 -33.39 -17.74 -85.51
N LEU A 149 -33.53 -18.37 -84.34
CA LEU A 149 -32.51 -19.28 -83.85
C LEU A 149 -32.54 -20.61 -84.60
N GLU A 150 -33.65 -21.34 -84.50
CA GLU A 150 -33.68 -22.73 -84.94
C GLU A 150 -34.04 -22.88 -86.41
N ALA A 151 -34.39 -21.79 -87.10
CA ALA A 151 -34.73 -21.89 -88.51
C ALA A 151 -33.50 -21.72 -89.41
N VAL A 152 -32.48 -21.00 -88.95
CA VAL A 152 -31.29 -20.74 -89.75
C VAL A 152 -30.27 -21.87 -89.72
N LYS A 153 -30.57 -22.96 -89.00
CA LYS A 153 -29.59 -24.03 -88.84
C LYS A 153 -29.44 -24.86 -90.11
N GLY A 154 -30.48 -24.90 -90.94
CA GLY A 154 -30.47 -25.69 -92.17
C GLY A 154 -29.75 -25.07 -93.35
N THR A 155 -29.19 -23.88 -93.20
CA THR A 155 -28.44 -23.26 -94.27
C THR A 155 -27.02 -23.83 -94.31
N SER A 156 -26.56 -24.21 -95.50
CA SER A 156 -25.24 -24.81 -95.67
C SER A 156 -24.31 -23.82 -96.37
N ASP A 157 -23.69 -22.96 -95.57
CA ASP A 157 -22.76 -21.94 -96.03
C ASP A 157 -21.92 -21.52 -94.83
N PRO A 158 -20.58 -21.60 -94.89
CA PRO A 158 -19.76 -21.09 -93.78
C PRO A 158 -19.80 -19.57 -93.70
N ALA A 159 -19.79 -18.92 -94.87
CA ALA A 159 -19.70 -17.47 -94.92
C ALA A 159 -20.97 -16.80 -94.43
N MET A 160 -22.13 -17.28 -94.89
CA MET A 160 -23.38 -16.66 -94.49
C MET A 160 -23.77 -17.03 -93.07
N LEU A 161 -23.30 -18.17 -92.54
CA LEU A 161 -23.54 -18.47 -91.13
C LEU A 161 -22.66 -17.60 -90.23
N ALA A 162 -21.40 -17.36 -90.63
CA ALA A 162 -20.56 -16.42 -89.90
C ALA A 162 -21.11 -15.00 -89.96
N ASP A 163 -21.67 -14.60 -91.10
CA ASP A 163 -22.30 -13.29 -91.22
C ASP A 163 -23.58 -13.20 -90.39
N THR A 164 -24.34 -14.30 -90.33
CA THR A 164 -25.61 -14.32 -89.62
C THR A 164 -25.38 -14.23 -88.12
N ILE A 165 -24.33 -14.88 -87.62
CA ILE A 165 -23.87 -14.64 -86.26
C ILE A 165 -23.38 -13.20 -86.12
N ALA A 166 -22.68 -12.72 -87.14
CA ALA A 166 -21.82 -11.55 -87.00
C ALA A 166 -22.55 -10.21 -87.00
N TYR A 167 -23.88 -10.19 -87.16
CA TYR A 167 -24.54 -8.89 -87.13
C TYR A 167 -24.88 -8.47 -85.70
N HIS A 168 -24.76 -9.37 -84.73
CA HIS A 168 -24.95 -9.03 -83.33
C HIS A 168 -23.66 -8.62 -82.65
N ALA A 169 -22.72 -8.07 -83.40
CA ALA A 169 -21.40 -7.73 -82.92
C ALA A 169 -21.01 -6.38 -83.50
N THR A 170 -20.15 -5.65 -82.78
CA THR A 170 -19.69 -4.33 -83.15
C THR A 170 -18.19 -4.34 -83.31
N TRP A 171 -17.68 -3.95 -84.48
CA TRP A 171 -16.25 -4.03 -84.74
C TRP A 171 -15.73 -2.74 -85.36
N THR A 172 -14.49 -2.84 -85.82
CA THR A 172 -13.78 -1.81 -86.56
C THR A 172 -13.68 -2.24 -88.02
N VAL A 173 -13.97 -1.30 -88.93
CA VAL A 173 -14.21 -1.62 -90.34
C VAL A 173 -12.93 -2.09 -91.03
N ALA A 174 -11.77 -1.64 -90.54
CA ALA A 174 -10.50 -2.00 -91.15
C ALA A 174 -10.21 -3.49 -91.02
N GLU A 175 -10.61 -4.11 -89.90
CA GLU A 175 -10.38 -5.54 -89.75
C GLU A 175 -11.27 -6.38 -90.65
N LYS A 176 -12.53 -5.99 -90.84
CA LYS A 176 -13.40 -6.69 -91.79
C LYS A 176 -12.89 -6.54 -93.22
N GLN A 177 -12.36 -5.35 -93.54
CA GLN A 177 -11.76 -5.15 -94.87
C GLN A 177 -10.52 -6.01 -95.06
N GLU A 178 -9.66 -6.09 -94.05
CA GLU A 178 -8.46 -6.91 -94.13
C GLU A 178 -8.77 -8.40 -94.17
N ILE A 179 -9.87 -8.81 -93.51
CA ILE A 179 -10.39 -10.16 -93.68
C ILE A 179 -10.79 -10.40 -95.13
N LEU A 180 -11.44 -9.41 -95.75
CA LEU A 180 -11.76 -9.50 -97.17
C LEU A 180 -10.51 -9.45 -98.05
N GLU A 181 -9.38 -8.97 -97.53
CA GLU A 181 -8.13 -9.00 -98.27
C GLU A 181 -7.50 -10.39 -98.29
N LEU A 182 -7.78 -11.22 -97.30
CA LEU A 182 -7.29 -12.60 -97.26
C LEU A 182 -8.06 -13.45 -98.25
N THR A 183 -7.33 -14.23 -99.05
CA THR A 183 -7.94 -15.24 -99.90
C THR A 183 -8.20 -16.55 -99.15
N ASP A 184 -7.75 -16.64 -97.91
CA ASP A 184 -7.89 -17.83 -97.09
C ASP A 184 -9.33 -17.92 -96.59
N LEU A 185 -9.87 -19.16 -96.54
CA LEU A 185 -11.24 -19.38 -96.09
C LEU A 185 -11.34 -20.08 -94.73
N GLU A 186 -10.30 -20.79 -94.29
CA GLU A 186 -10.27 -21.31 -92.93
C GLU A 186 -10.05 -20.20 -91.91
N ALA A 187 -9.39 -19.13 -92.35
CA ALA A 187 -8.87 -18.11 -91.45
C ALA A 187 -9.99 -17.32 -90.80
N ARG A 188 -10.93 -16.80 -91.60
CA ARG A 188 -12.05 -16.07 -91.01
C ARG A 188 -13.04 -17.01 -90.32
N LEU A 189 -13.01 -18.31 -90.60
CA LEU A 189 -13.85 -19.24 -89.85
C LEU A 189 -13.35 -19.41 -88.41
N LYS A 190 -12.05 -19.71 -88.24
CA LYS A 190 -11.53 -19.72 -86.87
C LYS A 190 -11.48 -18.33 -86.25
N LYS A 191 -11.49 -17.27 -87.07
CA LYS A 191 -11.50 -15.92 -86.52
C LYS A 191 -12.88 -15.56 -86.00
N VAL A 192 -13.94 -16.01 -86.65
CA VAL A 192 -15.29 -15.80 -86.11
C VAL A 192 -15.52 -16.70 -84.89
N LEU A 193 -14.89 -17.89 -84.84
CA LEU A 193 -14.91 -18.68 -83.60
C LEU A 193 -14.22 -17.97 -82.44
N GLY A 194 -13.01 -17.43 -82.67
CA GLY A 194 -12.30 -16.73 -81.61
C GLY A 194 -12.93 -15.41 -81.22
N LEU A 195 -13.54 -14.70 -82.17
CA LEU A 195 -14.26 -13.47 -81.81
C LEU A 195 -15.61 -13.77 -81.17
N LEU A 196 -16.18 -14.96 -81.42
CA LEU A 196 -17.27 -15.43 -80.58
C LEU A 196 -16.80 -15.73 -79.17
N SER A 197 -15.56 -16.23 -79.02
CA SER A 197 -15.02 -16.43 -77.68
C SER A 197 -14.81 -15.09 -76.96
N ARG A 198 -14.31 -14.08 -77.68
CA ARG A 198 -14.16 -12.74 -77.10
C ARG A 198 -15.51 -12.09 -76.80
N ASP A 199 -16.49 -12.25 -77.69
CA ASP A 199 -17.80 -11.67 -77.42
C ASP A 199 -18.52 -12.40 -76.31
N LEU A 200 -18.22 -13.69 -76.12
CA LEU A 200 -18.72 -14.38 -74.93
C LEU A 200 -18.01 -13.90 -73.67
N GLU A 201 -16.71 -13.58 -73.76
CA GLU A 201 -16.02 -12.92 -72.65
C GLU A 201 -16.72 -11.64 -72.26
N ARG A 202 -17.10 -10.83 -73.25
CA ARG A 202 -17.79 -9.56 -72.98
C ARG A 202 -19.17 -9.79 -72.36
N PHE A 203 -20.01 -10.60 -73.01
CA PHE A 203 -21.37 -10.84 -72.54
C PHE A 203 -21.39 -11.48 -71.16
N GLU A 204 -20.62 -12.56 -70.97
CA GLU A 204 -20.60 -13.24 -69.69
C GLU A 204 -19.89 -12.46 -68.59
N LEU A 205 -18.83 -11.70 -68.92
CA LEU A 205 -18.14 -10.92 -67.91
C LEU A 205 -19.04 -9.81 -67.40
N ASP A 206 -19.71 -9.08 -68.31
CA ASP A 206 -20.57 -7.99 -67.87
C ASP A 206 -21.84 -8.52 -67.21
N LYS A 207 -22.27 -9.72 -67.61
CA LYS A 207 -23.39 -10.42 -66.95
C LYS A 207 -23.07 -10.78 -65.51
N ARG A 208 -21.90 -11.39 -65.26
CA ARG A 208 -21.54 -11.76 -63.89
C ARG A 208 -21.15 -10.55 -63.04
N VAL A 209 -20.63 -9.49 -63.66
CA VAL A 209 -20.42 -8.21 -62.96
C VAL A 209 -21.75 -7.67 -62.42
N ALA A 210 -22.76 -7.63 -63.29
CA ALA A 210 -24.12 -7.26 -62.87
C ALA A 210 -24.64 -8.23 -61.81
N GLN A 211 -24.25 -9.51 -61.90
CA GLN A 211 -24.68 -10.49 -60.91
C GLN A 211 -24.14 -10.20 -59.52
N ARG A 212 -22.84 -9.91 -59.40
CA ARG A 212 -22.26 -9.63 -58.08
C ARG A 212 -22.77 -8.32 -57.51
N VAL A 213 -23.01 -7.32 -58.37
CA VAL A 213 -23.66 -6.08 -57.91
C VAL A 213 -25.06 -6.37 -57.37
N LYS A 214 -25.80 -7.24 -58.06
CA LYS A 214 -27.12 -7.69 -57.61
C LYS A 214 -27.02 -8.39 -56.27
N GLU A 215 -26.01 -9.24 -56.09
CA GLU A 215 -25.76 -9.93 -54.82
C GLU A 215 -25.58 -8.97 -53.66
N GLN A 216 -24.70 -7.98 -53.86
CA GLN A 216 -24.40 -7.05 -52.78
C GLN A 216 -25.59 -6.19 -52.43
N MET A 217 -26.35 -5.71 -53.42
CA MET A 217 -27.53 -4.93 -53.10
C MET A 217 -28.65 -5.77 -52.50
N ASP A 218 -28.76 -7.04 -52.90
CA ASP A 218 -29.76 -7.93 -52.30
C ASP A 218 -29.49 -8.14 -50.82
N THR A 219 -28.24 -8.44 -50.50
CA THR A 219 -27.84 -8.58 -49.10
C THR A 219 -27.99 -7.26 -48.36
N ASN A 220 -27.79 -6.12 -49.04
CA ASN A 220 -28.04 -4.83 -48.43
C ASN A 220 -29.53 -4.64 -48.10
N GLN A 221 -30.42 -5.00 -49.02
CA GLN A 221 -31.85 -4.80 -48.80
C GLN A 221 -32.38 -5.71 -47.71
N ARG A 222 -31.85 -6.92 -47.67
CA ARG A 222 -32.25 -7.85 -46.62
C ARG A 222 -31.68 -7.45 -45.28
N GLU A 223 -30.47 -6.89 -45.27
CA GLU A 223 -29.99 -6.42 -43.99
C GLU A 223 -30.66 -5.11 -43.61
N TYR A 224 -31.27 -4.42 -44.57
CA TYR A 224 -32.10 -3.29 -44.24
C TYR A 224 -33.39 -3.73 -43.57
N TYR A 225 -34.00 -4.82 -44.06
CA TYR A 225 -35.08 -5.50 -43.33
C TYR A 225 -34.68 -5.78 -41.89
N LEU A 226 -33.48 -6.33 -41.71
CA LEU A 226 -33.04 -6.72 -40.37
C LEU A 226 -32.86 -5.50 -39.46
N ARG A 227 -32.23 -4.45 -39.98
CA ARG A 227 -31.92 -3.30 -39.16
C ARG A 227 -33.18 -2.56 -38.77
N GLU A 228 -34.13 -2.45 -39.70
CA GLU A 228 -35.44 -1.88 -39.37
C GLU A 228 -36.20 -2.73 -38.35
N GLN A 229 -36.03 -4.06 -38.39
CA GLN A 229 -36.69 -4.91 -37.41
C GLN A 229 -36.17 -4.64 -36.01
N MET A 230 -34.85 -4.61 -35.87
CA MET A 230 -34.19 -4.26 -34.61
C MET A 230 -34.67 -2.91 -34.11
N LYS A 231 -34.81 -1.95 -35.03
CA LYS A 231 -35.38 -0.64 -34.72
C LYS A 231 -36.75 -0.75 -34.08
N ALA A 232 -37.68 -1.45 -34.75
CA ALA A 232 -39.07 -1.48 -34.32
C ALA A 232 -39.22 -2.13 -32.95
N ILE A 233 -38.46 -3.19 -32.72
CA ILE A 233 -38.55 -3.91 -31.46
C ILE A 233 -38.04 -3.07 -30.31
N GLN A 234 -36.82 -2.50 -30.44
CA GLN A 234 -36.32 -1.73 -29.31
C GLN A 234 -37.10 -0.44 -29.11
N LYS A 235 -37.64 0.11 -30.21
CA LYS A 235 -38.61 1.21 -30.14
C LYS A 235 -39.77 0.87 -29.23
N GLU A 236 -40.31 -0.34 -29.36
CA GLU A 236 -41.32 -0.82 -28.42
C GLU A 236 -40.79 -0.92 -26.99
N LEU A 237 -39.53 -1.31 -26.80
CA LEU A 237 -39.03 -1.58 -25.42
C LEU A 237 -38.70 -0.29 -24.67
N GLY A 238 -37.99 0.63 -25.32
CA GLY A 238 -37.57 1.89 -24.65
C GLY A 238 -38.73 2.77 -24.24
N GLY A 239 -39.83 2.78 -25.01
CA GLY A 239 -40.93 3.74 -24.75
C GLY A 239 -40.58 4.98 -25.55
N GLU A 240 -39.46 4.92 -26.27
CA GLU A 240 -39.00 6.03 -27.13
C GLU A 240 -38.24 5.28 -28.24
N ASP A 241 -37.41 5.93 -29.06
CA ASP A 241 -36.76 5.14 -30.14
C ASP A 241 -35.99 3.99 -29.49
N GLY A 242 -35.31 4.24 -28.36
CA GLY A 242 -34.62 3.16 -27.62
C GLY A 242 -33.31 2.81 -28.31
N LEU A 243 -33.04 3.47 -29.44
CA LEU A 243 -31.79 3.22 -30.20
C LEU A 243 -31.40 4.59 -30.74
N SER A 244 -31.98 5.64 -30.17
CA SER A 244 -31.63 7.00 -30.60
C SER A 244 -30.12 7.21 -30.61
N ASP A 245 -29.40 6.47 -29.75
CA ASP A 245 -27.96 6.63 -29.62
C ASP A 245 -27.22 6.21 -30.89
N LEU A 246 -27.63 5.09 -31.49
CA LEU A 246 -26.98 4.62 -32.70
C LEU A 246 -27.31 5.53 -33.88
N GLU A 247 -28.55 6.05 -33.92
CA GLU A 247 -28.95 6.99 -34.96
C GLU A 247 -28.19 8.30 -34.83
N ALA A 248 -27.82 8.70 -33.61
CA ALA A 248 -26.99 9.87 -33.46
C ALA A 248 -25.54 9.59 -33.87
N LEU A 249 -24.99 8.45 -33.41
CA LEU A 249 -23.57 8.18 -33.59
C LEU A 249 -23.21 7.86 -35.04
N ARG A 250 -24.11 7.23 -35.81
CA ARG A 250 -23.81 7.01 -37.22
C ARG A 250 -23.74 8.32 -37.98
N LYS A 251 -24.60 9.27 -37.63
CA LYS A 251 -24.55 10.60 -38.22
C LYS A 251 -23.33 11.37 -37.73
N LYS A 252 -22.83 11.05 -36.54
CA LYS A 252 -21.56 11.58 -36.07
C LYS A 252 -20.36 11.03 -36.84
N ILE A 253 -20.40 9.75 -37.23
CA ILE A 253 -19.31 9.19 -38.03
C ILE A 253 -19.26 9.80 -39.44
N GLU A 254 -20.35 10.39 -39.90
CA GLU A 254 -20.42 11.10 -41.17
C GLU A 254 -19.59 12.43 -41.20
N GLU A 255 -18.80 12.75 -40.17
CA GLU A 255 -18.18 14.06 -40.01
C GLU A 255 -16.94 14.19 -40.89
N VAL A 256 -16.17 15.26 -40.64
CA VAL A 256 -14.89 15.46 -41.31
C VAL A 256 -13.92 14.34 -40.90
N GLY A 257 -13.05 13.97 -41.83
CA GLY A 257 -12.28 12.77 -41.61
C GLY A 257 -13.18 11.54 -41.77
N MET A 258 -12.73 10.41 -41.24
CA MET A 258 -11.45 10.26 -40.55
C MET A 258 -10.81 9.06 -41.25
N PRO A 259 -9.53 8.72 -40.97
CA PRO A 259 -8.92 7.55 -41.61
C PRO A 259 -9.68 6.25 -41.37
N GLU A 260 -9.48 5.31 -42.30
CA GLU A 260 -10.37 4.16 -42.42
C GLU A 260 -10.11 3.11 -41.35
N ALA A 261 -8.87 2.94 -40.92
CA ALA A 261 -8.60 2.03 -39.80
C ALA A 261 -9.18 2.58 -38.51
N VAL A 262 -9.26 3.90 -38.38
CA VAL A 262 -9.90 4.52 -37.23
C VAL A 262 -11.40 4.19 -37.23
N LYS A 263 -12.05 4.30 -38.40
CA LYS A 263 -13.46 3.94 -38.49
C LYS A 263 -13.69 2.43 -38.36
N THR A 264 -12.72 1.63 -38.78
CA THR A 264 -12.85 0.18 -38.65
C THR A 264 -12.75 -0.24 -37.19
N LYS A 265 -11.88 0.43 -36.43
CA LYS A 265 -11.91 0.28 -34.98
C LYS A 265 -13.18 0.85 -34.38
N ALA A 266 -13.77 1.87 -35.03
CA ALA A 266 -14.94 2.52 -34.47
C ALA A 266 -16.21 1.67 -34.61
N LEU A 267 -16.35 0.99 -35.74
CA LEU A 267 -17.62 0.33 -36.05
C LEU A 267 -17.86 -0.96 -35.27
N LYS A 268 -16.89 -1.42 -34.48
CA LYS A 268 -17.11 -2.66 -33.74
C LYS A 268 -17.98 -2.44 -32.50
N GLU A 269 -17.91 -1.25 -31.89
CA GLU A 269 -18.61 -0.99 -30.64
C GLU A 269 -19.87 -0.16 -30.82
N LEU A 270 -20.16 0.30 -32.04
CA LEU A 270 -21.49 0.80 -32.35
C LEU A 270 -22.53 -0.29 -32.18
N ASP A 271 -22.20 -1.51 -32.59
CA ASP A 271 -23.14 -2.59 -32.75
C ASP A 271 -23.09 -3.58 -31.58
N ARG A 272 -22.59 -3.13 -30.43
CA ARG A 272 -22.58 -3.96 -29.23
C ARG A 272 -23.60 -3.52 -28.19
N LEU A 273 -24.00 -2.25 -28.20
CA LEU A 273 -25.06 -1.76 -27.32
C LEU A 273 -26.45 -2.04 -27.84
N GLU A 274 -26.57 -2.72 -28.97
CA GLU A 274 -27.83 -3.31 -29.39
C GLU A 274 -28.07 -4.70 -28.79
N ARG A 275 -27.38 -5.01 -27.69
CA ARG A 275 -27.57 -6.20 -26.88
C ARG A 275 -28.02 -5.89 -25.47
N MET A 276 -27.42 -4.89 -24.83
CA MET A 276 -27.87 -4.40 -23.53
C MET A 276 -27.81 -2.88 -23.54
N GLN A 277 -28.73 -2.28 -22.80
CA GLN A 277 -28.86 -0.82 -22.75
C GLN A 277 -28.64 -0.25 -21.37
N GLN A 278 -29.30 -0.78 -20.35
CA GLN A 278 -28.97 -0.45 -18.98
C GLN A 278 -27.69 -1.18 -18.60
N GLY A 279 -26.76 -0.44 -17.99
CA GLY A 279 -25.45 -0.97 -17.74
C GLY A 279 -24.73 -1.25 -19.06
N SER A 280 -23.68 -2.05 -18.96
CA SER A 280 -23.07 -2.53 -17.75
C SER A 280 -21.95 -1.51 -17.52
N PRO A 281 -21.18 -1.61 -16.42
CA PRO A 281 -19.90 -0.89 -16.38
C PRO A 281 -18.91 -1.25 -17.50
N GLU A 282 -19.13 -2.30 -18.28
CA GLU A 282 -18.37 -2.55 -19.50
C GLU A 282 -19.27 -2.52 -20.75
N ALA A 283 -20.36 -1.77 -20.73
CA ALA A 283 -21.10 -1.52 -21.97
C ALA A 283 -21.39 -0.03 -22.19
N THR A 284 -21.64 0.71 -21.10
CA THR A 284 -21.83 2.16 -21.20
C THR A 284 -20.56 2.86 -21.67
N VAL A 285 -19.41 2.26 -21.39
CA VAL A 285 -18.12 2.74 -21.85
C VAL A 285 -18.03 2.81 -23.37
N ALA A 286 -18.81 2.00 -24.09
CA ALA A 286 -18.87 2.12 -25.55
C ALA A 286 -19.55 3.42 -25.98
N ARG A 287 -20.61 3.81 -25.27
CA ARG A 287 -21.28 5.08 -25.53
C ARG A 287 -20.35 6.25 -25.24
N THR A 288 -19.69 6.21 -24.08
CA THR A 288 -18.75 7.26 -23.71
C THR A 288 -17.57 7.32 -24.69
N TYR A 289 -17.14 6.16 -25.15
CA TYR A 289 -15.98 6.08 -26.03
C TYR A 289 -16.29 6.59 -27.42
N LEU A 290 -17.46 6.26 -27.96
CA LEU A 290 -17.82 6.80 -29.26
C LEU A 290 -18.06 8.30 -29.20
N ASP A 291 -18.69 8.78 -28.11
CA ASP A 291 -18.86 10.21 -27.93
C ASP A 291 -17.52 10.93 -27.81
N TRP A 292 -16.53 10.29 -27.18
CA TRP A 292 -15.22 10.91 -27.08
C TRP A 292 -14.45 10.82 -28.39
N LEU A 293 -14.63 9.75 -29.15
CA LEU A 293 -13.89 9.59 -30.39
C LEU A 293 -14.41 10.53 -31.47
N THR A 294 -15.70 10.83 -31.46
CA THR A 294 -16.28 11.61 -32.55
C THR A 294 -16.07 13.12 -32.40
N GLU A 295 -15.10 13.59 -31.61
CA GLU A 295 -14.98 15.02 -31.39
C GLU A 295 -13.53 15.52 -31.34
N VAL A 296 -12.57 14.80 -31.91
CA VAL A 296 -11.19 15.27 -32.01
C VAL A 296 -11.10 16.02 -33.32
N PRO A 297 -10.31 17.09 -33.43
CA PRO A 297 -10.13 17.74 -34.74
C PRO A 297 -9.31 16.88 -35.70
N TRP A 298 -9.82 16.68 -36.91
CA TRP A 298 -9.06 16.10 -38.02
C TRP A 298 -9.07 17.07 -39.19
N SER A 299 -7.88 17.39 -39.69
CA SER A 299 -7.65 18.11 -40.95
C SER A 299 -8.31 19.49 -40.96
N LYS A 300 -7.93 20.32 -40.00
CA LYS A 300 -8.44 21.69 -39.89
C LYS A 300 -7.25 22.59 -39.55
N ALA A 301 -6.69 23.24 -40.57
CA ALA A 301 -5.44 23.99 -40.43
C ALA A 301 -5.71 25.48 -40.30
N ASP A 302 -5.18 26.08 -39.25
CA ASP A 302 -5.24 27.52 -39.10
C ASP A 302 -4.28 28.19 -40.09
N PRO A 303 -4.54 29.45 -40.46
CA PRO A 303 -3.59 30.13 -41.35
C PRO A 303 -2.30 30.45 -40.62
N GLU A 304 -1.26 29.67 -40.91
CA GLU A 304 0.02 29.90 -40.26
C GLU A 304 0.67 31.14 -40.84
N VAL A 305 1.54 31.76 -40.04
CA VAL A 305 2.42 32.82 -40.49
C VAL A 305 3.68 32.79 -39.64
N LEU A 306 4.83 32.69 -40.28
CA LEU A 306 6.10 32.74 -39.57
C LEU A 306 6.94 33.80 -40.26
N ASP A 307 6.72 35.04 -39.86
CA ASP A 307 7.45 36.16 -40.42
C ASP A 307 8.23 36.83 -39.31
N ILE A 308 9.53 37.07 -39.57
CA ILE A 308 10.43 37.54 -38.53
C ILE A 308 10.28 39.04 -38.30
N ASN A 309 9.51 39.73 -39.12
CA ASN A 309 9.15 41.12 -38.88
C ASN A 309 7.71 41.29 -38.44
N HIS A 310 6.93 40.22 -38.36
CA HIS A 310 5.60 40.26 -37.78
C HIS A 310 5.52 39.63 -36.40
N THR A 311 6.26 38.55 -36.18
CA THR A 311 6.37 37.99 -34.83
C THR A 311 7.13 38.93 -33.91
N ARG A 312 8.12 39.64 -34.46
CA ARG A 312 8.90 40.59 -33.68
C ARG A 312 8.04 41.73 -33.15
N GLN A 313 7.06 42.17 -33.94
CA GLN A 313 6.17 43.24 -33.47
C GLN A 313 5.25 42.75 -32.37
N VAL A 314 4.74 41.53 -32.50
CA VAL A 314 3.82 40.99 -31.50
C VAL A 314 4.55 40.75 -30.19
N LEU A 315 5.79 40.25 -30.26
CA LEU A 315 6.57 40.05 -29.04
C LEU A 315 6.96 41.39 -28.41
N ASP A 316 7.26 42.39 -29.23
CA ASP A 316 7.63 43.67 -28.65
C ASP A 316 6.42 44.48 -28.19
N GLU A 317 5.20 44.05 -28.52
CA GLU A 317 4.04 44.69 -27.92
C GLU A 317 3.53 43.98 -26.69
N ASP A 318 3.55 42.66 -26.65
CA ASP A 318 3.00 41.98 -25.48
C ASP A 318 3.93 41.94 -24.29
N HIS A 319 5.13 42.50 -24.39
CA HIS A 319 6.07 42.53 -23.27
C HIS A 319 6.87 43.82 -23.30
N TYR A 320 7.66 43.99 -22.27
CA TYR A 320 8.62 45.08 -22.18
C TYR A 320 10.01 44.48 -22.08
N GLY A 321 10.96 45.12 -22.75
CA GLY A 321 12.35 44.74 -22.60
C GLY A 321 12.61 43.36 -23.17
N LEU A 322 13.51 42.64 -22.49
CA LEU A 322 13.82 41.23 -22.75
C LEU A 322 14.28 40.99 -24.19
N LYS A 323 15.34 41.71 -24.59
CA LYS A 323 15.77 41.70 -25.97
C LYS A 323 16.33 40.34 -26.36
N ASP A 324 17.23 39.81 -25.51
CA ASP A 324 18.06 38.68 -25.90
C ASP A 324 17.25 37.40 -25.98
N VAL A 325 16.27 37.24 -25.10
CA VAL A 325 15.42 36.05 -25.14
C VAL A 325 14.48 36.09 -26.34
N LYS A 326 13.99 37.27 -26.73
CA LYS A 326 13.17 37.38 -27.94
C LYS A 326 13.99 37.06 -29.18
N GLU A 327 15.23 37.55 -29.24
CA GLU A 327 16.12 37.26 -30.35
C GLU A 327 16.39 35.76 -30.46
N ARG A 328 16.68 35.13 -29.32
CA ARG A 328 16.94 33.71 -29.34
C ARG A 328 15.66 32.89 -29.58
N ILE A 329 14.50 33.49 -29.41
CA ILE A 329 13.27 32.83 -29.85
C ILE A 329 13.12 32.95 -31.36
N LEU A 330 13.39 34.15 -31.91
CA LEU A 330 13.24 34.37 -33.35
C LEU A 330 14.21 33.55 -34.17
N GLU A 331 15.38 33.23 -33.61
CA GLU A 331 16.30 32.31 -34.28
C GLU A 331 15.69 30.93 -34.44
N TYR A 332 15.11 30.43 -33.36
CA TYR A 332 14.39 29.16 -33.39
C TYR A 332 13.23 29.22 -34.36
N LEU A 333 12.56 30.37 -34.44
CA LEU A 333 11.44 30.52 -35.36
C LEU A 333 11.90 30.53 -36.80
N ALA A 334 13.05 31.14 -37.07
CA ALA A 334 13.60 31.16 -38.42
C ALA A 334 14.00 29.78 -38.88
N VAL A 335 14.54 28.97 -37.98
CA VAL A 335 14.90 27.62 -38.39
C VAL A 335 13.65 26.73 -38.46
N ARG A 336 12.63 27.05 -37.67
CA ARG A 336 11.31 26.44 -37.85
C ARG A 336 10.74 26.77 -39.23
N GLN A 337 11.05 27.96 -39.73
CA GLN A 337 10.57 28.41 -41.04
C GLN A 337 11.31 27.74 -42.19
N LEU A 338 12.65 27.85 -42.20
CA LEU A 338 13.43 27.46 -43.38
C LEU A 338 13.38 25.97 -43.61
N THR A 339 13.48 25.16 -42.56
CA THR A 339 13.54 23.72 -42.71
C THR A 339 12.16 23.20 -43.00
N GLN A 340 11.82 23.15 -44.29
CA GLN A 340 10.62 22.47 -44.74
C GLN A 340 10.95 21.23 -45.55
N GLY A 341 12.24 20.93 -45.73
CA GLY A 341 12.67 19.72 -46.39
C GLY A 341 12.97 18.63 -45.39
N LEU A 342 14.19 18.08 -45.44
CA LEU A 342 14.58 17.04 -44.50
C LEU A 342 14.74 17.59 -43.09
N ASP A 343 14.13 16.89 -42.14
CA ASP A 343 14.20 17.18 -40.70
C ASP A 343 13.65 18.57 -40.40
N VAL A 344 12.33 18.68 -40.59
CA VAL A 344 11.64 19.97 -40.48
C VAL A 344 11.80 20.57 -39.10
N ARG A 345 11.80 19.74 -38.06
CA ARG A 345 12.43 20.08 -36.79
C ARG A 345 13.10 18.85 -36.19
N ASN A 346 13.26 17.80 -36.99
CA ASN A 346 13.46 16.45 -36.48
C ASN A 346 14.80 16.26 -35.80
N LYS A 347 15.77 17.12 -36.08
CA LYS A 347 16.94 17.21 -35.24
C LYS A 347 17.11 18.59 -34.66
N ALA A 348 16.16 19.50 -34.88
CA ALA A 348 16.18 20.76 -34.20
C ALA A 348 15.75 20.56 -32.75
N PRO A 349 16.52 21.06 -31.79
CA PRO A 349 16.18 20.81 -30.38
C PRO A 349 14.99 21.64 -29.97
N ILE A 350 14.18 21.07 -29.09
CA ILE A 350 12.90 21.66 -28.74
C ILE A 350 13.14 22.72 -27.68
N LEU A 351 12.23 23.67 -27.56
CA LEU A 351 12.53 24.88 -26.82
C LEU A 351 12.08 24.75 -25.37
N VAL A 352 12.93 25.21 -24.45
CA VAL A 352 12.58 25.27 -23.04
C VAL A 352 13.03 26.62 -22.51
N LEU A 353 12.29 27.12 -21.51
CA LEU A 353 12.56 28.41 -20.90
C LEU A 353 12.72 28.21 -19.40
N VAL A 354 13.84 28.67 -18.86
CA VAL A 354 14.14 28.48 -17.44
C VAL A 354 14.39 29.84 -16.80
N GLY A 355 14.10 29.91 -15.51
CA GLY A 355 14.26 31.13 -14.76
C GLY A 355 13.50 31.07 -13.44
N PRO A 356 13.62 32.11 -12.62
CA PRO A 356 12.94 32.12 -11.32
C PRO A 356 11.43 32.27 -11.48
N PRO A 357 10.65 32.14 -10.41
CA PRO A 357 9.25 32.54 -10.50
C PRO A 357 9.11 34.05 -10.55
N GLY A 358 8.04 34.50 -11.19
CA GLY A 358 7.75 35.90 -11.26
C GLY A 358 8.20 36.56 -12.54
N VAL A 359 9.13 35.96 -13.26
CA VAL A 359 9.45 36.44 -14.59
C VAL A 359 8.35 36.00 -15.55
N GLY A 360 8.26 36.69 -16.68
CA GLY A 360 7.20 36.38 -17.60
C GLY A 360 7.52 35.19 -18.47
N LYS A 361 6.90 34.05 -18.19
CA LYS A 361 7.18 32.86 -19.00
C LYS A 361 5.95 32.37 -19.74
N THR A 362 4.85 32.11 -19.05
CA THR A 362 3.63 31.69 -19.72
C THR A 362 3.03 32.81 -20.55
N SER A 363 3.29 34.06 -20.16
CA SER A 363 2.94 35.19 -20.99
C SER A 363 3.70 35.19 -22.31
N LEU A 364 4.95 34.71 -22.33
CA LEU A 364 5.62 34.53 -23.60
C LEU A 364 5.01 33.41 -24.43
N GLY A 365 4.50 32.38 -23.78
CA GLY A 365 3.78 31.33 -24.51
C GLY A 365 2.53 31.85 -25.18
N ARG A 366 1.78 32.70 -24.49
CA ARG A 366 0.62 33.32 -25.12
C ARG A 366 1.05 34.30 -26.21
N SER A 367 2.13 35.05 -25.99
CA SER A 367 2.55 36.05 -26.96
C SER A 367 3.12 35.42 -28.22
N ILE A 368 3.65 34.21 -28.12
CA ILE A 368 4.03 33.47 -29.32
C ILE A 368 2.81 32.84 -29.97
N ALA A 369 1.91 32.27 -29.18
CA ALA A 369 0.78 31.52 -29.72
C ALA A 369 -0.19 32.41 -30.48
N ARG A 370 -0.43 33.62 -30.00
CA ARG A 370 -1.26 34.53 -30.79
C ARG A 370 -0.50 35.18 -31.93
N SER A 371 0.82 35.06 -31.95
CA SER A 371 1.60 35.54 -33.08
C SER A 371 1.68 34.55 -34.22
N MET A 372 1.04 33.40 -34.09
CA MET A 372 0.91 32.43 -35.17
C MET A 372 -0.54 32.08 -35.43
N ASN A 373 -1.46 32.79 -34.77
CA ASN A 373 -2.90 32.57 -34.80
C ASN A 373 -3.29 31.17 -34.34
N ARG A 374 -2.47 30.55 -33.52
CA ARG A 374 -2.75 29.18 -33.09
C ARG A 374 -3.59 29.23 -31.83
N LYS A 375 -3.75 28.08 -31.20
CA LYS A 375 -4.43 27.98 -29.91
C LYS A 375 -3.39 27.76 -28.83
N PHE A 376 -3.45 28.57 -27.78
CA PHE A 376 -2.65 28.32 -26.59
C PHE A 376 -3.48 27.45 -25.66
N HIS A 377 -2.88 26.39 -25.14
CA HIS A 377 -3.59 25.57 -24.16
C HIS A 377 -2.56 24.96 -23.21
N ARG A 378 -2.29 25.68 -22.12
CA ARG A 378 -1.27 25.23 -21.14
C ARG A 378 -1.65 23.87 -20.55
N ILE A 379 -0.75 22.88 -20.66
CA ILE A 379 -1.01 21.56 -20.01
C ILE A 379 0.00 21.45 -18.85
N SER A 380 -0.48 21.17 -17.64
CA SER A 380 0.45 21.16 -16.49
C SER A 380 0.55 19.79 -15.84
N LEU A 381 1.76 19.24 -15.74
CA LEU A 381 1.98 17.99 -14.97
C LEU A 381 2.32 18.51 -13.59
N GLY A 382 3.58 18.37 -13.17
CA GLY A 382 3.98 19.05 -11.96
C GLY A 382 3.75 18.20 -10.74
N GLY A 383 2.73 17.35 -10.80
CA GLY A 383 2.42 16.47 -9.69
C GLY A 383 2.22 15.04 -10.12
N VAL A 384 3.03 14.58 -11.09
CA VAL A 384 2.76 13.29 -11.72
C VAL A 384 3.16 12.14 -10.80
N ARG A 385 2.40 11.05 -10.89
CA ARG A 385 2.74 9.79 -10.25
C ARG A 385 3.23 8.74 -11.24
N ASP A 386 2.80 8.84 -12.49
CA ASP A 386 3.20 7.88 -13.51
C ASP A 386 3.10 8.53 -14.89
N GLU A 387 3.64 7.83 -15.87
CA GLU A 387 3.45 8.14 -17.27
C GLU A 387 2.17 7.53 -17.84
N ALA A 388 1.44 6.75 -17.04
CA ALA A 388 0.17 6.18 -17.45
C ALA A 388 -1.00 7.14 -17.25
N GLU A 389 -0.72 8.43 -17.01
CA GLU A 389 -1.70 9.48 -17.11
C GLU A 389 -1.37 10.48 -18.21
N ILE A 390 -0.12 10.55 -18.65
CA ILE A 390 0.20 11.24 -19.87
C ILE A 390 -0.41 10.49 -21.06
N ARG A 391 -0.17 9.19 -21.11
CA ARG A 391 -0.93 8.29 -21.97
C ARG A 391 -2.21 7.87 -21.24
N GLY A 392 -3.30 7.75 -21.99
CA GLY A 392 -4.58 7.37 -21.43
C GLY A 392 -4.62 5.92 -20.98
N HIS A 393 -5.83 5.49 -20.65
CA HIS A 393 -6.00 4.13 -20.14
C HIS A 393 -7.13 3.45 -20.89
N ARG A 394 -7.09 2.11 -20.86
CA ARG A 394 -8.03 1.25 -21.59
C ARG A 394 -9.48 1.53 -21.20
N ARG A 395 -10.34 1.64 -22.21
CA ARG A 395 -11.72 2.03 -21.99
C ARG A 395 -12.56 0.95 -21.32
N THR A 396 -12.12 -0.31 -21.35
CA THR A 396 -12.93 -1.41 -20.85
C THR A 396 -12.83 -1.60 -19.36
N TYR A 397 -12.09 -0.75 -18.65
CA TYR A 397 -12.03 -0.78 -17.20
C TYR A 397 -13.01 0.22 -16.62
N ILE A 398 -12.99 0.34 -15.29
CA ILE A 398 -13.70 1.43 -14.65
C ILE A 398 -13.01 2.76 -14.93
N GLY A 399 -11.68 2.75 -15.03
CA GLY A 399 -10.96 3.91 -15.45
C GLY A 399 -10.88 3.99 -16.95
N ALA A 400 -11.65 4.90 -17.54
CA ALA A 400 -11.69 5.08 -18.99
C ALA A 400 -11.40 6.54 -19.27
N MET A 401 -10.14 6.88 -19.49
CA MET A 401 -9.76 8.26 -19.68
C MET A 401 -8.78 8.38 -20.83
N PRO A 402 -8.86 9.45 -21.61
CA PRO A 402 -7.90 9.65 -22.71
C PRO A 402 -6.61 10.31 -22.25
N GLY A 403 -5.75 10.71 -23.17
CA GLY A 403 -4.50 11.28 -22.65
C GLY A 403 -4.81 12.60 -22.00
N LYS A 404 -3.91 13.08 -21.13
CA LYS A 404 -4.14 14.45 -20.64
C LYS A 404 -4.06 15.21 -21.95
N LEU A 405 -3.09 14.82 -22.78
CA LEU A 405 -2.88 15.47 -24.09
C LEU A 405 -4.06 15.24 -25.04
N ILE A 406 -4.67 14.06 -25.05
CA ILE A 406 -5.87 13.92 -25.92
C ILE A 406 -7.02 14.82 -25.42
N HIS A 407 -7.24 14.92 -24.11
CA HIS A 407 -8.29 15.87 -23.67
C HIS A 407 -7.79 17.19 -24.22
N ALA A 408 -6.53 17.44 -23.91
CA ALA A 408 -6.02 18.74 -24.33
C ALA A 408 -6.20 18.96 -25.82
N MET A 409 -6.27 17.87 -26.60
CA MET A 409 -6.45 18.00 -28.04
C MET A 409 -7.88 18.41 -28.38
N LYS A 410 -8.85 18.03 -27.55
CA LYS A 410 -10.23 18.42 -27.81
C LYS A 410 -10.46 19.90 -27.59
N GLN A 411 -9.73 20.50 -26.64
CA GLN A 411 -9.98 21.86 -26.21
C GLN A 411 -9.64 22.90 -27.26
N VAL A 412 -8.92 22.53 -28.31
CA VAL A 412 -8.55 23.44 -29.35
C VAL A 412 -9.48 23.23 -30.53
N GLY A 413 -9.45 24.17 -31.48
CA GLY A 413 -10.32 24.09 -32.63
C GLY A 413 -9.61 23.70 -33.91
N VAL A 414 -8.31 23.46 -33.82
CA VAL A 414 -7.53 23.10 -35.00
C VAL A 414 -6.78 21.81 -34.72
N ILE A 415 -5.92 21.43 -35.66
CA ILE A 415 -5.07 20.25 -35.52
C ILE A 415 -3.63 20.59 -35.21
N ASN A 416 -3.26 21.86 -35.21
CA ASN A 416 -1.87 22.28 -34.96
C ASN A 416 -1.75 23.43 -33.96
N PRO A 417 -2.18 23.24 -32.69
CA PRO A 417 -2.02 24.33 -31.74
C PRO A 417 -0.63 24.32 -31.15
N VAL A 418 -0.37 25.18 -30.19
CA VAL A 418 0.78 25.02 -29.33
C VAL A 418 0.28 24.38 -28.04
N ILE A 419 1.15 23.67 -27.35
CA ILE A 419 0.84 23.12 -26.04
C ILE A 419 2.04 23.38 -25.14
N LEU A 420 1.90 24.33 -24.24
CA LEU A 420 2.96 24.58 -23.28
C LEU A 420 2.93 23.50 -22.21
N LEU A 421 4.09 23.24 -21.62
CA LEU A 421 4.24 22.27 -20.55
C LEU A 421 4.78 22.99 -19.32
N ASP A 422 4.19 22.72 -18.17
CA ASP A 422 4.51 23.45 -16.94
C ASP A 422 5.35 22.60 -15.99
N GLU A 423 6.43 23.21 -15.49
CA GLU A 423 7.39 22.65 -14.51
C GLU A 423 7.76 21.19 -14.78
N ILE A 424 8.38 20.98 -15.94
CA ILE A 424 8.67 19.62 -16.39
C ILE A 424 9.75 18.94 -15.58
N ASP A 425 10.43 19.68 -14.71
CA ASP A 425 11.38 19.16 -13.74
C ASP A 425 10.71 18.63 -12.47
N LYS A 426 9.42 18.32 -12.53
CA LYS A 426 8.68 17.72 -11.42
C LYS A 426 8.25 16.32 -11.85
N MET A 427 8.84 15.31 -11.20
CA MET A 427 8.72 13.94 -11.68
C MET A 427 8.21 13.02 -10.58
N SER A 428 8.29 11.71 -10.80
CA SER A 428 7.68 10.74 -9.93
C SER A 428 8.74 9.84 -9.30
N SER A 429 8.32 9.16 -8.24
CA SER A 429 9.12 8.11 -7.63
C SER A 429 8.32 6.86 -7.30
N ASP A 430 7.00 6.87 -7.51
CA ASP A 430 6.11 5.80 -7.07
C ASP A 430 5.29 5.33 -8.27
N TRP A 431 4.40 4.36 -8.01
CA TRP A 431 3.56 3.68 -9.00
C TRP A 431 4.41 3.11 -10.14
N ARG A 432 5.19 2.10 -9.77
CA ARG A 432 6.62 1.95 -10.09
C ARG A 432 7.07 2.52 -11.43
N GLY A 433 8.06 3.39 -11.39
CA GLY A 433 8.61 4.01 -12.58
C GLY A 433 8.74 5.50 -12.40
N ASP A 434 8.93 6.17 -13.54
CA ASP A 434 9.18 7.60 -13.65
C ASP A 434 8.73 7.99 -15.05
N PRO A 435 8.05 9.13 -15.22
CA PRO A 435 7.48 9.44 -16.55
C PRO A 435 8.45 10.12 -17.50
N ALA A 436 9.68 9.62 -17.59
CA ALA A 436 10.61 10.05 -18.60
C ALA A 436 10.64 9.09 -19.78
N SER A 437 9.68 8.16 -19.82
CA SER A 437 9.64 7.13 -20.85
C SER A 437 8.51 7.30 -21.85
N ALA A 438 7.35 7.81 -21.42
CA ALA A 438 6.30 8.16 -22.35
C ALA A 438 6.29 9.64 -22.69
N MET A 439 7.06 10.45 -21.96
CA MET A 439 7.12 11.88 -22.24
C MET A 439 7.99 12.15 -23.46
N LEU A 440 9.11 11.44 -23.57
CA LEU A 440 9.98 11.58 -24.72
C LEU A 440 9.32 11.09 -26.01
N GLU A 441 8.36 10.16 -25.88
CA GLU A 441 7.62 9.66 -27.04
C GLU A 441 6.70 10.68 -27.67
N VAL A 442 6.46 11.81 -27.00
CA VAL A 442 5.67 12.89 -27.54
C VAL A 442 6.53 14.06 -27.99
N LEU A 443 7.53 14.42 -27.19
CA LEU A 443 8.36 15.59 -27.44
C LEU A 443 9.27 15.42 -28.66
N ASP A 444 9.53 14.19 -29.08
CA ASP A 444 10.41 13.94 -30.21
C ASP A 444 9.58 13.95 -31.48
N PRO A 445 9.85 14.86 -32.42
CA PRO A 445 9.04 14.92 -33.66
C PRO A 445 9.20 13.73 -34.57
N GLU A 446 10.23 12.92 -34.37
CA GLU A 446 10.34 11.64 -35.04
C GLU A 446 9.55 10.55 -34.32
N GLN A 447 8.79 10.92 -33.28
CA GLN A 447 8.00 9.97 -32.51
C GLN A 447 6.54 10.35 -32.38
N ASN A 448 6.19 11.63 -32.45
CA ASN A 448 4.85 12.07 -32.11
C ASN A 448 3.82 11.76 -33.18
N ASN A 449 4.24 11.66 -34.44
CA ASN A 449 3.35 11.10 -35.47
C ASN A 449 3.09 9.63 -35.25
N THR A 450 3.99 8.94 -34.56
CA THR A 450 3.84 7.54 -34.19
C THR A 450 3.27 7.35 -32.80
N PHE A 451 2.43 8.28 -32.34
CA PHE A 451 1.95 8.22 -30.97
C PHE A 451 0.67 7.41 -30.87
N THR A 452 0.63 6.53 -29.87
CA THR A 452 -0.51 5.65 -29.64
C THR A 452 -0.88 5.72 -28.18
N ASP A 453 -2.17 5.88 -27.92
CA ASP A 453 -2.71 5.99 -26.57
C ASP A 453 -3.51 4.73 -26.26
N HIS A 454 -3.60 4.39 -24.97
CA HIS A 454 -4.35 3.18 -24.59
C HIS A 454 -5.84 3.35 -24.82
N TYR A 455 -6.34 4.58 -24.80
CA TYR A 455 -7.78 4.78 -24.85
C TYR A 455 -8.31 4.68 -26.27
N LEU A 456 -7.70 5.42 -27.20
CA LEU A 456 -8.19 5.44 -28.57
C LEU A 456 -7.63 4.29 -29.40
N ASP A 457 -6.40 3.86 -29.11
CA ASP A 457 -5.69 2.74 -29.74
C ASP A 457 -5.46 2.93 -31.24
N VAL A 458 -5.54 4.15 -31.74
CA VAL A 458 -5.16 4.42 -33.13
C VAL A 458 -3.96 5.35 -33.10
N PRO A 459 -3.11 5.36 -34.12
CA PRO A 459 -2.02 6.35 -34.16
C PRO A 459 -2.56 7.73 -34.52
N TYR A 460 -2.36 8.69 -33.62
CA TYR A 460 -2.81 10.05 -33.84
C TYR A 460 -1.62 10.96 -34.09
N ASP A 461 -1.69 11.76 -35.15
CA ASP A 461 -0.58 12.58 -35.56
C ASP A 461 -0.41 13.76 -34.63
N LEU A 462 0.78 13.87 -34.04
CA LEU A 462 1.14 15.01 -33.20
C LEU A 462 2.40 15.69 -33.71
N SER A 463 2.70 15.57 -35.00
CA SER A 463 3.93 16.14 -35.53
C SER A 463 3.79 17.61 -35.84
N LYS A 464 2.62 18.02 -36.32
CA LYS A 464 2.43 19.38 -36.81
C LYS A 464 2.30 20.42 -35.71
N VAL A 465 2.17 20.00 -34.47
CA VAL A 465 2.02 20.94 -33.36
C VAL A 465 3.41 21.40 -32.94
N PHE A 466 3.47 22.54 -32.25
CA PHE A 466 4.75 23.10 -31.82
C PHE A 466 4.75 23.30 -30.32
N PHE A 467 5.79 22.84 -29.67
CA PHE A 467 5.84 22.78 -28.21
C PHE A 467 6.75 23.86 -27.64
N ILE A 468 6.31 24.44 -26.54
CA ILE A 468 7.13 25.29 -25.69
C ILE A 468 7.09 24.64 -24.31
N THR A 469 8.19 24.76 -23.57
CA THR A 469 8.26 24.15 -22.26
C THR A 469 8.86 25.15 -21.30
N THR A 470 8.38 25.18 -20.05
CA THR A 470 9.01 25.95 -19.00
C THR A 470 9.38 25.02 -17.86
N ALA A 471 10.57 25.25 -17.31
CA ALA A 471 11.00 24.60 -16.10
C ALA A 471 11.70 25.65 -15.26
N ASN A 472 12.01 25.29 -14.02
CA ASN A 472 12.65 26.22 -13.11
C ASN A 472 14.12 25.91 -12.88
N THR A 473 14.49 24.63 -12.96
CA THR A 473 15.88 24.22 -12.84
C THR A 473 16.16 23.11 -13.83
N LEU A 474 17.39 23.05 -14.29
CA LEU A 474 17.79 22.05 -15.25
C LEU A 474 18.31 20.78 -14.58
N GLN A 475 18.63 20.86 -13.30
CA GLN A 475 19.46 19.88 -12.62
C GLN A 475 18.67 18.70 -12.09
N THR A 476 17.38 18.60 -12.44
CA THR A 476 16.57 17.43 -12.12
C THR A 476 15.67 17.03 -13.29
N ILE A 477 16.07 17.39 -14.50
CA ILE A 477 15.39 16.98 -15.72
C ILE A 477 16.13 15.75 -16.23
N PRO A 478 15.45 14.70 -16.68
CA PRO A 478 16.15 13.49 -17.14
C PRO A 478 16.93 13.73 -18.42
N ARG A 479 18.06 13.02 -18.50
CA ARG A 479 19.04 13.11 -19.58
C ARG A 479 18.51 12.81 -21.00
N PRO A 480 17.63 11.83 -21.23
CA PRO A 480 17.02 11.73 -22.58
C PRO A 480 16.17 12.92 -22.96
N LEU A 481 15.69 13.68 -21.99
CA LEU A 481 15.03 14.94 -22.30
C LEU A 481 16.01 16.10 -22.38
N LEU A 482 17.08 16.08 -21.58
CA LEU A 482 18.11 17.12 -21.69
C LEU A 482 18.83 17.09 -23.02
N ASP A 483 18.91 15.92 -23.66
CA ASP A 483 19.56 15.81 -24.95
C ASP A 483 18.61 16.10 -26.11
N ARG A 484 17.47 16.73 -25.84
CA ARG A 484 16.54 17.11 -26.90
C ARG A 484 16.21 18.60 -26.87
N MET A 485 16.97 19.41 -26.14
CA MET A 485 16.52 20.78 -25.95
C MET A 485 17.69 21.74 -25.76
N GLU A 486 17.46 22.98 -26.15
CA GLU A 486 18.34 24.09 -25.81
C GLU A 486 17.61 24.98 -24.83
N VAL A 487 18.37 25.76 -24.08
CA VAL A 487 17.83 26.51 -22.96
C VAL A 487 17.98 28.00 -23.25
N ILE A 488 17.00 28.78 -22.81
CA ILE A 488 17.08 30.22 -22.84
C ILE A 488 16.91 30.65 -21.40
N GLU A 489 18.01 30.97 -20.72
CA GLU A 489 17.92 31.41 -19.33
C GLU A 489 17.37 32.83 -19.27
N ILE A 490 16.29 33.00 -18.53
CA ILE A 490 15.62 34.30 -18.40
C ILE A 490 16.13 34.94 -17.10
N PRO A 491 16.80 36.08 -17.18
CA PRO A 491 17.69 36.49 -16.08
C PRO A 491 17.03 36.97 -14.79
N GLY A 492 16.04 37.85 -14.90
CA GLY A 492 15.60 38.60 -13.74
C GLY A 492 15.68 40.07 -14.05
N TYR A 493 14.87 40.89 -13.40
CA TYR A 493 14.65 42.23 -13.87
C TYR A 493 15.46 43.23 -13.06
N THR A 494 15.46 44.46 -13.52
CA THR A 494 16.10 45.57 -12.83
C THR A 494 15.02 46.52 -12.37
N ASN A 495 15.42 47.54 -11.60
CA ASN A 495 14.45 48.42 -10.98
C ASN A 495 13.77 49.31 -12.00
N MET A 496 14.44 49.67 -13.08
CA MET A 496 13.75 50.45 -14.10
C MET A 496 12.90 49.57 -14.99
N GLU A 497 13.34 48.33 -15.21
CA GLU A 497 12.48 47.36 -15.89
C GLU A 497 11.24 47.08 -15.09
N LYS A 498 11.40 46.88 -13.77
CA LYS A 498 10.25 46.66 -12.89
C LYS A 498 9.34 47.88 -12.86
N GLN A 499 9.92 49.08 -12.91
CA GLN A 499 9.09 50.27 -12.87
C GLN A 499 8.29 50.44 -14.15
N ALA A 500 8.90 50.09 -15.28
CA ALA A 500 8.18 50.20 -16.55
C ALA A 500 7.08 49.14 -16.66
N ILE A 501 7.35 47.92 -16.21
CA ILE A 501 6.32 46.89 -16.21
C ILE A 501 5.18 47.27 -15.29
N ALA A 502 5.49 47.89 -14.15
CA ALA A 502 4.43 48.27 -13.22
C ALA A 502 3.59 49.39 -13.76
N ARG A 503 4.19 50.33 -14.49
CA ARG A 503 3.38 51.40 -15.05
C ARG A 503 2.55 50.94 -16.23
N GLN A 504 3.13 50.10 -17.10
CA GLN A 504 2.40 49.72 -18.29
C GLN A 504 1.34 48.67 -18.00
N TYR A 505 1.72 47.56 -17.37
CA TYR A 505 0.88 46.39 -17.38
C TYR A 505 0.31 45.97 -16.04
N LEU A 506 0.82 46.47 -14.91
CA LEU A 506 0.41 45.94 -13.61
C LEU A 506 -0.54 46.85 -12.85
N TRP A 507 -0.20 48.12 -12.71
CA TRP A 507 -1.12 49.05 -12.07
C TRP A 507 -2.47 49.23 -12.76
N PRO A 508 -2.59 49.28 -14.10
CA PRO A 508 -3.96 49.42 -14.65
C PRO A 508 -4.84 48.20 -14.44
N LYS A 509 -4.27 47.00 -14.48
CA LYS A 509 -5.05 45.80 -14.23
C LYS A 509 -5.56 45.75 -12.80
N GLN A 510 -4.67 46.00 -11.84
CA GLN A 510 -5.05 45.95 -10.44
C GLN A 510 -5.95 47.10 -10.06
N VAL A 511 -5.93 48.21 -10.81
CA VAL A 511 -6.85 49.26 -10.48
C VAL A 511 -8.19 49.07 -11.19
N ARG A 512 -8.22 48.32 -12.30
CA ARG A 512 -9.51 47.96 -12.87
C ARG A 512 -10.26 47.00 -12.00
N GLU A 513 -9.57 45.99 -11.48
CA GLU A 513 -10.26 44.93 -10.78
C GLU A 513 -10.70 45.29 -9.37
N SER A 514 -10.68 46.56 -9.00
CA SER A 514 -11.16 46.99 -7.71
C SER A 514 -12.31 47.97 -7.82
N GLY A 515 -12.72 48.34 -9.02
CA GLY A 515 -13.79 49.28 -9.19
C GLY A 515 -13.42 50.70 -8.93
N MET A 516 -12.15 50.98 -8.69
CA MET A 516 -11.67 52.35 -8.53
C MET A 516 -11.02 52.72 -9.84
N GLU A 517 -11.71 53.49 -10.66
CA GLU A 517 -11.20 53.77 -12.00
C GLU A 517 -11.38 55.25 -12.26
N GLY A 518 -10.27 55.94 -12.49
CA GLY A 518 -10.34 57.39 -12.54
C GLY A 518 -10.60 58.02 -11.19
N ARG A 519 -10.32 57.30 -10.12
CA ARG A 519 -10.50 57.80 -8.78
C ARG A 519 -9.22 57.81 -7.97
N ILE A 520 -8.19 57.11 -8.41
CA ILE A 520 -6.97 56.95 -7.63
C ILE A 520 -5.85 56.57 -8.58
N GLU A 521 -4.65 57.08 -8.32
CA GLU A 521 -3.49 56.74 -9.12
C GLU A 521 -2.24 57.10 -8.34
N VAL A 522 -1.20 56.31 -8.51
CA VAL A 522 0.09 56.56 -7.89
C VAL A 522 0.92 57.45 -8.80
N THR A 523 1.86 58.18 -8.22
CA THR A 523 2.87 58.88 -9.00
C THR A 523 4.00 57.91 -9.28
N ASP A 524 5.12 58.42 -9.75
CA ASP A 524 6.18 57.52 -10.15
C ASP A 524 7.27 57.38 -9.09
N ALA A 525 7.43 58.41 -8.27
CA ALA A 525 8.21 58.29 -7.05
C ALA A 525 7.61 57.24 -6.12
N ALA A 526 6.28 57.12 -6.11
CA ALA A 526 5.63 56.13 -5.26
C ALA A 526 5.96 54.72 -5.70
N ILE A 527 6.03 54.47 -7.00
CA ILE A 527 6.37 53.13 -7.45
C ILE A 527 7.84 52.84 -7.17
N LEU A 528 8.69 53.88 -7.23
CA LEU A 528 10.07 53.72 -6.78
C LEU A 528 10.15 53.33 -5.32
N ARG A 529 9.39 54.01 -4.46
CA ARG A 529 9.46 53.75 -3.04
C ARG A 529 8.92 52.37 -2.71
N VAL A 530 7.88 51.93 -3.42
CA VAL A 530 7.34 50.59 -3.18
C VAL A 530 8.35 49.52 -3.56
N ILE A 531 8.99 49.68 -4.72
CA ILE A 531 9.94 48.66 -5.16
C ILE A 531 11.17 48.64 -4.26
N SER A 532 11.62 49.80 -3.82
CA SER A 532 12.86 49.85 -3.07
C SER A 532 12.67 49.49 -1.60
N GLU A 533 11.50 49.71 -1.01
CA GLU A 533 11.33 49.54 0.42
C GLU A 533 10.28 48.52 0.83
N TYR A 534 9.70 47.77 -0.10
CA TYR A 534 8.73 46.76 0.32
C TYR A 534 8.88 45.43 -0.39
N THR A 535 9.88 45.25 -1.24
CA THR A 535 10.05 44.03 -1.99
C THR A 535 11.52 43.65 -2.06
N ARG A 536 11.80 42.35 -2.01
CA ARG A 536 13.09 41.78 -2.35
C ARG A 536 12.81 40.52 -3.16
N GLU A 537 12.77 40.67 -4.48
CA GLU A 537 12.52 39.53 -5.33
C GLU A 537 13.18 39.75 -6.67
N ALA A 538 13.45 38.64 -7.35
CA ALA A 538 13.83 38.71 -8.75
C ALA A 538 12.63 38.96 -9.64
N GLY A 539 11.52 38.27 -9.37
CA GLY A 539 10.31 38.38 -10.16
C GLY A 539 9.52 39.64 -9.89
N VAL A 540 8.21 39.58 -10.12
CA VAL A 540 7.40 40.77 -10.01
C VAL A 540 6.11 40.49 -9.24
N ARG A 541 5.98 39.28 -8.68
CA ARG A 541 4.75 38.89 -7.97
C ARG A 541 4.51 39.74 -6.72
N GLY A 542 5.57 40.05 -5.99
CA GLY A 542 5.44 40.87 -4.79
C GLY A 542 4.94 42.26 -5.09
N LEU A 543 5.36 42.82 -6.22
CA LEU A 543 4.90 44.14 -6.61
C LEU A 543 3.43 44.12 -6.99
N GLU A 544 2.97 43.02 -7.57
CA GLU A 544 1.54 42.85 -7.81
C GLU A 544 0.75 42.83 -6.53
N ARG A 545 1.27 42.14 -5.51
CA ARG A 545 0.56 42.10 -4.22
C ARG A 545 0.51 43.47 -3.58
N GLU A 546 1.59 44.25 -3.69
CA GLU A 546 1.61 45.56 -3.05
C GLU A 546 0.67 46.54 -3.74
N LEU A 547 0.62 46.48 -5.08
CA LEU A 547 -0.31 47.35 -5.79
C LEU A 547 -1.75 46.94 -5.55
N GLY A 548 -2.01 45.64 -5.42
CA GLY A 548 -3.35 45.21 -5.08
C GLY A 548 -3.78 45.66 -3.70
N LYS A 549 -2.84 45.72 -2.76
CA LYS A 549 -3.16 46.20 -1.42
C LYS A 549 -3.50 47.69 -1.44
N ILE A 550 -2.78 48.47 -2.25
CA ILE A 550 -3.10 49.89 -2.38
C ILE A 550 -4.49 50.08 -2.97
N ALA A 551 -4.87 49.24 -3.94
CA ALA A 551 -6.18 49.39 -4.56
C ALA A 551 -7.32 49.01 -3.61
N ARG A 552 -7.15 47.93 -2.82
CA ARG A 552 -8.18 47.55 -1.86
C ARG A 552 -8.37 48.61 -0.79
N LYS A 553 -7.26 49.14 -0.25
CA LYS A 553 -7.32 50.23 0.71
C LYS A 553 -8.00 51.44 0.13
N GLY A 554 -7.77 51.71 -1.16
CA GLY A 554 -8.45 52.81 -1.81
C GLY A 554 -9.96 52.62 -1.87
N ALA A 555 -10.40 51.41 -2.13
CA ALA A 555 -11.83 51.15 -2.19
C ALA A 555 -12.50 51.29 -0.83
N LYS A 556 -11.84 50.81 0.22
CA LYS A 556 -12.40 50.95 1.56
C LYS A 556 -12.46 52.41 1.97
N PHE A 557 -11.42 53.19 1.67
CA PHE A 557 -11.44 54.61 1.97
C PHE A 557 -12.48 55.37 1.16
N TRP A 558 -12.78 54.89 -0.04
CA TRP A 558 -13.86 55.49 -0.82
C TRP A 558 -15.20 55.26 -0.15
N LEU A 559 -15.47 54.04 0.30
CA LEU A 559 -16.79 53.80 0.90
C LEU A 559 -16.93 54.43 2.27
N GLU A 560 -15.84 54.64 2.99
CA GLU A 560 -16.01 55.28 4.29
C GLU A 560 -16.13 56.80 4.19
N GLY A 561 -15.91 57.36 3.02
CA GLY A 561 -16.33 58.71 2.69
C GLY A 561 -15.72 59.07 1.35
N ALA A 562 -16.51 59.58 0.43
CA ALA A 562 -16.12 59.61 -0.98
C ALA A 562 -15.61 60.99 -1.34
N TRP A 563 -14.40 61.05 -1.86
CA TRP A 563 -13.84 62.30 -2.37
C TRP A 563 -14.38 62.54 -3.78
N GLU A 564 -13.79 63.52 -4.46
CA GLU A 564 -14.11 63.80 -5.85
C GLU A 564 -12.84 64.25 -6.55
N GLY A 565 -12.86 64.13 -7.86
CA GLY A 565 -11.68 64.40 -8.66
C GLY A 565 -10.83 63.14 -8.81
N LEU A 566 -9.56 63.25 -8.44
CA LEU A 566 -8.66 62.12 -8.56
C LEU A 566 -7.58 62.29 -7.49
N ARG A 567 -7.74 61.58 -6.39
CA ARG A 567 -6.71 61.52 -5.37
C ARG A 567 -5.48 60.82 -5.93
N THR A 568 -4.36 61.53 -5.93
CA THR A 568 -3.10 60.93 -6.33
C THR A 568 -2.34 60.48 -5.10
N ILE A 569 -1.43 59.53 -5.30
CA ILE A 569 -0.65 58.93 -4.23
C ILE A 569 0.80 59.13 -4.59
N ASP A 570 1.45 60.09 -3.95
CA ASP A 570 2.87 60.25 -4.14
C ASP A 570 3.61 59.42 -3.10
N ALA A 571 4.92 59.53 -3.05
CA ALA A 571 5.64 59.00 -1.91
C ALA A 571 5.33 59.87 -0.68
N SER A 572 5.57 59.31 0.50
CA SER A 572 5.19 59.77 1.83
C SER A 572 3.70 59.68 2.08
N ASP A 573 2.93 59.10 1.17
CA ASP A 573 1.62 58.60 1.49
C ASP A 573 1.59 57.08 1.42
N ILE A 574 2.69 56.47 1.00
CA ILE A 574 2.79 55.02 1.00
C ILE A 574 2.63 54.38 2.39
N PRO A 575 3.22 54.89 3.49
CA PRO A 575 2.99 54.21 4.78
C PRO A 575 1.59 54.32 5.33
N THR A 576 0.72 55.13 4.73
CA THR A 576 -0.68 55.09 5.13
C THR A 576 -1.34 53.81 4.64
N TYR A 577 -0.89 53.28 3.51
CA TYR A 577 -1.57 52.18 2.86
C TYR A 577 -0.83 50.86 2.98
N LEU A 578 0.47 50.90 3.20
CA LEU A 578 1.23 49.67 3.28
C LEU A 578 1.85 49.38 4.63
N GLY A 579 1.99 50.39 5.49
CA GLY A 579 2.54 50.14 6.80
C GLY A 579 3.96 50.62 6.99
N ILE A 580 4.74 49.90 7.77
CA ILE A 580 6.11 50.27 8.10
C ILE A 580 7.00 49.71 7.00
N PRO A 581 8.01 50.44 6.54
CA PRO A 581 8.90 49.92 5.50
C PRO A 581 9.67 48.69 5.94
N ARG A 582 9.55 47.62 5.16
CA ARG A 582 10.18 46.37 5.54
C ARG A 582 11.67 46.31 5.25
N TYR A 583 12.18 47.17 4.38
CA TYR A 583 13.58 47.10 3.98
C TYR A 583 14.18 48.48 4.00
N ARG A 584 15.50 48.53 4.16
CA ARG A 584 16.19 49.79 4.11
C ARG A 584 17.09 49.82 2.89
N PRO A 585 16.95 50.79 2.01
CA PRO A 585 17.87 50.88 0.87
C PRO A 585 19.21 51.39 1.33
N ASP A 586 20.27 50.93 0.65
CA ASP A 586 21.62 51.22 1.07
C ASP A 586 22.12 52.53 0.47
N LYS A 587 22.89 53.26 1.27
CA LYS A 587 23.30 54.62 0.96
C LYS A 587 24.77 54.66 0.62
N ALA A 588 25.12 55.45 -0.38
CA ALA A 588 26.51 55.78 -0.59
C ALA A 588 26.98 56.73 0.50
N GLU A 589 28.28 56.90 0.58
CA GLU A 589 28.88 57.70 1.64
C GLU A 589 29.76 58.75 0.99
N THR A 590 29.76 59.96 1.53
CA THR A 590 30.20 61.12 0.78
C THR A 590 31.40 61.81 1.41
N GLU A 591 32.34 61.04 1.95
CA GLU A 591 33.42 61.68 2.66
C GLU A 591 34.59 60.72 2.74
N PRO A 592 35.82 61.18 2.55
CA PRO A 592 36.97 60.27 2.65
C PRO A 592 37.23 59.85 4.09
N GLN A 593 37.02 58.57 4.36
CA GLN A 593 37.30 57.96 5.65
C GLN A 593 38.68 57.36 5.65
N VAL A 594 39.24 57.21 6.83
CA VAL A 594 40.53 56.55 7.01
C VAL A 594 40.28 55.15 7.56
N GLY A 595 40.71 54.14 6.82
CA GLY A 595 40.51 52.78 7.21
C GLY A 595 39.24 52.13 6.72
N THR A 596 38.67 52.60 5.63
CA THR A 596 37.39 52.09 5.17
C THR A 596 37.39 52.13 3.65
N ALA A 597 36.73 51.17 3.03
CA ALA A 597 36.59 51.18 1.58
C ALA A 597 35.27 50.55 1.20
N GLN A 598 34.82 50.83 0.00
CA GLN A 598 33.48 50.49 -0.45
C GLN A 598 33.55 49.33 -1.42
N GLY A 599 32.90 48.22 -1.09
CA GLY A 599 32.90 47.05 -1.93
C GLY A 599 31.53 46.75 -2.48
N LEU A 600 31.47 45.71 -3.31
CA LEU A 600 30.24 45.32 -3.98
C LEU A 600 30.04 43.84 -3.76
N ALA A 601 28.80 43.43 -3.58
CA ALA A 601 28.51 42.04 -3.30
C ALA A 601 27.40 41.53 -4.21
N TRP A 602 27.32 40.21 -4.32
CA TRP A 602 26.38 39.55 -5.22
C TRP A 602 25.43 38.73 -4.37
N THR A 603 24.16 38.87 -4.60
CA THR A 603 23.18 37.96 -4.02
C THR A 603 22.45 37.33 -5.18
N PRO A 604 21.69 36.25 -5.02
CA PRO A 604 20.87 35.76 -6.14
C PRO A 604 19.65 36.60 -6.44
N VAL A 605 19.42 37.67 -5.67
CA VAL A 605 18.25 38.52 -5.82
C VAL A 605 18.64 39.92 -6.28
N GLY A 606 19.91 40.21 -6.36
CA GLY A 606 20.40 41.51 -6.75
C GLY A 606 21.81 41.68 -6.24
N GLY A 607 22.31 42.90 -6.32
CA GLY A 607 23.61 43.17 -5.76
C GLY A 607 23.46 44.08 -4.57
N THR A 608 24.47 44.17 -3.71
CA THR A 608 24.41 45.06 -2.55
C THR A 608 25.73 45.80 -2.45
N LEU A 609 25.78 46.78 -1.56
CA LEU A 609 27.03 47.40 -1.18
C LEU A 609 27.51 46.80 0.12
N LEU A 610 28.81 46.76 0.32
CA LEU A 610 29.39 46.35 1.59
C LEU A 610 30.61 47.21 1.87
N THR A 611 30.80 47.59 3.12
CA THR A 611 31.98 48.34 3.51
C THR A 611 32.90 47.45 4.32
N ILE A 612 34.18 47.61 4.13
CA ILE A 612 35.20 46.95 4.92
C ILE A 612 35.70 47.97 5.91
N GLU A 613 35.89 47.58 7.15
CA GLU A 613 36.47 48.46 8.15
C GLU A 613 37.70 47.82 8.74
N VAL A 614 38.77 48.58 8.86
CA VAL A 614 40.02 48.10 9.44
C VAL A 614 40.46 49.08 10.51
N ALA A 615 40.79 48.58 11.68
CA ALA A 615 41.40 49.36 12.74
C ALA A 615 42.81 48.86 12.98
N ALA A 616 43.72 49.76 13.28
CA ALA A 616 45.12 49.41 13.54
C ALA A 616 45.52 50.01 14.87
N VAL A 617 45.55 49.20 15.91
CA VAL A 617 45.77 49.66 17.28
C VAL A 617 47.13 49.15 17.71
N PRO A 618 47.80 49.73 18.70
CA PRO A 618 49.07 49.18 19.15
C PRO A 618 48.88 47.85 19.84
N GLY A 619 49.79 46.93 19.56
CA GLY A 619 49.63 45.56 19.97
C GLY A 619 50.89 44.77 19.71
N SER A 620 50.78 43.54 19.21
CA SER A 620 51.97 42.73 18.99
C SER A 620 51.93 41.91 17.71
N GLY A 621 51.01 42.16 16.81
CA GLY A 621 51.03 41.51 15.52
C GLY A 621 50.06 40.35 15.57
N LYS A 622 48.83 40.61 15.16
CA LYS A 622 47.76 39.64 15.21
C LYS A 622 46.84 39.98 14.07
N LEU A 623 45.81 39.18 13.88
CA LEU A 623 44.86 39.49 12.83
C LEU A 623 43.53 38.90 13.25
N SER A 624 42.62 39.75 13.67
CA SER A 624 41.25 39.33 13.92
C SER A 624 40.43 39.59 12.68
N LEU A 625 39.44 38.75 12.46
CA LEU A 625 38.65 38.79 11.23
C LEU A 625 37.21 38.48 11.61
N THR A 626 36.41 39.51 11.85
CA THR A 626 35.07 39.31 12.38
C THR A 626 34.02 39.75 11.39
N GLY A 627 32.82 39.20 11.55
CA GLY A 627 31.74 39.50 10.64
C GLY A 627 31.20 38.30 9.89
N GLN A 628 31.42 37.10 10.44
CA GLN A 628 30.94 35.83 9.93
C GLN A 628 31.51 35.50 8.54
N LEU A 629 32.83 35.58 8.44
CA LEU A 629 33.50 35.37 7.18
C LEU A 629 33.76 33.90 6.93
N GLY A 630 33.77 33.49 5.68
CA GLY A 630 34.16 32.16 5.32
C GLY A 630 35.65 32.05 5.21
N GLU A 631 36.11 30.87 4.82
CA GLU A 631 37.55 30.64 4.80
C GLU A 631 38.25 31.30 3.63
N VAL A 632 37.59 31.41 2.49
CA VAL A 632 38.21 31.98 1.31
C VAL A 632 38.43 33.45 1.49
N MET A 633 37.50 34.10 2.18
CA MET A 633 37.63 35.53 2.42
C MET A 633 38.73 35.81 3.43
N LYS A 634 38.95 34.89 4.36
CA LYS A 634 40.06 35.06 5.30
C LYS A 634 41.40 34.87 4.64
N GLU A 635 41.50 33.88 3.73
CA GLU A 635 42.75 33.71 3.00
C GLU A 635 43.01 34.88 2.07
N SER A 636 41.95 35.53 1.58
CA SER A 636 42.10 36.74 0.81
C SER A 636 42.68 37.87 1.64
N ALA A 637 42.24 37.98 2.90
CA ALA A 637 42.81 38.98 3.79
C ALA A 637 44.27 38.71 4.11
N GLN A 638 44.65 37.44 4.31
CA GLN A 638 46.06 37.13 4.53
C GLN A 638 46.92 37.42 3.30
N ALA A 639 46.38 37.19 2.11
CA ALA A 639 47.15 37.46 0.90
C ALA A 639 47.39 38.94 0.72
N ALA A 640 46.39 39.77 1.01
CA ALA A 640 46.56 41.22 0.92
C ALA A 640 47.55 41.73 1.96
N LEU A 641 47.50 41.17 3.16
CA LEU A 641 48.42 41.62 4.20
C LEU A 641 49.86 41.24 3.90
N THR A 642 50.07 40.05 3.33
CA THR A 642 51.42 39.63 3.00
C THR A 642 52.00 40.47 1.87
N TYR A 643 51.16 40.80 0.87
CA TYR A 643 51.61 41.73 -0.16
C TYR A 643 52.03 43.06 0.43
N LEU A 644 51.30 43.56 1.42
CA LEU A 644 51.70 44.86 1.95
C LEU A 644 52.94 44.75 2.82
N ARG A 645 53.15 43.60 3.48
CA ARG A 645 54.38 43.43 4.26
C ARG A 645 55.59 43.33 3.37
N ALA A 646 55.41 42.87 2.14
CA ALA A 646 56.56 42.76 1.25
C ALA A 646 56.93 44.07 0.56
N HIS A 647 56.12 45.12 0.66
CA HIS A 647 56.44 46.40 0.04
C HIS A 647 56.09 47.49 1.04
N THR A 648 56.97 47.77 1.98
CA THR A 648 56.61 48.76 2.98
C THR A 648 57.13 50.15 2.66
N GLN A 649 58.17 50.25 1.84
CA GLN A 649 58.70 51.56 1.52
C GLN A 649 58.09 52.14 0.27
N ASP A 650 57.33 51.35 -0.47
CA ASP A 650 56.61 51.90 -1.61
C ASP A 650 55.51 52.84 -1.17
N TYR A 651 54.77 52.43 -0.15
CA TYR A 651 53.53 53.12 0.20
C TYR A 651 53.62 53.86 1.51
N GLY A 652 54.79 53.91 2.13
CA GLY A 652 54.93 54.70 3.33
C GLY A 652 54.34 54.08 4.56
N LEU A 653 54.28 52.76 4.62
CA LEU A 653 53.87 52.10 5.84
C LEU A 653 55.02 52.16 6.83
N PRO A 654 54.74 52.04 8.13
CA PRO A 654 55.84 51.92 9.08
C PRO A 654 56.59 50.62 8.88
N GLU A 655 57.89 50.66 9.19
CA GLU A 655 58.79 49.59 8.79
C GLU A 655 58.58 48.31 9.56
N ASP A 656 57.94 48.36 10.71
CA ASP A 656 57.87 47.22 11.59
C ASP A 656 56.45 47.01 12.11
N PHE A 657 55.47 47.07 11.24
CA PHE A 657 54.14 46.84 11.76
C PHE A 657 53.83 45.37 11.94
N TYR A 658 54.72 44.47 11.55
CA TYR A 658 54.38 43.06 11.63
C TYR A 658 54.46 42.52 13.05
N ASN A 659 55.10 43.24 13.97
CA ASN A 659 55.08 42.80 15.35
C ASN A 659 54.89 43.95 16.32
N LYS A 660 54.29 45.05 15.89
CA LYS A 660 53.99 46.15 16.78
C LYS A 660 52.55 46.59 16.74
N VAL A 661 51.75 46.05 15.83
CA VAL A 661 50.41 46.53 15.52
C VAL A 661 49.49 45.33 15.44
N ASP A 662 48.39 45.36 16.19
CA ASP A 662 47.32 44.40 15.98
C ASP A 662 46.33 44.97 14.99
N LEU A 663 45.91 44.17 14.02
CA LEU A 663 44.92 44.58 13.04
C LEU A 663 43.63 43.82 13.24
N HIS A 664 42.51 44.52 13.07
CA HIS A 664 41.20 43.92 13.17
C HIS A 664 40.43 44.32 11.92
N VAL A 665 39.85 43.35 11.24
CA VAL A 665 39.12 43.57 9.99
C VAL A 665 37.69 43.17 10.20
N HIS A 666 36.76 44.08 9.99
CA HIS A 666 35.36 43.87 10.29
C HIS A 666 34.51 44.22 9.09
N VAL A 667 33.52 43.38 8.79
CA VAL A 667 32.64 43.59 7.66
C VAL A 667 31.21 43.58 8.17
N PRO A 668 30.63 44.73 8.44
CA PRO A 668 29.28 44.78 9.00
C PRO A 668 28.25 44.51 7.93
N ASP A 669 27.08 43.98 8.31
CA ASP A 669 26.65 43.68 9.68
C ASP A 669 27.06 42.32 10.18
N GLY A 670 27.05 42.15 11.49
CA GLY A 670 27.62 40.96 12.06
C GLY A 670 26.82 39.69 11.95
N ALA A 671 25.58 39.76 11.47
CA ALA A 671 24.73 38.59 11.55
C ALA A 671 24.66 37.77 10.29
N THR A 672 25.06 38.32 9.14
CA THR A 672 24.84 37.54 7.92
C THR A 672 26.15 36.95 7.41
N PRO A 673 26.16 35.64 7.06
CA PRO A 673 27.34 35.05 6.51
C PRO A 673 27.81 35.73 5.23
N LYS A 674 29.11 35.93 5.07
CA LYS A 674 29.70 36.55 3.85
C LYS A 674 30.86 35.67 3.44
N ASP A 675 31.07 35.42 2.15
CA ASP A 675 32.15 34.54 1.66
C ASP A 675 32.57 34.96 0.26
N GLY A 676 33.72 34.50 -0.23
CA GLY A 676 34.13 34.75 -1.62
C GLY A 676 35.46 35.42 -1.78
N PRO A 677 36.12 35.30 -2.94
CA PRO A 677 37.36 35.99 -3.12
C PRO A 677 37.30 37.30 -3.90
N SER A 678 36.13 37.78 -4.28
CA SER A 678 36.03 38.90 -5.19
C SER A 678 36.36 40.21 -4.53
N ALA A 679 36.54 40.27 -3.20
CA ALA A 679 36.83 41.61 -2.64
C ALA A 679 38.22 41.69 -2.01
N GLY A 680 39.22 41.02 -2.60
CA GLY A 680 40.60 41.11 -2.09
C GLY A 680 41.12 42.52 -2.15
N ILE A 681 40.82 43.24 -3.24
CA ILE A 681 41.27 44.67 -3.39
C ILE A 681 40.62 45.53 -2.30
N THR A 682 39.34 45.31 -2.00
CA THR A 682 38.63 46.16 -1.00
C THR A 682 39.31 46.02 0.36
N MET A 683 40.09 44.97 0.56
CA MET A 683 40.82 44.77 1.80
C MET A 683 42.21 45.34 1.71
N ALA A 684 42.85 45.28 0.56
CA ALA A 684 44.17 45.88 0.41
C ALA A 684 44.09 47.39 0.55
N THR A 685 43.03 48.00 0.02
CA THR A 685 42.84 49.43 0.19
C THR A 685 42.59 49.81 1.63
N ALA A 686 41.70 49.09 2.31
CA ALA A 686 41.36 49.40 3.69
C ALA A 686 42.55 49.22 4.62
N ILE A 687 43.33 48.15 4.41
CA ILE A 687 44.47 47.90 5.29
C ILE A 687 45.58 48.90 5.04
N ALA A 688 45.83 49.26 3.78
CA ALA A 688 46.87 50.25 3.51
C ALA A 688 46.51 51.62 4.03
N SER A 689 45.23 51.97 3.98
CA SER A 689 44.82 53.27 4.51
C SER A 689 44.87 53.29 6.03
N ALA A 690 44.51 52.18 6.69
CA ALA A 690 44.56 52.16 8.13
C ALA A 690 45.99 52.13 8.65
N LEU A 691 46.93 51.58 7.90
CA LEU A 691 48.30 51.58 8.38
C LEU A 691 49.02 52.89 8.09
N SER A 692 48.73 53.53 6.97
CA SER A 692 49.47 54.73 6.60
C SER A 692 48.79 56.03 6.99
N ARG A 693 47.60 55.97 7.60
CA ARG A 693 46.79 57.12 8.02
C ARG A 693 46.41 58.04 6.88
N ARG A 694 46.27 57.51 5.69
CA ARG A 694 45.83 58.27 4.54
C ARG A 694 44.40 57.91 4.23
N PRO A 695 43.50 58.86 4.09
CA PRO A 695 42.09 58.52 3.91
C PRO A 695 41.83 57.94 2.54
N ALA A 696 40.78 57.14 2.46
CA ALA A 696 40.39 56.50 1.22
C ALA A 696 39.10 57.10 0.73
N ARG A 697 39.00 57.33 -0.57
CA ARG A 697 37.83 57.93 -1.16
C ARG A 697 36.67 56.96 -1.13
N MET A 698 35.48 57.44 -0.76
CA MET A 698 34.36 56.54 -0.56
C MET A 698 33.32 56.67 -1.66
N ASP A 699 33.58 57.46 -2.69
CA ASP A 699 32.70 57.54 -3.84
C ASP A 699 33.12 56.64 -4.98
N ILE A 700 34.10 55.79 -4.76
CA ILE A 700 34.59 54.86 -5.77
C ILE A 700 34.34 53.48 -5.22
N ALA A 701 33.50 52.71 -5.88
CA ALA A 701 33.36 51.33 -5.50
C ALA A 701 34.38 50.51 -6.26
N MET A 702 34.65 49.30 -5.78
CA MET A 702 35.69 48.49 -6.41
C MET A 702 35.40 47.03 -6.14
N THR A 703 36.08 46.19 -6.90
CA THR A 703 36.02 44.75 -6.74
C THR A 703 37.21 44.14 -7.45
N GLY A 704 37.58 42.94 -7.03
CA GLY A 704 38.71 42.29 -7.66
C GLY A 704 39.48 41.35 -6.77
N GLU A 705 39.98 40.27 -7.34
CA GLU A 705 40.73 39.26 -6.60
C GLU A 705 42.22 39.54 -6.69
N VAL A 706 42.90 39.53 -5.55
CA VAL A 706 44.32 39.83 -5.51
C VAL A 706 45.09 38.53 -5.30
N SER A 707 46.32 38.49 -5.80
CA SER A 707 47.23 37.40 -5.51
C SER A 707 48.42 37.93 -4.74
N LEU A 708 49.37 37.05 -4.46
CA LEU A 708 50.42 37.38 -3.50
C LEU A 708 51.49 38.28 -4.08
N ARG A 709 51.58 38.38 -5.41
CA ARG A 709 52.50 39.28 -6.04
C ARG A 709 51.80 40.47 -6.67
N GLY A 710 50.59 40.75 -6.23
CA GLY A 710 49.96 42.01 -6.56
C GLY A 710 49.33 42.07 -7.92
N LYS A 711 48.68 41.01 -8.36
CA LYS A 711 48.02 41.00 -9.65
C LYS A 711 46.54 40.84 -9.46
N VAL A 712 45.77 41.74 -10.04
CA VAL A 712 44.33 41.69 -9.91
C VAL A 712 43.81 40.65 -10.89
N MET A 713 42.86 39.85 -10.46
CA MET A 713 42.39 38.71 -11.20
C MET A 713 40.89 38.81 -11.41
N PRO A 714 40.34 38.20 -12.46
CA PRO A 714 38.94 38.44 -12.79
C PRO A 714 37.97 37.79 -11.82
N ILE A 715 36.77 38.37 -11.76
CA ILE A 715 35.73 38.02 -10.81
C ILE A 715 34.47 37.60 -11.52
N GLY A 716 33.43 37.30 -10.76
CA GLY A 716 32.16 36.93 -11.34
C GLY A 716 31.05 37.87 -10.95
N GLY A 717 29.94 37.83 -11.68
CA GLY A 717 28.76 38.61 -11.36
C GLY A 717 28.93 40.10 -11.53
N VAL A 718 29.27 40.56 -12.72
CA VAL A 718 29.66 41.95 -12.87
C VAL A 718 28.46 42.86 -13.02
N LYS A 719 27.43 42.41 -13.75
CA LYS A 719 26.33 43.30 -14.07
C LYS A 719 25.46 43.59 -12.87
N GLU A 720 25.26 42.63 -11.97
CA GLU A 720 24.47 42.89 -10.76
C GLU A 720 25.18 43.87 -9.85
N LYS A 721 26.49 43.71 -9.71
CA LYS A 721 27.27 44.62 -8.89
C LYS A 721 27.27 46.02 -9.46
N LEU A 722 27.36 46.16 -10.78
CA LEU A 722 27.36 47.50 -11.32
C LEU A 722 25.99 48.14 -11.33
N LEU A 723 24.92 47.36 -11.47
CA LEU A 723 23.58 47.93 -11.33
C LEU A 723 23.35 48.42 -9.92
N ALA A 724 23.69 47.61 -8.92
CA ALA A 724 23.54 48.05 -7.54
C ALA A 724 24.47 49.20 -7.18
N ALA A 725 25.59 49.34 -7.86
CA ALA A 725 26.38 50.53 -7.64
C ALA A 725 25.76 51.74 -8.31
N HIS A 726 24.97 51.55 -9.34
CA HIS A 726 24.37 52.71 -9.98
C HIS A 726 23.09 53.15 -9.30
N GLN A 727 22.29 52.22 -8.78
CA GLN A 727 21.07 52.57 -8.07
C GLN A 727 21.33 53.36 -6.81
N ALA A 728 22.53 53.25 -6.24
CA ALA A 728 22.83 53.90 -4.98
C ALA A 728 23.61 55.18 -5.13
N GLY A 729 24.01 55.56 -6.33
CA GLY A 729 24.63 56.83 -6.56
C GLY A 729 26.14 56.85 -6.59
N ILE A 730 26.79 55.72 -6.78
CA ILE A 730 28.23 55.68 -7.03
C ILE A 730 28.43 55.85 -8.52
N HIS A 731 29.37 56.72 -8.91
CA HIS A 731 29.63 56.95 -10.33
C HIS A 731 31.05 56.66 -10.75
N LYS A 732 31.81 55.91 -9.96
CA LYS A 732 33.19 55.59 -10.31
C LYS A 732 33.49 54.16 -9.88
N ILE A 733 33.94 53.32 -10.80
CA ILE A 733 34.18 51.92 -10.54
C ILE A 733 35.64 51.60 -10.81
N VAL A 734 36.24 50.73 -10.00
CA VAL A 734 37.52 50.11 -10.29
C VAL A 734 37.27 48.62 -10.53
N LEU A 735 37.77 48.09 -11.62
CA LEU A 735 37.42 46.76 -12.09
C LEU A 735 38.65 46.13 -12.73
N PRO A 736 38.78 44.80 -12.70
CA PRO A 736 39.95 44.18 -13.34
C PRO A 736 39.92 44.32 -14.84
N LYS A 737 41.10 44.26 -15.44
CA LYS A 737 41.21 44.38 -16.89
C LYS A 737 40.54 43.21 -17.60
N ASP A 738 40.56 42.03 -16.99
CA ASP A 738 40.02 40.86 -17.65
C ASP A 738 38.51 40.82 -17.66
N ASN A 739 37.83 41.72 -16.97
CA ASN A 739 36.39 41.77 -17.01
C ASN A 739 35.88 42.83 -17.96
N GLU A 740 36.73 43.31 -18.87
CA GLU A 740 36.28 44.25 -19.89
C GLU A 740 35.32 43.59 -20.85
N ALA A 741 35.46 42.29 -21.05
CA ALA A 741 34.61 41.57 -21.99
C ALA A 741 33.18 41.44 -21.52
N GLN A 742 32.87 41.80 -20.28
CA GLN A 742 31.55 41.54 -19.74
C GLN A 742 30.76 42.83 -19.52
N LEU A 743 31.28 43.95 -19.98
CA LEU A 743 30.57 45.20 -19.86
C LEU A 743 29.44 45.34 -20.85
N GLU A 744 29.38 44.50 -21.87
CA GLU A 744 28.37 44.66 -22.90
C GLU A 744 26.98 44.22 -22.45
N GLU A 745 26.88 43.54 -21.31
CA GLU A 745 25.58 43.16 -20.77
C GLU A 745 24.88 44.30 -20.04
N LEU A 746 25.54 45.40 -19.84
CA LEU A 746 24.89 46.47 -19.13
C LEU A 746 24.01 47.29 -20.08
N PRO A 747 22.85 47.76 -19.61
CA PRO A 747 22.07 48.68 -20.43
C PRO A 747 22.81 49.99 -20.61
N LYS A 748 22.62 50.57 -21.79
CA LYS A 748 23.49 51.63 -22.27
C LYS A 748 23.28 52.93 -21.53
N GLU A 749 22.16 53.06 -20.81
CA GLU A 749 21.98 54.22 -19.95
C GLU A 749 22.91 54.16 -18.74
N VAL A 750 23.30 52.97 -18.33
CA VAL A 750 24.13 52.81 -17.15
C VAL A 750 25.60 52.92 -17.50
N LEU A 751 26.00 52.33 -18.63
CA LEU A 751 27.37 52.41 -19.11
C LEU A 751 27.82 53.83 -19.36
N GLU A 752 26.92 54.70 -19.81
CA GLU A 752 27.30 56.07 -20.00
C GLU A 752 27.22 56.89 -18.72
N GLY A 753 26.64 56.32 -17.66
CA GLY A 753 26.63 57.00 -16.39
C GLY A 753 27.87 56.68 -15.58
N LEU A 754 28.29 55.43 -15.64
CA LEU A 754 29.45 54.95 -14.90
C LEU A 754 30.73 55.43 -15.55
N GLU A 755 31.84 55.16 -14.88
CA GLU A 755 33.15 55.62 -15.32
C GLU A 755 34.17 54.58 -14.86
N ILE A 756 34.45 53.64 -15.73
CA ILE A 756 35.17 52.43 -15.37
C ILE A 756 36.66 52.68 -15.49
N LYS A 757 37.43 52.26 -14.49
CA LYS A 757 38.88 52.22 -14.57
C LYS A 757 39.32 50.77 -14.53
N LEU A 758 40.11 50.35 -15.50
CA LEU A 758 40.54 48.97 -15.62
C LEU A 758 41.98 48.85 -15.17
N VAL A 759 42.27 47.89 -14.30
CA VAL A 759 43.56 47.79 -13.65
C VAL A 759 44.13 46.39 -13.80
N GLU A 760 45.43 46.28 -13.60
CA GLU A 760 46.16 45.02 -13.65
C GLU A 760 46.92 44.75 -12.37
N ASP A 761 47.47 45.80 -11.77
CA ASP A 761 48.25 45.73 -10.55
C ASP A 761 47.46 46.31 -9.39
N VAL A 762 48.05 46.24 -8.20
CA VAL A 762 47.41 46.81 -7.03
C VAL A 762 47.96 48.18 -6.74
N GLY A 763 49.15 48.49 -7.26
CA GLY A 763 49.70 49.82 -7.09
C GLY A 763 48.89 50.88 -7.78
N GLU A 764 48.21 50.51 -8.87
CA GLU A 764 47.37 51.45 -9.58
C GLU A 764 46.13 51.79 -8.78
N VAL A 765 45.51 50.79 -8.17
CA VAL A 765 44.36 51.02 -7.30
C VAL A 765 44.75 51.85 -6.11
N LEU A 766 45.88 51.54 -5.49
CA LEU A 766 46.28 52.30 -4.31
C LEU A 766 46.78 53.68 -4.64
N GLU A 767 47.21 53.96 -5.85
CA GLU A 767 47.47 55.35 -6.19
C GLU A 767 46.18 56.07 -6.50
N TYR A 768 45.20 55.36 -7.03
CA TYR A 768 43.97 56.02 -7.41
C TYR A 768 43.11 56.36 -6.22
N LEU A 769 43.14 55.56 -5.16
CA LEU A 769 42.17 55.74 -4.09
C LEU A 769 42.66 56.48 -2.86
N LEU A 770 43.92 56.43 -2.53
CA LEU A 770 44.36 57.06 -1.30
C LEU A 770 44.61 58.54 -1.52
N LEU A 771 44.11 59.37 -0.62
CA LEU A 771 44.43 60.78 -0.68
C LEU A 771 45.88 61.00 -0.24
N PRO A 772 46.58 61.97 -0.84
CA PRO A 772 48.04 62.01 -0.70
C PRO A 772 48.55 62.39 0.67
N GLU A 773 47.71 62.90 1.56
CA GLU A 773 48.24 63.49 2.76
C GLU A 773 47.66 62.80 4.00
N PRO A 774 48.50 62.46 4.98
CA PRO A 774 48.00 61.85 6.21
C PRO A 774 47.22 62.84 7.07
N THR A 775 46.31 62.29 7.89
CA THR A 775 45.43 63.09 8.72
C THR A 775 45.51 62.76 10.21
N MET A 776 45.97 61.58 10.59
CA MET A 776 46.06 61.20 11.99
C MET A 776 47.48 60.79 12.32
N PRO A 777 47.93 60.96 13.57
CA PRO A 777 49.27 60.52 13.94
C PRO A 777 49.37 59.01 13.98
N PRO A 778 50.28 58.43 13.19
CA PRO A 778 50.32 56.98 13.07
C PRO A 778 50.98 56.31 14.28
N VAL A 779 50.38 55.21 14.70
CA VAL A 779 51.06 54.27 15.59
C VAL A 779 52.20 53.61 14.83
N VAL A 780 53.37 53.53 15.46
CA VAL A 780 54.54 53.00 14.78
C VAL A 780 55.00 51.70 15.46
N ARG B 2 -117.63 32.13 31.28
CA ARG B 2 -116.33 31.58 31.64
C ARG B 2 -116.47 30.13 32.10
N LEU B 3 -116.10 29.20 31.22
CA LEU B 3 -116.24 27.77 31.47
C LEU B 3 -114.90 27.25 31.99
N GLU B 4 -114.82 27.03 33.29
CA GLU B 4 -113.57 26.65 33.93
C GLU B 4 -113.42 25.15 33.97
N LEU B 5 -112.20 24.68 33.71
CA LEU B 5 -111.86 23.28 33.46
C LEU B 5 -110.51 22.99 34.08
N PRO B 6 -110.25 21.74 34.50
CA PRO B 6 -108.93 21.42 35.06
C PRO B 6 -107.83 21.38 34.00
N VAL B 7 -106.62 21.14 34.47
CA VAL B 7 -105.41 21.18 33.66
C VAL B 7 -104.77 19.79 33.63
N ILE B 8 -104.61 19.24 32.43
CA ILE B 8 -103.64 18.18 32.20
C ILE B 8 -102.47 18.79 31.44
N PRO B 9 -101.29 18.94 32.07
CA PRO B 9 -100.12 19.40 31.32
C PRO B 9 -99.61 18.32 30.39
N LEU B 10 -98.88 18.73 29.36
CA LEU B 10 -98.45 17.81 28.33
C LEU B 10 -97.32 16.90 28.85
N ARG B 11 -97.28 15.67 28.34
CA ARG B 11 -96.42 14.64 28.92
C ARG B 11 -95.05 14.56 28.23
N ASN B 12 -95.03 14.26 26.93
CA ASN B 12 -93.76 14.29 26.20
C ASN B 12 -93.89 14.88 24.81
N THR B 13 -95.03 15.46 24.45
CA THR B 13 -95.24 15.99 23.11
C THR B 13 -96.11 17.23 23.27
N VAL B 14 -95.88 18.24 22.43
CA VAL B 14 -96.87 19.29 22.23
C VAL B 14 -97.95 18.76 21.31
N ILE B 15 -99.18 18.69 21.81
CA ILE B 15 -100.29 18.06 21.09
C ILE B 15 -101.00 19.16 20.31
N LEU B 16 -100.66 19.29 19.05
CA LEU B 16 -101.28 20.30 18.19
C LEU B 16 -102.63 19.79 17.68
N PRO B 17 -103.63 20.69 17.56
CA PRO B 17 -105.04 20.26 17.58
C PRO B 17 -105.49 19.36 16.44
N HIS B 18 -106.55 18.60 16.72
CA HIS B 18 -107.18 17.64 15.82
C HIS B 18 -106.18 16.58 15.36
N THR B 19 -105.75 15.78 16.33
CA THR B 19 -104.91 14.61 16.11
C THR B 19 -105.28 13.59 17.17
N THR B 20 -105.44 12.33 16.75
CA THR B 20 -105.87 11.25 17.65
C THR B 20 -104.68 10.83 18.51
N THR B 21 -104.64 11.32 19.75
CA THR B 21 -103.49 11.12 20.63
C THR B 21 -103.96 10.55 21.96
N PRO B 22 -103.45 9.39 22.38
CA PRO B 22 -103.66 8.94 23.77
C PRO B 22 -102.66 9.59 24.71
N VAL B 23 -103.13 10.53 25.52
CA VAL B 23 -102.30 11.22 26.51
C VAL B 23 -102.52 10.56 27.86
N ASP B 24 -101.43 10.10 28.48
CA ASP B 24 -101.51 9.41 29.76
C ASP B 24 -101.70 10.39 30.91
N VAL B 25 -101.64 9.86 32.13
CA VAL B 25 -101.63 10.66 33.35
C VAL B 25 -100.44 10.19 34.18
N GLY B 26 -99.50 11.10 34.46
CA GLY B 26 -98.20 10.68 34.95
C GLY B 26 -97.88 10.86 36.42
N ARG B 27 -98.22 12.00 37.01
CA ARG B 27 -97.75 12.35 38.35
C ARG B 27 -98.63 11.69 39.40
N ALA B 28 -98.46 12.11 40.66
CA ALA B 28 -99.30 11.67 41.76
C ALA B 28 -100.27 12.75 42.20
N LYS B 29 -100.24 13.92 41.58
CA LYS B 29 -101.12 15.04 41.88
C LYS B 29 -102.09 15.31 40.73
N SER B 30 -102.60 14.27 40.07
CA SER B 30 -103.33 14.48 38.82
C SER B 30 -104.63 13.70 38.65
N LYS B 31 -104.84 12.56 39.33
CA LYS B 31 -105.85 11.60 38.87
C LYS B 31 -107.29 11.99 39.25
N ARG B 32 -107.47 12.67 40.38
CA ARG B 32 -108.83 13.00 40.81
C ARG B 32 -109.46 14.07 39.93
N ALA B 33 -108.66 15.03 39.45
CA ALA B 33 -109.19 16.01 38.51
C ALA B 33 -109.47 15.39 37.15
N VAL B 34 -108.76 14.32 36.79
CA VAL B 34 -109.07 13.59 35.57
C VAL B 34 -110.40 12.84 35.72
N GLU B 35 -110.63 12.22 36.89
CA GLU B 35 -111.90 11.53 37.11
C GLU B 35 -113.05 12.51 37.26
N GLU B 36 -112.78 13.72 37.76
CA GLU B 36 -113.79 14.78 37.73
C GLU B 36 -114.05 15.25 36.30
N ALA B 37 -113.03 15.27 35.45
CA ALA B 37 -113.20 15.65 34.06
C ALA B 37 -113.84 14.56 33.22
N MET B 38 -113.90 13.33 33.75
CA MET B 38 -114.73 12.30 33.11
C MET B 38 -116.22 12.65 33.22
N GLY B 39 -116.61 13.35 34.28
CA GLY B 39 -117.97 13.80 34.49
C GLY B 39 -118.17 15.30 34.48
N ALA B 40 -117.32 16.06 33.79
CA ALA B 40 -117.49 17.50 33.67
C ALA B 40 -117.63 17.90 32.22
N ASP B 41 -118.50 17.18 31.49
CA ASP B 41 -118.79 17.31 30.06
C ASP B 41 -117.57 16.97 29.18
N ARG B 42 -116.55 16.35 29.79
CA ARG B 42 -115.38 15.77 29.12
C ARG B 42 -114.61 16.80 28.28
N LEU B 43 -114.23 17.90 28.92
CA LEU B 43 -113.46 18.97 28.28
C LEU B 43 -112.27 19.31 29.18
N ILE B 44 -111.06 19.23 28.60
CA ILE B 44 -109.82 19.37 29.37
C ILE B 44 -108.89 20.34 28.66
N PHE B 45 -108.48 21.40 29.37
CA PHE B 45 -107.39 22.24 28.90
C PHE B 45 -106.08 21.47 28.95
N LEU B 46 -105.44 21.33 27.79
CA LEU B 46 -104.05 20.89 27.71
C LEU B 46 -103.21 22.15 27.55
N VAL B 47 -102.25 22.34 28.45
CA VAL B 47 -101.38 23.51 28.43
C VAL B 47 -99.94 23.00 28.46
N ALA B 48 -99.10 23.53 27.57
CA ALA B 48 -97.68 23.19 27.59
C ALA B 48 -97.00 23.85 28.79
N GLN B 49 -95.75 23.44 29.04
CA GLN B 49 -94.99 23.97 30.15
C GLN B 49 -93.54 24.25 29.74
N ARG B 50 -92.94 25.24 30.42
CA ARG B 50 -91.62 25.76 30.07
C ARG B 50 -90.50 24.86 30.58
N ASP B 51 -89.26 25.43 30.70
CA ASP B 51 -87.99 24.86 31.17
C ASP B 51 -88.20 23.86 32.30
N PRO B 52 -87.49 22.72 32.28
CA PRO B 52 -88.09 21.43 32.65
C PRO B 52 -88.54 21.27 34.10
N GLU B 53 -89.09 20.08 34.35
CA GLU B 53 -90.14 19.87 35.33
C GLU B 53 -89.69 20.07 36.77
N VAL B 54 -90.47 20.87 37.50
CA VAL B 54 -90.47 20.92 38.95
C VAL B 54 -91.79 20.28 39.41
N ASP B 55 -91.77 19.60 40.55
CA ASP B 55 -92.91 18.86 41.07
C ASP B 55 -93.92 19.74 41.80
N ASP B 56 -93.93 21.04 41.55
CA ASP B 56 -94.85 21.98 42.19
C ASP B 56 -95.66 22.69 41.12
N PRO B 57 -96.99 22.71 41.21
CA PRO B 57 -97.79 23.50 40.27
C PRO B 57 -97.63 25.00 40.54
N ALA B 58 -97.67 25.78 39.46
CA ALA B 58 -97.44 27.21 39.53
C ALA B 58 -98.07 27.87 38.32
N PRO B 59 -98.45 29.16 38.40
CA PRO B 59 -98.91 29.87 37.19
C PRO B 59 -97.81 30.10 36.17
N ASP B 60 -96.54 30.08 36.58
CA ASP B 60 -95.42 30.43 35.71
C ASP B 60 -94.79 29.22 35.02
N ASP B 61 -95.02 28.01 35.53
CA ASP B 61 -94.61 26.83 34.78
C ASP B 61 -95.49 26.62 33.55
N LEU B 62 -96.80 26.83 33.70
CA LEU B 62 -97.76 26.63 32.63
C LEU B 62 -97.91 27.92 31.82
N TYR B 63 -98.01 27.77 30.51
CA TYR B 63 -98.17 28.94 29.65
C TYR B 63 -99.57 29.53 29.78
N THR B 64 -99.74 30.74 29.25
CA THR B 64 -101.01 31.44 29.27
C THR B 64 -101.86 31.15 28.04
N TRP B 65 -101.69 29.97 27.43
CA TRP B 65 -102.33 29.61 26.17
C TRP B 65 -102.58 28.11 26.19
N GLY B 66 -103.84 27.70 26.36
CA GLY B 66 -104.17 26.31 26.49
C GLY B 66 -105.02 25.81 25.33
N VAL B 67 -104.75 24.58 24.94
CA VAL B 67 -105.49 23.93 23.86
C VAL B 67 -106.52 23.00 24.49
N GLN B 68 -107.74 23.03 23.94
CA GLN B 68 -108.85 22.24 24.45
C GLN B 68 -108.77 20.81 23.93
N ALA B 69 -109.21 19.87 24.76
CA ALA B 69 -109.30 18.47 24.38
C ALA B 69 -110.63 17.89 24.85
N VAL B 70 -111.28 17.10 23.98
CA VAL B 70 -112.50 16.39 24.34
C VAL B 70 -112.14 14.94 24.58
N VAL B 71 -112.91 14.25 25.43
CA VAL B 71 -112.55 12.94 25.94
C VAL B 71 -113.51 11.89 25.38
N LYS B 72 -112.95 10.83 24.80
CA LYS B 72 -113.74 9.67 24.40
C LYS B 72 -113.91 8.69 25.55
N GLN B 73 -112.80 8.15 26.06
CA GLN B 73 -112.84 7.14 27.11
C GLN B 73 -111.57 7.25 27.94
N ALA B 74 -111.42 6.32 28.89
CA ALA B 74 -110.26 6.29 29.76
C ALA B 74 -110.09 4.86 30.29
N MET B 75 -109.14 4.13 29.73
CA MET B 75 -108.80 2.78 30.20
C MET B 75 -107.53 2.85 31.04
N ARG B 76 -107.61 2.40 32.28
CA ARG B 76 -106.55 2.58 33.26
C ARG B 76 -105.54 1.43 33.20
N LEU B 77 -104.47 1.59 33.98
CA LEU B 77 -103.46 0.57 34.21
C LEU B 77 -103.56 0.07 35.64
N PRO B 78 -103.22 -1.21 35.90
CA PRO B 78 -103.35 -1.75 37.25
C PRO B 78 -102.24 -1.39 38.22
N ASP B 79 -101.31 -0.50 37.83
CA ASP B 79 -100.22 -0.12 38.71
C ASP B 79 -100.24 1.35 39.13
N GLY B 80 -100.85 2.23 38.33
CA GLY B 80 -101.02 3.60 38.79
C GLY B 80 -100.70 4.72 37.82
N THR B 81 -100.37 4.39 36.57
CA THR B 81 -100.18 5.39 35.53
C THR B 81 -101.45 5.43 34.70
N LEU B 82 -102.31 6.42 34.98
CA LEU B 82 -103.63 6.45 34.38
C LEU B 82 -103.55 6.95 32.94
N GLN B 83 -104.60 6.66 32.17
CA GLN B 83 -104.67 7.01 30.76
C GLN B 83 -106.03 7.62 30.47
N VAL B 84 -106.06 8.53 29.49
CA VAL B 84 -107.29 9.15 29.03
C VAL B 84 -107.18 9.35 27.52
N MET B 85 -108.30 9.17 26.83
CA MET B 85 -108.36 9.24 25.36
C MET B 85 -108.87 10.62 24.97
N VAL B 86 -107.96 11.49 24.54
CA VAL B 86 -108.27 12.90 24.29
C VAL B 86 -108.12 13.21 22.81
N GLU B 87 -109.02 14.04 22.29
CA GLU B 87 -108.96 14.61 20.95
C GLU B 87 -109.43 16.06 21.05
N ALA B 88 -108.97 16.89 20.12
CA ALA B 88 -109.00 18.33 20.31
C ALA B 88 -110.16 19.01 19.59
N ARG B 89 -110.57 20.14 20.14
CA ARG B 89 -111.65 20.98 19.61
C ARG B 89 -111.17 22.34 19.15
N ALA B 90 -110.52 23.09 20.04
CA ALA B 90 -110.09 24.47 19.80
C ALA B 90 -109.03 24.81 20.84
N ARG B 91 -108.73 26.09 21.02
CA ARG B 91 -107.85 26.55 22.08
C ARG B 91 -108.37 27.84 22.69
N ALA B 92 -107.90 28.14 23.90
CA ALA B 92 -108.35 29.30 24.64
C ALA B 92 -107.24 29.74 25.61
N GLN B 93 -107.05 31.06 25.71
CA GLN B 93 -106.05 31.63 26.59
C GLN B 93 -106.44 31.37 28.04
N VAL B 94 -105.43 31.28 28.91
CA VAL B 94 -105.63 31.16 30.34
C VAL B 94 -104.96 32.36 31.02
N THR B 95 -105.69 33.00 31.93
CA THR B 95 -105.19 34.19 32.60
C THR B 95 -104.23 33.85 33.73
N ASP B 96 -104.60 32.89 34.57
CA ASP B 96 -103.86 32.59 35.79
C ASP B 96 -104.18 31.15 36.19
N TYR B 97 -103.35 30.60 37.08
CA TYR B 97 -103.52 29.25 37.57
C TYR B 97 -103.61 29.24 39.09
N ILE B 98 -104.59 28.50 39.61
CA ILE B 98 -104.81 28.35 41.04
C ILE B 98 -103.67 27.51 41.60
N PRO B 99 -103.21 27.76 42.83
CA PRO B 99 -102.23 26.85 43.45
C PRO B 99 -102.84 25.48 43.69
N GLY B 100 -102.23 24.46 43.09
CA GLY B 100 -102.70 23.10 43.22
C GLY B 100 -102.18 22.45 44.49
N PRO B 101 -102.79 21.32 44.88
CA PRO B 101 -103.96 20.65 44.31
C PRO B 101 -105.28 21.29 44.76
N TYR B 102 -106.32 21.30 43.92
CA TYR B 102 -106.30 20.70 42.58
C TYR B 102 -106.26 21.74 41.46
N LEU B 103 -105.81 21.27 40.29
CA LEU B 103 -105.49 22.13 39.16
C LEU B 103 -106.78 22.59 38.49
N ARG B 104 -106.95 23.91 38.36
CA ARG B 104 -108.05 24.50 37.62
C ARG B 104 -107.52 25.62 36.72
N ALA B 105 -108.32 25.98 35.72
CA ALA B 105 -107.96 27.01 34.77
C ALA B 105 -109.22 27.75 34.34
N ARG B 106 -109.04 28.97 33.87
CA ARG B 106 -110.12 29.77 33.30
C ARG B 106 -109.81 30.11 31.85
N GLY B 107 -110.86 30.20 31.04
CA GLY B 107 -110.72 30.52 29.64
C GLY B 107 -111.75 31.55 29.22
N GLU B 108 -111.29 32.55 28.47
CA GLU B 108 -112.15 33.69 28.14
C GLU B 108 -113.14 33.33 27.03
N VAL B 109 -112.63 33.07 25.83
CA VAL B 109 -113.44 32.68 24.67
C VAL B 109 -112.69 31.58 23.94
N PHE B 110 -113.44 30.82 23.13
CA PHE B 110 -112.85 29.76 22.33
C PHE B 110 -112.33 30.37 21.03
N SER B 111 -111.00 30.39 20.90
CA SER B 111 -110.33 31.13 19.83
C SER B 111 -110.31 30.28 18.56
N GLU B 112 -111.09 30.67 17.56
CA GLU B 112 -111.12 30.01 16.27
C GLU B 112 -111.15 31.04 15.16
N ILE B 113 -110.45 30.74 14.06
CA ILE B 113 -110.49 31.53 12.83
C ILE B 113 -111.24 30.72 11.77
N PHE B 114 -111.99 31.43 10.92
CA PHE B 114 -112.67 30.83 9.78
C PHE B 114 -112.04 31.36 8.50
N PRO B 115 -111.05 30.67 7.93
CA PRO B 115 -110.34 31.21 6.76
C PRO B 115 -111.16 31.11 5.48
N ILE B 116 -111.23 32.23 4.75
CA ILE B 116 -111.75 32.27 3.38
C ILE B 116 -110.51 32.61 2.57
N ASP B 117 -110.64 32.74 1.24
CA ASP B 117 -109.58 33.13 0.31
C ASP B 117 -108.45 32.09 0.31
N GLU B 118 -108.81 30.88 -0.13
CA GLU B 118 -107.94 29.72 -0.03
C GLU B 118 -107.04 29.52 -1.25
N ALA B 119 -106.74 30.57 -2.01
CA ALA B 119 -105.84 30.41 -3.15
C ALA B 119 -104.39 30.27 -2.70
N VAL B 120 -103.87 31.33 -2.07
CA VAL B 120 -102.50 31.31 -1.55
C VAL B 120 -102.39 30.33 -0.39
N VAL B 121 -103.45 30.20 0.41
CA VAL B 121 -103.49 29.22 1.48
C VAL B 121 -103.51 27.79 0.91
N ARG B 122 -104.17 27.58 -0.25
CA ARG B 122 -104.18 26.27 -0.89
C ARG B 122 -102.82 25.90 -1.45
N VAL B 123 -102.14 26.87 -2.07
CA VAL B 123 -100.79 26.63 -2.60
C VAL B 123 -99.81 26.38 -1.46
N LEU B 124 -100.01 27.04 -0.31
CA LEU B 124 -99.17 26.74 0.85
C LEU B 124 -99.50 25.40 1.48
N VAL B 125 -100.76 24.95 1.41
CA VAL B 125 -101.09 23.58 1.81
C VAL B 125 -100.39 22.55 0.92
N GLU B 126 -100.37 22.82 -0.39
CA GLU B 126 -99.70 21.92 -1.33
C GLU B 126 -98.19 21.89 -1.11
N GLU B 127 -97.57 23.05 -0.85
CA GLU B 127 -96.14 23.09 -0.56
C GLU B 127 -95.82 22.47 0.80
N LEU B 128 -96.73 22.60 1.78
CA LEU B 128 -96.55 21.94 3.06
C LEU B 128 -96.61 20.43 2.90
N LYS B 129 -97.46 19.95 2.00
CA LYS B 129 -97.53 18.51 1.76
C LYS B 129 -96.34 18.02 0.95
N GLU B 130 -95.79 18.87 0.07
CA GLU B 130 -94.52 18.57 -0.59
C GLU B 130 -93.40 18.41 0.44
N ALA B 131 -93.32 19.35 1.39
CA ALA B 131 -92.27 19.27 2.39
C ALA B 131 -92.50 18.12 3.37
N PHE B 132 -93.75 17.72 3.59
CA PHE B 132 -94.01 16.58 4.46
C PHE B 132 -93.65 15.27 3.76
N GLU B 133 -93.90 15.17 2.45
CA GLU B 133 -93.46 14.01 1.69
C GLU B 133 -91.95 13.95 1.58
N LYS B 134 -91.28 15.11 1.51
CA LYS B 134 -89.82 15.15 1.62
C LYS B 134 -89.34 14.71 3.00
N TYR B 135 -90.03 15.17 4.04
CA TYR B 135 -89.66 14.96 5.43
C TYR B 135 -89.79 13.50 5.83
N VAL B 136 -90.92 12.86 5.53
CA VAL B 136 -91.27 11.57 6.11
C VAL B 136 -90.65 10.40 5.35
N ALA B 137 -90.12 10.62 4.14
CA ALA B 137 -89.62 9.54 3.32
C ALA B 137 -88.26 9.01 3.75
N ASN B 138 -87.49 9.77 4.52
CA ASN B 138 -86.15 9.36 4.95
C ASN B 138 -86.15 8.76 6.36
N HIS B 139 -87.30 8.28 6.84
CA HIS B 139 -87.42 7.75 8.20
C HIS B 139 -87.30 6.23 8.21
N LYS B 140 -86.42 5.69 7.37
CA LYS B 140 -86.22 4.25 7.31
C LYS B 140 -85.55 3.73 8.57
N SER B 141 -84.31 4.16 8.82
CA SER B 141 -83.55 3.71 9.97
C SER B 141 -83.76 4.57 11.21
N LEU B 142 -84.66 5.55 11.14
CA LEU B 142 -85.03 6.39 12.26
C LEU B 142 -86.32 5.95 12.92
N ARG B 143 -86.97 4.90 12.40
CA ARG B 143 -88.19 4.28 12.93
C ARG B 143 -89.37 5.28 12.96
N LEU B 144 -89.80 5.69 11.76
CA LEU B 144 -91.04 6.45 11.64
C LEU B 144 -91.66 6.15 10.27
N ASP B 145 -92.98 6.26 10.20
CA ASP B 145 -93.79 5.70 9.12
C ASP B 145 -94.12 6.74 8.07
N ARG B 146 -93.86 6.40 6.80
CA ARG B 146 -94.37 7.21 5.68
C ARG B 146 -95.89 7.21 5.65
N TYR B 147 -96.49 6.03 5.87
CA TYR B 147 -97.80 5.67 5.33
C TYR B 147 -98.98 6.29 6.07
N GLN B 148 -98.75 7.28 6.92
CA GLN B 148 -99.82 8.14 7.40
C GLN B 148 -100.02 9.35 6.49
N LEU B 149 -99.41 9.33 5.30
CA LEU B 149 -99.42 10.45 4.38
C LEU B 149 -100.80 10.70 3.80
N GLU B 150 -101.52 9.63 3.46
CA GLU B 150 -102.87 9.74 2.92
C GLU B 150 -103.94 9.63 3.99
N ALA B 151 -103.56 9.71 5.26
CA ALA B 151 -104.52 9.62 6.35
C ALA B 151 -105.00 10.99 6.82
N VAL B 152 -104.23 12.05 6.58
CA VAL B 152 -104.58 13.39 7.00
C VAL B 152 -104.54 14.39 5.84
N LYS B 153 -104.26 13.91 4.63
CA LYS B 153 -104.13 14.83 3.49
C LYS B 153 -105.47 15.40 3.06
N GLY B 154 -106.53 14.58 3.05
CA GLY B 154 -107.83 15.02 2.61
C GLY B 154 -108.61 15.79 3.65
N THR B 155 -108.04 16.89 4.15
CA THR B 155 -108.65 17.66 5.21
C THR B 155 -109.37 18.87 4.62
N SER B 156 -110.62 19.08 5.03
CA SER B 156 -111.43 20.20 4.56
C SER B 156 -111.28 21.44 5.43
N ASP B 157 -110.20 21.52 6.22
CA ASP B 157 -109.97 22.63 7.15
C ASP B 157 -108.47 22.74 7.38
N PRO B 158 -107.76 23.63 6.67
CA PRO B 158 -106.29 23.58 6.66
C PRO B 158 -105.62 23.93 7.99
N ALA B 159 -106.36 24.44 8.98
CA ALA B 159 -105.79 24.56 10.33
C ALA B 159 -105.55 23.18 10.93
N MET B 160 -106.52 22.26 10.77
CA MET B 160 -106.34 20.86 11.15
C MET B 160 -105.17 20.23 10.41
N LEU B 161 -105.06 20.49 9.11
CA LEU B 161 -103.98 19.95 8.28
C LEU B 161 -102.62 20.44 8.77
N ALA B 162 -102.50 21.75 9.02
CA ALA B 162 -101.24 22.31 9.50
C ALA B 162 -100.88 21.78 10.88
N ASP B 163 -101.88 21.66 11.77
CA ASP B 163 -101.59 21.23 13.14
C ASP B 163 -101.22 19.75 13.19
N THR B 164 -101.81 18.93 12.34
CA THR B 164 -101.48 17.51 12.35
C THR B 164 -100.19 17.23 11.57
N ILE B 165 -99.80 18.09 10.62
CA ILE B 165 -98.48 17.94 10.03
C ILE B 165 -97.39 18.41 11.01
N ALA B 166 -97.62 19.52 11.71
CA ALA B 166 -96.64 20.00 12.68
C ALA B 166 -96.70 19.25 14.01
N TYR B 167 -97.67 18.35 14.17
CA TYR B 167 -97.66 17.36 15.24
C TYR B 167 -96.39 16.50 15.20
N HIS B 168 -95.96 16.10 14.00
CA HIS B 168 -94.75 15.31 13.82
C HIS B 168 -93.51 16.17 13.57
N ALA B 169 -93.50 17.41 14.08
CA ALA B 169 -92.36 18.30 13.95
C ALA B 169 -91.53 18.22 15.23
N THR B 170 -90.24 17.90 15.09
CA THR B 170 -89.38 17.68 16.24
C THR B 170 -88.55 18.94 16.51
N TRP B 171 -89.01 19.73 17.48
CA TRP B 171 -88.17 20.71 18.16
C TRP B 171 -88.71 20.87 19.57
N THR B 172 -88.31 21.96 20.23
CA THR B 172 -88.63 22.15 21.65
C THR B 172 -90.08 22.58 21.82
N VAL B 173 -90.47 22.77 23.08
CA VAL B 173 -91.84 23.11 23.41
C VAL B 173 -92.12 24.58 23.15
N ALA B 174 -91.08 25.42 23.14
CA ALA B 174 -91.26 26.87 23.13
C ALA B 174 -91.76 27.39 21.79
N GLU B 175 -91.15 26.95 20.69
CA GLU B 175 -91.61 27.40 19.37
C GLU B 175 -92.94 26.79 19.00
N LYS B 176 -93.21 25.56 19.48
CA LYS B 176 -94.54 24.98 19.36
C LYS B 176 -95.58 25.81 20.09
N GLN B 177 -95.23 26.31 21.28
CA GLN B 177 -96.13 27.18 22.03
C GLN B 177 -96.30 28.53 21.35
N GLU B 178 -95.26 29.03 20.65
CA GLU B 178 -95.42 30.27 19.92
C GLU B 178 -96.27 30.08 18.66
N ILE B 179 -96.26 28.88 18.07
CA ILE B 179 -97.28 28.53 17.07
C ILE B 179 -98.66 28.50 17.71
N LEU B 180 -98.74 27.95 18.93
CA LEU B 180 -99.97 27.81 19.68
C LEU B 180 -100.54 29.17 20.12
N GLU B 181 -99.70 30.21 20.15
CA GLU B 181 -100.16 31.57 20.39
C GLU B 181 -100.64 32.26 19.12
N LEU B 182 -100.39 31.65 17.96
CA LEU B 182 -100.84 32.22 16.69
C LEU B 182 -102.16 31.58 16.26
N THR B 183 -103.11 32.41 15.85
CA THR B 183 -104.30 31.93 15.15
C THR B 183 -104.36 32.44 13.72
N ASP B 184 -103.43 33.30 13.31
CA ASP B 184 -103.27 33.65 11.90
C ASP B 184 -102.66 32.45 11.18
N LEU B 185 -103.47 31.80 10.33
CA LEU B 185 -103.13 30.51 9.74
C LEU B 185 -101.89 30.60 8.86
N GLU B 186 -101.79 31.64 8.03
CA GLU B 186 -100.66 31.81 7.13
C GLU B 186 -99.34 32.02 7.88
N ALA B 187 -99.40 32.63 9.06
CA ALA B 187 -98.20 32.87 9.86
C ALA B 187 -97.55 31.57 10.32
N ARG B 188 -98.32 30.69 10.95
CA ARG B 188 -97.71 29.43 11.37
C ARG B 188 -97.54 28.44 10.23
N LEU B 189 -98.26 28.60 9.12
CA LEU B 189 -97.94 27.81 7.92
C LEU B 189 -96.56 28.15 7.38
N LYS B 190 -96.29 29.46 7.20
CA LYS B 190 -94.97 29.91 6.79
C LYS B 190 -93.90 29.55 7.84
N LYS B 191 -94.26 29.57 9.12
CA LYS B 191 -93.32 29.25 10.18
C LYS B 191 -92.96 27.77 10.18
N VAL B 192 -93.95 26.89 10.01
CA VAL B 192 -93.71 25.46 9.91
C VAL B 192 -92.89 25.14 8.66
N LEU B 193 -93.23 25.77 7.52
CA LEU B 193 -92.47 25.51 6.30
C LEU B 193 -91.04 26.05 6.36
N GLY B 194 -90.83 27.18 7.03
CA GLY B 194 -89.48 27.71 7.16
C GLY B 194 -88.62 26.92 8.12
N LEU B 195 -89.17 26.52 9.26
CA LEU B 195 -88.40 25.70 10.19
C LEU B 195 -88.24 24.27 9.68
N LEU B 196 -89.16 23.78 8.84
CA LEU B 196 -88.93 22.50 8.19
C LEU B 196 -87.95 22.62 7.03
N SER B 197 -87.81 23.81 6.43
CA SER B 197 -86.73 24.02 5.48
C SER B 197 -85.38 24.02 6.19
N ARG B 198 -85.33 24.65 7.37
CA ARG B 198 -84.17 24.53 8.27
C ARG B 198 -83.88 23.08 8.59
N ASP B 199 -84.92 22.31 8.95
CA ASP B 199 -84.75 20.91 9.34
C ASP B 199 -84.34 20.03 8.17
N LEU B 200 -84.84 20.30 6.96
CA LEU B 200 -84.46 19.48 5.81
C LEU B 200 -83.09 19.84 5.27
N GLU B 201 -82.67 21.11 5.37
CA GLU B 201 -81.27 21.40 5.04
C GLU B 201 -80.33 20.94 6.15
N ARG B 202 -80.83 20.86 7.38
CA ARG B 202 -80.15 20.13 8.45
C ARG B 202 -80.05 18.65 8.12
N PHE B 203 -81.08 18.08 7.51
CA PHE B 203 -81.02 16.68 7.09
C PHE B 203 -80.07 16.50 5.90
N GLU B 204 -79.92 17.54 5.07
CA GLU B 204 -78.92 17.51 4.00
C GLU B 204 -77.51 17.56 4.58
N LEU B 205 -77.33 18.38 5.63
CA LEU B 205 -76.09 18.35 6.40
C LEU B 205 -75.86 16.99 7.04
N ASP B 206 -76.94 16.34 7.48
CA ASP B 206 -76.85 14.99 8.04
C ASP B 206 -76.42 13.99 6.97
N LYS B 207 -76.93 14.15 5.75
CA LYS B 207 -76.52 13.29 4.64
C LYS B 207 -75.06 13.50 4.30
N ARG B 208 -74.58 14.75 4.33
CA ARG B 208 -73.16 15.03 4.07
C ARG B 208 -72.25 14.46 5.16
N VAL B 209 -72.62 14.65 6.43
CA VAL B 209 -71.77 14.19 7.53
C VAL B 209 -71.77 12.67 7.61
N ALA B 210 -72.98 12.06 7.55
CA ALA B 210 -73.08 10.60 7.59
C ALA B 210 -72.43 9.96 6.37
N GLN B 211 -72.54 10.61 5.20
CA GLN B 211 -71.87 10.11 4.01
C GLN B 211 -70.35 10.19 4.13
N ARG B 212 -69.83 11.30 4.66
CA ARG B 212 -68.38 11.40 4.81
C ARG B 212 -67.84 10.47 5.89
N VAL B 213 -68.63 10.16 6.92
CA VAL B 213 -68.18 9.19 7.91
C VAL B 213 -68.23 7.77 7.34
N LYS B 214 -69.26 7.46 6.53
CA LYS B 214 -69.30 6.17 5.84
C LYS B 214 -68.14 6.03 4.86
N GLU B 215 -67.80 7.11 4.17
CA GLU B 215 -66.69 7.07 3.22
C GLU B 215 -65.33 6.99 3.90
N GLN B 216 -65.18 7.63 5.06
CA GLN B 216 -63.96 7.45 5.84
C GLN B 216 -63.84 6.04 6.37
N MET B 217 -64.97 5.44 6.76
CA MET B 217 -64.97 4.03 7.14
C MET B 217 -64.57 3.14 5.98
N ASP B 218 -65.04 3.44 4.77
CA ASP B 218 -64.72 2.59 3.62
C ASP B 218 -63.28 2.78 3.20
N THR B 219 -62.76 4.01 3.31
CA THR B 219 -61.35 4.30 3.13
C THR B 219 -60.51 3.50 4.11
N ASN B 220 -60.96 3.47 5.37
CA ASN B 220 -60.30 2.71 6.42
C ASN B 220 -60.24 1.23 6.05
N GLN B 221 -61.40 0.65 5.69
CA GLN B 221 -61.53 -0.75 5.27
C GLN B 221 -60.58 -1.09 4.15
N ARG B 222 -60.54 -0.22 3.12
CA ARG B 222 -59.65 -0.39 1.99
C ARG B 222 -58.20 -0.47 2.42
N GLU B 223 -57.74 0.57 3.10
CA GLU B 223 -56.31 0.68 3.38
C GLU B 223 -55.86 -0.43 4.32
N TYR B 224 -56.66 -0.74 5.35
CA TYR B 224 -56.18 -1.75 6.28
C TYR B 224 -56.20 -3.11 5.65
N TYR B 225 -57.26 -3.46 4.89
CA TYR B 225 -57.34 -4.83 4.36
C TYR B 225 -56.30 -5.08 3.28
N LEU B 226 -56.01 -4.06 2.47
CA LEU B 226 -54.86 -4.15 1.58
C LEU B 226 -53.58 -4.39 2.37
N ARG B 227 -53.40 -3.66 3.47
CA ARG B 227 -52.17 -3.80 4.23
C ARG B 227 -52.15 -5.11 5.01
N GLU B 228 -53.32 -5.70 5.25
CA GLU B 228 -53.41 -6.99 5.93
C GLU B 228 -52.91 -8.09 5.00
N GLN B 229 -53.45 -8.10 3.78
CA GLN B 229 -53.00 -9.07 2.78
C GLN B 229 -51.53 -8.87 2.49
N MET B 230 -51.10 -7.61 2.42
CA MET B 230 -49.69 -7.29 2.28
C MET B 230 -48.89 -7.79 3.48
N LYS B 231 -49.49 -7.83 4.66
CA LYS B 231 -48.77 -8.30 5.82
C LYS B 231 -48.58 -9.80 5.77
N ALA B 232 -49.61 -10.54 5.34
CA ALA B 232 -49.46 -11.99 5.19
C ALA B 232 -48.41 -12.33 4.13
N ILE B 233 -48.40 -11.56 3.04
CA ILE B 233 -47.45 -11.86 1.98
C ILE B 233 -46.03 -11.49 2.39
N GLN B 234 -45.81 -10.28 2.89
CA GLN B 234 -44.46 -9.89 3.28
C GLN B 234 -44.01 -10.63 4.54
N LYS B 235 -44.95 -11.13 5.34
CA LYS B 235 -44.66 -12.18 6.30
C LYS B 235 -44.02 -13.37 5.61
N GLU B 236 -44.64 -13.87 4.53
CA GLU B 236 -44.00 -14.99 3.83
C GLU B 236 -42.84 -14.57 2.96
N LEU B 237 -42.47 -13.29 2.98
CA LEU B 237 -41.11 -12.84 2.71
C LEU B 237 -40.36 -12.27 3.91
N GLY B 238 -40.60 -12.84 5.09
CA GLY B 238 -39.94 -12.40 6.34
C GLY B 238 -40.41 -13.30 7.46
N GLY B 239 -40.71 -12.75 8.65
CA GLY B 239 -41.31 -13.55 9.74
C GLY B 239 -40.39 -14.69 10.18
N GLU B 240 -39.09 -14.51 9.98
CA GLU B 240 -38.02 -15.28 10.66
C GLU B 240 -37.26 -14.26 11.51
N ASP B 241 -37.96 -13.24 12.01
CA ASP B 241 -37.31 -12.11 12.73
C ASP B 241 -36.64 -11.24 11.66
N GLY B 242 -37.07 -11.40 10.41
CA GLY B 242 -36.54 -10.58 9.29
C GLY B 242 -37.49 -9.44 8.94
N LEU B 243 -38.57 -9.27 9.70
CA LEU B 243 -39.55 -8.18 9.45
C LEU B 243 -39.72 -7.38 10.74
N SER B 244 -39.98 -8.05 11.87
CA SER B 244 -40.10 -7.39 13.16
C SER B 244 -38.80 -6.77 13.63
N ASP B 245 -37.65 -7.19 13.08
CA ASP B 245 -36.40 -6.52 13.35
C ASP B 245 -36.42 -5.09 12.83
N LEU B 246 -37.05 -4.87 11.67
CA LEU B 246 -37.09 -3.52 11.12
C LEU B 246 -38.01 -2.61 11.93
N GLU B 247 -39.14 -3.13 12.39
CA GLU B 247 -39.99 -2.28 13.22
C GLU B 247 -39.43 -2.12 14.62
N ALA B 248 -38.62 -3.06 15.08
CA ALA B 248 -37.95 -2.87 16.36
C ALA B 248 -36.85 -1.83 16.24
N LEU B 249 -36.18 -1.79 15.10
CA LEU B 249 -35.20 -0.74 14.85
C LEU B 249 -35.89 0.62 14.71
N ARG B 250 -37.06 0.63 14.08
CA ARG B 250 -37.90 1.82 13.98
C ARG B 250 -38.29 2.35 15.36
N LYS B 251 -38.64 1.45 16.28
CA LYS B 251 -38.94 1.90 17.64
C LYS B 251 -37.68 2.35 18.36
N LYS B 252 -36.56 1.69 18.09
CA LYS B 252 -35.32 1.99 18.81
C LYS B 252 -34.79 3.37 18.44
N ILE B 253 -35.05 3.82 17.21
CA ILE B 253 -34.57 5.13 16.80
C ILE B 253 -35.27 6.25 17.56
N GLU B 254 -36.57 6.15 17.73
CA GLU B 254 -37.34 7.21 18.35
C GLU B 254 -37.39 7.11 19.87
N GLU B 255 -36.50 6.34 20.48
CA GLU B 255 -36.36 6.28 21.94
C GLU B 255 -34.97 6.69 22.39
N VAL B 256 -33.94 6.14 21.77
CA VAL B 256 -32.56 6.42 22.12
C VAL B 256 -32.24 7.83 21.66
N GLY B 257 -32.06 8.74 22.60
CA GLY B 257 -31.62 10.09 22.26
C GLY B 257 -32.67 10.76 21.43
N MET B 258 -32.32 11.26 20.24
CA MET B 258 -30.98 11.54 19.75
C MET B 258 -31.22 12.84 19.00
N PRO B 259 -30.20 13.63 18.66
CA PRO B 259 -30.45 14.94 18.04
C PRO B 259 -31.18 14.86 16.72
N GLU B 260 -31.78 15.97 16.33
CA GLU B 260 -32.85 15.89 15.36
C GLU B 260 -32.34 15.75 13.93
N ALA B 261 -31.20 16.35 13.62
CA ALA B 261 -30.59 16.12 12.31
C ALA B 261 -30.16 14.67 12.14
N VAL B 262 -29.64 14.08 13.22
CA VAL B 262 -29.20 12.70 13.16
C VAL B 262 -30.39 11.76 13.06
N LYS B 263 -31.48 12.09 13.73
CA LYS B 263 -32.69 11.27 13.63
C LYS B 263 -33.30 11.36 12.24
N THR B 264 -33.24 12.53 11.62
CA THR B 264 -33.72 12.69 10.25
C THR B 264 -32.91 11.84 9.29
N LYS B 265 -31.59 11.88 9.43
CA LYS B 265 -30.71 11.07 8.59
C LYS B 265 -30.95 9.58 8.80
N ALA B 266 -31.19 9.18 10.04
CA ALA B 266 -31.40 7.77 10.32
C ALA B 266 -32.72 7.28 9.76
N LEU B 267 -33.76 8.10 9.81
CA LEU B 267 -35.03 7.67 9.24
C LEU B 267 -34.98 7.63 7.71
N LYS B 268 -34.22 8.54 7.10
CA LYS B 268 -33.99 8.46 5.66
C LYS B 268 -33.29 7.17 5.28
N GLU B 269 -32.26 6.79 6.04
CA GLU B 269 -31.51 5.58 5.73
C GLU B 269 -32.34 4.32 5.97
N LEU B 270 -33.19 4.34 6.99
CA LEU B 270 -34.08 3.21 7.23
C LEU B 270 -35.13 3.09 6.13
N ASP B 271 -35.59 4.19 5.59
CA ASP B 271 -36.53 4.08 4.48
C ASP B 271 -35.86 3.59 3.21
N ARG B 272 -34.57 3.87 3.02
CA ARG B 272 -33.87 3.21 1.93
C ARG B 272 -33.76 1.71 2.19
N LEU B 273 -33.50 1.33 3.43
CA LEU B 273 -33.30 -0.07 3.76
C LEU B 273 -34.59 -0.88 3.65
N GLU B 274 -35.74 -0.25 3.82
CA GLU B 274 -36.97 -1.02 3.73
C GLU B 274 -37.37 -1.39 2.31
N ARG B 275 -36.63 -0.94 1.29
CA ARG B 275 -37.01 -1.21 -0.10
C ARG B 275 -35.93 -1.92 -0.89
N MET B 276 -34.93 -2.50 -0.25
CA MET B 276 -33.94 -3.29 -0.97
C MET B 276 -34.04 -4.72 -0.49
N GLN B 277 -33.68 -5.65 -1.38
CA GLN B 277 -33.84 -7.07 -1.10
C GLN B 277 -32.82 -7.51 -0.08
N GLN B 278 -33.30 -8.14 0.99
CA GLN B 278 -32.42 -8.53 2.08
C GLN B 278 -31.50 -9.65 1.62
N GLY B 279 -30.23 -9.53 1.99
CA GLY B 279 -29.21 -10.43 1.54
C GLY B 279 -28.24 -9.80 0.56
N SER B 280 -28.64 -8.74 -0.13
CA SER B 280 -27.75 -8.04 -1.02
C SER B 280 -26.70 -7.30 -0.20
N PRO B 281 -25.54 -7.00 -0.78
CA PRO B 281 -24.50 -6.25 -0.04
C PRO B 281 -24.91 -4.85 0.38
N GLU B 282 -25.80 -4.19 -0.37
CA GLU B 282 -26.34 -2.90 0.04
C GLU B 282 -27.06 -3.00 1.37
N ALA B 283 -27.90 -4.02 1.51
CA ALA B 283 -28.67 -4.21 2.73
C ALA B 283 -27.77 -4.50 3.91
N THR B 284 -26.65 -5.16 3.67
CA THR B 284 -25.72 -5.43 4.76
C THR B 284 -25.02 -4.18 5.22
N VAL B 285 -24.54 -3.35 4.29
CA VAL B 285 -23.89 -2.10 4.65
C VAL B 285 -24.84 -1.19 5.41
N ALA B 286 -26.08 -1.10 4.95
CA ALA B 286 -27.04 -0.22 5.59
C ALA B 286 -27.45 -0.73 6.97
N ARG B 287 -27.66 -2.04 7.10
CA ARG B 287 -28.09 -2.59 8.37
C ARG B 287 -27.02 -2.47 9.43
N THR B 288 -25.75 -2.67 9.07
CA THR B 288 -24.74 -2.50 10.11
C THR B 288 -24.49 -1.04 10.43
N TYR B 289 -24.76 -0.12 9.50
CA TYR B 289 -24.65 1.29 9.84
C TYR B 289 -25.74 1.71 10.81
N LEU B 290 -26.94 1.19 10.63
CA LEU B 290 -27.99 1.53 11.58
C LEU B 290 -27.81 0.83 12.92
N ASP B 291 -27.13 -0.30 12.95
CA ASP B 291 -26.89 -0.90 14.25
C ASP B 291 -25.78 -0.19 15.01
N TRP B 292 -24.79 0.36 14.32
CA TRP B 292 -23.87 1.23 15.01
C TRP B 292 -24.51 2.53 15.43
N LEU B 293 -25.51 3.00 14.70
CA LEU B 293 -26.00 4.33 14.98
C LEU B 293 -26.97 4.38 16.14
N THR B 294 -27.56 3.27 16.52
CA THR B 294 -28.49 3.24 17.64
C THR B 294 -27.89 2.66 18.90
N GLU B 295 -26.59 2.41 18.93
CA GLU B 295 -25.99 1.80 20.10
C GLU B 295 -24.92 2.63 20.75
N VAL B 296 -24.42 3.68 20.11
CA VAL B 296 -23.60 4.64 20.82
C VAL B 296 -24.57 5.42 21.69
N PRO B 297 -24.15 5.89 22.87
CA PRO B 297 -25.12 6.52 23.77
C PRO B 297 -25.38 7.97 23.39
N TRP B 298 -26.64 8.30 23.21
CA TRP B 298 -27.08 9.65 22.96
C TRP B 298 -27.88 10.04 24.18
N SER B 299 -27.31 10.91 25.03
CA SER B 299 -27.98 11.48 26.20
C SER B 299 -28.47 10.40 27.17
N LYS B 300 -27.51 9.71 27.75
CA LYS B 300 -27.79 8.76 28.81
C LYS B 300 -26.60 8.80 29.72
N ALA B 301 -26.81 9.12 30.98
CA ALA B 301 -25.68 9.44 31.84
C ALA B 301 -25.97 9.00 33.26
N ASP B 302 -24.92 8.80 34.00
CA ASP B 302 -25.05 8.41 35.38
C ASP B 302 -24.66 9.57 36.29
N PRO B 303 -25.18 9.64 37.54
CA PRO B 303 -25.19 10.92 38.26
C PRO B 303 -23.83 11.47 38.63
N GLU B 304 -23.77 12.79 38.78
CA GLU B 304 -22.52 13.50 38.98
C GLU B 304 -22.39 14.22 40.31
N VAL B 305 -23.47 14.42 41.05
CA VAL B 305 -23.38 15.11 42.32
C VAL B 305 -23.20 14.07 43.42
N LEU B 306 -22.05 14.11 44.07
CA LEU B 306 -21.67 13.09 45.03
C LEU B 306 -21.40 13.71 46.39
N ASP B 307 -21.44 12.86 47.40
CA ASP B 307 -20.91 13.20 48.70
C ASP B 307 -19.40 13.38 48.58
N ILE B 308 -18.88 14.46 49.15
CA ILE B 308 -17.46 14.76 48.95
C ILE B 308 -16.60 13.85 49.81
N ASN B 309 -17.00 13.63 51.07
CA ASN B 309 -16.13 12.93 51.99
C ASN B 309 -16.07 11.45 51.68
N HIS B 310 -17.13 10.90 51.11
CA HIS B 310 -17.08 9.52 50.66
C HIS B 310 -16.09 9.35 49.53
N THR B 311 -16.03 10.31 48.61
CA THR B 311 -15.06 10.26 47.54
C THR B 311 -13.65 10.43 48.07
N ARG B 312 -13.48 11.26 49.10
CA ARG B 312 -12.17 11.42 49.70
C ARG B 312 -11.68 10.14 50.36
N GLN B 313 -12.59 9.41 51.02
CA GLN B 313 -12.17 8.18 51.67
C GLN B 313 -11.91 7.07 50.67
N VAL B 314 -12.61 7.09 49.53
CA VAL B 314 -12.33 6.06 48.55
C VAL B 314 -11.02 6.35 47.83
N LEU B 315 -10.69 7.62 47.63
CA LEU B 315 -9.41 7.95 47.01
C LEU B 315 -8.26 7.65 47.95
N ASP B 316 -8.46 7.81 49.25
CA ASP B 316 -7.33 7.62 50.16
C ASP B 316 -7.07 6.17 50.53
N GLU B 317 -7.81 5.21 50.00
CA GLU B 317 -7.56 3.84 50.38
C GLU B 317 -6.91 3.04 49.27
N ASP B 318 -6.57 3.68 48.16
CA ASP B 318 -5.89 3.00 47.08
C ASP B 318 -4.50 3.54 46.81
N HIS B 319 -4.18 4.75 47.25
CA HIS B 319 -2.89 5.35 46.98
C HIS B 319 -2.47 6.18 48.17
N TYR B 320 -1.18 6.22 48.41
CA TYR B 320 -0.61 7.05 49.44
C TYR B 320 -0.14 8.35 48.83
N GLY B 321 -0.36 9.45 49.52
CA GLY B 321 0.15 10.72 49.06
C GLY B 321 -0.65 11.27 47.91
N LEU B 322 0.04 11.90 46.96
CA LEU B 322 -0.51 12.39 45.70
C LEU B 322 -1.61 13.42 45.93
N LYS B 323 -1.26 14.54 46.56
CA LYS B 323 -2.31 15.45 46.99
C LYS B 323 -2.83 16.34 45.88
N ASP B 324 -2.04 16.60 44.85
CA ASP B 324 -2.47 17.53 43.81
C ASP B 324 -3.57 16.93 42.95
N VAL B 325 -3.47 15.65 42.65
CA VAL B 325 -4.45 14.99 41.81
C VAL B 325 -5.76 14.83 42.57
N LYS B 326 -5.67 14.45 43.84
CA LYS B 326 -6.87 14.28 44.63
C LYS B 326 -7.57 15.59 44.92
N GLU B 327 -6.80 16.66 45.09
CA GLU B 327 -7.46 17.95 45.24
C GLU B 327 -8.11 18.43 43.96
N ARG B 328 -7.52 18.12 42.80
CA ARG B 328 -8.18 18.41 41.54
C ARG B 328 -9.53 17.73 41.44
N ILE B 329 -9.61 16.45 41.84
CA ILE B 329 -10.87 15.73 41.76
C ILE B 329 -11.90 16.29 42.73
N LEU B 330 -11.47 16.69 43.93
CA LEU B 330 -12.44 17.22 44.87
C LEU B 330 -12.93 18.62 44.49
N GLU B 331 -12.10 19.42 43.85
CA GLU B 331 -12.55 20.72 43.35
C GLU B 331 -13.54 20.56 42.21
N TYR B 332 -13.32 19.57 41.36
CA TYR B 332 -14.30 19.24 40.32
C TYR B 332 -15.65 18.87 40.93
N LEU B 333 -15.65 18.08 41.98
CA LEU B 333 -16.94 17.71 42.56
C LEU B 333 -17.60 18.87 43.29
N ALA B 334 -16.81 19.79 43.83
CA ALA B 334 -17.40 20.98 44.42
C ALA B 334 -18.12 21.82 43.38
N VAL B 335 -17.49 22.01 42.22
CA VAL B 335 -18.13 22.75 41.14
C VAL B 335 -19.37 22.04 40.66
N ARG B 336 -19.37 20.71 40.61
CA ARG B 336 -20.57 19.97 40.21
C ARG B 336 -21.70 20.13 41.21
N GLN B 337 -21.41 20.20 42.50
CA GLN B 337 -22.48 20.38 43.46
C GLN B 337 -23.03 21.79 43.40
N LEU B 338 -22.18 22.77 43.21
CA LEU B 338 -22.61 24.15 43.30
C LEU B 338 -23.38 24.61 42.07
N THR B 339 -23.39 23.84 40.99
CA THR B 339 -23.92 24.32 39.73
C THR B 339 -25.14 23.56 39.26
N GLN B 340 -25.66 22.64 40.07
CA GLN B 340 -26.69 21.73 39.59
C GLN B 340 -28.02 22.41 39.34
N GLY B 341 -28.29 23.52 40.01
CA GLY B 341 -29.52 24.21 39.72
C GLY B 341 -29.49 25.05 38.48
N LEU B 342 -28.31 25.45 38.05
CA LEU B 342 -28.14 26.41 36.98
C LEU B 342 -28.20 25.70 35.65
N ASP B 343 -28.03 26.47 34.58
CA ASP B 343 -27.97 25.94 33.22
C ASP B 343 -26.80 26.59 32.51
N VAL B 344 -25.63 25.97 32.65
CA VAL B 344 -24.38 26.52 32.14
C VAL B 344 -23.65 25.42 31.39
N ARG B 345 -22.53 25.80 30.78
CA ARG B 345 -21.80 24.88 29.92
C ARG B 345 -21.03 23.93 30.81
N ASN B 346 -21.30 22.63 30.66
CA ASN B 346 -20.62 21.58 31.42
C ASN B 346 -19.49 21.04 30.56
N LYS B 347 -18.27 21.06 31.09
CA LYS B 347 -17.12 20.62 30.32
C LYS B 347 -16.16 19.87 31.24
N ALA B 348 -15.96 18.60 30.97
CA ALA B 348 -15.13 17.71 31.75
C ALA B 348 -13.66 17.98 31.47
N PRO B 349 -12.77 17.72 32.43
CA PRO B 349 -11.38 18.11 32.27
C PRO B 349 -10.61 17.23 31.32
N ILE B 350 -9.45 17.70 30.90
CA ILE B 350 -8.53 16.96 30.06
C ILE B 350 -7.15 17.10 30.69
N LEU B 351 -6.57 16.00 31.15
CA LEU B 351 -5.38 16.04 31.97
C LEU B 351 -4.26 15.24 31.33
N VAL B 352 -3.03 15.61 31.63
CA VAL B 352 -1.87 14.78 31.35
C VAL B 352 -1.08 14.68 32.64
N LEU B 353 -0.63 13.48 32.97
CA LEU B 353 0.10 13.21 34.18
C LEU B 353 1.51 12.84 33.78
N VAL B 354 2.49 13.63 34.19
CA VAL B 354 3.86 13.49 33.72
C VAL B 354 4.71 13.03 34.87
N GLY B 355 5.53 12.01 34.66
CA GLY B 355 6.38 11.57 35.74
C GLY B 355 7.36 10.47 35.41
N PRO B 356 8.19 10.12 36.38
CA PRO B 356 9.15 9.04 36.23
C PRO B 356 8.47 7.69 36.10
N PRO B 357 9.19 6.61 35.75
CA PRO B 357 8.51 5.39 35.33
C PRO B 357 7.85 4.53 36.40
N GLY B 358 7.83 4.87 37.65
CA GLY B 358 7.21 3.89 38.54
C GLY B 358 6.12 4.41 39.44
N VAL B 359 5.89 5.71 39.38
CA VAL B 359 4.93 6.39 40.22
C VAL B 359 3.55 6.08 39.68
N GLY B 360 2.51 6.29 40.46
CA GLY B 360 1.28 5.61 40.14
C GLY B 360 0.39 6.20 39.07
N LYS B 361 0.90 6.41 37.87
CA LYS B 361 0.12 7.14 36.87
C LYS B 361 -0.99 6.30 36.27
N THR B 362 -0.73 5.06 35.90
CA THR B 362 -1.78 4.35 35.17
C THR B 362 -2.75 3.64 36.09
N SER B 363 -2.51 3.61 37.38
CA SER B 363 -3.49 3.04 38.30
C SER B 363 -4.38 4.09 38.95
N LEU B 364 -3.96 5.36 38.92
CA LEU B 364 -4.84 6.45 39.29
C LEU B 364 -6.06 6.54 38.42
N GLY B 365 -5.99 6.06 37.18
CA GLY B 365 -7.15 6.12 36.30
C GLY B 365 -8.31 5.31 36.82
N ARG B 366 -8.08 4.06 37.15
CA ARG B 366 -9.15 3.23 37.63
C ARG B 366 -9.55 3.60 39.05
N SER B 367 -8.60 4.11 39.85
CA SER B 367 -8.97 4.58 41.18
C SER B 367 -9.89 5.79 41.13
N ILE B 368 -9.59 6.77 40.28
CA ILE B 368 -10.42 7.95 40.11
C ILE B 368 -11.78 7.58 39.55
N ALA B 369 -11.81 6.61 38.64
CA ALA B 369 -13.09 6.21 38.08
C ALA B 369 -13.97 5.52 39.11
N ARG B 370 -13.40 4.69 39.98
CA ARG B 370 -14.30 4.04 40.94
C ARG B 370 -14.63 4.93 42.11
N SER B 371 -13.87 5.98 42.39
CA SER B 371 -14.28 6.83 43.49
C SER B 371 -15.43 7.76 43.13
N MET B 372 -15.64 8.01 41.85
CA MET B 372 -16.74 8.86 41.40
C MET B 372 -17.92 8.07 40.88
N ASN B 373 -17.87 6.74 40.94
CA ASN B 373 -18.90 5.84 40.43
C ASN B 373 -19.18 6.06 38.95
N ARG B 374 -18.12 6.12 38.15
CA ARG B 374 -18.30 6.26 36.72
C ARG B 374 -17.78 5.03 36.00
N LYS B 375 -18.08 4.97 34.72
CA LYS B 375 -17.59 3.91 33.88
C LYS B 375 -16.17 4.19 33.44
N PHE B 376 -15.43 3.15 33.15
CA PHE B 376 -14.01 3.26 32.85
C PHE B 376 -13.67 2.43 31.64
N HIS B 377 -12.80 2.97 30.79
CA HIS B 377 -12.30 2.24 29.64
C HIS B 377 -10.88 2.72 29.36
N ARG B 378 -10.01 1.82 28.94
CA ARG B 378 -8.60 2.14 28.77
C ARG B 378 -8.18 1.94 27.34
N ILE B 379 -7.50 2.92 26.77
CA ILE B 379 -7.00 2.83 25.40
C ILE B 379 -5.50 2.99 25.45
N SER B 380 -4.77 2.06 24.87
CA SER B 380 -3.32 2.11 24.86
C SER B 380 -2.86 2.63 23.51
N LEU B 381 -2.20 3.78 23.51
CA LEU B 381 -1.73 4.45 22.31
C LEU B 381 -0.25 4.23 22.13
N GLY B 382 0.23 3.05 22.47
CA GLY B 382 1.62 2.75 22.71
C GLY B 382 2.56 3.02 21.57
N GLY B 383 2.45 2.29 20.48
CA GLY B 383 3.31 2.59 19.37
C GLY B 383 2.51 2.74 18.09
N VAL B 384 1.31 3.29 18.23
CA VAL B 384 0.33 3.31 17.16
C VAL B 384 0.78 4.28 16.08
N ARG B 385 0.74 3.82 14.83
CA ARG B 385 0.98 4.69 13.70
C ARG B 385 -0.21 4.81 12.77
N ASP B 386 -1.08 3.81 12.72
CA ASP B 386 -2.23 3.84 11.84
C ASP B 386 -3.21 4.87 12.34
N GLU B 387 -3.76 5.64 11.44
CA GLU B 387 -4.61 6.75 11.78
C GLU B 387 -6.08 6.41 11.60
N ALA B 388 -6.36 5.24 11.08
CA ALA B 388 -7.69 4.70 11.15
C ALA B 388 -8.01 4.09 12.49
N GLU B 389 -7.18 4.31 13.50
CA GLU B 389 -7.52 3.96 14.87
C GLU B 389 -8.24 5.10 15.55
N ILE B 390 -7.93 6.33 15.19
CA ILE B 390 -8.61 7.46 15.80
C ILE B 390 -9.94 7.70 15.13
N ARG B 391 -9.93 7.96 13.83
CA ARG B 391 -11.14 7.97 13.03
C ARG B 391 -11.32 6.56 12.47
N GLY B 392 -12.21 6.35 11.52
CA GLY B 392 -12.30 5.01 10.98
C GLY B 392 -12.05 4.94 9.50
N HIS B 393 -12.87 4.19 8.78
CA HIS B 393 -12.96 4.28 7.33
C HIS B 393 -14.40 4.55 6.96
N ARG B 394 -14.64 5.02 5.72
CA ARG B 394 -15.99 5.09 5.17
C ARG B 394 -16.62 3.71 5.15
N ARG B 395 -17.94 3.66 5.16
CA ARG B 395 -18.54 2.35 4.95
C ARG B 395 -18.54 1.90 3.51
N THR B 396 -17.82 2.55 2.61
CA THR B 396 -17.68 2.04 1.26
C THR B 396 -16.81 0.80 1.23
N TYR B 397 -15.73 0.79 2.00
CA TYR B 397 -14.78 -0.31 2.01
C TYR B 397 -15.40 -1.53 2.67
N ILE B 398 -14.73 -2.68 2.53
CA ILE B 398 -15.42 -3.95 2.72
C ILE B 398 -15.82 -4.22 4.16
N GLY B 399 -14.87 -4.50 5.03
CA GLY B 399 -15.28 -4.58 6.40
C GLY B 399 -14.78 -3.36 7.12
N ALA B 400 -15.58 -2.31 7.23
CA ALA B 400 -15.08 -1.06 7.76
C ALA B 400 -15.75 -0.79 9.09
N MET B 401 -15.01 -0.16 9.98
CA MET B 401 -15.41 -0.04 11.37
C MET B 401 -15.10 1.36 11.85
N PRO B 402 -15.75 1.83 12.90
CA PRO B 402 -15.36 3.09 13.49
C PRO B 402 -14.08 2.98 14.30
N GLY B 403 -13.58 4.12 14.73
CA GLY B 403 -12.30 4.21 15.41
C GLY B 403 -12.34 3.69 16.83
N LYS B 404 -11.26 3.97 17.56
CA LYS B 404 -11.16 3.53 18.95
C LYS B 404 -12.14 4.26 19.83
N LEU B 405 -12.38 5.54 19.56
CA LEU B 405 -13.19 6.35 20.46
C LEU B 405 -14.67 6.01 20.35
N ILE B 406 -15.17 5.75 19.14
CA ILE B 406 -16.57 5.38 19.02
C ILE B 406 -16.79 3.99 19.55
N HIS B 407 -15.79 3.12 19.42
CA HIS B 407 -15.92 1.78 19.99
C HIS B 407 -15.91 1.84 21.51
N ALA B 408 -15.08 2.70 22.08
CA ALA B 408 -15.02 2.84 23.52
C ALA B 408 -16.30 3.43 24.07
N MET B 409 -16.91 4.36 23.34
CA MET B 409 -18.19 4.88 23.79
C MET B 409 -19.29 3.86 23.64
N LYS B 410 -19.17 2.92 22.71
CA LYS B 410 -20.15 1.84 22.67
C LYS B 410 -20.00 0.89 23.85
N GLN B 411 -18.75 0.64 24.27
CA GLN B 411 -18.48 -0.32 25.34
C GLN B 411 -19.12 0.08 26.64
N VAL B 412 -18.74 1.24 27.18
CA VAL B 412 -19.51 1.83 28.24
C VAL B 412 -20.87 2.26 27.69
N GLY B 413 -21.84 2.42 28.57
CA GLY B 413 -23.16 2.72 28.07
C GLY B 413 -23.58 4.16 28.19
N VAL B 414 -22.70 5.05 28.64
CA VAL B 414 -23.08 6.37 29.10
C VAL B 414 -22.29 7.42 28.34
N ILE B 415 -22.72 8.67 28.44
CA ILE B 415 -22.06 9.74 27.71
C ILE B 415 -20.96 10.41 28.51
N ASN B 416 -20.74 10.02 29.76
CA ASN B 416 -19.66 10.58 30.56
C ASN B 416 -18.83 9.50 31.25
N PRO B 417 -17.99 8.79 30.52
CA PRO B 417 -17.12 7.84 31.18
C PRO B 417 -15.83 8.49 31.57
N VAL B 418 -14.89 7.73 32.11
CA VAL B 418 -13.52 8.15 32.27
C VAL B 418 -12.69 7.34 31.31
N ILE B 419 -11.99 8.00 30.39
CA ILE B 419 -11.19 7.34 29.38
C ILE B 419 -9.73 7.60 29.68
N LEU B 420 -8.93 6.56 29.77
CA LEU B 420 -7.50 6.69 29.98
C LEU B 420 -6.79 6.41 28.69
N LEU B 421 -6.01 7.35 28.21
CA LEU B 421 -5.21 7.19 27.01
C LEU B 421 -3.76 7.00 27.46
N ASP B 422 -3.31 5.76 27.54
CA ASP B 422 -1.94 5.48 27.94
C ASP B 422 -0.91 5.88 26.90
N GLU B 423 0.15 6.53 27.36
CA GLU B 423 1.40 6.75 26.65
C GLU B 423 1.20 7.54 25.35
N ILE B 424 0.73 8.78 25.52
CA ILE B 424 0.62 9.69 24.39
C ILE B 424 1.95 10.29 23.98
N ASP B 425 3.01 10.04 24.73
CA ASP B 425 4.35 10.42 24.28
C ASP B 425 4.75 9.70 23.03
N LYS B 426 4.24 8.51 22.83
CA LYS B 426 4.92 7.54 22.00
C LYS B 426 4.12 7.18 20.78
N MET B 427 3.28 8.09 20.31
CA MET B 427 2.58 7.87 19.07
C MET B 427 3.55 8.09 17.93
N SER B 428 3.55 7.18 16.97
CA SER B 428 4.49 7.24 15.87
C SER B 428 3.98 8.29 14.89
N SER B 429 4.49 9.50 15.00
CA SER B 429 4.05 10.62 14.18
C SER B 429 5.21 11.01 13.26
N ASP B 430 5.18 10.53 12.03
CA ASP B 430 6.27 10.72 11.09
C ASP B 430 5.68 11.10 9.74
N TRP B 431 6.52 11.01 8.70
CA TRP B 431 6.03 11.20 7.34
C TRP B 431 5.14 10.04 6.92
N ARG B 432 5.34 8.86 7.52
CA ARG B 432 4.27 7.89 7.59
C ARG B 432 3.32 8.27 8.72
N GLY B 433 2.01 8.14 8.44
CA GLY B 433 0.89 8.81 9.07
C GLY B 433 0.92 9.08 10.55
N ASP B 434 0.51 10.29 10.93
CA ASP B 434 0.56 10.75 12.31
C ASP B 434 -0.81 10.76 12.94
N PRO B 435 -1.11 9.85 13.87
CA PRO B 435 -2.38 9.94 14.59
C PRO B 435 -2.43 11.10 15.54
N ALA B 436 -1.29 11.67 15.92
CA ALA B 436 -1.25 12.81 16.81
C ALA B 436 -1.83 14.05 16.18
N SER B 437 -1.97 14.09 14.87
CA SER B 437 -2.68 15.16 14.20
C SER B 437 -4.17 14.92 14.13
N ALA B 438 -4.59 13.68 14.20
CA ALA B 438 -6.02 13.41 14.34
C ALA B 438 -6.49 13.54 15.77
N MET B 439 -5.58 13.47 16.74
CA MET B 439 -5.98 13.68 18.13
C MET B 439 -6.29 15.12 18.46
N LEU B 440 -5.98 16.05 17.57
CA LEU B 440 -6.26 17.46 17.85
C LEU B 440 -7.73 17.78 17.80
N GLU B 441 -8.52 16.97 17.10
CA GLU B 441 -9.95 17.14 17.08
C GLU B 441 -10.63 16.47 18.25
N VAL B 442 -9.98 15.47 18.84
CA VAL B 442 -10.56 14.77 19.98
C VAL B 442 -10.40 15.58 21.25
N LEU B 443 -9.27 16.24 21.42
CA LEU B 443 -8.96 16.86 22.69
C LEU B 443 -9.14 18.36 22.67
N ASP B 444 -9.76 18.91 21.67
CA ASP B 444 -9.95 20.35 21.57
C ASP B 444 -11.00 20.79 22.57
N PRO B 445 -10.71 21.75 23.46
CA PRO B 445 -11.66 22.06 24.52
C PRO B 445 -12.88 22.81 24.07
N GLU B 446 -12.83 23.48 22.94
CA GLU B 446 -13.97 24.23 22.45
C GLU B 446 -14.70 23.53 21.32
N GLN B 447 -14.14 22.45 20.79
CA GLN B 447 -14.68 21.85 19.57
C GLN B 447 -14.99 20.37 19.71
N ASN B 448 -14.99 19.82 20.92
CA ASN B 448 -15.42 18.44 21.12
C ASN B 448 -16.89 18.22 20.87
N ASN B 449 -17.70 19.27 20.75
CA ASN B 449 -19.11 19.10 20.45
C ASN B 449 -19.34 18.36 19.17
N THR B 450 -18.47 18.58 18.20
CA THR B 450 -18.59 18.09 16.85
C THR B 450 -17.32 17.33 16.54
N PHE B 451 -17.29 16.08 16.93
CA PHE B 451 -16.24 15.17 16.50
C PHE B 451 -16.82 14.26 15.44
N THR B 452 -16.26 14.31 14.24
CA THR B 452 -16.75 13.49 13.14
C THR B 452 -15.82 12.33 12.92
N ASP B 453 -16.32 11.13 13.12
CA ASP B 453 -15.65 9.93 12.69
C ASP B 453 -15.83 9.80 11.19
N HIS B 454 -15.02 8.96 10.56
CA HIS B 454 -15.26 8.74 9.14
C HIS B 454 -16.33 7.71 8.92
N TYR B 455 -16.51 6.79 9.84
CA TYR B 455 -17.55 5.80 9.66
C TYR B 455 -18.91 6.38 9.94
N LEU B 456 -19.10 7.00 11.08
CA LEU B 456 -20.34 7.71 11.36
C LEU B 456 -20.23 9.06 10.69
N ASP B 457 -21.13 9.37 9.78
CA ASP B 457 -21.01 10.67 9.13
C ASP B 457 -21.47 11.82 9.99
N VAL B 458 -22.09 11.56 11.11
CA VAL B 458 -22.71 12.60 11.92
C VAL B 458 -21.66 13.18 12.86
N PRO B 459 -21.88 14.36 13.46
CA PRO B 459 -20.98 14.79 14.52
C PRO B 459 -21.44 14.29 15.88
N TYR B 460 -20.49 13.83 16.68
CA TYR B 460 -20.79 13.17 17.93
C TYR B 460 -20.22 13.99 19.07
N ASP B 461 -20.86 13.94 20.23
CA ASP B 461 -20.56 14.85 21.33
C ASP B 461 -19.63 14.16 22.32
N LEU B 462 -18.37 14.61 22.35
CA LEU B 462 -17.37 14.13 23.28
C LEU B 462 -17.04 15.14 24.37
N SER B 463 -17.93 16.07 24.67
CA SER B 463 -17.53 17.14 25.55
C SER B 463 -17.72 16.80 27.01
N LYS B 464 -18.33 15.67 27.33
CA LYS B 464 -18.54 15.31 28.72
C LYS B 464 -17.69 14.14 29.17
N VAL B 465 -16.71 13.76 28.40
CA VAL B 465 -15.82 12.66 28.71
C VAL B 465 -14.65 13.19 29.51
N PHE B 466 -14.34 12.55 30.62
CA PHE B 466 -13.20 12.88 31.47
C PHE B 466 -11.99 12.21 30.83
N PHE B 467 -11.11 12.96 30.17
CA PHE B 467 -9.92 12.35 29.59
C PHE B 467 -8.74 12.48 30.51
N ILE B 468 -8.06 11.37 30.76
CA ILE B 468 -6.82 11.34 31.49
C ILE B 468 -5.77 10.71 30.59
N THR B 469 -4.66 11.38 30.39
CA THR B 469 -3.59 10.84 29.57
C THR B 469 -2.32 10.79 30.40
N THR B 470 -1.40 9.91 30.01
CA THR B 470 -0.18 9.71 30.78
C THR B 470 1.05 9.85 29.91
N ALA B 471 2.10 10.39 30.47
CA ALA B 471 3.33 10.63 29.72
C ALA B 471 4.52 10.41 30.62
N ASN B 472 5.70 10.34 30.03
CA ASN B 472 6.93 10.35 30.80
C ASN B 472 7.73 11.63 30.65
N THR B 473 7.85 12.16 29.45
CA THR B 473 8.44 13.47 29.23
C THR B 473 7.49 14.28 28.39
N LEU B 474 7.49 15.59 28.59
CA LEU B 474 6.70 16.44 27.71
C LEU B 474 7.42 16.80 26.43
N GLN B 475 8.67 16.38 26.26
CA GLN B 475 9.48 16.87 25.16
C GLN B 475 9.08 16.28 23.82
N THR B 476 8.28 15.22 23.81
CA THR B 476 7.99 14.51 22.57
C THR B 476 6.50 14.51 22.25
N ILE B 477 5.74 15.41 22.85
CA ILE B 477 4.36 15.67 22.45
C ILE B 477 4.41 16.89 21.55
N PRO B 478 3.68 16.93 20.43
CA PRO B 478 3.64 18.12 19.59
C PRO B 478 3.09 19.33 20.32
N ARG B 479 3.57 20.51 19.92
CA ARG B 479 3.24 21.73 20.66
C ARG B 479 1.79 22.16 20.60
N PRO B 480 1.03 22.00 19.50
CA PRO B 480 -0.39 22.30 19.63
C PRO B 480 -1.15 21.28 20.43
N LEU B 481 -0.71 20.03 20.47
CA LEU B 481 -1.42 19.03 21.25
C LEU B 481 -1.16 19.19 22.74
N LEU B 482 0.00 19.71 23.11
CA LEU B 482 0.33 19.84 24.51
C LEU B 482 -0.54 20.87 25.22
N ASP B 483 -0.95 21.95 24.56
CA ASP B 483 -1.70 22.93 25.32
C ASP B 483 -3.21 22.79 25.20
N ARG B 484 -3.72 21.73 24.58
CA ARG B 484 -5.09 21.39 24.91
C ARG B 484 -5.22 20.75 26.28
N MET B 485 -4.12 20.35 26.89
CA MET B 485 -4.12 19.55 28.10
C MET B 485 -3.52 20.32 29.25
N GLU B 486 -4.04 20.06 30.44
CA GLU B 486 -3.57 20.63 31.68
C GLU B 486 -2.56 19.69 32.33
N VAL B 487 -1.33 20.16 32.57
CA VAL B 487 -0.30 19.25 33.05
C VAL B 487 -0.31 19.19 34.57
N ILE B 488 -0.02 18.01 35.09
CA ILE B 488 0.06 17.74 36.52
C ILE B 488 1.30 16.92 36.75
N GLU B 489 2.24 17.46 37.53
CA GLU B 489 3.53 16.85 37.75
C GLU B 489 3.44 15.84 38.88
N ILE B 490 3.94 14.64 38.65
CA ILE B 490 4.06 13.65 39.73
C ILE B 490 5.55 13.39 39.92
N PRO B 491 6.16 13.85 41.01
CA PRO B 491 7.61 14.06 41.02
C PRO B 491 8.51 12.94 41.49
N GLY B 492 8.02 11.86 42.07
CA GLY B 492 8.98 10.90 42.57
C GLY B 492 9.04 10.97 44.08
N TYR B 493 9.07 9.82 44.72
CA TYR B 493 8.80 9.75 46.14
C TYR B 493 10.06 9.94 46.97
N THR B 494 9.89 10.44 48.18
CA THR B 494 10.95 10.59 49.14
C THR B 494 11.14 9.28 49.88
N ASN B 495 12.04 9.24 50.86
CA ASN B 495 12.22 7.97 51.55
C ASN B 495 11.13 7.69 52.58
N MET B 496 10.57 8.72 53.21
CA MET B 496 9.50 8.49 54.16
C MET B 496 8.23 8.07 53.46
N GLU B 497 7.99 8.64 52.28
CA GLU B 497 6.86 8.24 51.47
C GLU B 497 6.98 6.79 51.03
N LYS B 498 8.16 6.38 50.59
CA LYS B 498 8.38 5.00 50.19
C LYS B 498 8.24 4.04 51.36
N GLN B 499 8.62 4.47 52.55
CA GLN B 499 8.47 3.61 53.70
C GLN B 499 7.00 3.44 54.08
N ALA B 500 6.21 4.50 53.93
CA ALA B 500 4.78 4.38 54.20
C ALA B 500 4.08 3.52 53.16
N ILE B 501 4.43 3.69 51.88
CA ILE B 501 3.91 2.85 50.81
C ILE B 501 4.26 1.39 51.06
N ALA B 502 5.47 1.12 51.55
CA ALA B 502 5.84 -0.27 51.80
C ALA B 502 5.15 -0.87 53.01
N ARG B 503 4.86 -0.09 54.05
CA ARG B 503 4.06 -0.65 55.15
C ARG B 503 2.64 -0.96 54.73
N GLN B 504 2.01 -0.08 53.97
CA GLN B 504 0.57 -0.20 53.83
C GLN B 504 0.13 -0.89 52.56
N TYR B 505 0.93 -0.94 51.55
CA TYR B 505 0.44 -1.42 50.27
C TYR B 505 1.29 -2.53 49.69
N LEU B 506 2.61 -2.43 49.77
CA LEU B 506 3.46 -3.33 49.00
C LEU B 506 3.75 -4.61 49.75
N TRP B 507 4.09 -4.53 51.01
CA TRP B 507 4.43 -5.71 51.79
C TRP B 507 3.22 -6.59 52.16
N PRO B 508 2.06 -6.07 52.54
CA PRO B 508 0.90 -6.95 52.66
C PRO B 508 0.52 -7.68 51.40
N LYS B 509 0.64 -7.04 50.25
CA LYS B 509 0.31 -7.71 49.00
C LYS B 509 1.30 -8.83 48.70
N GLN B 510 2.59 -8.57 48.87
CA GLN B 510 3.58 -9.58 48.57
C GLN B 510 3.62 -10.71 49.58
N VAL B 511 3.16 -10.48 50.81
CA VAL B 511 3.07 -11.58 51.74
C VAL B 511 1.85 -12.43 51.47
N ARG B 512 0.70 -11.80 51.20
CA ARG B 512 -0.50 -12.54 50.92
C ARG B 512 -0.36 -13.38 49.66
N GLU B 513 0.29 -12.83 48.65
CA GLU B 513 0.33 -13.46 47.36
C GLU B 513 1.31 -14.63 47.29
N SER B 514 2.10 -14.86 48.32
CA SER B 514 3.00 -16.00 48.34
C SER B 514 2.71 -16.95 49.48
N GLY B 515 1.50 -16.93 50.04
CA GLY B 515 1.08 -17.94 50.99
C GLY B 515 1.72 -17.87 52.35
N MET B 516 2.55 -16.88 52.63
CA MET B 516 3.27 -16.80 53.89
C MET B 516 2.63 -15.82 54.83
N GLU B 517 1.31 -15.74 54.84
CA GLU B 517 0.66 -14.73 55.64
C GLU B 517 0.53 -15.19 57.07
N GLY B 518 0.99 -14.36 57.99
CA GLY B 518 0.99 -14.72 59.38
C GLY B 518 2.19 -15.51 59.83
N ARG B 519 3.15 -15.75 58.94
CA ARG B 519 4.32 -16.53 59.28
C ARG B 519 5.60 -15.75 59.23
N ILE B 520 5.62 -14.56 58.62
CA ILE B 520 6.85 -13.81 58.45
C ILE B 520 6.49 -12.33 58.52
N GLU B 521 7.45 -11.52 58.93
CA GLU B 521 7.21 -10.10 59.18
C GLU B 521 8.52 -9.36 59.14
N VAL B 522 8.47 -8.11 58.71
CA VAL B 522 9.66 -7.30 58.56
C VAL B 522 9.49 -6.07 59.44
N THR B 523 10.60 -5.47 59.85
CA THR B 523 10.55 -4.31 60.73
C THR B 523 10.71 -3.05 59.90
N ASP B 524 10.69 -1.91 60.58
CA ASP B 524 10.80 -0.65 59.86
C ASP B 524 12.24 -0.32 59.49
N ALA B 525 13.18 -0.67 60.37
CA ALA B 525 14.59 -0.51 60.05
C ALA B 525 15.00 -1.35 58.87
N ALA B 526 14.38 -2.51 58.71
CA ALA B 526 14.68 -3.37 57.58
C ALA B 526 14.18 -2.78 56.29
N ILE B 527 12.99 -2.19 56.29
CA ILE B 527 12.46 -1.56 55.09
C ILE B 527 13.30 -0.36 54.71
N LEU B 528 13.80 0.36 55.71
CA LEU B 528 14.62 1.52 55.40
C LEU B 528 15.97 1.11 54.84
N ARG B 529 16.53 0.00 55.30
CA ARG B 529 17.76 -0.52 54.72
C ARG B 529 17.54 -1.03 53.31
N VAL B 530 16.39 -1.63 53.03
CA VAL B 530 16.10 -2.08 51.67
C VAL B 530 15.95 -0.89 50.73
N ILE B 531 15.38 0.21 51.20
CA ILE B 531 15.25 1.39 50.37
C ILE B 531 16.61 2.01 50.11
N SER B 532 17.45 2.12 51.15
CA SER B 532 18.66 2.90 50.98
C SER B 532 19.79 2.11 50.33
N GLU B 533 19.84 0.79 50.48
CA GLU B 533 21.01 0.07 50.02
C GLU B 533 20.77 -0.91 48.88
N TYR B 534 19.54 -1.09 48.43
CA TYR B 534 19.29 -2.07 47.39
C TYR B 534 18.43 -1.51 46.27
N THR B 535 18.31 -0.19 46.18
CA THR B 535 17.35 0.45 45.29
C THR B 535 17.81 1.86 45.01
N ARG B 536 17.83 2.26 43.74
CA ARG B 536 18.03 3.65 43.32
C ARG B 536 16.98 3.98 42.28
N GLU B 537 15.83 4.45 42.72
CA GLU B 537 14.70 4.68 41.85
C GLU B 537 13.93 5.90 42.29
N ALA B 538 13.16 6.44 41.36
CA ALA B 538 12.15 7.41 41.71
C ALA B 538 10.81 6.75 41.96
N GLY B 539 10.52 5.69 41.26
CA GLY B 539 9.27 4.97 41.43
C GLY B 539 9.38 3.91 42.50
N VAL B 540 8.51 2.92 42.41
CA VAL B 540 8.39 2.03 43.55
C VAL B 540 8.35 0.57 43.12
N ARG B 541 8.65 0.29 41.85
CA ARG B 541 8.61 -1.10 41.37
C ARG B 541 9.80 -1.92 41.85
N GLY B 542 10.97 -1.32 41.98
CA GLY B 542 12.12 -2.08 42.44
C GLY B 542 11.99 -2.50 43.88
N LEU B 543 11.38 -1.66 44.70
CA LEU B 543 11.14 -1.98 46.09
C LEU B 543 10.18 -3.14 46.21
N GLU B 544 9.20 -3.18 45.33
CA GLU B 544 8.26 -4.29 45.31
C GLU B 544 8.95 -5.58 44.89
N ARG B 545 9.91 -5.51 43.97
CA ARG B 545 10.61 -6.72 43.58
C ARG B 545 11.51 -7.24 44.70
N GLU B 546 12.13 -6.34 45.48
CA GLU B 546 12.98 -6.80 46.58
C GLU B 546 12.17 -7.42 47.70
N LEU B 547 11.03 -6.82 48.04
CA LEU B 547 10.19 -7.40 49.08
C LEU B 547 9.56 -8.70 48.62
N GLY B 548 9.24 -8.82 47.34
CA GLY B 548 8.80 -10.09 46.82
C GLY B 548 9.86 -11.16 46.89
N LYS B 549 11.12 -10.78 46.72
CA LYS B 549 12.21 -11.73 46.84
C LYS B 549 12.34 -12.26 48.26
N ILE B 550 12.14 -11.38 49.24
CA ILE B 550 12.13 -11.80 50.64
C ILE B 550 11.02 -12.80 50.90
N ALA B 551 9.83 -12.56 50.34
CA ALA B 551 8.72 -13.47 50.57
C ALA B 551 8.90 -14.83 49.91
N ARG B 552 9.46 -14.88 48.70
CA ARG B 552 9.73 -16.16 48.05
C ARG B 552 10.74 -16.97 48.85
N LYS B 553 11.82 -16.33 49.29
CA LYS B 553 12.80 -17.07 50.04
C LYS B 553 12.27 -17.49 51.40
N GLY B 554 11.34 -16.73 51.96
CA GLY B 554 10.70 -17.17 53.18
C GLY B 554 9.85 -18.41 52.96
N ALA B 555 9.17 -18.48 51.82
CA ALA B 555 8.38 -19.67 51.50
C ALA B 555 9.26 -20.88 51.30
N LYS B 556 10.38 -20.70 50.60
CA LYS B 556 11.36 -21.75 50.40
C LYS B 556 11.91 -22.28 51.72
N PHE B 557 12.25 -21.39 52.65
CA PHE B 557 12.76 -21.82 53.95
C PHE B 557 11.68 -22.51 54.77
N TRP B 558 10.44 -22.09 54.65
CA TRP B 558 9.35 -22.77 55.34
C TRP B 558 9.16 -24.17 54.85
N LEU B 559 9.27 -24.36 53.55
CA LEU B 559 8.85 -25.62 52.97
C LEU B 559 9.84 -26.74 53.23
N GLU B 560 11.03 -26.42 53.72
CA GLU B 560 12.02 -27.42 54.05
C GLU B 560 12.24 -27.58 55.54
N GLY B 561 11.95 -26.57 56.33
CA GLY B 561 11.92 -26.70 57.77
C GLY B 561 10.51 -26.49 58.25
N ALA B 562 10.34 -25.75 59.35
CA ALA B 562 9.10 -25.17 59.85
C ALA B 562 9.47 -24.35 61.07
N TRP B 563 8.59 -23.46 61.45
CA TRP B 563 8.68 -22.77 62.71
C TRP B 563 7.25 -22.47 63.15
N GLU B 564 7.12 -21.73 64.25
CA GLU B 564 5.80 -21.37 64.73
C GLU B 564 5.82 -19.92 65.19
N GLY B 565 4.69 -19.27 65.03
CA GLY B 565 4.64 -17.85 65.28
C GLY B 565 5.34 -17.08 64.17
N LEU B 566 5.57 -15.81 64.42
CA LEU B 566 6.24 -14.98 63.44
C LEU B 566 7.74 -15.17 63.49
N ARG B 567 8.34 -15.26 62.32
CA ARG B 567 9.75 -14.97 62.16
C ARG B 567 9.86 -13.51 61.78
N THR B 568 10.56 -12.74 62.59
CA THR B 568 10.72 -11.32 62.33
C THR B 568 12.07 -11.10 61.68
N ILE B 569 12.08 -10.46 60.52
CA ILE B 569 13.32 -10.15 59.84
C ILE B 569 13.75 -8.78 60.30
N ASP B 570 14.85 -8.71 61.03
CA ASP B 570 15.33 -7.42 61.51
C ASP B 570 16.30 -6.87 60.48
N ALA B 571 16.90 -5.72 60.75
CA ALA B 571 17.70 -5.05 59.76
C ALA B 571 19.01 -5.75 59.47
N SER B 572 19.53 -6.54 60.39
CA SER B 572 20.78 -7.25 60.15
C SER B 572 20.57 -8.62 59.54
N ASP B 573 19.34 -9.01 59.26
CA ASP B 573 19.05 -10.24 58.55
C ASP B 573 18.84 -10.01 57.07
N ILE B 574 18.96 -8.76 56.61
CA ILE B 574 18.68 -8.47 55.21
C ILE B 574 19.67 -9.10 54.24
N PRO B 575 21.00 -9.09 54.46
CA PRO B 575 21.88 -9.77 53.50
C PRO B 575 21.73 -11.27 53.44
N THR B 576 21.07 -11.91 54.39
CA THR B 576 20.75 -13.32 54.24
C THR B 576 19.77 -13.53 53.11
N TYR B 577 18.82 -12.63 52.93
CA TYR B 577 17.77 -12.78 51.93
C TYR B 577 18.11 -12.09 50.63
N LEU B 578 18.76 -10.93 50.68
CA LEU B 578 18.91 -10.12 49.48
C LEU B 578 20.29 -10.12 48.88
N GLY B 579 21.31 -10.58 49.60
CA GLY B 579 22.64 -10.60 49.00
C GLY B 579 23.57 -9.55 49.54
N ILE B 580 24.54 -9.13 48.74
CA ILE B 580 25.51 -8.13 49.12
C ILE B 580 24.91 -6.78 48.77
N PRO B 581 25.05 -5.73 49.60
CA PRO B 581 24.46 -4.43 49.28
C PRO B 581 25.01 -3.82 48.02
N ARG B 582 24.15 -3.16 47.26
CA ARG B 582 24.55 -2.64 45.97
C ARG B 582 25.03 -1.20 46.01
N TYR B 583 24.50 -0.39 46.90
CA TYR B 583 24.74 1.03 46.85
C TYR B 583 25.27 1.50 48.19
N ARG B 584 26.24 2.32 48.15
CA ARG B 584 26.80 2.85 49.37
C ARG B 584 26.13 4.17 49.71
N PRO B 585 25.62 4.35 50.92
CA PRO B 585 24.98 5.60 51.26
C PRO B 585 26.00 6.71 51.49
N ASP B 586 25.59 7.92 51.16
CA ASP B 586 26.40 9.10 51.39
C ASP B 586 26.62 9.33 52.86
N LYS B 587 27.75 9.96 53.19
CA LYS B 587 28.05 10.22 54.57
C LYS B 587 28.86 11.50 54.66
N ALA B 588 28.71 12.20 55.77
CA ALA B 588 29.28 13.51 55.91
C ALA B 588 30.68 13.42 56.50
N GLU B 589 31.34 14.56 56.60
CA GLU B 589 32.64 14.63 57.22
C GLU B 589 32.56 15.60 58.39
N THR B 590 33.59 15.58 59.23
CA THR B 590 33.52 16.30 60.48
C THR B 590 34.55 17.42 60.60
N GLU B 591 35.82 17.12 60.39
CA GLU B 591 36.85 18.11 60.64
C GLU B 591 36.87 19.15 59.53
N PRO B 592 37.38 20.33 59.83
CA PRO B 592 37.65 21.29 58.76
C PRO B 592 38.83 20.86 57.92
N GLN B 593 38.69 21.05 56.61
CA GLN B 593 39.70 20.73 55.61
C GLN B 593 40.13 22.01 54.92
N VAL B 594 41.27 21.95 54.23
CA VAL B 594 41.81 23.11 53.56
C VAL B 594 41.62 22.88 52.06
N GLY B 595 40.72 23.63 51.46
CA GLY B 595 40.48 23.52 50.04
C GLY B 595 39.44 22.48 49.72
N THR B 596 38.37 22.47 50.49
CA THR B 596 37.33 21.47 50.36
C THR B 596 36.04 22.10 50.85
N ALA B 597 34.93 21.82 50.18
CA ALA B 597 33.63 22.29 50.63
C ALA B 597 32.58 21.29 50.21
N GLN B 598 31.44 21.37 50.86
CA GLN B 598 30.38 20.38 50.76
C GLN B 598 29.24 20.92 49.90
N GLY B 599 28.98 20.28 48.77
CA GLY B 599 27.94 20.72 47.86
C GLY B 599 26.83 19.70 47.72
N LEU B 600 25.76 20.12 47.06
CA LEU B 600 24.53 19.35 46.96
C LEU B 600 24.12 19.26 45.51
N ALA B 601 23.74 18.08 45.04
CA ALA B 601 23.38 17.90 43.65
C ALA B 601 21.98 17.33 43.55
N TRP B 602 21.42 17.47 42.37
CA TRP B 602 20.05 17.05 42.08
C TRP B 602 20.12 15.97 41.02
N THR B 603 19.22 15.00 41.10
CA THR B 603 19.05 13.99 40.07
C THR B 603 17.59 13.53 40.16
N PRO B 604 17.04 12.95 39.11
CA PRO B 604 15.63 12.56 39.19
C PRO B 604 15.32 11.43 40.15
N VAL B 605 16.31 10.77 40.74
CA VAL B 605 16.03 9.75 41.73
C VAL B 605 16.23 10.25 43.14
N GLY B 606 16.66 11.48 43.33
CA GLY B 606 16.85 11.98 44.66
C GLY B 606 17.90 13.06 44.69
N GLY B 607 18.59 13.20 45.79
CA GLY B 607 19.66 14.16 45.83
C GLY B 607 20.89 13.47 46.36
N THR B 608 22.07 14.04 46.15
CA THR B 608 23.30 13.45 46.64
C THR B 608 24.19 14.55 47.19
N LEU B 609 25.21 14.15 47.92
CA LEU B 609 26.27 15.05 48.32
C LEU B 609 27.40 14.97 47.31
N LEU B 610 28.04 16.10 47.04
CA LEU B 610 29.25 16.14 46.24
C LEU B 610 30.26 17.04 46.92
N THR B 611 31.52 16.75 46.69
CA THR B 611 32.61 17.41 47.38
C THR B 611 33.50 18.09 46.36
N ILE B 612 33.79 19.35 46.56
CA ILE B 612 34.68 20.09 45.68
C ILE B 612 36.06 20.04 46.29
N GLU B 613 37.06 19.66 45.51
CA GLU B 613 38.43 19.64 45.99
C GLU B 613 39.27 20.55 45.13
N VAL B 614 40.14 21.34 45.78
CA VAL B 614 40.95 22.36 45.13
C VAL B 614 42.35 22.28 45.71
N ALA B 615 43.37 22.30 44.86
CA ALA B 615 44.75 22.40 45.30
C ALA B 615 45.41 23.61 44.67
N ALA B 616 46.25 24.28 45.44
CA ALA B 616 47.01 25.43 44.94
C ALA B 616 48.49 25.12 45.10
N VAL B 617 49.17 24.89 43.99
CA VAL B 617 50.56 24.47 43.99
C VAL B 617 51.35 25.56 43.26
N PRO B 618 52.67 25.61 43.41
CA PRO B 618 53.45 26.58 42.63
C PRO B 618 53.36 26.34 41.14
N GLY B 619 53.40 27.41 40.38
CA GLY B 619 53.18 27.31 38.96
C GLY B 619 53.25 28.63 38.24
N SER B 620 52.53 28.77 37.14
CA SER B 620 52.54 30.00 36.38
C SER B 620 51.16 30.57 36.15
N GLY B 621 50.13 29.93 36.66
CA GLY B 621 48.78 30.42 36.60
C GLY B 621 48.06 29.69 35.49
N LYS B 622 47.43 28.59 35.84
CA LYS B 622 46.63 27.80 34.94
C LYS B 622 45.35 27.47 35.67
N LEU B 623 44.51 26.67 35.06
CA LEU B 623 43.32 26.22 35.75
C LEU B 623 42.92 24.90 35.12
N SER B 624 43.10 23.82 35.85
CA SER B 624 42.68 22.51 35.42
C SER B 624 41.36 22.20 36.08
N LEU B 625 40.43 21.65 35.31
CA LEU B 625 39.09 21.39 35.82
C LEU B 625 38.74 19.96 35.45
N THR B 626 39.03 19.01 36.32
CA THR B 626 38.84 17.60 35.99
C THR B 626 37.65 17.04 36.74
N GLY B 627 37.19 15.87 36.31
CA GLY B 627 36.08 15.25 36.98
C GLY B 627 34.85 15.09 36.12
N GLN B 628 35.01 15.20 34.80
CA GLN B 628 33.95 15.12 33.79
C GLN B 628 32.95 16.27 33.92
N LEU B 629 33.45 17.46 34.14
CA LEU B 629 32.60 18.61 34.34
C LEU B 629 32.05 19.11 33.02
N GLY B 630 30.84 19.63 33.05
CA GLY B 630 30.22 20.20 31.88
C GLY B 630 30.76 21.57 31.55
N GLU B 631 30.03 22.27 30.71
CA GLU B 631 30.56 23.54 30.23
C GLU B 631 30.08 24.74 31.03
N VAL B 632 28.82 24.71 31.46
CA VAL B 632 28.28 25.72 32.36
C VAL B 632 29.02 25.69 33.68
N MET B 633 29.45 24.52 34.10
CA MET B 633 30.13 24.38 35.36
C MET B 633 31.56 24.89 35.31
N LYS B 634 32.23 24.71 34.16
CA LYS B 634 33.53 25.32 33.99
C LYS B 634 33.44 26.83 33.96
N GLU B 635 32.41 27.39 33.32
CA GLU B 635 32.28 28.84 33.34
C GLU B 635 31.93 29.37 34.72
N SER B 636 31.27 28.56 35.53
CA SER B 636 31.01 28.93 36.91
C SER B 636 32.29 29.00 37.73
N ALA B 637 33.20 28.05 37.50
CA ALA B 637 34.50 28.13 38.16
C ALA B 637 35.28 29.37 37.75
N GLN B 638 35.24 29.71 36.48
CA GLN B 638 35.96 30.91 36.04
C GLN B 638 35.35 32.18 36.59
N ALA B 639 34.03 32.23 36.75
CA ALA B 639 33.38 33.39 37.34
C ALA B 639 33.76 33.57 38.80
N ALA B 640 33.82 32.48 39.56
CA ALA B 640 34.21 32.60 40.96
C ALA B 640 35.66 33.02 41.11
N LEU B 641 36.55 32.50 40.25
CA LEU B 641 37.94 32.90 40.32
C LEU B 641 38.15 34.35 39.92
N THR B 642 37.38 34.86 38.97
CA THR B 642 37.54 36.27 38.62
C THR B 642 36.94 37.17 39.68
N TYR B 643 35.92 36.72 40.40
CA TYR B 643 35.49 37.46 41.58
C TYR B 643 36.60 37.56 42.61
N LEU B 644 37.30 36.46 42.86
CA LEU B 644 38.32 36.50 43.89
C LEU B 644 39.59 37.23 43.47
N ARG B 645 39.88 37.35 42.19
CA ARG B 645 41.07 38.12 41.80
C ARG B 645 40.91 39.60 42.01
N ALA B 646 39.70 40.10 42.10
CA ALA B 646 39.43 41.51 42.27
C ALA B 646 39.23 41.90 43.72
N HIS B 647 39.35 40.97 44.64
CA HIS B 647 39.15 41.22 46.05
C HIS B 647 40.21 40.49 46.85
N THR B 648 41.47 40.59 46.41
CA THR B 648 42.51 39.80 47.02
C THR B 648 42.86 40.24 48.42
N GLN B 649 42.57 41.47 48.77
CA GLN B 649 42.95 41.97 50.08
C GLN B 649 41.83 41.89 51.09
N ASP B 650 40.60 41.66 50.66
CA ASP B 650 39.51 41.56 51.61
C ASP B 650 39.53 40.23 52.33
N TYR B 651 40.03 39.18 51.71
CA TYR B 651 39.96 37.86 52.31
C TYR B 651 41.34 37.31 52.61
N GLY B 652 42.39 38.12 52.46
CA GLY B 652 43.71 37.65 52.80
C GLY B 652 44.31 36.70 51.79
N LEU B 653 43.91 36.81 50.54
CA LEU B 653 44.50 36.01 49.49
C LEU B 653 45.89 36.54 49.20
N PRO B 654 46.78 35.71 48.65
CA PRO B 654 48.11 36.19 48.26
C PRO B 654 48.01 37.23 47.17
N GLU B 655 49.02 38.08 47.07
CA GLU B 655 48.88 39.30 46.28
C GLU B 655 48.87 39.02 44.79
N ASP B 656 49.72 38.12 44.31
CA ASP B 656 49.67 37.74 42.91
C ASP B 656 49.56 36.22 42.78
N PHE B 657 48.36 35.72 42.91
CA PHE B 657 48.16 34.33 42.60
C PHE B 657 47.73 34.16 41.17
N TYR B 658 47.50 35.24 40.43
CA TYR B 658 47.12 35.09 39.04
C TYR B 658 48.30 34.71 38.18
N ASN B 659 49.49 34.69 38.75
CA ASN B 659 50.72 34.70 38.03
C ASN B 659 51.68 33.66 38.56
N LYS B 660 51.50 33.19 39.79
CA LYS B 660 52.49 32.37 40.46
C LYS B 660 51.95 31.05 41.00
N VAL B 661 50.67 30.76 40.85
CA VAL B 661 50.02 29.61 41.45
C VAL B 661 49.20 28.91 40.38
N ASP B 662 49.36 27.61 40.23
CA ASP B 662 48.44 26.81 39.44
C ASP B 662 47.35 26.26 40.33
N LEU B 663 46.12 26.32 39.86
CA LEU B 663 44.97 25.83 40.59
C LEU B 663 44.37 24.63 39.87
N HIS B 664 43.97 23.63 40.62
CA HIS B 664 43.37 22.45 40.08
C HIS B 664 42.07 22.22 40.82
N VAL B 665 40.98 22.05 40.11
CA VAL B 665 39.68 21.82 40.72
C VAL B 665 39.20 20.45 40.30
N HIS B 666 38.84 19.63 41.29
CA HIS B 666 38.49 18.25 41.02
C HIS B 666 37.23 17.91 41.77
N VAL B 667 36.27 17.28 41.10
CA VAL B 667 35.02 16.90 41.72
C VAL B 667 34.88 15.38 41.59
N PRO B 668 35.20 14.65 42.64
CA PRO B 668 35.10 13.18 42.57
C PRO B 668 33.66 12.73 42.60
N ASP B 669 33.35 11.61 41.94
CA ASP B 669 34.28 10.73 41.25
C ASP B 669 34.37 11.00 39.78
N GLY B 670 35.44 10.52 39.15
CA GLY B 670 35.47 10.44 37.71
C GLY B 670 34.49 9.40 37.22
N ALA B 671 34.29 9.42 35.90
CA ALA B 671 33.34 8.58 35.18
C ALA B 671 31.90 8.80 35.61
N THR B 672 31.57 9.98 36.11
CA THR B 672 30.20 10.39 36.31
C THR B 672 30.10 11.82 35.86
N PRO B 673 29.42 12.10 34.75
CA PRO B 673 29.41 13.48 34.25
C PRO B 673 28.56 14.40 35.09
N LYS B 674 29.08 15.61 35.34
CA LYS B 674 28.37 16.60 36.20
C LYS B 674 28.30 17.93 35.46
N ASP B 675 27.22 18.69 35.64
CA ASP B 675 27.04 19.97 34.91
C ASP B 675 26.10 20.88 35.70
N GLY B 676 26.00 22.15 35.32
CA GLY B 676 25.07 23.09 35.99
C GLY B 676 25.79 24.11 36.84
N PRO B 677 25.20 25.30 37.08
CA PRO B 677 25.85 26.36 37.84
C PRO B 677 25.43 26.49 39.31
N SER B 678 24.61 25.56 39.83
CA SER B 678 24.18 25.77 41.22
C SER B 678 25.29 25.51 42.20
N ALA B 679 26.49 25.34 41.68
CA ALA B 679 27.67 25.07 42.48
C ALA B 679 28.63 26.23 42.42
N GLY B 680 28.43 27.46 42.38
CA GLY B 680 29.37 28.53 42.30
C GLY B 680 29.83 29.02 43.64
N ILE B 681 28.91 29.03 44.61
CA ILE B 681 29.24 29.34 45.99
C ILE B 681 30.22 28.33 46.56
N THR B 682 30.05 27.06 46.20
CA THR B 682 30.91 26.02 46.71
C THR B 682 32.32 26.16 46.16
N MET B 683 32.42 26.47 44.88
CA MET B 683 33.73 26.64 44.27
C MET B 683 34.42 27.88 44.77
N ALA B 684 33.68 28.95 45.04
CA ALA B 684 34.32 30.13 45.59
C ALA B 684 34.84 29.88 46.99
N THR B 685 34.11 29.10 47.79
CA THR B 685 34.59 28.77 49.13
C THR B 685 35.83 27.90 49.08
N ALA B 686 35.84 26.89 48.22
CA ALA B 686 36.97 25.99 48.15
C ALA B 686 38.22 26.67 47.61
N ILE B 687 38.06 27.56 46.62
CA ILE B 687 39.21 28.28 46.08
C ILE B 687 39.76 29.29 47.08
N ALA B 688 38.88 29.98 47.81
CA ALA B 688 39.38 30.93 48.81
C ALA B 688 40.07 30.22 49.96
N SER B 689 39.57 29.05 50.33
CA SER B 689 40.19 28.27 51.38
C SER B 689 41.54 27.75 50.96
N ALA B 690 41.68 27.33 49.71
CA ALA B 690 42.95 26.79 49.27
C ALA B 690 43.99 27.87 49.06
N LEU B 691 43.58 29.07 48.67
CA LEU B 691 44.58 30.11 48.50
C LEU B 691 44.99 30.76 49.80
N SER B 692 44.07 30.95 50.74
CA SER B 692 44.41 31.67 51.94
C SER B 692 44.83 30.78 53.09
N ARG B 693 44.82 29.47 52.89
CA ARG B 693 45.21 28.45 53.88
C ARG B 693 44.35 28.46 55.12
N ARG B 694 43.09 28.81 55.00
CA ARG B 694 42.18 28.78 56.11
C ARG B 694 41.23 27.62 55.94
N PRO B 695 41.03 26.79 56.96
CA PRO B 695 40.20 25.61 56.79
C PRO B 695 38.74 25.96 56.69
N ALA B 696 38.01 25.18 55.92
CA ALA B 696 36.61 25.42 55.64
C ALA B 696 35.78 24.38 56.37
N ARG B 697 34.73 24.83 57.02
CA ARG B 697 33.90 23.94 57.83
C ARG B 697 33.15 22.96 56.94
N MET B 698 33.17 21.70 57.32
CA MET B 698 32.58 20.65 56.50
C MET B 698 31.26 20.16 57.04
N ASP B 699 30.72 20.81 58.06
CA ASP B 699 29.42 20.47 58.59
C ASP B 699 28.33 21.42 58.12
N ILE B 700 28.58 22.15 57.05
CA ILE B 700 27.65 23.11 56.48
C ILE B 700 27.58 22.79 55.01
N ALA B 701 26.43 22.32 54.55
CA ALA B 701 26.24 22.17 53.12
C ALA B 701 25.83 23.51 52.54
N MET B 702 26.05 23.68 51.24
CA MET B 702 25.74 24.97 50.65
C MET B 702 25.44 24.78 49.19
N THR B 703 24.73 25.74 48.63
CA THR B 703 24.39 25.76 47.22
C THR B 703 24.02 27.18 46.82
N GLY B 704 24.10 27.47 45.54
CA GLY B 704 23.78 28.77 45.02
C GLY B 704 24.69 29.16 43.88
N GLU B 705 24.19 30.00 42.99
CA GLU B 705 24.90 30.45 41.80
C GLU B 705 25.50 31.82 42.04
N VAL B 706 26.74 32.02 41.63
CA VAL B 706 27.45 33.27 41.85
C VAL B 706 27.48 34.06 40.55
N SER B 707 27.48 35.39 40.64
CA SER B 707 27.69 36.24 39.48
C SER B 707 29.08 36.83 39.57
N LEU B 708 29.40 37.72 38.65
CA LEU B 708 30.77 38.20 38.57
C LEU B 708 31.05 39.30 39.57
N ARG B 709 30.03 40.04 39.99
CA ARG B 709 30.20 41.06 41.00
C ARG B 709 29.80 40.56 42.38
N GLY B 710 29.50 39.29 42.51
CA GLY B 710 29.35 38.67 43.79
C GLY B 710 27.94 38.49 44.29
N LYS B 711 26.94 38.53 43.44
CA LYS B 711 25.58 38.30 43.88
C LYS B 711 25.33 36.80 43.89
N VAL B 712 24.50 36.36 44.82
CA VAL B 712 24.06 34.98 44.87
C VAL B 712 22.68 34.91 44.26
N MET B 713 22.50 34.02 43.29
CA MET B 713 21.33 33.95 42.47
C MET B 713 20.62 32.64 42.70
N PRO B 714 19.30 32.58 42.56
CA PRO B 714 18.55 31.41 43.00
C PRO B 714 18.74 30.20 42.12
N ILE B 715 18.42 29.04 42.68
CA ILE B 715 18.69 27.75 42.08
C ILE B 715 17.41 26.94 42.01
N GLY B 716 17.53 25.72 41.51
CA GLY B 716 16.42 24.80 41.47
C GLY B 716 16.67 23.52 42.23
N GLY B 717 15.62 22.78 42.51
CA GLY B 717 15.72 21.51 43.20
C GLY B 717 15.97 21.60 44.69
N VAL B 718 15.26 22.47 45.40
CA VAL B 718 15.60 22.77 46.78
C VAL B 718 15.22 21.62 47.70
N LYS B 719 14.05 21.02 47.48
CA LYS B 719 13.53 20.01 48.41
C LYS B 719 14.38 18.74 48.40
N GLU B 720 14.79 18.30 47.22
CA GLU B 720 15.62 17.10 47.12
C GLU B 720 16.99 17.31 47.75
N LYS B 721 17.59 18.48 47.52
CA LYS B 721 18.90 18.75 48.07
C LYS B 721 18.85 18.85 49.59
N LEU B 722 17.78 19.40 50.15
CA LEU B 722 17.75 19.49 51.60
C LEU B 722 17.38 18.18 52.26
N LEU B 723 16.60 17.33 51.60
CA LEU B 723 16.37 16.00 52.15
C LEU B 723 17.63 15.17 52.16
N ALA B 724 18.40 15.24 51.07
CA ALA B 724 19.66 14.51 51.02
C ALA B 724 20.67 15.05 52.01
N ALA B 725 20.62 16.34 52.30
CA ALA B 725 21.51 16.84 53.34
C ALA B 725 21.06 16.40 54.71
N HIS B 726 19.75 16.27 54.92
CA HIS B 726 19.28 15.88 56.23
C HIS B 726 19.46 14.41 56.52
N GLN B 727 19.50 13.55 55.51
CA GLN B 727 19.73 12.15 55.78
C GLN B 727 21.17 11.86 56.11
N ALA B 728 22.10 12.60 55.54
CA ALA B 728 23.51 12.38 55.79
C ALA B 728 23.98 12.96 57.10
N GLY B 729 23.12 13.66 57.83
CA GLY B 729 23.50 14.17 59.12
C GLY B 729 24.02 15.58 59.14
N ILE B 730 23.84 16.34 58.08
CA ILE B 730 24.24 17.73 58.07
C ILE B 730 23.05 18.56 58.50
N HIS B 731 23.28 19.52 59.38
CA HIS B 731 22.19 20.28 59.95
C HIS B 731 22.28 21.77 59.73
N LYS B 732 23.24 22.27 58.98
CA LYS B 732 23.34 23.69 58.68
C LYS B 732 23.44 23.87 57.18
N ILE B 733 22.65 24.78 56.63
CA ILE B 733 22.51 24.97 55.19
C ILE B 733 22.76 26.43 54.88
N VAL B 734 23.41 26.71 53.75
CA VAL B 734 23.50 28.05 53.19
C VAL B 734 22.73 28.05 51.89
N LEU B 735 21.88 29.04 51.68
CA LEU B 735 20.92 29.02 50.59
C LEU B 735 20.68 30.44 50.14
N PRO B 736 20.38 30.67 48.87
CA PRO B 736 20.08 32.03 48.42
C PRO B 736 18.80 32.55 49.02
N LYS B 737 18.71 33.87 49.14
CA LYS B 737 17.54 34.46 49.78
C LYS B 737 16.32 34.38 48.88
N ASP B 738 16.51 34.33 47.58
CA ASP B 738 15.37 34.22 46.69
C ASP B 738 14.75 32.83 46.67
N ASN B 739 15.38 31.84 47.27
CA ASN B 739 14.79 30.53 47.42
C ASN B 739 14.08 30.36 48.74
N GLU B 740 13.62 31.44 49.35
CA GLU B 740 12.92 31.31 50.61
C GLU B 740 11.50 30.79 50.38
N ALA B 741 10.93 31.01 49.21
CA ALA B 741 9.57 30.59 48.95
C ALA B 741 9.45 29.09 48.77
N GLN B 742 10.52 28.41 48.42
CA GLN B 742 10.45 26.97 48.23
C GLN B 742 10.67 26.19 49.50
N LEU B 743 10.84 26.85 50.63
CA LEU B 743 11.00 26.10 51.86
C LEU B 743 9.69 25.61 52.44
N GLU B 744 8.56 25.98 51.86
CA GLU B 744 7.28 25.47 52.30
C GLU B 744 6.88 24.21 51.56
N GLU B 745 7.84 23.46 51.07
CA GLU B 745 7.60 22.17 50.48
C GLU B 745 8.18 21.04 51.32
N LEU B 746 8.87 21.33 52.27
CA LEU B 746 9.53 20.40 53.15
C LEU B 746 8.57 19.91 54.22
N PRO B 747 8.82 18.73 54.76
CA PRO B 747 8.11 18.31 55.96
C PRO B 747 8.50 19.16 57.15
N LYS B 748 7.53 19.38 58.04
CA LYS B 748 7.80 20.20 59.20
C LYS B 748 8.63 19.50 60.24
N GLU B 749 8.80 18.19 60.13
CA GLU B 749 9.78 17.50 60.94
C GLU B 749 11.20 17.75 60.45
N VAL B 750 11.37 18.15 59.19
CA VAL B 750 12.70 18.36 58.64
C VAL B 750 13.15 19.79 58.84
N LEU B 751 12.25 20.76 58.64
CA LEU B 751 12.59 22.17 58.83
C LEU B 751 12.94 22.52 60.27
N GLU B 752 12.52 21.72 61.23
CA GLU B 752 12.92 22.00 62.59
C GLU B 752 14.28 21.41 62.92
N GLY B 753 14.75 20.46 62.12
CA GLY B 753 16.10 19.95 62.31
C GLY B 753 17.15 20.81 61.65
N LEU B 754 16.81 21.45 60.54
CA LEU B 754 17.76 22.25 59.79
C LEU B 754 17.88 23.64 60.38
N GLU B 755 19.00 24.27 60.09
CA GLU B 755 19.29 25.64 60.52
C GLU B 755 19.78 26.39 59.29
N ILE B 756 18.90 27.17 58.70
CA ILE B 756 19.11 27.69 57.35
C ILE B 756 19.51 29.15 57.41
N LYS B 757 20.61 29.48 56.76
CA LYS B 757 21.09 30.84 56.62
C LYS B 757 20.89 31.29 55.19
N LEU B 758 20.28 32.45 55.01
CA LEU B 758 19.89 32.95 53.69
C LEU B 758 20.76 34.13 53.34
N VAL B 759 21.45 34.08 52.20
CA VAL B 759 22.50 35.03 51.90
C VAL B 759 22.20 35.74 50.60
N GLU B 760 22.92 36.85 50.38
CA GLU B 760 22.84 37.60 49.14
C GLU B 760 24.18 37.96 48.53
N ASP B 761 25.27 37.91 49.28
CA ASP B 761 26.57 38.23 48.75
C ASP B 761 27.53 37.14 49.16
N VAL B 762 28.58 36.95 48.37
CA VAL B 762 29.56 35.91 48.62
C VAL B 762 30.36 36.18 49.88
N GLY B 763 30.51 37.44 50.25
CA GLY B 763 31.27 37.78 51.44
C GLY B 763 30.65 37.27 52.71
N GLU B 764 29.33 37.17 52.75
CA GLU B 764 28.66 36.57 53.89
C GLU B 764 28.98 35.09 54.02
N VAL B 765 28.97 34.39 52.89
CA VAL B 765 29.32 32.98 52.86
C VAL B 765 30.76 32.77 53.28
N LEU B 766 31.67 33.63 52.82
CA LEU B 766 33.08 33.43 53.15
C LEU B 766 33.38 33.77 54.60
N GLU B 767 32.61 34.67 55.20
CA GLU B 767 32.79 34.84 56.63
C GLU B 767 32.17 33.73 57.43
N TYR B 768 31.11 33.12 56.93
CA TYR B 768 30.47 32.08 57.72
C TYR B 768 31.17 30.74 57.61
N LEU B 769 31.83 30.47 56.50
CA LEU B 769 32.42 29.14 56.30
C LEU B 769 33.86 29.01 56.78
N LEU B 770 34.70 30.00 56.53
CA LEU B 770 36.12 29.81 56.77
C LEU B 770 36.46 30.01 58.23
N LEU B 771 37.33 29.16 58.75
CA LEU B 771 37.83 29.36 60.10
C LEU B 771 38.80 30.54 60.11
N PRO B 772 38.83 31.32 61.17
CA PRO B 772 39.57 32.59 61.13
C PRO B 772 41.07 32.44 61.12
N GLU B 773 41.62 31.25 61.36
CA GLU B 773 43.04 31.13 61.58
C GLU B 773 43.69 30.26 60.51
N PRO B 774 44.81 30.68 59.93
CA PRO B 774 45.53 29.82 58.98
C PRO B 774 46.21 28.67 59.67
N THR B 775 46.39 27.57 58.94
CA THR B 775 47.09 26.40 59.44
C THR B 775 48.32 26.04 58.63
N MET B 776 48.22 25.96 57.32
CA MET B 776 49.34 25.57 56.49
C MET B 776 50.25 26.75 56.25
N PRO B 777 51.51 26.50 55.89
CA PRO B 777 52.35 27.57 55.35
C PRO B 777 51.86 28.00 53.97
N PRO B 778 52.16 29.22 53.54
CA PRO B 778 51.60 29.73 52.29
C PRO B 778 52.17 29.04 51.06
N VAL B 779 51.51 29.29 49.93
CA VAL B 779 51.89 28.66 48.67
C VAL B 779 53.12 29.30 48.04
N VAL B 780 53.53 30.47 48.53
CA VAL B 780 54.69 31.17 47.96
C VAL B 780 55.74 31.44 49.03
N ARG C 2 -1.98 -104.59 24.14
CA ARG C 2 -1.87 -104.98 25.54
C ARG C 2 -0.44 -105.47 25.79
N LEU C 3 0.49 -104.52 25.77
CA LEU C 3 1.92 -104.76 25.98
C LEU C 3 2.53 -103.43 26.42
N GLU C 4 3.75 -103.47 26.92
CA GLU C 4 4.54 -102.26 27.15
C GLU C 4 4.98 -101.71 25.79
N LEU C 5 4.40 -100.58 25.37
CA LEU C 5 4.48 -100.18 23.98
C LEU C 5 5.15 -98.82 23.81
N PRO C 6 5.84 -98.59 22.69
CA PRO C 6 6.58 -97.33 22.52
C PRO C 6 5.67 -96.12 22.35
N VAL C 7 6.00 -95.08 23.09
CA VAL C 7 5.44 -93.74 22.88
C VAL C 7 6.13 -93.18 21.64
N ILE C 8 5.37 -92.63 20.71
CA ILE C 8 5.91 -92.00 19.51
C ILE C 8 5.50 -90.54 19.53
N PRO C 9 6.43 -89.59 19.40
CA PRO C 9 6.03 -88.17 19.36
C PRO C 9 5.25 -87.81 18.11
N LEU C 10 3.95 -87.59 18.29
CA LEU C 10 3.07 -87.24 17.19
C LEU C 10 3.32 -85.81 16.74
N ARG C 11 2.98 -85.56 15.47
CA ARG C 11 3.03 -84.18 14.95
C ARG C 11 1.70 -83.45 15.23
N ASN C 12 0.62 -83.88 14.56
CA ASN C 12 -0.63 -83.14 14.65
C ASN C 12 -1.87 -84.03 14.61
N THR C 13 -1.71 -85.32 14.88
CA THR C 13 -2.80 -86.29 14.76
C THR C 13 -3.36 -86.64 16.13
N VAL C 14 -4.67 -86.50 16.30
CA VAL C 14 -5.38 -86.95 17.48
C VAL C 14 -6.17 -88.20 17.08
N ILE C 15 -5.75 -89.35 17.60
CA ILE C 15 -6.47 -90.59 17.38
C ILE C 15 -7.57 -90.71 18.43
N LEU C 16 -8.81 -90.77 17.96
CA LEU C 16 -10.11 -90.97 18.58
C LEU C 16 -10.53 -92.43 18.42
N PRO C 17 -11.34 -92.97 19.33
CA PRO C 17 -11.83 -94.34 19.13
C PRO C 17 -12.78 -94.41 17.95
N HIS C 18 -12.57 -95.46 17.14
CA HIS C 18 -13.34 -95.79 15.94
C HIS C 18 -13.23 -94.72 14.85
N THR C 19 -12.16 -93.91 14.88
CA THR C 19 -11.95 -92.83 13.93
C THR C 19 -10.45 -92.62 13.76
N THR C 20 -9.96 -92.66 12.53
CA THR C 20 -8.53 -92.64 12.25
C THR C 20 -8.13 -91.42 11.44
N THR C 21 -7.10 -90.71 11.91
CA THR C 21 -6.40 -89.67 11.18
C THR C 21 -5.00 -90.20 10.89
N PRO C 22 -4.48 -90.07 9.67
CA PRO C 22 -3.17 -90.67 9.37
C PRO C 22 -2.00 -89.91 9.99
N VAL C 23 -0.86 -90.59 10.06
CA VAL C 23 0.36 -90.09 10.67
C VAL C 23 1.49 -90.23 9.66
N ASP C 24 2.20 -89.13 9.38
CA ASP C 24 3.39 -89.12 8.54
C ASP C 24 4.62 -89.42 9.40
N VAL C 25 5.48 -90.30 8.89
CA VAL C 25 6.72 -90.69 9.55
C VAL C 25 7.86 -90.41 8.59
N GLY C 26 8.68 -89.40 8.87
CA GLY C 26 9.67 -88.98 7.89
C GLY C 26 11.04 -88.51 8.35
N ARG C 27 11.45 -88.83 9.58
CA ARG C 27 12.80 -88.55 10.08
C ARG C 27 13.29 -89.78 10.83
N ALA C 28 14.60 -90.05 10.72
CA ALA C 28 15.14 -91.36 11.09
C ALA C 28 15.07 -91.66 12.59
N LYS C 29 15.17 -90.62 13.44
CA LYS C 29 15.35 -90.84 14.87
C LYS C 29 14.08 -91.39 15.52
N SER C 30 12.93 -90.79 15.24
CA SER C 30 11.66 -91.37 15.67
C SER C 30 11.18 -92.49 14.76
N LYS C 31 11.77 -92.62 13.56
CA LYS C 31 11.51 -93.79 12.71
C LYS C 31 12.05 -95.06 13.36
N ARG C 32 13.11 -94.93 14.18
CA ARG C 32 13.53 -96.01 15.07
C ARG C 32 12.39 -96.48 15.97
N ALA C 33 11.69 -95.54 16.62
CA ALA C 33 10.58 -95.90 17.51
C ALA C 33 9.39 -96.47 16.74
N VAL C 34 9.13 -95.97 15.54
CA VAL C 34 8.04 -96.48 14.72
C VAL C 34 8.31 -97.92 14.28
N GLU C 35 9.53 -98.19 13.81
CA GLU C 35 9.86 -99.55 13.40
C GLU C 35 10.01 -100.50 14.60
N GLU C 36 10.24 -99.97 15.79
CA GLU C 36 10.13 -100.79 17.00
C GLU C 36 8.68 -101.09 17.32
N ALA C 37 7.77 -100.15 17.04
CA ALA C 37 6.36 -100.45 17.15
C ALA C 37 5.92 -101.47 16.10
N MET C 38 6.67 -101.58 14.99
CA MET C 38 6.46 -102.69 14.07
C MET C 38 6.98 -104.01 14.64
N GLY C 39 7.82 -103.95 15.69
CA GLY C 39 8.39 -105.11 16.35
C GLY C 39 7.98 -105.34 17.78
N ALA C 40 6.89 -104.71 18.24
CA ALA C 40 6.43 -104.83 19.61
C ALA C 40 5.03 -105.43 19.68
N ASP C 41 4.82 -106.56 19.00
CA ASP C 41 3.54 -107.22 18.72
C ASP C 41 2.62 -106.38 17.83
N ARG C 42 3.19 -105.36 17.18
CA ARG C 42 2.54 -104.44 16.25
C ARG C 42 1.30 -103.76 16.83
N LEU C 43 1.34 -103.39 18.10
CA LEU C 43 0.30 -102.56 18.68
C LEU C 43 0.91 -101.21 19.10
N ILE C 44 0.16 -100.13 18.89
CA ILE C 44 0.67 -98.78 18.97
C ILE C 44 -0.21 -97.97 19.91
N PHE C 45 0.41 -97.22 20.82
CA PHE C 45 -0.25 -96.13 21.54
C PHE C 45 0.34 -94.81 21.07
N LEU C 46 -0.51 -93.96 20.51
CA LEU C 46 -0.11 -92.68 19.92
C LEU C 46 -0.44 -91.54 20.88
N VAL C 47 0.49 -91.27 21.80
CA VAL C 47 0.47 -90.07 22.63
C VAL C 47 1.13 -88.98 21.80
N ALA C 48 0.80 -87.71 22.05
CA ALA C 48 1.27 -86.61 21.21
C ALA C 48 2.21 -85.66 21.98
N GLN C 49 2.71 -84.69 21.22
CA GLN C 49 3.42 -83.54 21.75
C GLN C 49 2.39 -82.48 22.12
N ARG C 50 2.82 -81.25 22.35
CA ARG C 50 1.90 -80.16 22.62
C ARG C 50 2.11 -79.01 21.65
N ASP C 51 1.14 -78.08 21.63
CA ASP C 51 1.24 -76.83 20.89
C ASP C 51 2.11 -75.85 21.71
N PRO C 52 2.27 -74.58 21.29
CA PRO C 52 3.59 -74.14 20.76
C PRO C 52 4.80 -74.91 21.25
N GLU C 53 5.64 -75.23 20.27
CA GLU C 53 6.36 -76.50 20.15
C GLU C 53 7.35 -76.71 21.28
N VAL C 54 7.00 -77.57 22.23
CA VAL C 54 7.97 -78.10 23.21
C VAL C 54 7.87 -79.61 23.11
N ASP C 55 8.64 -80.21 22.20
CA ASP C 55 8.73 -81.66 22.07
C ASP C 55 10.07 -82.20 22.55
N ASP C 56 10.75 -81.44 23.40
CA ASP C 56 12.08 -81.78 23.89
C ASP C 56 11.94 -82.82 24.99
N PRO C 57 12.27 -84.09 24.69
CA PRO C 57 11.54 -85.22 25.27
C PRO C 57 11.79 -85.54 26.73
N ALA C 58 11.59 -84.56 27.61
CA ALA C 58 11.70 -84.77 29.03
C ALA C 58 10.48 -85.54 29.51
N PRO C 59 10.65 -86.59 30.33
CA PRO C 59 9.55 -87.53 30.63
C PRO C 59 8.37 -86.94 31.37
N ASP C 60 8.51 -85.87 32.13
CA ASP C 60 7.34 -85.16 32.63
C ASP C 60 7.28 -83.73 32.13
N ASP C 61 7.91 -83.45 31.00
CA ASP C 61 7.27 -82.62 29.98
C ASP C 61 6.21 -83.39 29.21
N LEU C 62 6.21 -84.73 29.30
CA LEU C 62 5.31 -85.59 28.54
C LEU C 62 3.99 -85.79 29.26
N TYR C 63 3.11 -86.56 28.61
CA TYR C 63 1.73 -86.75 29.03
C TYR C 63 1.36 -88.21 28.84
N THR C 64 0.24 -88.63 29.45
CA THR C 64 -0.09 -90.05 29.62
C THR C 64 -1.53 -90.37 29.25
N TRP C 65 -1.97 -89.99 28.06
CA TRP C 65 -3.24 -90.53 27.55
C TRP C 65 -3.04 -91.02 26.13
N GLY C 66 -2.92 -92.33 25.98
CA GLY C 66 -2.58 -92.95 24.72
C GLY C 66 -3.67 -93.89 24.23
N VAL C 67 -3.94 -93.83 22.93
CA VAL C 67 -5.10 -94.45 22.32
C VAL C 67 -4.63 -95.65 21.50
N GLN C 68 -5.40 -96.74 21.56
CA GLN C 68 -5.01 -98.02 21.00
C GLN C 68 -4.91 -97.94 19.48
N ALA C 69 -3.94 -98.67 18.91
CA ALA C 69 -3.82 -98.76 17.47
C ALA C 69 -3.20 -100.10 17.10
N VAL C 70 -3.46 -100.53 15.87
CA VAL C 70 -2.97 -101.80 15.36
C VAL C 70 -2.54 -101.60 13.91
N VAL C 71 -1.41 -102.20 13.54
CA VAL C 71 -0.79 -101.93 12.25
C VAL C 71 -1.59 -102.60 11.15
N LYS C 72 -2.32 -101.80 10.38
CA LYS C 72 -3.17 -102.32 9.31
C LYS C 72 -2.52 -102.21 7.94
N GLN C 73 -2.24 -101.00 7.47
CA GLN C 73 -1.68 -100.80 6.14
C GLN C 73 -0.97 -99.45 6.12
N ALA C 74 -0.28 -99.19 5.00
CA ALA C 74 0.56 -98.01 4.89
C ALA C 74 0.69 -97.60 3.44
N MET C 75 1.47 -96.54 3.21
CA MET C 75 1.75 -96.04 1.88
C MET C 75 3.04 -95.22 1.94
N ARG C 76 4.06 -95.67 1.21
CA ARG C 76 5.35 -94.99 1.18
C ARG C 76 5.44 -94.12 -0.08
N LEU C 77 5.57 -92.81 0.12
CA LEU C 77 5.75 -91.86 -0.98
C LEU C 77 7.11 -91.19 -0.91
N PRO C 78 7.69 -90.86 -2.06
CA PRO C 78 9.02 -90.23 -2.07
C PRO C 78 9.05 -88.76 -1.68
N ASP C 79 7.91 -88.12 -1.41
CA ASP C 79 7.93 -86.69 -1.09
C ASP C 79 8.14 -86.40 0.39
N GLY C 80 8.76 -87.31 1.13
CA GLY C 80 8.92 -87.16 2.56
C GLY C 80 7.78 -87.70 3.38
N THR C 81 6.77 -88.29 2.76
CA THR C 81 5.61 -88.84 3.46
C THR C 81 5.64 -90.35 3.38
N LEU C 82 5.76 -91.00 4.54
CA LEU C 82 5.76 -92.46 4.66
C LEU C 82 4.80 -92.77 5.82
N GLN C 83 3.54 -93.02 5.48
CA GLN C 83 2.46 -92.97 6.46
C GLN C 83 2.10 -94.35 7.01
N VAL C 84 1.03 -94.39 7.81
CA VAL C 84 0.43 -95.62 8.32
C VAL C 84 -1.05 -95.35 8.56
N MET C 85 -1.84 -96.42 8.66
CA MET C 85 -3.29 -96.33 8.83
C MET C 85 -3.72 -97.36 9.87
N VAL C 86 -4.47 -96.91 10.90
CA VAL C 86 -4.85 -97.74 12.03
C VAL C 86 -6.36 -97.65 12.27
N GLU C 87 -6.81 -98.23 13.38
CA GLU C 87 -8.16 -98.02 13.90
C GLU C 87 -8.18 -98.26 15.41
N ALA C 88 -8.81 -97.35 16.15
CA ALA C 88 -8.77 -97.32 17.60
C ALA C 88 -10.04 -97.90 18.23
N ARG C 89 -9.87 -98.50 19.41
CA ARG C 89 -10.96 -99.09 20.18
C ARG C 89 -11.16 -98.41 21.52
N ALA C 90 -10.13 -98.37 22.36
CA ALA C 90 -10.23 -97.91 23.74
C ALA C 90 -8.85 -97.49 24.22
N ARG C 91 -8.76 -96.27 24.76
CA ARG C 91 -7.46 -95.70 25.07
C ARG C 91 -6.89 -96.25 26.37
N ALA C 92 -5.69 -95.78 26.72
CA ALA C 92 -5.02 -96.18 27.96
C ALA C 92 -4.06 -95.06 28.37
N GLN C 93 -3.25 -95.34 29.39
CA GLN C 93 -2.21 -94.45 29.88
C GLN C 93 -0.84 -95.01 29.51
N VAL C 94 0.18 -94.33 30.03
CA VAL C 94 1.54 -94.83 30.08
C VAL C 94 1.96 -94.86 31.55
N THR C 95 2.43 -96.01 32.02
CA THR C 95 2.64 -96.24 33.45
C THR C 95 3.84 -95.47 33.98
N ASP C 96 5.03 -95.82 33.52
CA ASP C 96 6.27 -95.14 33.92
C ASP C 96 7.27 -95.33 32.79
N TYR C 97 7.75 -94.22 32.26
CA TYR C 97 8.54 -94.23 31.03
C TYR C 97 9.94 -94.79 31.27
N ILE C 98 10.67 -94.97 30.18
CA ILE C 98 12.13 -94.89 30.15
C ILE C 98 12.49 -93.88 29.07
N PRO C 99 12.95 -92.69 29.43
CA PRO C 99 12.87 -91.54 28.52
C PRO C 99 13.84 -91.61 27.35
N GLY C 100 13.44 -91.01 26.23
CA GLY C 100 14.10 -91.26 24.97
C GLY C 100 14.29 -90.01 24.14
N PRO C 101 14.73 -90.14 22.87
CA PRO C 101 14.98 -91.27 21.94
C PRO C 101 16.00 -92.37 22.34
N TYR C 102 15.58 -93.65 22.40
CA TYR C 102 14.20 -94.05 22.13
C TYR C 102 13.49 -94.49 23.42
N LEU C 103 12.24 -94.93 23.26
CA LEU C 103 11.29 -95.14 24.36
C LEU C 103 10.86 -96.61 24.41
N ARG C 104 10.58 -97.09 25.62
CA ARG C 104 9.85 -98.33 25.89
C ARG C 104 8.95 -98.11 27.10
N ALA C 105 7.64 -98.32 26.95
CA ALA C 105 6.72 -97.74 27.92
C ALA C 105 5.53 -98.65 28.24
N ARG C 106 5.35 -98.94 29.53
CA ARG C 106 4.23 -99.71 30.05
C ARG C 106 2.97 -98.85 30.09
N GLY C 107 1.81 -99.45 29.82
CA GLY C 107 0.52 -98.84 30.04
C GLY C 107 -0.31 -99.64 31.04
N GLU C 108 -1.35 -99.01 31.59
CA GLU C 108 -2.08 -99.63 32.70
C GLU C 108 -3.14 -100.64 32.26
N VAL C 109 -4.27 -100.13 31.76
CA VAL C 109 -5.49 -100.92 31.49
C VAL C 109 -6.28 -100.21 30.40
N PHE C 110 -7.31 -100.88 29.86
CA PHE C 110 -8.15 -100.28 28.84
C PHE C 110 -9.33 -99.56 29.49
N SER C 111 -9.60 -98.34 29.03
CA SER C 111 -10.58 -97.43 29.64
C SER C 111 -11.52 -96.91 28.58
N GLU C 112 -12.80 -97.22 28.73
CA GLU C 112 -13.87 -96.68 27.91
C GLU C 112 -15.02 -96.32 28.85
N ILE C 113 -14.71 -95.59 29.93
CA ILE C 113 -15.62 -95.47 31.07
C ILE C 113 -16.82 -94.60 30.71
N PHE C 114 -18.02 -95.11 31.07
CA PHE C 114 -19.42 -94.74 30.88
C PHE C 114 -19.82 -93.66 31.87
N PRO C 115 -20.85 -92.86 31.56
CA PRO C 115 -21.47 -92.05 32.60
C PRO C 115 -22.21 -92.94 33.58
N ILE C 116 -22.11 -92.60 34.85
CA ILE C 116 -22.90 -93.24 35.90
C ILE C 116 -23.91 -92.20 36.38
N ASP C 117 -25.19 -92.62 36.48
CA ASP C 117 -26.34 -91.75 36.67
C ASP C 117 -26.43 -90.73 35.52
N GLU C 118 -26.88 -91.24 34.39
CA GLU C 118 -26.87 -90.59 33.07
C GLU C 118 -27.59 -89.24 32.96
N ALA C 119 -28.16 -88.71 34.05
CA ALA C 119 -28.94 -87.48 33.97
C ALA C 119 -28.07 -86.26 33.70
N VAL C 120 -26.92 -86.17 34.35
CA VAL C 120 -26.05 -84.99 34.23
C VAL C 120 -25.42 -84.91 32.85
N VAL C 121 -24.79 -86.02 32.42
CA VAL C 121 -24.26 -86.13 31.07
C VAL C 121 -25.37 -86.07 30.04
N ARG C 122 -26.59 -86.50 30.41
CA ARG C 122 -27.74 -86.43 29.49
C ARG C 122 -28.16 -85.00 29.21
N VAL C 123 -28.25 -84.17 30.27
CA VAL C 123 -28.57 -82.75 30.09
C VAL C 123 -27.45 -82.05 29.34
N LEU C 124 -26.20 -82.48 29.58
CA LEU C 124 -25.06 -81.96 28.82
C LEU C 124 -25.15 -82.34 27.33
N VAL C 125 -25.65 -83.55 27.03
CA VAL C 125 -25.88 -83.99 25.66
C VAL C 125 -26.99 -83.19 25.00
N GLU C 126 -28.08 -82.95 25.73
CA GLU C 126 -29.22 -82.19 25.19
C GLU C 126 -28.83 -80.75 24.88
N GLU C 127 -28.12 -80.10 25.80
CA GLU C 127 -27.67 -78.73 25.57
C GLU C 127 -26.60 -78.66 24.49
N LEU C 128 -25.70 -79.65 24.45
CA LEU C 128 -24.64 -79.67 23.43
C LEU C 128 -25.22 -79.94 22.05
N LYS C 129 -26.33 -80.69 21.98
CA LYS C 129 -26.99 -80.93 20.70
C LYS C 129 -27.76 -79.69 20.23
N GLU C 130 -28.57 -79.10 21.12
CA GLU C 130 -29.33 -77.90 20.74
C GLU C 130 -28.43 -76.72 20.47
N ALA C 131 -27.22 -76.71 21.03
CA ALA C 131 -26.26 -75.66 20.70
C ALA C 131 -25.35 -76.03 19.53
N PHE C 132 -25.24 -77.32 19.18
CA PHE C 132 -24.61 -77.68 17.91
C PHE C 132 -25.52 -77.34 16.74
N GLU C 133 -26.83 -77.25 17.00
CA GLU C 133 -27.71 -76.55 16.06
C GLU C 133 -27.31 -75.08 15.93
N LYS C 134 -26.95 -74.45 17.06
CA LYS C 134 -26.54 -73.05 17.02
C LYS C 134 -25.11 -72.89 16.53
N TYR C 135 -24.26 -73.88 16.79
CA TYR C 135 -22.85 -73.80 16.42
C TYR C 135 -22.64 -73.80 14.91
N VAL C 136 -23.34 -74.70 14.21
CA VAL C 136 -22.99 -75.00 12.82
C VAL C 136 -23.41 -73.90 11.86
N ALA C 137 -24.33 -73.02 12.29
CA ALA C 137 -24.95 -72.05 11.38
C ALA C 137 -23.96 -70.98 10.92
N ASN C 138 -23.15 -70.47 11.83
CA ASN C 138 -22.01 -69.65 11.46
C ASN C 138 -20.73 -70.45 11.26
N HIS C 139 -20.85 -71.78 11.18
CA HIS C 139 -19.72 -72.66 10.90
C HIS C 139 -19.85 -73.31 9.53
N LYS C 140 -20.84 -72.87 8.74
CA LYS C 140 -21.04 -73.28 7.33
C LYS C 140 -19.98 -72.74 6.36
N SER C 141 -18.90 -72.09 6.84
CA SER C 141 -17.98 -71.33 6.00
C SER C 141 -17.15 -72.20 5.06
N LEU C 142 -16.97 -73.48 5.40
CA LEU C 142 -16.32 -74.46 4.52
C LEU C 142 -17.23 -74.90 3.37
N ARG C 143 -18.43 -74.33 3.27
CA ARG C 143 -19.43 -74.58 2.23
C ARG C 143 -19.86 -76.05 2.25
N LEU C 144 -20.47 -76.42 3.37
CA LEU C 144 -21.00 -77.75 3.62
C LEU C 144 -22.51 -77.72 3.54
N ASP C 145 -23.12 -78.81 3.07
CA ASP C 145 -24.57 -78.90 3.07
C ASP C 145 -25.08 -79.23 4.47
N ARG C 146 -26.41 -79.26 4.61
CA ARG C 146 -27.05 -79.36 5.92
C ARG C 146 -27.14 -80.79 6.44
N TYR C 147 -26.70 -81.79 5.66
CA TYR C 147 -27.21 -83.16 5.80
C TYR C 147 -26.12 -84.15 6.20
N GLN C 148 -25.27 -83.79 7.17
CA GLN C 148 -24.17 -84.63 7.65
C GLN C 148 -24.51 -85.38 8.94
N LEU C 149 -24.84 -84.62 9.99
CA LEU C 149 -25.09 -85.22 11.30
C LEU C 149 -26.40 -86.00 11.31
N GLU C 150 -27.35 -85.63 10.46
CA GLU C 150 -28.56 -86.44 10.32
C GLU C 150 -28.40 -87.57 9.30
N ALA C 151 -27.20 -87.77 8.78
CA ALA C 151 -26.87 -88.96 8.00
C ALA C 151 -25.94 -89.92 8.73
N VAL C 152 -25.17 -89.45 9.72
CA VAL C 152 -24.39 -90.35 10.56
C VAL C 152 -24.65 -90.13 12.05
N LYS C 153 -25.86 -89.70 12.44
CA LYS C 153 -26.14 -89.47 13.85
C LYS C 153 -26.30 -90.76 14.64
N GLY C 154 -26.60 -91.88 13.98
CA GLY C 154 -27.09 -93.08 14.64
C GLY C 154 -26.10 -93.89 15.47
N THR C 155 -25.04 -93.25 15.98
CA THR C 155 -24.10 -93.92 16.86
C THR C 155 -24.73 -94.20 18.21
N SER C 156 -24.74 -95.48 18.61
CA SER C 156 -25.34 -95.88 19.88
C SER C 156 -24.43 -95.55 21.07
N ASP C 157 -23.11 -95.66 20.88
CA ASP C 157 -22.15 -95.43 21.95
C ASP C 157 -22.07 -93.93 22.24
N PRO C 158 -22.42 -93.48 23.47
CA PRO C 158 -22.53 -92.03 23.70
C PRO C 158 -21.21 -91.28 23.73
N ALA C 159 -20.12 -91.90 24.22
CA ALA C 159 -18.82 -91.25 24.18
C ALA C 159 -18.29 -91.15 22.75
N MET C 160 -18.44 -92.23 21.98
CA MET C 160 -18.13 -92.20 20.55
C MET C 160 -19.00 -91.19 19.81
N LEU C 161 -20.25 -91.00 20.24
CA LEU C 161 -21.11 -90.02 19.57
C LEU C 161 -20.71 -88.59 19.94
N ALA C 162 -20.25 -88.37 21.18
CA ALA C 162 -19.70 -87.05 21.55
C ALA C 162 -18.46 -86.74 20.74
N ASP C 163 -17.55 -87.71 20.62
CA ASP C 163 -16.33 -87.47 19.88
C ASP C 163 -16.58 -87.46 18.37
N THR C 164 -17.71 -88.00 17.90
CA THR C 164 -18.08 -87.96 16.49
C THR C 164 -18.70 -86.61 16.12
N ILE C 165 -19.54 -86.05 17.00
CA ILE C 165 -19.98 -84.67 16.85
C ILE C 165 -18.79 -83.72 16.86
N ALA C 166 -17.89 -83.91 17.82
CA ALA C 166 -16.72 -83.04 17.96
C ALA C 166 -15.70 -83.23 16.86
N TYR C 167 -15.70 -84.36 16.14
CA TYR C 167 -14.59 -84.62 15.23
C TYR C 167 -14.67 -83.82 13.94
N HIS C 168 -15.88 -83.59 13.42
CA HIS C 168 -16.05 -82.92 12.13
C HIS C 168 -16.38 -81.44 12.27
N ALA C 169 -15.80 -80.80 13.27
CA ALA C 169 -15.91 -79.36 13.49
C ALA C 169 -14.52 -78.81 13.78
N THR C 170 -13.57 -79.13 12.90
CA THR C 170 -12.15 -79.21 13.25
C THR C 170 -11.54 -77.87 13.65
N TRP C 171 -10.76 -77.92 14.73
CA TRP C 171 -9.91 -76.86 15.26
C TRP C 171 -8.48 -77.40 15.36
N THR C 172 -7.62 -76.66 16.05
CA THR C 172 -6.19 -76.94 16.03
C THR C 172 -5.83 -78.10 16.96
N VAL C 173 -4.53 -78.29 17.17
CA VAL C 173 -4.02 -79.42 17.92
C VAL C 173 -4.28 -79.27 19.42
N ALA C 174 -4.23 -78.03 19.93
CA ALA C 174 -4.15 -77.80 21.38
C ALA C 174 -5.44 -78.22 22.11
N GLU C 175 -6.60 -77.78 21.62
CA GLU C 175 -7.83 -78.06 22.33
C GLU C 175 -8.23 -79.52 22.18
N LYS C 176 -7.95 -80.13 21.03
CA LYS C 176 -8.15 -81.58 20.92
C LYS C 176 -7.18 -82.37 21.79
N GLN C 177 -6.01 -81.82 22.10
CA GLN C 177 -5.12 -82.50 23.04
C GLN C 177 -5.66 -82.45 24.47
N GLU C 178 -6.03 -81.26 24.95
CA GLU C 178 -6.52 -81.22 26.33
C GLU C 178 -7.93 -81.77 26.47
N ILE C 179 -8.65 -81.98 25.35
CA ILE C 179 -9.88 -82.78 25.38
C ILE C 179 -9.55 -84.28 25.24
N LEU C 180 -8.45 -84.64 24.57
CA LEU C 180 -7.89 -85.99 24.61
C LEU C 180 -7.37 -86.37 25.99
N GLU C 181 -7.17 -85.40 26.87
CA GLU C 181 -6.69 -85.73 28.20
C GLU C 181 -7.72 -85.52 29.31
N LEU C 182 -8.77 -84.71 29.10
CA LEU C 182 -9.83 -84.56 30.11
C LEU C 182 -10.69 -85.80 30.19
N THR C 183 -10.16 -86.82 30.83
CA THR C 183 -10.85 -88.10 30.91
C THR C 183 -12.00 -88.11 31.89
N ASP C 184 -12.05 -87.18 32.82
CA ASP C 184 -13.30 -86.90 33.52
C ASP C 184 -14.25 -86.28 32.51
N LEU C 185 -15.47 -86.80 32.46
CA LEU C 185 -16.38 -86.49 31.35
C LEU C 185 -16.98 -85.10 31.47
N GLU C 186 -17.30 -84.67 32.68
CA GLU C 186 -18.21 -83.54 32.86
C GLU C 186 -17.54 -82.23 32.46
N ALA C 187 -16.36 -81.96 33.04
CA ALA C 187 -15.58 -80.78 32.65
C ALA C 187 -15.15 -80.86 31.21
N ARG C 188 -14.89 -82.07 30.71
CA ARG C 188 -14.55 -82.27 29.31
C ARG C 188 -15.64 -81.73 28.38
N LEU C 189 -16.85 -82.30 28.43
CA LEU C 189 -17.87 -81.90 27.46
C LEU C 189 -18.50 -80.53 27.77
N LYS C 190 -18.52 -80.09 29.04
CA LYS C 190 -18.90 -78.71 29.31
C LYS C 190 -17.88 -77.74 28.74
N LYS C 191 -16.59 -78.11 28.80
CA LYS C 191 -15.56 -77.30 28.18
C LYS C 191 -15.64 -77.38 26.66
N VAL C 192 -16.12 -78.50 26.11
CA VAL C 192 -16.38 -78.63 24.68
C VAL C 192 -17.46 -77.64 24.25
N LEU C 193 -18.51 -77.52 25.05
CA LEU C 193 -19.57 -76.56 24.74
C LEU C 193 -19.06 -75.12 24.87
N GLY C 194 -18.17 -74.88 25.84
CA GLY C 194 -17.50 -73.59 25.90
C GLY C 194 -16.64 -73.29 24.67
N LEU C 195 -15.96 -74.28 24.12
CA LEU C 195 -15.14 -74.07 22.94
C LEU C 195 -15.99 -73.89 21.68
N LEU C 196 -17.14 -74.58 21.61
CA LEU C 196 -18.07 -74.38 20.51
C LEU C 196 -18.62 -72.96 20.52
N SER C 197 -18.95 -72.46 21.71
CA SER C 197 -19.35 -71.06 21.84
C SER C 197 -18.21 -70.10 21.52
N ARG C 198 -16.95 -70.51 21.80
CA ARG C 198 -15.80 -69.70 21.42
C ARG C 198 -15.69 -69.59 19.90
N ASP C 199 -15.85 -70.70 19.18
CA ASP C 199 -15.80 -70.65 17.72
C ASP C 199 -17.02 -69.93 17.15
N LEU C 200 -18.16 -70.04 17.82
CA LEU C 200 -19.37 -69.29 17.47
C LEU C 200 -19.12 -67.79 17.49
N GLU C 201 -18.70 -67.26 18.64
CA GLU C 201 -18.44 -65.84 18.74
C GLU C 201 -17.15 -65.43 18.03
N ARG C 202 -16.29 -66.40 17.67
CA ARG C 202 -15.19 -66.14 16.75
C ARG C 202 -15.71 -65.72 15.38
N PHE C 203 -16.56 -66.56 14.76
CA PHE C 203 -17.13 -66.20 13.47
C PHE C 203 -18.04 -64.97 13.56
N GLU C 204 -18.64 -64.72 14.73
CA GLU C 204 -19.48 -63.54 14.85
C GLU C 204 -18.68 -62.24 15.04
N LEU C 205 -17.54 -62.27 15.72
CA LEU C 205 -16.68 -61.08 15.75
C LEU C 205 -16.04 -60.86 14.38
N ASP C 206 -15.79 -61.94 13.63
CA ASP C 206 -15.37 -61.82 12.23
C ASP C 206 -16.42 -61.09 11.41
N LYS C 207 -17.69 -61.47 11.59
CA LYS C 207 -18.81 -60.80 10.93
C LYS C 207 -18.89 -59.33 11.32
N ARG C 208 -18.60 -58.99 12.58
CA ARG C 208 -18.73 -57.61 13.04
C ARG C 208 -17.63 -56.71 12.46
N VAL C 209 -16.39 -57.20 12.45
CA VAL C 209 -15.28 -56.39 11.92
C VAL C 209 -15.39 -56.26 10.40
N ALA C 210 -15.67 -57.37 9.70
CA ALA C 210 -15.90 -57.29 8.27
C ALA C 210 -17.14 -56.48 7.95
N GLN C 211 -18.10 -56.41 8.90
CA GLN C 211 -19.31 -55.64 8.71
C GLN C 211 -19.01 -54.16 8.66
N ARG C 212 -18.28 -53.65 9.66
CA ARG C 212 -17.94 -52.22 9.65
C ARG C 212 -17.01 -51.86 8.49
N VAL C 213 -16.07 -52.75 8.13
CA VAL C 213 -15.14 -52.45 7.03
C VAL C 213 -15.87 -52.43 5.68
N LYS C 214 -16.80 -53.35 5.45
CA LYS C 214 -17.46 -53.32 4.16
C LYS C 214 -18.65 -52.37 4.13
N GLU C 215 -19.17 -51.96 5.30
CA GLU C 215 -19.95 -50.73 5.38
C GLU C 215 -19.16 -49.57 4.82
N GLN C 216 -17.91 -49.43 5.26
CA GLN C 216 -17.05 -48.35 4.79
C GLN C 216 -16.84 -48.44 3.28
N MET C 217 -16.59 -49.66 2.78
CA MET C 217 -16.33 -49.86 1.35
C MET C 217 -17.55 -49.51 0.50
N ASP C 218 -18.68 -50.20 0.69
CA ASP C 218 -19.82 -50.01 -0.21
C ASP C 218 -20.50 -48.68 0.03
N THR C 219 -20.52 -48.20 1.26
CA THR C 219 -21.11 -46.90 1.53
C THR C 219 -20.29 -45.80 0.88
N ASN C 220 -18.95 -45.92 0.93
CA ASN C 220 -18.11 -44.99 0.21
C ASN C 220 -18.29 -45.10 -1.29
N GLN C 221 -18.52 -46.32 -1.80
CA GLN C 221 -18.82 -46.49 -3.23
C GLN C 221 -20.05 -45.68 -3.65
N ARG C 222 -21.13 -45.81 -2.87
CA ARG C 222 -22.36 -45.04 -3.13
C ARG C 222 -22.10 -43.54 -3.11
N GLU C 223 -21.33 -43.11 -2.11
CA GLU C 223 -20.97 -41.71 -2.00
C GLU C 223 -20.11 -41.25 -3.17
N TYR C 224 -19.22 -42.09 -3.63
CA TYR C 224 -18.28 -41.57 -4.60
C TYR C 224 -18.95 -41.55 -5.96
N TYR C 225 -19.91 -42.45 -6.19
CA TYR C 225 -20.81 -42.32 -7.34
C TYR C 225 -21.57 -41.00 -7.33
N LEU C 226 -22.20 -40.66 -6.18
CA LEU C 226 -22.90 -39.39 -6.05
C LEU C 226 -22.04 -38.23 -6.51
N ARG C 227 -20.80 -38.23 -6.04
CA ARG C 227 -20.02 -37.07 -6.37
C ARG C 227 -19.35 -37.22 -7.73
N GLU C 228 -19.33 -38.41 -8.30
CA GLU C 228 -19.06 -38.56 -9.73
C GLU C 228 -20.12 -37.86 -10.56
N GLN C 229 -21.37 -37.94 -10.11
CA GLN C 229 -22.42 -37.25 -10.85
C GLN C 229 -22.26 -35.74 -10.72
N MET C 230 -21.84 -35.31 -9.53
CA MET C 230 -21.51 -33.90 -9.36
C MET C 230 -20.33 -33.50 -10.20
N LYS C 231 -19.38 -34.42 -10.42
CA LYS C 231 -18.33 -34.17 -11.40
C LYS C 231 -18.89 -33.90 -12.77
N ALA C 232 -19.88 -34.71 -13.19
CA ALA C 232 -20.42 -34.59 -14.54
C ALA C 232 -21.11 -33.25 -14.76
N ILE C 233 -22.01 -32.90 -13.85
CA ILE C 233 -22.74 -31.65 -14.05
C ILE C 233 -21.87 -30.44 -13.69
N GLN C 234 -20.98 -30.59 -12.70
CA GLN C 234 -20.00 -29.57 -12.34
C GLN C 234 -19.12 -29.19 -13.51
N LYS C 235 -18.67 -30.20 -14.27
CA LYS C 235 -18.01 -29.98 -15.54
C LYS C 235 -18.92 -29.21 -16.47
N GLU C 236 -20.03 -29.81 -16.84
CA GLU C 236 -20.77 -29.32 -18.00
C GLU C 236 -21.62 -28.09 -17.69
N LEU C 237 -21.62 -27.62 -16.45
CA LEU C 237 -22.58 -26.59 -16.09
C LEU C 237 -22.16 -25.22 -16.60
N GLY C 238 -20.87 -25.05 -16.89
CA GLY C 238 -20.37 -23.77 -17.44
C GLY C 238 -19.07 -23.99 -18.18
N GLY C 239 -18.80 -25.22 -18.62
CA GLY C 239 -17.53 -25.54 -19.29
C GLY C 239 -16.49 -26.00 -18.29
N GLU C 240 -15.42 -26.66 -18.75
CA GLU C 240 -14.43 -27.20 -17.78
C GLU C 240 -13.14 -26.38 -17.86
N ASP C 241 -12.79 -25.68 -16.78
CA ASP C 241 -11.51 -24.93 -16.73
C ASP C 241 -10.37 -25.95 -16.76
N GLY C 242 -10.53 -27.06 -16.03
CA GLY C 242 -9.48 -28.09 -15.94
C GLY C 242 -9.87 -29.16 -14.95
N LEU C 243 -8.94 -30.04 -14.57
CA LEU C 243 -9.22 -31.06 -13.54
C LEU C 243 -9.51 -30.36 -12.20
N SER C 244 -9.78 -29.05 -12.22
CA SER C 244 -10.09 -28.24 -11.02
C SER C 244 -8.75 -28.12 -10.31
N ASP C 245 -8.03 -27.05 -10.59
CA ASP C 245 -6.66 -26.89 -10.12
C ASP C 245 -6.60 -26.74 -8.61
N LEU C 246 -7.71 -26.42 -7.97
CA LEU C 246 -7.78 -26.61 -6.53
C LEU C 246 -7.68 -28.08 -6.15
N GLU C 247 -8.21 -28.97 -6.99
CA GLU C 247 -8.01 -30.39 -6.72
C GLU C 247 -6.58 -30.82 -7.04
N ALA C 248 -5.94 -30.13 -7.99
CA ALA C 248 -4.51 -30.35 -8.22
C ALA C 248 -3.70 -29.92 -7.00
N LEU C 249 -4.07 -28.81 -6.37
CA LEU C 249 -3.43 -28.41 -5.12
C LEU C 249 -3.69 -29.42 -4.01
N ARG C 250 -4.90 -29.96 -3.96
CA ARG C 250 -5.20 -30.92 -2.91
C ARG C 250 -4.44 -32.21 -3.10
N LYS C 251 -4.19 -32.60 -4.35
CA LYS C 251 -3.30 -33.73 -4.59
C LYS C 251 -1.88 -33.41 -4.21
N LYS C 252 -1.38 -32.24 -4.61
CA LYS C 252 0.03 -31.93 -4.44
C LYS C 252 0.39 -31.71 -2.98
N ILE C 253 -0.57 -31.25 -2.16
CA ILE C 253 -0.32 -31.06 -0.74
C ILE C 253 -0.04 -32.39 -0.04
N GLU C 254 -0.73 -33.45 -0.46
CA GLU C 254 -0.51 -34.74 0.14
C GLU C 254 0.57 -35.55 -0.58
N GLU C 255 1.43 -34.89 -1.35
CA GLU C 255 2.59 -35.52 -1.96
C GLU C 255 3.89 -34.98 -1.39
N VAL C 256 4.10 -33.67 -1.48
CA VAL C 256 5.37 -33.10 -1.06
C VAL C 256 5.43 -33.07 0.46
N GLY C 257 6.42 -33.77 1.03
CA GLY C 257 6.65 -33.77 2.45
C GLY C 257 5.48 -34.35 3.21
N MET C 258 4.88 -33.59 4.11
CA MET C 258 5.42 -32.37 4.67
C MET C 258 5.13 -32.61 6.16
N PRO C 259 5.66 -31.81 7.09
CA PRO C 259 5.35 -32.03 8.50
C PRO C 259 3.87 -31.88 8.81
N GLU C 260 3.49 -32.40 9.97
CA GLU C 260 2.08 -32.61 10.23
C GLU C 260 1.36 -31.31 10.55
N ALA C 261 2.00 -30.45 11.33
CA ALA C 261 1.39 -29.18 11.70
C ALA C 261 1.24 -28.28 10.48
N VAL C 262 2.24 -28.27 9.62
CA VAL C 262 2.14 -27.41 8.45
C VAL C 262 1.20 -28.01 7.42
N LYS C 263 0.98 -29.32 7.45
CA LYS C 263 0.01 -29.91 6.54
C LYS C 263 -1.40 -29.57 6.99
N THR C 264 -1.63 -29.57 8.31
CA THR C 264 -2.92 -29.15 8.84
C THR C 264 -3.19 -27.68 8.51
N LYS C 265 -2.19 -26.83 8.67
CA LYS C 265 -2.34 -25.41 8.35
C LYS C 265 -2.62 -25.21 6.87
N ALA C 266 -1.96 -25.98 6.01
CA ALA C 266 -2.20 -25.83 4.58
C ALA C 266 -3.58 -26.34 4.18
N LEU C 267 -4.09 -27.37 4.83
CA LEU C 267 -5.41 -27.84 4.45
C LEU C 267 -6.52 -26.91 4.94
N LYS C 268 -6.33 -26.28 6.10
CA LYS C 268 -7.30 -25.28 6.53
C LYS C 268 -7.28 -24.06 5.61
N GLU C 269 -6.09 -23.63 5.19
CA GLU C 269 -5.99 -22.53 4.24
C GLU C 269 -6.62 -22.88 2.90
N LEU C 270 -6.51 -24.14 2.47
CA LEU C 270 -7.13 -24.56 1.23
C LEU C 270 -8.64 -24.55 1.32
N ASP C 271 -9.20 -25.06 2.41
CA ASP C 271 -10.66 -25.05 2.55
C ASP C 271 -11.20 -23.65 2.69
N ARG C 272 -10.42 -22.74 3.27
CA ARG C 272 -10.81 -21.32 3.28
C ARG C 272 -10.80 -20.73 1.89
N LEU C 273 -9.81 -21.05 1.06
CA LEU C 273 -9.79 -20.56 -0.31
C LEU C 273 -10.90 -21.19 -1.15
N GLU C 274 -11.35 -22.38 -0.78
CA GLU C 274 -12.27 -23.11 -1.63
C GLU C 274 -13.67 -22.50 -1.61
N ARG C 275 -14.11 -21.98 -0.47
CA ARG C 275 -15.47 -21.49 -0.34
C ARG C 275 -15.62 -19.99 -0.54
N MET C 276 -14.56 -19.30 -0.94
CA MET C 276 -14.73 -17.90 -1.31
C MET C 276 -14.78 -17.77 -2.82
N GLN C 277 -15.33 -16.66 -3.29
CA GLN C 277 -15.49 -16.44 -4.71
C GLN C 277 -14.15 -16.06 -5.32
N GLN C 278 -13.83 -16.67 -6.45
CA GLN C 278 -12.54 -16.47 -7.07
C GLN C 278 -12.50 -15.12 -7.77
N GLY C 279 -11.30 -14.59 -7.92
CA GLY C 279 -11.13 -13.25 -8.42
C GLY C 279 -11.19 -12.19 -7.35
N SER C 280 -11.54 -12.56 -6.12
CA SER C 280 -11.43 -11.65 -4.99
C SER C 280 -9.97 -11.29 -4.77
N PRO C 281 -9.68 -10.10 -4.26
CA PRO C 281 -8.30 -9.78 -3.89
C PRO C 281 -7.84 -10.57 -2.69
N GLU C 282 -8.77 -11.08 -1.89
CA GLU C 282 -8.43 -12.02 -0.83
C GLU C 282 -7.95 -13.33 -1.40
N ALA C 283 -8.57 -13.79 -2.48
CA ALA C 283 -8.25 -15.12 -3.01
C ALA C 283 -6.92 -15.15 -3.73
N THR C 284 -6.52 -14.06 -4.36
CA THR C 284 -5.24 -14.04 -5.04
C THR C 284 -4.05 -13.93 -4.09
N VAL C 285 -4.28 -13.76 -2.80
CA VAL C 285 -3.22 -13.87 -1.81
C VAL C 285 -3.15 -15.27 -1.26
N ALA C 286 -4.30 -15.88 -1.01
CA ALA C 286 -4.37 -17.23 -0.51
C ALA C 286 -3.97 -18.26 -1.54
N ARG C 287 -3.99 -17.93 -2.82
CA ARG C 287 -3.47 -18.88 -3.77
C ARG C 287 -1.97 -18.82 -3.89
N THR C 288 -1.40 -17.61 -3.84
CA THR C 288 0.04 -17.45 -3.94
C THR C 288 0.75 -18.03 -2.73
N TYR C 289 0.12 -17.93 -1.56
CA TYR C 289 0.69 -18.55 -0.37
C TYR C 289 0.72 -20.07 -0.48
N LEU C 290 -0.34 -20.67 -1.03
CA LEU C 290 -0.35 -22.11 -1.22
C LEU C 290 0.56 -22.55 -2.35
N ASP C 291 0.86 -21.67 -3.29
CA ASP C 291 1.87 -22.03 -4.28
C ASP C 291 3.27 -21.98 -3.68
N TRP C 292 3.54 -21.03 -2.79
CA TRP C 292 4.85 -21.06 -2.14
C TRP C 292 5.00 -22.19 -1.14
N LEU C 293 3.92 -22.66 -0.51
CA LEU C 293 4.13 -23.75 0.44
C LEU C 293 4.35 -25.10 -0.22
N THR C 294 3.99 -25.25 -1.49
CA THR C 294 4.11 -26.55 -2.13
C THR C 294 5.28 -26.60 -3.09
N GLU C 295 6.12 -25.59 -3.11
CA GLU C 295 7.24 -25.54 -4.02
C GLU C 295 8.57 -25.39 -3.33
N VAL C 296 8.60 -25.41 -2.01
CA VAL C 296 9.86 -25.50 -1.29
C VAL C 296 10.05 -26.97 -0.96
N PRO C 297 11.28 -27.46 -0.85
CA PRO C 297 11.48 -28.90 -0.63
C PRO C 297 11.22 -29.28 0.82
N TRP C 298 10.49 -30.37 0.99
CA TRP C 298 10.27 -30.98 2.29
C TRP C 298 10.70 -32.44 2.12
N SER C 299 11.81 -32.80 2.75
CA SER C 299 12.36 -34.16 2.77
C SER C 299 12.69 -34.70 1.37
N LYS C 300 13.54 -33.97 0.66
CA LYS C 300 14.20 -34.45 -0.55
C LYS C 300 15.67 -34.15 -0.40
N ALA C 301 16.51 -35.16 -0.57
CA ALA C 301 17.92 -35.01 -0.30
C ALA C 301 18.73 -35.74 -1.34
N ASP C 302 19.84 -35.26 -1.59
CA ASP C 302 20.80 -35.98 -2.40
C ASP C 302 21.76 -36.77 -1.51
N PRO C 303 22.23 -37.94 -1.95
CA PRO C 303 23.00 -38.81 -1.06
C PRO C 303 24.37 -38.25 -0.70
N GLU C 304 24.82 -38.61 0.50
CA GLU C 304 25.87 -37.89 1.18
C GLU C 304 27.06 -38.75 1.57
N VAL C 305 26.89 -40.05 1.73
CA VAL C 305 28.03 -40.94 1.97
C VAL C 305 28.76 -41.13 0.65
N LEU C 306 29.99 -40.66 0.59
CA LEU C 306 30.81 -40.79 -0.59
C LEU C 306 32.15 -41.37 -0.20
N ASP C 307 32.89 -41.87 -1.18
CA ASP C 307 34.25 -42.28 -0.89
C ASP C 307 35.17 -41.07 -0.87
N ILE C 308 36.24 -41.20 -0.12
CA ILE C 308 37.02 -40.03 0.23
C ILE C 308 38.19 -39.82 -0.74
N ASN C 309 38.72 -40.88 -1.33
CA ASN C 309 39.86 -40.72 -2.22
C ASN C 309 39.42 -40.09 -3.53
N HIS C 310 38.21 -40.44 -3.98
CA HIS C 310 37.66 -39.84 -5.19
C HIS C 310 37.41 -38.35 -5.00
N THR C 311 36.94 -37.97 -3.82
CA THR C 311 36.74 -36.56 -3.53
C THR C 311 38.07 -35.84 -3.42
N ARG C 312 39.11 -36.51 -2.94
CA ARG C 312 40.43 -35.91 -2.92
C ARG C 312 40.94 -35.63 -4.33
N GLN C 313 40.68 -36.55 -5.26
CA GLN C 313 41.07 -36.33 -6.65
C GLN C 313 40.33 -35.17 -7.28
N VAL C 314 39.00 -35.13 -7.08
CA VAL C 314 38.22 -34.08 -7.74
C VAL C 314 38.53 -32.72 -7.12
N LEU C 315 38.95 -32.69 -5.86
CA LEU C 315 39.43 -31.43 -5.29
C LEU C 315 40.73 -30.99 -5.94
N ASP C 316 41.70 -31.90 -6.08
CA ASP C 316 42.87 -31.43 -6.82
C ASP C 316 42.80 -31.76 -8.32
N GLU C 317 41.65 -31.48 -8.91
CA GLU C 317 41.57 -31.26 -10.35
C GLU C 317 41.21 -29.83 -10.72
N ASP C 318 40.92 -28.98 -9.76
CA ASP C 318 40.49 -27.63 -10.06
C ASP C 318 41.23 -26.58 -9.27
N HIS C 319 41.96 -26.95 -8.24
CA HIS C 319 42.70 -25.98 -7.48
C HIS C 319 44.04 -26.55 -7.07
N TYR C 320 45.06 -25.73 -7.23
CA TYR C 320 46.39 -26.00 -6.74
C TYR C 320 46.50 -25.57 -5.28
N GLY C 321 47.24 -26.33 -4.49
CA GLY C 321 47.48 -25.94 -3.11
C GLY C 321 46.24 -26.07 -2.25
N LEU C 322 46.04 -25.10 -1.36
CA LEU C 322 44.85 -24.95 -0.51
C LEU C 322 44.63 -26.17 0.39
N LYS C 323 45.58 -26.41 1.30
CA LYS C 323 45.60 -27.64 2.07
C LYS C 323 44.42 -27.75 3.02
N ASP C 324 44.27 -26.78 3.91
CA ASP C 324 43.42 -27.01 5.07
C ASP C 324 41.94 -26.93 4.75
N VAL C 325 41.56 -26.25 3.67
CA VAL C 325 40.14 -26.26 3.27
C VAL C 325 39.78 -27.62 2.70
N LYS C 326 40.64 -28.16 1.85
CA LYS C 326 40.49 -29.53 1.37
C LYS C 326 40.47 -30.52 2.50
N GLU C 327 41.31 -30.31 3.51
CA GLU C 327 41.34 -31.25 4.60
C GLU C 327 40.12 -31.11 5.50
N ARG C 328 39.52 -29.93 5.59
CA ARG C 328 38.26 -29.83 6.32
C ARG C 328 37.16 -30.58 5.61
N ILE C 329 37.15 -30.54 4.27
CA ILE C 329 36.15 -31.31 3.54
C ILE C 329 36.39 -32.81 3.71
N LEU C 330 37.65 -33.22 3.75
CA LEU C 330 37.92 -34.65 3.89
C LEU C 330 37.60 -35.14 5.29
N GLU C 331 37.81 -34.30 6.30
CA GLU C 331 37.39 -34.65 7.66
C GLU C 331 35.88 -34.72 7.78
N TYR C 332 35.16 -33.83 7.10
CA TYR C 332 33.71 -33.92 7.07
C TYR C 332 33.25 -35.23 6.46
N LEU C 333 33.88 -35.65 5.38
CA LEU C 333 33.49 -36.93 4.78
C LEU C 333 33.93 -38.11 5.62
N ALA C 334 34.99 -37.94 6.42
CA ALA C 334 35.41 -39.00 7.32
C ALA C 334 34.40 -39.22 8.43
N VAL C 335 33.95 -38.12 9.06
CA VAL C 335 32.90 -38.19 10.06
C VAL C 335 31.63 -38.77 9.46
N ARG C 336 31.25 -38.26 8.29
CA ARG C 336 29.97 -38.65 7.72
C ARG C 336 29.99 -40.06 7.18
N GLN C 337 31.16 -40.61 6.88
CA GLN C 337 31.24 -42.04 6.59
C GLN C 337 31.19 -42.86 7.86
N LEU C 338 31.92 -42.42 8.89
CA LEU C 338 32.04 -43.22 10.09
C LEU C 338 30.73 -43.26 10.86
N THR C 339 30.08 -42.13 10.94
CA THR C 339 28.70 -42.05 11.43
C THR C 339 27.80 -42.53 10.32
N GLN C 340 27.31 -43.75 10.45
CA GLN C 340 26.38 -44.29 9.46
C GLN C 340 25.56 -45.38 10.13
N GLY C 341 24.25 -45.29 9.99
CA GLY C 341 23.34 -46.13 10.75
C GLY C 341 23.08 -45.67 12.15
N LEU C 342 23.88 -44.74 12.68
CA LEU C 342 23.66 -44.22 14.01
C LEU C 342 22.58 -43.14 13.97
N ASP C 343 22.15 -42.71 15.15
CA ASP C 343 21.03 -41.78 15.27
C ASP C 343 21.45 -40.42 15.82
N VAL C 344 22.68 -40.02 15.58
CA VAL C 344 23.21 -38.79 16.15
C VAL C 344 22.78 -37.60 15.30
N ARG C 345 23.09 -36.39 15.78
CA ARG C 345 22.38 -35.18 15.38
C ARG C 345 22.62 -34.78 13.93
N ASN C 346 23.85 -34.95 13.43
CA ASN C 346 24.25 -34.65 12.04
C ASN C 346 24.02 -33.17 11.71
N LYS C 347 24.84 -32.33 12.34
CA LYS C 347 24.85 -30.92 12.02
C LYS C 347 25.93 -30.59 11.01
N ALA C 348 25.59 -29.79 10.00
CA ALA C 348 26.46 -29.39 8.91
C ALA C 348 27.33 -28.21 9.31
N PRO C 349 28.51 -28.04 8.70
CA PRO C 349 29.41 -26.97 9.12
C PRO C 349 28.90 -25.59 8.75
N ILE C 350 29.43 -24.58 9.46
CA ILE C 350 29.25 -23.19 9.08
C ILE C 350 30.65 -22.60 9.05
N LEU C 351 31.18 -22.43 7.87
CA LEU C 351 32.55 -21.99 7.65
C LEU C 351 32.56 -20.51 7.36
N VAL C 352 33.72 -19.90 7.55
CA VAL C 352 34.03 -18.65 6.88
C VAL C 352 35.42 -18.79 6.31
N LEU C 353 35.59 -18.40 5.06
CA LEU C 353 36.89 -18.43 4.40
C LEU C 353 37.34 -16.98 4.32
N VAL C 354 38.39 -16.64 5.02
CA VAL C 354 38.87 -15.27 5.02
C VAL C 354 40.20 -15.24 4.29
N GLY C 355 40.40 -14.20 3.48
CA GLY C 355 41.55 -14.11 2.62
C GLY C 355 41.50 -12.89 1.72
N PRO C 356 42.63 -12.55 1.11
CA PRO C 356 42.69 -11.40 0.22
C PRO C 356 41.99 -11.72 -1.09
N PRO C 357 41.67 -10.73 -1.92
CA PRO C 357 40.92 -11.02 -3.14
C PRO C 357 41.77 -11.69 -4.17
N GLY C 358 41.12 -12.47 -5.02
CA GLY C 358 41.79 -13.17 -6.08
C GLY C 358 42.26 -14.55 -5.72
N VAL C 359 42.38 -14.85 -4.44
CA VAL C 359 42.62 -16.22 -4.06
C VAL C 359 41.32 -16.98 -4.26
N GLY C 360 41.43 -18.28 -4.44
CA GLY C 360 40.26 -19.03 -4.86
C GLY C 360 39.20 -19.21 -3.81
N LYS C 361 38.47 -18.16 -3.43
CA LYS C 361 37.41 -18.36 -2.45
C LYS C 361 36.10 -18.75 -3.12
N THR C 362 35.53 -17.87 -3.95
CA THR C 362 34.19 -18.11 -4.46
C THR C 362 34.16 -19.18 -5.53
N SER C 363 35.29 -19.52 -6.12
CA SER C 363 35.35 -20.66 -7.00
C SER C 363 35.50 -21.96 -6.23
N LEU C 364 36.03 -21.87 -5.03
CA LEU C 364 36.19 -23.08 -4.24
C LEU C 364 34.86 -23.59 -3.74
N GLY C 365 33.87 -22.71 -3.60
CA GLY C 365 32.52 -23.17 -3.27
C GLY C 365 31.93 -24.04 -4.35
N ARG C 366 32.07 -23.63 -5.62
CA ARG C 366 31.58 -24.45 -6.72
C ARG C 366 32.34 -25.76 -6.84
N SER C 367 33.65 -25.72 -6.61
CA SER C 367 34.39 -26.97 -6.71
C SER C 367 34.08 -27.91 -5.55
N ILE C 368 33.75 -27.36 -4.38
CA ILE C 368 33.34 -28.19 -3.25
C ILE C 368 31.98 -28.82 -3.50
N ALA C 369 31.05 -28.06 -4.06
CA ALA C 369 29.72 -28.60 -4.33
C ALA C 369 29.77 -29.65 -5.43
N ARG C 370 30.57 -29.43 -6.47
CA ARG C 370 30.67 -30.43 -7.52
C ARG C 370 31.42 -31.66 -7.05
N SER C 371 32.36 -31.48 -6.13
CA SER C 371 33.16 -32.61 -5.68
C SER C 371 32.38 -33.56 -4.80
N MET C 372 31.29 -33.09 -4.20
CA MET C 372 30.45 -33.94 -3.35
C MET C 372 29.13 -34.32 -3.98
N ASN C 373 28.93 -34.03 -5.27
CA ASN C 373 27.71 -34.35 -6.02
C ASN C 373 26.47 -33.72 -5.39
N ARG C 374 26.55 -32.45 -5.07
CA ARG C 374 25.41 -31.77 -4.47
C ARG C 374 25.12 -30.51 -5.26
N LYS C 375 24.08 -29.80 -4.86
CA LYS C 375 23.64 -28.62 -5.59
C LYS C 375 24.30 -27.38 -5.05
N PHE C 376 24.50 -26.40 -5.93
CA PHE C 376 25.14 -25.16 -5.56
C PHE C 376 24.18 -24.02 -5.82
N HIS C 377 24.26 -23.00 -4.98
CA HIS C 377 23.58 -21.75 -5.22
C HIS C 377 24.35 -20.68 -4.49
N ARG C 378 24.43 -19.49 -5.06
CA ARG C 378 25.24 -18.42 -4.52
C ARG C 378 24.35 -17.23 -4.21
N ILE C 379 24.49 -16.68 -3.01
CA ILE C 379 23.77 -15.48 -2.60
C ILE C 379 24.80 -14.41 -2.29
N SER C 380 24.64 -13.23 -2.87
CA SER C 380 25.59 -12.16 -2.67
C SER C 380 25.06 -11.21 -1.61
N LEU C 381 25.64 -11.27 -0.43
CA LEU C 381 25.19 -10.43 0.67
C LEU C 381 25.84 -9.07 0.68
N GLY C 382 26.71 -8.77 -0.26
CA GLY C 382 27.35 -7.46 -0.27
C GLY C 382 26.37 -6.40 -0.72
N GLY C 383 26.38 -5.28 -0.02
CA GLY C 383 25.45 -4.22 -0.34
C GLY C 383 24.02 -4.46 0.08
N VAL C 384 23.76 -5.51 0.85
CA VAL C 384 22.44 -5.74 1.42
C VAL C 384 22.24 -4.78 2.58
N ARG C 385 21.23 -3.93 2.48
CA ARG C 385 21.03 -2.85 3.42
C ARG C 385 19.76 -3.00 4.25
N ASP C 386 18.97 -4.03 3.99
CA ASP C 386 17.68 -4.19 4.63
C ASP C 386 17.57 -5.60 5.18
N GLU C 387 16.90 -5.73 6.32
CA GLU C 387 16.64 -7.04 6.88
C GLU C 387 15.38 -7.65 6.33
N ALA C 388 14.66 -6.95 5.49
CA ALA C 388 13.46 -7.50 4.87
C ALA C 388 13.76 -8.40 3.68
N GLU C 389 15.03 -8.65 3.39
CA GLU C 389 15.37 -9.61 2.35
C GLU C 389 16.18 -10.78 2.88
N ILE C 390 16.24 -10.96 4.20
CA ILE C 390 16.69 -12.21 4.77
C ILE C 390 15.44 -13.00 5.13
N ARG C 391 14.67 -12.46 6.03
CA ARG C 391 13.29 -12.84 6.29
C ARG C 391 12.40 -11.93 5.45
N GLY C 392 11.25 -12.42 5.03
CA GLY C 392 10.48 -11.65 4.06
C GLY C 392 9.67 -10.49 4.62
N HIS C 393 8.49 -10.28 4.06
CA HIS C 393 7.46 -9.42 4.63
C HIS C 393 6.26 -10.29 4.98
N ARG C 394 5.38 -9.76 5.82
CA ARG C 394 4.11 -10.41 6.08
C ARG C 394 3.31 -10.46 4.80
N ARG C 395 2.43 -11.44 4.68
CA ARG C 395 1.70 -11.52 3.43
C ARG C 395 0.51 -10.59 3.36
N THR C 396 0.40 -9.64 4.29
CA THR C 396 -0.65 -8.65 4.27
C THR C 396 -0.27 -7.41 3.50
N TYR C 397 1.00 -7.23 3.17
CA TYR C 397 1.39 -6.11 2.36
C TYR C 397 1.27 -6.45 0.88
N ILE C 398 1.47 -5.46 0.05
CA ILE C 398 1.60 -5.68 -1.39
C ILE C 398 3.07 -5.55 -1.74
N GLY C 399 3.52 -6.39 -2.65
CA GLY C 399 4.91 -6.79 -2.66
C GLY C 399 4.93 -8.17 -2.07
N ALA C 400 5.44 -8.32 -0.85
CA ALA C 400 5.21 -9.49 0.02
C ALA C 400 5.67 -10.80 -0.62
N MET C 401 6.98 -10.95 -0.67
CA MET C 401 7.61 -12.19 -1.09
C MET C 401 8.56 -12.67 0.01
N PRO C 402 8.93 -13.95 0.01
CA PRO C 402 9.89 -14.45 0.99
C PRO C 402 11.28 -13.86 0.80
N GLY C 403 12.13 -14.09 1.79
CA GLY C 403 13.49 -13.61 1.73
C GLY C 403 14.33 -14.39 0.75
N LYS C 404 15.60 -14.02 0.66
CA LYS C 404 16.48 -14.66 -0.31
C LYS C 404 16.76 -16.11 -0.02
N LEU C 405 16.63 -16.53 1.23
CA LEU C 405 16.92 -17.92 1.59
C LEU C 405 15.85 -18.86 1.09
N ILE C 406 14.59 -18.45 1.12
CA ILE C 406 13.56 -19.33 0.60
C ILE C 406 13.57 -19.34 -0.92
N HIS C 407 13.97 -18.23 -1.56
CA HIS C 407 14.21 -18.25 -3.00
C HIS C 407 15.32 -19.21 -3.36
N ALA C 408 16.40 -19.19 -2.57
CA ALA C 408 17.52 -20.09 -2.81
C ALA C 408 17.13 -21.53 -2.61
N MET C 409 16.39 -21.82 -1.55
CA MET C 409 15.95 -23.18 -1.31
C MET C 409 14.90 -23.61 -2.32
N LYS C 410 14.25 -22.69 -2.99
CA LYS C 410 13.26 -23.05 -3.98
C LYS C 410 13.87 -23.33 -5.34
N GLN C 411 14.94 -22.60 -5.71
CA GLN C 411 15.64 -22.87 -6.96
C GLN C 411 16.22 -24.27 -6.98
N VAL C 412 17.09 -24.57 -6.02
CA VAL C 412 17.50 -25.91 -5.70
C VAL C 412 16.29 -26.76 -5.32
N GLY C 413 16.34 -28.06 -5.59
CA GLY C 413 15.20 -28.86 -5.19
C GLY C 413 15.40 -29.79 -4.01
N VAL C 414 16.45 -29.59 -3.22
CA VAL C 414 16.81 -30.53 -2.16
C VAL C 414 16.93 -29.79 -0.84
N ILE C 415 17.04 -30.56 0.25
CA ILE C 415 17.14 -29.95 1.58
C ILE C 415 18.56 -29.79 2.08
N ASN C 416 19.54 -30.33 1.38
CA ASN C 416 20.95 -30.17 1.77
C ASN C 416 21.82 -29.64 0.63
N PRO C 417 21.59 -28.41 0.17
CA PRO C 417 22.48 -27.89 -0.85
C PRO C 417 23.72 -27.28 -0.24
N VAL C 418 24.54 -26.64 -1.05
CA VAL C 418 25.67 -25.86 -0.59
C VAL C 418 25.39 -24.42 -0.95
N ILE C 419 25.16 -23.60 0.04
CA ILE C 419 24.86 -22.19 -0.17
C ILE C 419 26.12 -21.39 0.13
N LEU C 420 26.47 -20.50 -0.77
CA LEU C 420 27.64 -19.64 -0.63
C LEU C 420 27.16 -18.23 -0.36
N LEU C 421 27.66 -17.64 0.72
CA LEU C 421 27.23 -16.30 1.11
C LEU C 421 28.42 -15.37 0.98
N ASP C 422 28.49 -14.61 -0.10
CA ASP C 422 29.68 -13.84 -0.37
C ASP C 422 29.70 -12.50 0.32
N GLU C 423 30.86 -12.18 0.87
CA GLU C 423 31.20 -10.88 1.43
C GLU C 423 30.27 -10.52 2.58
N ILE C 424 30.30 -11.34 3.61
CA ILE C 424 29.51 -11.08 4.80
C ILE C 424 30.10 -9.97 5.64
N ASP C 425 31.34 -9.57 5.35
CA ASP C 425 31.93 -8.43 6.02
C ASP C 425 31.46 -7.11 5.45
N LYS C 426 30.63 -7.11 4.41
CA LYS C 426 30.21 -5.89 3.75
C LYS C 426 28.73 -5.60 3.90
N MET C 427 28.06 -6.23 4.85
CA MET C 427 26.73 -5.76 5.17
C MET C 427 26.83 -4.49 6.01
N SER C 428 25.81 -3.67 5.92
CA SER C 428 25.88 -2.31 6.44
C SER C 428 24.92 -2.11 7.61
N SER C 429 25.06 -1.00 8.31
CA SER C 429 24.19 -0.76 9.49
C SER C 429 23.97 0.75 9.63
N ASP C 430 23.06 1.28 8.81
CA ASP C 430 22.75 2.73 8.85
C ASP C 430 21.28 2.86 9.22
N TRP C 431 20.66 3.97 8.84
CA TRP C 431 19.21 4.16 9.08
C TRP C 431 18.46 3.08 8.31
N ARG C 432 19.02 2.67 7.18
CA ARG C 432 18.28 1.73 6.30
C ARG C 432 17.95 0.47 7.08
N GLY C 433 18.87 -0.03 7.91
CA GLY C 433 18.52 -1.19 8.73
C GLY C 433 19.74 -1.92 9.25
N ASP C 434 19.54 -3.14 9.76
CA ASP C 434 20.66 -3.98 10.24
C ASP C 434 20.39 -5.40 9.75
N PRO C 435 20.83 -5.87 8.55
CA PRO C 435 20.54 -7.25 8.20
C PRO C 435 21.36 -8.25 8.99
N ALA C 436 22.31 -7.78 9.78
CA ALA C 436 23.14 -8.69 10.55
C ALA C 436 22.44 -9.22 11.78
N SER C 437 21.32 -8.62 12.17
CA SER C 437 20.54 -9.13 13.28
C SER C 437 19.57 -10.22 12.84
N ALA C 438 19.20 -10.25 11.57
CA ALA C 438 18.37 -11.34 11.08
C ALA C 438 19.19 -12.56 10.71
N MET C 439 20.48 -12.39 10.45
CA MET C 439 21.34 -13.52 10.19
C MET C 439 21.58 -14.37 11.43
N LEU C 440 21.37 -13.79 12.61
CA LEU C 440 21.70 -14.48 13.85
C LEU C 440 20.81 -15.68 14.10
N GLU C 441 19.66 -15.77 13.46
CA GLU C 441 18.87 -16.99 13.55
C GLU C 441 19.01 -17.87 12.32
N VAL C 442 19.61 -17.39 11.26
CA VAL C 442 19.91 -18.29 10.15
C VAL C 442 21.12 -19.13 10.47
N LEU C 443 22.14 -18.51 11.02
CA LEU C 443 23.41 -19.16 11.22
C LEU C 443 23.59 -19.71 12.61
N ASP C 444 22.54 -19.75 13.42
CA ASP C 444 22.65 -20.28 14.77
C ASP C 444 22.65 -21.79 14.64
N PRO C 445 23.73 -22.48 15.00
CA PRO C 445 23.80 -23.92 14.72
C PRO C 445 22.90 -24.76 15.61
N GLU C 446 22.41 -24.23 16.72
CA GLU C 446 21.50 -24.98 17.55
C GLU C 446 20.05 -24.65 17.29
N GLN C 447 19.77 -23.52 16.64
CA GLN C 447 18.42 -23.01 16.58
C GLN C 447 17.94 -22.75 15.15
N ASN C 448 18.68 -23.16 14.13
CA ASN C 448 18.19 -22.97 12.78
C ASN C 448 17.42 -24.16 12.26
N ASN C 449 17.05 -25.09 13.13
CA ASN C 449 16.13 -26.12 12.69
C ASN C 449 14.69 -25.66 12.74
N THR C 450 14.42 -24.50 13.33
CA THR C 450 13.12 -23.84 13.25
C THR C 450 13.40 -22.41 12.84
N PHE C 451 13.50 -22.18 11.54
CA PHE C 451 13.66 -20.86 10.98
C PHE C 451 12.32 -20.38 10.46
N THR C 452 11.88 -19.22 10.92
CA THR C 452 10.63 -18.63 10.45
C THR C 452 10.97 -17.31 9.78
N ASP C 453 10.61 -17.18 8.51
CA ASP C 453 10.57 -15.84 7.96
C ASP C 453 9.18 -15.30 8.12
N HIS C 454 8.94 -14.11 7.60
CA HIS C 454 7.64 -13.53 7.86
C HIS C 454 6.63 -13.84 6.78
N TYR C 455 7.06 -14.28 5.60
CA TYR C 455 6.05 -14.61 4.61
C TYR C 455 5.43 -15.96 4.90
N LEU C 456 6.23 -17.01 4.88
CA LEU C 456 5.74 -18.29 5.37
C LEU C 456 5.69 -18.21 6.87
N ASP C 457 4.56 -18.53 7.47
CA ASP C 457 4.46 -18.44 8.91
C ASP C 457 4.98 -19.68 9.61
N VAL C 458 5.46 -20.67 8.88
CA VAL C 458 5.74 -21.97 9.48
C VAL C 458 7.23 -22.04 9.81
N PRO C 459 7.64 -22.87 10.76
CA PRO C 459 9.08 -23.09 10.94
C PRO C 459 9.61 -24.02 9.87
N TYR C 460 10.80 -23.70 9.37
CA TYR C 460 11.41 -24.39 8.25
C TYR C 460 12.83 -24.76 8.63
N ASP C 461 13.26 -25.95 8.21
CA ASP C 461 14.43 -26.60 8.77
C ASP C 461 15.64 -26.34 7.90
N LEU C 462 16.59 -25.56 8.41
CA LEU C 462 17.82 -25.26 7.69
C LEU C 462 19.02 -25.87 8.39
N SER C 463 18.90 -27.05 8.95
CA SER C 463 20.03 -27.65 9.62
C SER C 463 20.78 -28.63 8.75
N LYS C 464 20.32 -28.88 7.53
CA LYS C 464 21.03 -29.77 6.65
C LYS C 464 21.86 -29.06 5.60
N VAL C 465 21.79 -27.74 5.52
CA VAL C 465 22.45 -27.07 4.41
C VAL C 465 23.87 -26.76 4.82
N PHE C 466 24.74 -26.62 3.83
CA PHE C 466 26.16 -26.49 4.02
C PHE C 466 26.48 -25.02 3.78
N PHE C 467 26.49 -24.22 4.83
CA PHE C 467 26.80 -22.82 4.61
C PHE C 467 28.29 -22.61 4.47
N ILE C 468 28.68 -21.93 3.41
CA ILE C 468 30.05 -21.49 3.21
C ILE C 468 30.04 -19.98 3.07
N THR C 469 30.91 -19.31 3.80
CA THR C 469 30.88 -17.86 3.81
C THR C 469 32.28 -17.36 3.47
N THR C 470 32.37 -16.19 2.85
CA THR C 470 33.65 -15.61 2.49
C THR C 470 33.73 -14.18 2.99
N ALA C 471 34.94 -13.74 3.32
CA ALA C 471 35.19 -12.35 3.68
C ALA C 471 36.65 -12.05 3.45
N ASN C 472 36.99 -10.76 3.53
CA ASN C 472 38.39 -10.35 3.39
C ASN C 472 39.04 -10.04 4.72
N THR C 473 38.33 -9.41 5.64
CA THR C 473 38.85 -9.18 6.97
C THR C 473 37.79 -9.53 7.98
N LEU C 474 38.21 -9.79 9.21
CA LEU C 474 37.29 -10.18 10.27
C LEU C 474 36.86 -9.02 11.15
N GLN C 475 37.43 -7.84 10.96
CA GLN C 475 37.19 -6.77 11.91
C GLN C 475 35.86 -6.09 11.73
N THR C 476 35.14 -6.36 10.65
CA THR C 476 33.87 -5.69 10.42
C THR C 476 32.67 -6.59 10.63
N ILE C 477 32.87 -7.87 10.93
CA ILE C 477 31.75 -8.73 11.29
C ILE C 477 31.39 -8.45 12.74
N PRO C 478 30.12 -8.22 13.07
CA PRO C 478 29.75 -8.02 14.48
C PRO C 478 29.91 -9.30 15.30
N ARG C 479 30.49 -9.15 16.47
CA ARG C 479 30.99 -10.24 17.32
C ARG C 479 30.02 -11.35 17.68
N PRO C 480 28.72 -11.10 17.96
CA PRO C 480 27.81 -12.23 18.13
C PRO C 480 27.57 -13.04 16.88
N LEU C 481 27.87 -12.50 15.71
CA LEU C 481 27.75 -13.25 14.47
C LEU C 481 29.04 -13.96 14.11
N LEU C 482 30.17 -13.36 14.44
CA LEU C 482 31.45 -14.03 14.28
C LEU C 482 31.60 -15.21 15.22
N ASP C 483 30.90 -15.18 16.35
CA ASP C 483 30.99 -16.27 17.32
C ASP C 483 30.42 -17.57 16.80
N ARG C 484 29.51 -17.54 15.84
CA ARG C 484 28.90 -18.78 15.38
C ARG C 484 29.73 -19.50 14.34
N MET C 485 30.66 -18.81 13.69
CA MET C 485 31.32 -19.33 12.51
C MET C 485 32.72 -19.82 12.83
N GLU C 486 33.10 -20.86 12.11
CA GLU C 486 34.44 -21.44 12.17
C GLU C 486 35.31 -20.77 11.11
N VAL C 487 36.53 -20.42 11.49
CA VAL C 487 37.38 -19.57 10.68
C VAL C 487 38.49 -20.38 10.04
N ILE C 488 38.65 -20.27 8.73
CA ILE C 488 39.76 -20.84 8.00
C ILE C 488 40.42 -19.74 7.19
N GLU C 489 41.71 -19.52 7.42
CA GLU C 489 42.46 -18.47 6.76
C GLU C 489 43.19 -19.01 5.55
N ILE C 490 42.98 -18.38 4.41
CA ILE C 490 43.59 -18.78 3.15
C ILE C 490 44.73 -17.81 2.84
N PRO C 491 45.96 -18.27 2.75
CA PRO C 491 47.09 -17.37 2.94
C PRO C 491 47.44 -16.40 1.83
N GLY C 492 47.49 -16.82 0.58
CA GLY C 492 48.12 -15.94 -0.39
C GLY C 492 49.38 -16.58 -0.95
N TYR C 493 49.72 -16.20 -2.18
CA TYR C 493 50.63 -17.03 -2.94
C TYR C 493 52.02 -16.43 -3.05
N THR C 494 53.01 -17.30 -3.18
CA THR C 494 54.37 -16.88 -3.45
C THR C 494 54.55 -16.80 -4.95
N ASN C 495 55.75 -16.47 -5.42
CA ASN C 495 55.93 -16.40 -6.86
C ASN C 495 56.08 -17.78 -7.48
N MET C 496 56.63 -18.74 -6.73
CA MET C 496 56.72 -20.11 -7.25
C MET C 496 55.33 -20.71 -7.41
N GLU C 497 54.45 -20.46 -6.45
CA GLU C 497 53.08 -20.91 -6.55
C GLU C 497 52.35 -20.24 -7.70
N LYS C 498 52.61 -18.95 -7.92
CA LYS C 498 51.98 -18.26 -9.03
C LYS C 498 52.46 -18.79 -10.37
N GLN C 499 53.73 -19.17 -10.47
CA GLN C 499 54.20 -19.80 -11.70
C GLN C 499 53.53 -21.13 -11.92
N ALA C 500 53.34 -21.92 -10.86
CA ALA C 500 52.75 -23.24 -11.04
C ALA C 500 51.27 -23.14 -11.43
N ILE C 501 50.54 -22.26 -10.76
CA ILE C 501 49.14 -22.01 -11.10
C ILE C 501 49.00 -21.54 -12.52
N ALA C 502 49.82 -20.59 -12.94
CA ALA C 502 49.72 -20.08 -14.30
C ALA C 502 50.16 -21.09 -15.32
N ARG C 503 51.04 -22.02 -14.97
CA ARG C 503 51.44 -23.00 -15.96
C ARG C 503 50.38 -24.07 -16.17
N GLN C 504 49.76 -24.57 -15.11
CA GLN C 504 48.90 -25.73 -15.32
C GLN C 504 47.44 -25.50 -14.97
N TYR C 505 47.01 -24.28 -14.72
CA TYR C 505 45.58 -24.05 -14.62
C TYR C 505 45.12 -22.91 -15.51
N LEU C 506 45.79 -21.76 -15.44
CA LEU C 506 45.25 -20.56 -16.05
C LEU C 506 45.51 -20.51 -17.54
N TRP C 507 46.76 -20.72 -17.94
CA TRP C 507 47.11 -20.62 -19.35
C TRP C 507 46.50 -21.68 -20.26
N PRO C 508 46.34 -22.96 -19.86
CA PRO C 508 45.57 -23.86 -20.73
C PRO C 508 44.14 -23.44 -20.98
N LYS C 509 43.40 -23.00 -19.97
CA LYS C 509 42.04 -22.62 -20.27
C LYS C 509 41.92 -21.27 -20.97
N GLN C 510 42.87 -20.34 -20.76
CA GLN C 510 42.81 -19.11 -21.54
C GLN C 510 43.16 -19.35 -22.99
N VAL C 511 44.03 -20.31 -23.27
CA VAL C 511 44.28 -20.71 -24.64
C VAL C 511 43.05 -21.40 -25.22
N ARG C 512 42.43 -22.29 -24.45
CA ARG C 512 41.34 -23.09 -24.98
C ARG C 512 40.09 -22.26 -25.23
N GLU C 513 39.88 -21.20 -24.45
CA GLU C 513 38.71 -20.37 -24.64
C GLU C 513 38.88 -19.33 -25.73
N SER C 514 39.92 -19.43 -26.54
CA SER C 514 40.12 -18.50 -27.63
C SER C 514 40.31 -19.22 -28.96
N GLY C 515 40.26 -20.54 -28.97
CA GLY C 515 40.47 -21.26 -30.20
C GLY C 515 41.91 -21.34 -30.65
N MET C 516 42.86 -20.89 -29.85
CA MET C 516 44.27 -20.96 -30.22
C MET C 516 44.95 -22.19 -29.64
N GLU C 517 44.37 -23.38 -29.81
CA GLU C 517 44.68 -24.49 -28.91
C GLU C 517 46.05 -25.09 -29.12
N GLY C 518 46.59 -25.03 -30.32
CA GLY C 518 47.89 -25.62 -30.51
C GLY C 518 48.83 -24.67 -31.19
N ARG C 519 48.57 -23.39 -31.07
CA ARG C 519 49.17 -22.41 -31.96
C ARG C 519 49.96 -21.32 -31.28
N ILE C 520 50.04 -21.30 -29.95
CA ILE C 520 50.72 -20.24 -29.23
C ILE C 520 51.14 -20.79 -27.88
N GLU C 521 52.26 -20.28 -27.36
CA GLU C 521 52.78 -20.78 -26.09
C GLU C 521 53.66 -19.71 -25.46
N VAL C 522 53.61 -19.61 -24.15
CA VAL C 522 54.46 -18.70 -23.41
C VAL C 522 55.50 -19.51 -22.64
N THR C 523 56.57 -18.82 -22.25
CA THR C 523 57.67 -19.44 -21.53
C THR C 523 57.72 -18.91 -20.11
N ASP C 524 58.65 -19.46 -19.33
CA ASP C 524 58.68 -19.19 -17.89
C ASP C 524 59.12 -17.78 -17.58
N ALA C 525 60.09 -17.26 -18.33
CA ALA C 525 60.52 -15.89 -18.13
C ALA C 525 59.43 -14.91 -18.50
N ALA C 526 58.58 -15.27 -19.46
CA ALA C 526 57.46 -14.42 -19.80
C ALA C 526 56.45 -14.37 -18.66
N ILE C 527 56.20 -15.50 -18.01
CA ILE C 527 55.26 -15.52 -16.90
C ILE C 527 55.79 -14.72 -15.72
N LEU C 528 57.10 -14.83 -15.46
CA LEU C 528 57.71 -13.99 -14.43
C LEU C 528 57.62 -12.52 -14.75
N ARG C 529 57.82 -12.15 -16.02
CA ARG C 529 57.77 -10.73 -16.34
C ARG C 529 56.36 -10.19 -16.22
N VAL C 530 55.35 -10.99 -16.61
CA VAL C 530 53.97 -10.57 -16.46
C VAL C 530 53.61 -10.39 -14.99
N ILE C 531 54.05 -11.33 -14.15
CA ILE C 531 53.76 -11.27 -12.72
C ILE C 531 54.43 -10.06 -12.07
N SER C 532 55.71 -9.85 -12.33
CA SER C 532 56.42 -8.81 -11.64
C SER C 532 56.15 -7.42 -12.17
N GLU C 533 55.69 -7.26 -13.42
CA GLU C 533 55.54 -5.92 -13.95
C GLU C 533 54.13 -5.50 -14.29
N TYR C 534 53.17 -6.42 -14.43
CA TYR C 534 51.83 -6.03 -14.85
C TYR C 534 50.77 -6.34 -13.80
N THR C 535 51.17 -6.75 -12.59
CA THR C 535 50.23 -7.09 -11.53
C THR C 535 50.74 -6.58 -10.19
N ARG C 536 49.80 -6.19 -9.33
CA ARG C 536 50.04 -6.06 -7.89
C ARG C 536 48.85 -6.68 -7.17
N GLU C 537 49.01 -7.90 -6.70
CA GLU C 537 47.91 -8.61 -6.09
C GLU C 537 48.50 -9.74 -5.26
N ALA C 538 47.67 -10.32 -4.41
CA ALA C 538 48.08 -11.50 -3.68
C ALA C 538 47.47 -12.76 -4.23
N GLY C 539 46.47 -12.61 -5.08
CA GLY C 539 45.86 -13.70 -5.75
C GLY C 539 46.36 -13.84 -7.17
N VAL C 540 45.54 -14.44 -8.01
CA VAL C 540 45.86 -14.62 -9.41
C VAL C 540 44.71 -14.11 -10.27
N ARG C 541 43.97 -13.12 -9.78
CA ARG C 541 42.88 -12.60 -10.58
C ARG C 541 43.38 -11.77 -11.74
N GLY C 542 44.35 -10.89 -11.50
CA GLY C 542 44.85 -10.05 -12.58
C GLY C 542 45.76 -10.79 -13.53
N LEU C 543 46.50 -11.77 -13.03
CA LEU C 543 47.35 -12.60 -13.87
C LEU C 543 46.54 -13.36 -14.90
N GLU C 544 45.33 -13.77 -14.53
CA GLU C 544 44.46 -14.47 -15.46
C GLU C 544 44.02 -13.56 -16.60
N ARG C 545 43.78 -12.29 -16.29
CA ARG C 545 43.34 -11.37 -17.32
C ARG C 545 44.48 -10.96 -18.23
N GLU C 546 45.70 -10.90 -17.70
CA GLU C 546 46.85 -10.63 -18.57
C GLU C 546 47.10 -11.78 -19.53
N LEU C 547 47.02 -13.01 -19.05
CA LEU C 547 47.17 -14.14 -19.94
C LEU C 547 46.03 -14.20 -20.95
N GLY C 548 44.83 -13.78 -20.56
CA GLY C 548 43.73 -13.72 -21.50
C GLY C 548 43.95 -12.69 -22.58
N LYS C 549 44.58 -11.57 -22.24
CA LYS C 549 44.89 -10.56 -23.25
C LYS C 549 45.92 -11.07 -24.25
N ILE C 550 46.93 -11.79 -23.77
CA ILE C 550 47.92 -12.37 -24.68
C ILE C 550 47.27 -13.34 -25.63
N ALA C 551 46.36 -14.19 -25.13
CA ALA C 551 45.71 -15.16 -26.00
C ALA C 551 44.79 -14.50 -27.02
N ARG C 552 44.07 -13.45 -26.63
CA ARG C 552 43.18 -12.80 -27.58
C ARG C 552 43.94 -12.01 -28.63
N LYS C 553 45.06 -11.40 -28.25
CA LYS C 553 45.91 -10.74 -29.23
C LYS C 553 46.47 -11.74 -30.23
N GLY C 554 46.88 -12.92 -29.76
CA GLY C 554 47.31 -13.95 -30.67
C GLY C 554 46.21 -14.43 -31.60
N ALA C 555 44.96 -14.44 -31.12
CA ALA C 555 43.86 -14.85 -31.96
C ALA C 555 43.59 -13.83 -33.06
N LYS C 556 43.71 -12.54 -32.74
CA LYS C 556 43.58 -11.52 -33.78
C LYS C 556 44.71 -11.63 -34.80
N PHE C 557 45.93 -11.93 -34.35
CA PHE C 557 47.01 -12.10 -35.31
C PHE C 557 46.84 -13.37 -36.14
N TRP C 558 46.15 -14.37 -35.60
CA TRP C 558 45.88 -15.56 -36.40
C TRP C 558 44.85 -15.29 -37.48
N LEU C 559 43.80 -14.54 -37.16
CA LEU C 559 42.83 -14.21 -38.21
C LEU C 559 43.41 -13.22 -39.21
N GLU C 560 44.30 -12.34 -38.77
CA GLU C 560 44.87 -11.35 -39.68
C GLU C 560 45.95 -11.98 -40.56
N GLY C 561 47.02 -12.45 -39.96
CA GLY C 561 48.05 -13.18 -40.67
C GLY C 561 47.73 -14.66 -40.73
N ALA C 562 48.79 -15.46 -40.72
CA ALA C 562 48.77 -16.92 -40.58
C ALA C 562 50.21 -17.37 -40.40
N TRP C 563 50.40 -18.44 -39.65
CA TRP C 563 51.73 -19.00 -39.46
C TRP C 563 51.58 -20.49 -39.26
N GLU C 564 52.72 -21.16 -39.10
CA GLU C 564 52.73 -22.55 -38.69
C GLU C 564 53.77 -22.76 -37.60
N GLY C 565 53.62 -23.86 -36.89
CA GLY C 565 54.42 -24.11 -35.72
C GLY C 565 53.82 -23.44 -34.51
N LEU C 566 54.43 -23.69 -33.36
CA LEU C 566 54.03 -23.01 -32.14
C LEU C 566 54.76 -21.68 -32.08
N ARG C 567 54.01 -20.60 -32.30
CA ARG C 567 54.53 -19.27 -32.05
C ARG C 567 54.79 -19.13 -30.57
N THR C 568 56.05 -19.18 -30.17
CA THR C 568 56.43 -19.07 -28.78
C THR C 568 56.80 -17.65 -28.43
N ILE C 569 56.55 -17.28 -27.18
CA ILE C 569 56.64 -15.90 -26.71
C ILE C 569 57.64 -15.85 -25.56
N ASP C 570 58.57 -14.92 -25.63
CA ASP C 570 59.58 -14.77 -24.60
C ASP C 570 59.40 -13.47 -23.87
N ALA C 571 60.32 -13.18 -22.95
CA ALA C 571 60.19 -12.00 -22.11
C ALA C 571 60.42 -10.71 -22.86
N SER C 572 61.05 -10.78 -24.03
CA SER C 572 61.20 -9.59 -24.86
C SER C 572 59.91 -9.23 -25.57
N ASP C 573 59.09 -10.21 -25.91
CA ASP C 573 57.89 -9.95 -26.69
C ASP C 573 56.73 -9.46 -25.86
N ILE C 574 56.86 -9.45 -24.54
CA ILE C 574 55.72 -9.12 -23.67
C ILE C 574 55.18 -7.70 -23.88
N PRO C 575 55.99 -6.63 -23.99
CA PRO C 575 55.36 -5.33 -24.25
C PRO C 575 54.75 -5.17 -25.63
N THR C 576 55.01 -6.08 -26.57
CA THR C 576 54.26 -6.04 -27.82
C THR C 576 52.81 -6.42 -27.60
N TYR C 577 52.58 -7.46 -26.79
CA TYR C 577 51.23 -7.96 -26.56
C TYR C 577 50.50 -7.18 -25.50
N LEU C 578 51.19 -6.76 -24.45
CA LEU C 578 50.52 -6.16 -23.31
C LEU C 578 50.63 -4.65 -23.26
N GLY C 579 51.78 -4.07 -23.59
CA GLY C 579 51.92 -2.63 -23.64
C GLY C 579 53.05 -2.15 -22.75
N ILE C 580 52.89 -0.93 -22.25
CA ILE C 580 53.91 -0.32 -21.39
C ILE C 580 53.85 -0.99 -20.02
N PRO C 581 54.99 -1.37 -19.44
CA PRO C 581 54.99 -1.96 -18.09
C PRO C 581 54.48 -0.96 -17.06
N ARG C 582 53.45 -1.38 -16.33
CA ARG C 582 52.67 -0.45 -15.54
C ARG C 582 52.90 -0.55 -14.05
N TYR C 583 53.84 -1.38 -13.59
CA TYR C 583 54.22 -1.38 -12.19
C TYR C 583 55.72 -1.53 -12.07
N ARG C 584 56.22 -1.07 -10.94
CA ARG C 584 57.63 -1.13 -10.66
C ARG C 584 57.82 -2.10 -9.51
N PRO C 585 58.59 -3.16 -9.67
CA PRO C 585 58.82 -4.05 -8.54
C PRO C 585 59.74 -3.37 -7.52
N ASP C 586 59.36 -3.43 -6.26
CA ASP C 586 60.20 -2.83 -5.23
C ASP C 586 61.45 -3.67 -5.00
N LYS C 587 62.53 -3.00 -4.67
CA LYS C 587 63.83 -3.62 -4.68
C LYS C 587 64.66 -3.02 -3.55
N ALA C 588 65.51 -3.84 -2.97
CA ALA C 588 66.29 -3.41 -1.83
C ALA C 588 67.34 -2.40 -2.24
N GLU C 589 67.67 -1.50 -1.32
CA GLU C 589 68.78 -0.60 -1.51
C GLU C 589 70.06 -1.29 -1.07
N THR C 590 71.18 -0.66 -1.37
CA THR C 590 72.45 -1.31 -1.07
C THR C 590 73.27 -0.58 -0.04
N GLU C 591 73.57 0.66 -0.25
CA GLU C 591 74.55 1.29 0.60
C GLU C 591 73.92 1.79 1.89
N PRO C 592 74.70 1.96 2.94
CA PRO C 592 74.16 2.55 4.17
C PRO C 592 73.90 4.04 4.04
N GLN C 593 72.69 4.43 4.40
CA GLN C 593 72.24 5.81 4.44
C GLN C 593 72.25 6.32 5.86
N VAL C 594 72.38 7.62 6.03
CA VAL C 594 72.30 8.23 7.35
C VAL C 594 70.93 8.89 7.48
N GLY C 595 70.16 8.41 8.44
CA GLY C 595 68.84 8.90 8.67
C GLY C 595 67.72 8.07 8.11
N THR C 596 67.97 6.84 7.73
CA THR C 596 67.00 6.08 6.97
C THR C 596 67.00 4.66 7.46
N ALA C 597 65.84 4.01 7.47
CA ALA C 597 65.75 2.63 7.88
C ALA C 597 64.68 1.95 7.06
N GLN C 598 64.81 0.63 6.95
CA GLN C 598 63.97 -0.17 6.08
C GLN C 598 62.97 -0.93 6.91
N GLY C 599 61.68 -0.64 6.74
CA GLY C 599 60.63 -1.29 7.47
C GLY C 599 59.81 -2.18 6.55
N LEU C 600 58.86 -2.87 7.14
CA LEU C 600 58.02 -3.83 6.43
C LEU C 600 56.56 -3.56 6.76
N ALA C 601 55.68 -3.72 5.80
CA ALA C 601 54.29 -3.35 6.01
C ALA C 601 53.35 -4.43 5.50
N TRP C 602 52.17 -4.48 6.07
CA TRP C 602 51.13 -5.42 5.67
C TRP C 602 50.07 -4.65 4.90
N THR C 603 49.82 -5.02 3.66
CA THR C 603 48.70 -4.44 2.94
C THR C 603 47.74 -5.57 2.62
N PRO C 604 46.50 -5.27 2.24
CA PRO C 604 45.60 -6.35 1.82
C PRO C 604 45.86 -6.91 0.43
N VAL C 605 46.97 -6.58 -0.21
CA VAL C 605 47.38 -7.24 -1.44
C VAL C 605 48.81 -7.76 -1.26
N GLY C 606 49.19 -8.05 -0.03
CA GLY C 606 50.49 -8.60 0.26
C GLY C 606 51.32 -7.64 1.06
N GLY C 607 52.53 -8.01 1.31
CA GLY C 607 53.42 -7.14 2.02
C GLY C 607 54.15 -6.19 1.11
N THR C 608 54.65 -5.10 1.69
CA THR C 608 55.47 -4.15 0.96
C THR C 608 56.63 -3.73 1.84
N LEU C 609 57.58 -3.05 1.22
CA LEU C 609 58.68 -2.41 1.92
C LEU C 609 58.34 -0.95 2.12
N LEU C 610 58.30 -0.50 3.36
CA LEU C 610 58.20 0.92 3.62
C LEU C 610 59.51 1.44 4.15
N THR C 611 59.94 2.56 3.63
CA THR C 611 61.17 3.19 4.02
C THR C 611 60.85 4.39 4.90
N ILE C 612 61.46 4.48 6.06
CA ILE C 612 61.26 5.58 6.98
C ILE C 612 62.50 6.45 6.93
N GLU C 613 62.32 7.74 6.76
CA GLU C 613 63.43 8.66 6.71
C GLU C 613 63.21 9.85 7.63
N VAL C 614 64.28 10.31 8.25
CA VAL C 614 64.25 11.29 9.32
C VAL C 614 65.33 12.33 9.01
N ALA C 615 65.01 13.60 9.20
CA ALA C 615 66.01 14.65 9.18
C ALA C 615 66.07 15.34 10.53
N ALA C 616 67.24 15.87 10.87
CA ALA C 616 67.42 16.59 12.12
C ALA C 616 68.17 17.89 11.83
N VAL C 617 67.46 19.00 11.89
CA VAL C 617 67.94 20.30 11.48
C VAL C 617 68.04 21.15 12.74
N PRO C 618 68.71 22.31 12.74
CA PRO C 618 68.70 23.13 13.95
C PRO C 618 67.34 23.74 14.19
N GLY C 619 67.05 24.02 15.45
CA GLY C 619 65.70 24.44 15.77
C GLY C 619 65.49 24.66 17.24
N SER C 620 64.31 24.34 17.75
CA SER C 620 63.97 24.60 19.13
C SER C 620 63.35 23.41 19.84
N GLY C 621 63.22 22.28 19.18
CA GLY C 621 62.71 21.08 19.79
C GLY C 621 61.27 20.90 19.42
N LYS C 622 61.04 20.18 18.34
CA LYS C 622 59.71 19.98 17.79
C LYS C 622 59.69 18.60 17.16
N LEU C 623 58.56 18.22 16.63
CA LEU C 623 58.45 16.90 16.03
C LEU C 623 57.35 16.96 14.99
N SER C 624 57.72 17.09 13.74
CA SER C 624 56.77 17.01 12.65
C SER C 624 56.67 15.57 12.20
N LEU C 625 55.47 15.13 11.87
CA LEU C 625 55.23 13.72 11.57
C LEU C 625 54.33 13.65 10.34
N THR C 626 54.91 13.59 9.16
CA THR C 626 54.14 13.71 7.93
C THR C 626 54.15 12.40 7.16
N GLY C 627 53.21 12.28 6.25
CA GLY C 627 53.15 11.12 5.40
C GLY C 627 51.85 10.37 5.54
N GLN C 628 50.81 11.05 6.02
CA GLN C 628 49.47 10.50 6.27
C GLN C 628 49.49 9.39 7.30
N LEU C 629 49.94 9.73 8.51
CA LEU C 629 50.11 8.76 9.57
C LEU C 629 48.92 8.78 10.52
N GLY C 630 48.54 7.61 11.01
CA GLY C 630 47.49 7.50 12.00
C GLY C 630 47.99 7.88 13.37
N GLU C 631 47.16 7.65 14.37
CA GLU C 631 47.54 8.08 15.70
C GLU C 631 48.40 7.07 16.44
N VAL C 632 48.24 5.79 16.13
CA VAL C 632 49.04 4.78 16.80
C VAL C 632 50.49 4.88 16.38
N MET C 633 50.73 5.24 15.13
CA MET C 633 52.11 5.38 14.67
C MET C 633 52.77 6.62 15.23
N LYS C 634 52.01 7.69 15.39
CA LYS C 634 52.55 8.90 16.00
C LYS C 634 52.89 8.66 17.46
N GLU C 635 52.06 7.91 18.16
CA GLU C 635 52.38 7.58 19.54
C GLU C 635 53.60 6.68 19.64
N SER C 636 53.78 5.78 18.69
CA SER C 636 54.98 4.95 18.73
C SER C 636 56.24 5.75 18.46
N ALA C 637 56.16 6.77 17.61
CA ALA C 637 57.32 7.63 17.40
C ALA C 637 57.67 8.44 18.63
N GLN C 638 56.65 8.91 19.36
CA GLN C 638 56.94 9.65 20.60
C GLN C 638 57.54 8.76 21.68
N ALA C 639 57.10 7.50 21.74
CA ALA C 639 57.70 6.56 22.68
C ALA C 639 59.16 6.28 22.35
N ALA C 640 59.47 6.15 21.06
CA ALA C 640 60.85 5.92 20.67
C ALA C 640 61.74 7.13 20.96
N LEU C 641 61.20 8.33 20.78
CA LEU C 641 61.97 9.52 21.10
C LEU C 641 62.19 9.69 22.59
N THR C 642 61.24 9.30 23.44
CA THR C 642 61.44 9.39 24.87
C THR C 642 62.48 8.39 25.35
N TYR C 643 62.47 7.19 24.78
CA TYR C 643 63.54 6.24 25.09
C TYR C 643 64.90 6.80 24.72
N LEU C 644 65.02 7.46 23.58
CA LEU C 644 66.33 8.00 23.25
C LEU C 644 66.70 9.22 24.07
N ARG C 645 65.71 9.98 24.55
CA ARG C 645 66.03 11.09 25.43
C ARG C 645 66.50 10.60 26.79
N ALA C 646 66.09 9.40 27.19
CA ALA C 646 66.50 8.90 28.49
C ALA C 646 67.89 8.30 28.49
N HIS C 647 68.44 7.96 27.34
CA HIS C 647 69.70 7.22 27.25
C HIS C 647 70.66 7.92 26.32
N THR C 648 70.86 9.20 26.55
CA THR C 648 71.52 10.03 25.56
C THR C 648 73.03 9.86 25.54
N GLN C 649 73.61 9.04 26.37
CA GLN C 649 75.04 8.80 26.30
C GLN C 649 75.40 7.35 26.08
N ASP C 650 74.41 6.46 26.05
CA ASP C 650 74.71 5.10 25.65
C ASP C 650 74.91 4.98 24.16
N TYR C 651 74.40 5.92 23.37
CA TYR C 651 74.46 5.77 21.92
C TYR C 651 75.19 6.92 21.26
N GLY C 652 75.73 7.85 22.03
CA GLY C 652 76.49 8.94 21.45
C GLY C 652 75.64 10.04 20.88
N LEU C 653 74.42 10.20 21.36
CA LEU C 653 73.57 11.28 20.93
C LEU C 653 74.08 12.58 21.52
N PRO C 654 73.74 13.73 20.94
CA PRO C 654 74.13 15.00 21.53
C PRO C 654 73.51 15.20 22.89
N GLU C 655 74.16 16.05 23.69
CA GLU C 655 73.80 16.16 25.11
C GLU C 655 72.43 16.82 25.30
N ASP C 656 72.10 17.81 24.49
CA ASP C 656 70.78 18.42 24.56
C ASP C 656 70.16 18.54 23.17
N PHE C 657 69.59 17.45 22.68
CA PHE C 657 68.86 17.60 21.45
C PHE C 657 67.40 17.90 21.70
N TYR C 658 66.94 17.81 22.94
CA TYR C 658 65.53 18.01 23.21
C TYR C 658 65.12 19.46 23.11
N ASN C 659 66.08 20.34 22.94
CA ASN C 659 65.90 21.75 23.13
C ASN C 659 66.49 22.54 21.99
N LYS C 660 67.32 21.92 21.15
CA LYS C 660 68.03 22.61 20.10
C LYS C 660 67.80 22.07 18.70
N VAL C 661 67.05 20.99 18.56
CA VAL C 661 66.96 20.24 17.31
C VAL C 661 65.51 19.99 17.00
N ASP C 662 65.07 20.36 15.80
CA ASP C 662 63.76 19.98 15.30
C ASP C 662 63.88 18.69 14.50
N LEU C 663 62.98 17.76 14.74
CA LEU C 663 62.98 16.48 14.04
C LEU C 663 61.80 16.40 13.08
N HIS C 664 62.00 15.78 11.94
CA HIS C 664 60.95 15.59 10.97
C HIS C 664 60.99 14.14 10.54
N VAL C 665 59.91 13.42 10.74
CA VAL C 665 59.79 12.03 10.36
C VAL C 665 58.86 11.99 9.18
N HIS C 666 59.33 11.43 8.08
CA HIS C 666 58.53 11.38 6.85
C HIS C 666 58.51 9.96 6.33
N VAL C 667 57.32 9.43 6.10
CA VAL C 667 57.25 8.07 5.56
C VAL C 667 56.69 8.14 4.16
N PRO C 668 57.51 8.12 3.13
CA PRO C 668 57.00 8.19 1.76
C PRO C 668 56.33 6.89 1.39
N ASP C 669 55.33 6.95 0.49
CA ASP C 669 54.87 8.15 -0.21
C ASP C 669 53.68 8.82 0.43
N GLY C 670 53.50 10.09 0.15
CA GLY C 670 52.28 10.76 0.52
C GLY C 670 51.12 10.25 -0.29
N ALA C 671 49.94 10.68 0.11
CA ALA C 671 48.64 10.25 -0.43
C ALA C 671 48.44 8.75 -0.34
N THR C 672 48.93 8.12 0.71
CA THR C 672 48.61 6.72 0.99
C THR C 672 48.60 6.58 2.50
N PRO C 673 47.45 6.41 3.13
CA PRO C 673 47.40 6.43 4.59
C PRO C 673 48.02 5.19 5.21
N LYS C 674 48.75 5.40 6.31
CA LYS C 674 49.44 4.28 7.00
C LYS C 674 49.11 4.36 8.50
N ASP C 675 49.07 3.22 9.18
CA ASP C 675 48.71 3.18 10.63
C ASP C 675 49.32 1.94 11.27
N GLY C 676 49.30 1.84 12.60
CA GLY C 676 49.80 0.64 13.29
C GLY C 676 51.12 0.86 14.01
N PRO C 677 51.43 0.07 15.05
CA PRO C 677 52.65 0.29 15.85
C PRO C 677 53.83 -0.65 15.56
N SER C 678 53.74 -1.57 14.59
CA SER C 678 54.90 -2.48 14.41
C SER C 678 56.16 -1.81 13.94
N ALA C 679 56.05 -0.49 13.75
CA ALA C 679 57.12 0.33 13.22
C ALA C 679 57.83 0.97 14.36
N GLY C 680 57.93 0.48 15.49
CA GLY C 680 58.55 1.20 16.57
C GLY C 680 60.06 1.18 16.51
N ILE C 681 60.64 0.01 16.27
CA ILE C 681 62.09 -0.05 16.24
C ILE C 681 62.67 0.47 14.94
N THR C 682 61.87 0.55 13.89
CA THR C 682 62.33 1.17 12.67
C THR C 682 62.49 2.67 12.86
N MET C 683 61.52 3.31 13.50
CA MET C 683 61.65 4.72 13.82
C MET C 683 62.70 4.98 14.87
N ALA C 684 62.91 4.04 15.80
CA ALA C 684 63.98 4.23 16.77
C ALA C 684 65.34 4.20 16.10
N THR C 685 65.53 3.29 15.14
CA THR C 685 66.79 3.21 14.41
C THR C 685 67.02 4.45 13.55
N ALA C 686 65.99 4.90 12.83
CA ALA C 686 66.13 6.09 11.99
C ALA C 686 66.42 7.33 12.81
N ILE C 687 65.74 7.52 13.94
CA ILE C 687 65.96 8.72 14.74
C ILE C 687 67.35 8.70 15.37
N ALA C 688 67.79 7.55 15.86
CA ALA C 688 69.13 7.51 16.43
C ALA C 688 70.21 7.60 15.38
N SER C 689 69.93 7.22 14.15
CA SER C 689 70.89 7.44 13.10
C SER C 689 70.96 8.88 12.67
N ALA C 690 69.85 9.59 12.74
CA ALA C 690 69.86 10.97 12.29
C ALA C 690 70.47 11.89 13.32
N LEU C 691 70.27 11.62 14.59
CA LEU C 691 70.79 12.50 15.63
C LEU C 691 72.29 12.39 15.78
N SER C 692 72.80 11.18 15.87
CA SER C 692 74.24 10.95 15.89
C SER C 692 74.63 10.47 14.51
N ARG C 693 75.54 11.17 13.86
CA ARG C 693 75.66 11.03 12.42
C ARG C 693 76.27 9.71 11.95
N ARG C 694 75.60 8.62 12.24
CA ARG C 694 76.07 7.27 11.97
C ARG C 694 75.12 6.58 11.02
N PRO C 695 75.60 6.07 9.90
CA PRO C 695 74.72 5.46 8.90
C PRO C 695 74.07 4.20 9.40
N ALA C 696 72.96 3.85 8.77
CA ALA C 696 72.22 2.66 9.11
C ALA C 696 72.28 1.69 7.95
N ARG C 697 72.47 0.42 8.25
CA ARG C 697 72.57 -0.58 7.21
C ARG C 697 71.22 -0.80 6.57
N MET C 698 71.17 -0.71 5.24
CA MET C 698 69.89 -0.73 4.55
C MET C 698 69.55 -2.07 3.95
N ASP C 699 70.34 -3.10 4.22
CA ASP C 699 70.03 -4.45 3.74
C ASP C 699 69.48 -5.35 4.82
N ILE C 700 68.92 -4.78 5.88
CA ILE C 700 68.31 -5.52 6.97
C ILE C 700 66.95 -4.91 7.21
N ALA C 701 65.89 -5.68 7.03
CA ALA C 701 64.55 -5.18 7.26
C ALA C 701 64.13 -5.48 8.69
N MET C 702 63.40 -4.56 9.30
CA MET C 702 63.06 -4.64 10.70
C MET C 702 61.56 -4.61 10.88
N THR C 703 61.11 -5.15 12.01
CA THR C 703 59.73 -4.98 12.46
C THR C 703 59.69 -5.24 13.95
N GLY C 704 58.75 -4.62 14.62
CA GLY C 704 58.60 -4.82 16.04
C GLY C 704 58.06 -3.59 16.72
N GLU C 705 57.41 -3.81 17.85
CA GLU C 705 56.80 -2.75 18.63
C GLU C 705 57.63 -2.47 19.86
N VAL C 706 57.93 -1.20 20.11
CA VAL C 706 58.80 -0.79 21.19
C VAL C 706 57.96 -0.21 22.32
N SER C 707 58.43 -0.36 23.55
CA SER C 707 57.82 0.27 24.71
C SER C 707 58.73 1.37 25.22
N LEU C 708 58.38 1.91 26.37
CA LEU C 708 59.09 3.06 26.90
C LEU C 708 60.30 2.69 27.71
N ARG C 709 60.42 1.45 28.14
CA ARG C 709 61.63 0.93 28.77
C ARG C 709 62.61 0.37 27.77
N GLY C 710 62.22 0.21 26.52
CA GLY C 710 63.06 -0.39 25.53
C GLY C 710 62.78 -1.84 25.25
N LYS C 711 61.62 -2.34 25.58
CA LYS C 711 61.27 -3.72 25.30
C LYS C 711 60.66 -3.84 23.92
N VAL C 712 60.96 -4.91 23.23
CA VAL C 712 60.46 -5.15 21.90
C VAL C 712 59.32 -6.15 22.01
N MET C 713 58.19 -5.79 21.52
CA MET C 713 57.01 -6.58 21.79
C MET C 713 56.52 -7.24 20.53
N PRO C 714 55.81 -8.36 20.63
CA PRO C 714 55.44 -9.10 19.41
C PRO C 714 54.44 -8.40 18.54
N ILE C 715 54.54 -8.66 17.24
CA ILE C 715 53.73 -7.99 16.24
C ILE C 715 52.93 -9.00 15.43
N GLY C 716 52.15 -8.51 14.49
CA GLY C 716 51.30 -9.38 13.70
C GLY C 716 51.61 -9.35 12.23
N GLY C 717 51.20 -10.39 11.52
CA GLY C 717 51.43 -10.47 10.10
C GLY C 717 52.85 -10.81 9.73
N VAL C 718 53.47 -11.76 10.44
CA VAL C 718 54.87 -12.08 10.23
C VAL C 718 55.08 -12.73 8.87
N LYS C 719 54.10 -13.51 8.44
CA LYS C 719 54.25 -14.33 7.24
C LYS C 719 54.30 -13.49 5.98
N GLU C 720 53.38 -12.55 5.83
CA GLU C 720 53.33 -11.73 4.63
C GLU C 720 54.51 -10.78 4.56
N LYS C 721 54.92 -10.23 5.70
CA LYS C 721 56.06 -9.34 5.73
C LYS C 721 57.34 -10.06 5.37
N LEU C 722 57.54 -11.27 5.89
CA LEU C 722 58.78 -11.97 5.55
C LEU C 722 58.76 -12.47 4.12
N LEU C 723 57.59 -12.85 3.61
CA LEU C 723 57.48 -13.23 2.21
C LEU C 723 57.87 -12.08 1.30
N ALA C 724 57.31 -10.91 1.53
CA ALA C 724 57.61 -9.78 0.67
C ALA C 724 59.01 -9.24 0.88
N ALA C 725 59.64 -9.51 2.01
CA ALA C 725 61.04 -9.16 2.13
C ALA C 725 61.92 -10.13 1.37
N HIS C 726 61.51 -11.39 1.26
CA HIS C 726 62.29 -12.31 0.45
C HIS C 726 62.08 -12.07 -1.03
N GLN C 727 60.90 -11.63 -1.44
CA GLN C 727 60.66 -11.32 -2.85
C GLN C 727 61.54 -10.19 -3.35
N ALA C 728 61.98 -9.30 -2.48
CA ALA C 728 62.68 -8.10 -2.90
C ALA C 728 64.17 -8.16 -2.63
N GLY C 729 64.70 -9.32 -2.31
CA GLY C 729 66.14 -9.44 -2.20
C GLY C 729 66.75 -8.91 -0.93
N ILE C 730 66.08 -9.11 0.20
CA ILE C 730 66.64 -8.83 1.53
C ILE C 730 66.85 -10.16 2.22
N HIS C 731 68.04 -10.37 2.77
CA HIS C 731 68.34 -11.66 3.36
C HIS C 731 68.65 -11.61 4.84
N LYS C 732 68.38 -10.50 5.52
CA LYS C 732 68.57 -10.42 6.96
C LYS C 732 67.35 -9.74 7.58
N ILE C 733 66.85 -10.28 8.68
CA ILE C 733 65.67 -9.76 9.35
C ILE C 733 66.03 -9.53 10.82
N VAL C 734 65.48 -8.46 11.40
CA VAL C 734 65.37 -8.33 12.85
C VAL C 734 63.90 -8.52 13.20
N LEU C 735 63.62 -9.28 14.25
CA LEU C 735 62.27 -9.69 14.58
C LEU C 735 62.17 -9.88 16.08
N PRO C 736 61.00 -9.65 16.69
CA PRO C 736 60.85 -9.88 18.12
C PRO C 736 60.95 -11.34 18.48
N LYS C 737 61.47 -11.60 19.68
CA LYS C 737 61.72 -12.98 20.10
C LYS C 737 60.43 -13.75 20.37
N ASP C 738 59.36 -13.06 20.69
CA ASP C 738 58.09 -13.72 20.92
C ASP C 738 57.36 -14.03 19.63
N ASN C 739 57.99 -13.90 18.49
CA ASN C 739 57.38 -14.27 17.23
C ASN C 739 58.03 -15.47 16.60
N GLU C 740 58.87 -16.21 17.32
CA GLU C 740 59.46 -17.37 16.67
C GLU C 740 58.52 -18.56 16.67
N ALA C 741 57.37 -18.45 17.33
CA ALA C 741 56.33 -19.44 17.12
C ALA C 741 55.74 -19.32 15.73
N GLN C 742 55.75 -18.13 15.17
CA GLN C 742 55.16 -17.93 13.85
C GLN C 742 56.11 -18.24 12.72
N LEU C 743 57.33 -18.67 12.99
CA LEU C 743 58.27 -19.02 11.93
C LEU C 743 58.15 -20.46 11.51
N GLU C 744 57.00 -21.09 11.70
CA GLU C 744 56.78 -22.43 11.22
C GLU C 744 55.76 -22.47 10.11
N GLU C 745 55.00 -21.41 9.93
CA GLU C 745 54.05 -21.34 8.84
C GLU C 745 54.65 -20.68 7.60
N LEU C 746 55.93 -20.36 7.62
CA LEU C 746 56.58 -19.89 6.41
C LEU C 746 56.83 -21.06 5.47
N PRO C 747 56.88 -20.79 4.16
CA PRO C 747 57.36 -21.80 3.23
C PRO C 747 58.82 -22.11 3.46
N LYS C 748 59.21 -23.33 3.09
CA LYS C 748 60.57 -23.79 3.34
C LYS C 748 61.57 -23.02 2.49
N GLU C 749 61.17 -22.59 1.30
CA GLU C 749 62.06 -21.89 0.40
C GLU C 749 62.43 -20.52 0.93
N VAL C 750 61.46 -19.78 1.48
CA VAL C 750 61.82 -18.49 2.02
C VAL C 750 62.45 -18.61 3.39
N LEU C 751 62.22 -19.71 4.10
CA LEU C 751 62.82 -19.85 5.41
C LEU C 751 64.27 -20.27 5.31
N GLU C 752 64.64 -20.93 4.23
CA GLU C 752 66.05 -21.17 3.97
C GLU C 752 66.77 -19.96 3.42
N GLY C 753 66.04 -19.00 2.85
CA GLY C 753 66.70 -17.84 2.29
C GLY C 753 67.12 -16.81 3.32
N LEU C 754 66.41 -16.72 4.43
CA LEU C 754 66.53 -15.61 5.36
C LEU C 754 67.46 -15.93 6.51
N GLU C 755 67.97 -14.88 7.14
CA GLU C 755 68.71 -14.97 8.39
C GLU C 755 67.97 -14.20 9.46
N ILE C 756 67.21 -14.88 10.29
CA ILE C 756 66.41 -14.21 11.30
C ILE C 756 67.28 -13.93 12.51
N LYS C 757 67.25 -12.71 13.00
CA LYS C 757 67.83 -12.39 14.29
C LYS C 757 66.71 -12.07 15.26
N LEU C 758 66.72 -12.70 16.42
CA LEU C 758 65.65 -12.55 17.39
C LEU C 758 66.12 -11.66 18.51
N VAL C 759 65.38 -10.60 18.78
CA VAL C 759 65.75 -9.63 19.78
C VAL C 759 64.64 -9.52 20.80
N GLU C 760 64.99 -8.95 21.94
CA GLU C 760 63.99 -8.63 22.94
C GLU C 760 64.24 -7.30 23.61
N ASP C 761 65.10 -6.45 23.04
CA ASP C 761 65.54 -5.24 23.67
C ASP C 761 66.12 -4.36 22.57
N VAL C 762 65.80 -3.07 22.59
CA VAL C 762 66.12 -2.22 21.45
C VAL C 762 67.58 -1.82 21.40
N GLY C 763 68.33 -2.01 22.48
CA GLY C 763 69.76 -1.74 22.44
C GLY C 763 70.52 -2.71 21.57
N GLU C 764 70.05 -3.95 21.49
CA GLU C 764 70.63 -4.93 20.57
C GLU C 764 70.43 -4.52 19.13
N VAL C 765 69.24 -4.01 18.82
CA VAL C 765 68.91 -3.55 17.48
C VAL C 765 69.82 -2.40 17.09
N LEU C 766 69.95 -1.41 17.97
CA LEU C 766 70.80 -0.27 17.64
C LEU C 766 72.26 -0.64 17.56
N GLU C 767 72.69 -1.64 18.30
CA GLU C 767 74.07 -2.06 18.21
C GLU C 767 74.34 -2.87 16.95
N TYR C 768 73.32 -3.49 16.38
CA TYR C 768 73.50 -4.28 15.18
C TYR C 768 73.23 -3.52 13.89
N LEU C 769 72.47 -2.44 13.92
CA LEU C 769 72.12 -1.73 12.70
C LEU C 769 73.06 -0.59 12.37
N LEU C 770 73.46 0.19 13.35
CA LEU C 770 74.22 1.39 13.08
C LEU C 770 75.69 1.06 12.86
N LEU C 771 76.28 1.66 11.83
CA LEU C 771 77.68 1.48 11.57
C LEU C 771 78.50 2.21 12.64
N PRO C 772 79.67 1.69 13.00
CA PRO C 772 80.35 2.19 14.22
C PRO C 772 80.92 3.58 14.10
N GLU C 773 81.10 4.12 12.91
CA GLU C 773 81.85 5.34 12.77
C GLU C 773 81.00 6.44 12.14
N PRO C 774 81.03 7.64 12.69
CA PRO C 774 80.23 8.73 12.11
C PRO C 774 80.85 9.28 10.83
N THR C 775 80.00 9.85 9.98
CA THR C 775 80.41 10.42 8.72
C THR C 775 80.13 11.91 8.62
N MET C 776 78.91 12.34 8.84
CA MET C 776 78.51 13.73 8.69
C MET C 776 78.97 14.56 9.88
N PRO C 777 79.04 15.88 9.73
CA PRO C 777 79.15 16.75 10.91
C PRO C 777 77.87 16.74 11.71
N PRO C 778 77.95 16.63 13.03
CA PRO C 778 76.74 16.59 13.84
C PRO C 778 76.07 17.95 13.90
N VAL C 779 74.74 17.93 13.86
CA VAL C 779 73.95 19.15 13.96
C VAL C 779 74.11 19.74 15.36
N VAL C 780 74.42 21.04 15.41
CA VAL C 780 74.67 21.71 16.67
C VAL C 780 73.35 22.10 17.31
N ARG D 2 -58.88 14.95 -75.64
CA ARG D 2 -58.55 13.53 -75.60
C ARG D 2 -59.38 12.77 -74.57
N LEU D 3 -60.72 12.95 -74.65
CA LEU D 3 -61.69 12.30 -73.77
C LEU D 3 -61.41 12.66 -72.31
N GLU D 4 -61.67 13.92 -72.01
CA GLU D 4 -61.39 14.50 -70.70
C GLU D 4 -62.15 13.79 -69.57
N LEU D 5 -61.40 13.19 -68.65
CA LEU D 5 -61.96 12.39 -67.56
C LEU D 5 -61.31 12.82 -66.26
N PRO D 6 -62.07 13.27 -65.27
CA PRO D 6 -61.47 13.84 -64.05
C PRO D 6 -60.85 12.77 -63.16
N VAL D 7 -59.69 13.09 -62.58
CA VAL D 7 -59.03 12.14 -61.69
C VAL D 7 -59.53 12.31 -60.28
N ILE D 8 -60.02 11.23 -59.69
CA ILE D 8 -60.08 11.10 -58.24
C ILE D 8 -58.70 10.67 -57.77
N PRO D 9 -58.02 11.44 -56.94
CA PRO D 9 -56.91 10.87 -56.18
C PRO D 9 -57.46 9.95 -55.10
N LEU D 10 -56.86 8.79 -54.96
CA LEU D 10 -57.38 7.71 -54.14
C LEU D 10 -57.10 7.97 -52.66
N ARG D 11 -57.12 6.92 -51.85
CA ARG D 11 -56.59 7.01 -50.50
C ARG D 11 -55.19 6.43 -50.41
N ASN D 12 -55.01 5.14 -50.72
CA ASN D 12 -53.67 4.55 -50.70
C ASN D 12 -53.32 3.62 -51.86
N THR D 13 -54.29 2.96 -52.49
CA THR D 13 -54.05 1.73 -53.24
C THR D 13 -53.79 2.06 -54.71
N VAL D 14 -53.39 1.05 -55.48
CA VAL D 14 -53.23 1.15 -56.93
C VAL D 14 -54.26 0.22 -57.57
N ILE D 15 -54.89 0.71 -58.64
CA ILE D 15 -55.89 -0.05 -59.38
C ILE D 15 -55.21 -0.65 -60.60
N LEU D 16 -54.98 -1.93 -60.56
CA LEU D 16 -54.09 -2.55 -61.53
C LEU D 16 -54.82 -2.83 -62.84
N PRO D 17 -54.10 -2.90 -63.97
CA PRO D 17 -54.77 -3.14 -65.27
C PRO D 17 -55.43 -4.51 -65.35
N HIS D 18 -56.70 -4.51 -65.74
CA HIS D 18 -57.49 -5.71 -66.04
C HIS D 18 -57.57 -6.67 -64.86
N THR D 19 -58.20 -6.20 -63.78
CA THR D 19 -58.59 -7.04 -62.66
C THR D 19 -59.75 -6.34 -61.97
N THR D 20 -60.70 -7.12 -61.46
CA THR D 20 -61.77 -6.58 -60.62
C THR D 20 -61.16 -5.96 -59.37
N THR D 21 -61.22 -4.63 -59.27
CA THR D 21 -60.52 -3.88 -58.23
C THR D 21 -61.47 -2.87 -57.62
N PRO D 22 -62.04 -3.13 -56.44
CA PRO D 22 -63.07 -2.23 -55.89
C PRO D 22 -62.48 -0.93 -55.38
N VAL D 23 -63.23 0.17 -55.60
CA VAL D 23 -62.87 1.49 -55.11
C VAL D 23 -64.02 1.96 -54.22
N ASP D 24 -63.82 1.91 -52.91
CA ASP D 24 -64.86 2.29 -51.95
C ASP D 24 -64.86 3.81 -51.80
N VAL D 25 -65.55 4.47 -52.72
CA VAL D 25 -65.60 5.93 -52.69
C VAL D 25 -66.55 6.35 -51.57
N GLY D 26 -66.00 6.97 -50.54
CA GLY D 26 -66.78 7.51 -49.44
C GLY D 26 -66.49 8.97 -49.17
N ARG D 27 -65.90 9.65 -50.15
CA ARG D 27 -65.46 11.03 -50.02
C ARG D 27 -66.31 11.95 -50.88
N ALA D 28 -66.72 13.09 -50.31
CA ALA D 28 -67.65 13.99 -51.00
C ALA D 28 -67.01 14.69 -52.19
N LYS D 29 -65.73 15.06 -52.09
CA LYS D 29 -65.00 15.59 -53.23
C LYS D 29 -64.67 14.53 -54.27
N SER D 30 -64.84 13.26 -53.92
CA SER D 30 -64.80 12.15 -54.85
C SER D 30 -66.18 11.70 -55.31
N LYS D 31 -67.20 11.77 -54.44
CA LYS D 31 -68.57 11.42 -54.85
C LYS D 31 -69.14 12.43 -55.84
N ARG D 32 -68.74 13.70 -55.73
CA ARG D 32 -69.08 14.68 -56.77
C ARG D 32 -68.36 14.35 -58.06
N ALA D 33 -67.10 13.92 -57.96
CA ALA D 33 -66.39 13.43 -59.12
C ALA D 33 -66.98 12.13 -59.64
N VAL D 34 -67.51 11.28 -58.75
CA VAL D 34 -68.18 10.05 -59.18
C VAL D 34 -69.45 10.38 -59.96
N GLU D 35 -70.23 11.36 -59.50
CA GLU D 35 -71.48 11.66 -60.19
C GLU D 35 -71.28 12.51 -61.44
N GLU D 36 -70.24 13.36 -61.50
CA GLU D 36 -69.89 13.96 -62.78
C GLU D 36 -69.17 13.00 -63.71
N ALA D 37 -68.65 11.89 -63.19
CA ALA D 37 -68.20 10.80 -64.05
C ALA D 37 -69.40 10.00 -64.57
N MET D 38 -70.44 9.86 -63.75
CA MET D 38 -71.71 9.32 -64.20
C MET D 38 -72.30 10.18 -65.31
N GLY D 39 -72.21 11.50 -65.17
CA GLY D 39 -72.49 12.44 -66.23
C GLY D 39 -71.42 12.55 -67.29
N ALA D 40 -70.31 11.81 -67.15
CA ALA D 40 -69.21 11.83 -68.11
C ALA D 40 -68.90 10.42 -68.60
N ASP D 41 -69.95 9.72 -69.07
CA ASP D 41 -69.89 8.44 -69.79
C ASP D 41 -69.46 7.27 -68.87
N ARG D 42 -69.74 7.41 -67.57
CA ARG D 42 -69.41 6.41 -66.52
C ARG D 42 -67.92 6.08 -66.49
N LEU D 43 -67.08 7.11 -66.59
CA LEU D 43 -65.65 6.92 -66.79
C LEU D 43 -64.85 7.70 -65.75
N ILE D 44 -63.94 7.01 -65.08
CA ILE D 44 -62.99 7.65 -64.16
C ILE D 44 -61.58 7.35 -64.67
N PHE D 45 -60.78 8.40 -64.87
CA PHE D 45 -59.36 8.28 -65.22
C PHE D 45 -58.61 8.10 -63.91
N LEU D 46 -58.34 6.85 -63.54
CA LEU D 46 -57.82 6.57 -62.21
C LEU D 46 -56.32 6.84 -62.13
N VAL D 47 -55.93 7.75 -61.23
CA VAL D 47 -54.55 7.91 -60.79
C VAL D 47 -54.58 7.87 -59.27
N ALA D 48 -53.55 7.27 -58.67
CA ALA D 48 -53.56 6.99 -57.25
C ALA D 48 -53.00 8.14 -56.41
N GLN D 49 -53.11 7.98 -55.10
CA GLN D 49 -52.86 9.03 -54.13
C GLN D 49 -51.43 9.03 -53.63
N ARG D 50 -50.94 10.22 -53.29
CA ARG D 50 -49.72 10.40 -52.54
C ARG D 50 -49.79 9.69 -51.19
N ASP D 51 -48.65 9.20 -50.72
CA ASP D 51 -48.50 8.61 -49.39
C ASP D 51 -48.36 9.76 -48.38
N PRO D 52 -48.13 9.49 -47.06
CA PRO D 52 -49.18 9.78 -46.06
C PRO D 52 -50.22 10.82 -46.43
N GLU D 53 -51.47 10.40 -46.25
CA GLU D 53 -52.58 10.80 -47.09
C GLU D 53 -53.02 12.25 -46.84
N VAL D 54 -53.68 12.80 -47.84
CA VAL D 54 -54.36 14.07 -47.74
C VAL D 54 -55.86 13.82 -47.78
N ASP D 55 -56.62 14.81 -47.33
CA ASP D 55 -58.04 14.92 -47.58
C ASP D 55 -58.32 16.20 -48.37
N ASP D 56 -57.39 16.51 -49.28
CA ASP D 56 -57.41 17.76 -50.04
C ASP D 56 -56.91 17.45 -51.43
N PRO D 57 -57.80 17.28 -52.39
CA PRO D 57 -57.37 17.05 -53.77
C PRO D 57 -56.84 18.33 -54.41
N ALA D 58 -55.58 18.30 -54.80
CA ALA D 58 -54.90 19.45 -55.38
C ALA D 58 -54.16 18.97 -56.62
N PRO D 59 -53.82 19.88 -57.54
CA PRO D 59 -53.05 19.49 -58.74
C PRO D 59 -51.57 19.21 -58.51
N ASP D 60 -51.17 18.98 -57.27
CA ASP D 60 -49.77 18.82 -56.90
C ASP D 60 -49.53 17.48 -56.22
N ASP D 61 -50.34 16.46 -56.53
CA ASP D 61 -50.46 15.31 -55.66
C ASP D 61 -50.18 13.95 -56.31
N LEU D 62 -50.46 13.78 -57.59
CA LEU D 62 -50.61 12.45 -58.17
C LEU D 62 -49.27 11.90 -58.65
N TYR D 63 -49.35 10.82 -59.43
CA TYR D 63 -48.22 10.13 -60.00
C TYR D 63 -48.32 10.07 -61.51
N THR D 64 -47.15 10.09 -62.16
CA THR D 64 -46.97 10.49 -63.55
C THR D 64 -47.62 9.57 -64.58
N TRP D 65 -48.27 8.49 -64.18
CA TRP D 65 -49.06 7.66 -65.09
C TRP D 65 -50.46 7.46 -64.55
N GLY D 66 -51.38 7.19 -65.47
CA GLY D 66 -52.77 7.02 -65.11
C GLY D 66 -53.48 6.14 -66.11
N VAL D 67 -54.33 5.27 -65.60
CA VAL D 67 -55.05 4.29 -66.40
C VAL D 67 -56.38 4.88 -66.83
N GLN D 68 -56.95 4.29 -67.88
CA GLN D 68 -58.29 4.64 -68.35
C GLN D 68 -59.25 3.57 -67.86
N ALA D 69 -60.06 3.92 -66.85
CA ALA D 69 -60.99 3.00 -66.22
C ALA D 69 -62.43 3.47 -66.48
N VAL D 70 -63.37 2.75 -65.86
CA VAL D 70 -64.78 2.89 -66.21
C VAL D 70 -65.62 2.45 -65.01
N VAL D 71 -66.69 3.20 -64.73
CA VAL D 71 -67.66 2.82 -63.70
C VAL D 71 -68.38 1.55 -64.14
N LYS D 72 -68.40 0.53 -63.26
CA LYS D 72 -69.03 -0.73 -63.58
C LYS D 72 -70.45 -0.87 -63.04
N GLN D 73 -70.70 -0.40 -61.81
CA GLN D 73 -72.00 -0.58 -61.17
C GLN D 73 -72.35 0.64 -60.34
N ALA D 74 -73.64 0.78 -60.06
CA ALA D 74 -74.15 1.84 -59.21
C ALA D 74 -74.41 1.30 -57.80
N MET D 75 -73.32 0.99 -57.11
CA MET D 75 -73.38 0.51 -55.72
C MET D 75 -73.66 1.69 -54.82
N ARG D 76 -74.90 1.78 -54.31
CA ARG D 76 -75.33 2.84 -53.41
C ARG D 76 -75.39 2.27 -52.00
N LEU D 77 -74.33 2.48 -51.22
CA LEU D 77 -74.30 2.07 -49.82
C LEU D 77 -74.55 3.28 -48.93
N PRO D 78 -75.72 3.41 -48.30
CA PRO D 78 -76.06 4.62 -47.52
C PRO D 78 -75.44 4.62 -46.13
N ASP D 79 -74.12 4.46 -46.08
CA ASP D 79 -73.34 4.54 -44.84
C ASP D 79 -72.11 5.41 -45.04
N GLY D 80 -72.29 6.55 -45.71
CA GLY D 80 -71.19 7.43 -46.03
C GLY D 80 -70.39 7.02 -47.24
N THR D 81 -71.02 6.42 -48.25
CA THR D 81 -70.32 5.74 -49.34
C THR D 81 -71.10 5.93 -50.63
N LEU D 82 -70.39 6.14 -51.74
CA LEU D 82 -70.93 5.87 -53.08
C LEU D 82 -69.90 5.01 -53.79
N GLN D 83 -69.97 3.70 -53.58
CA GLN D 83 -68.94 2.78 -54.05
C GLN D 83 -69.04 2.55 -55.55
N VAL D 84 -67.89 2.57 -56.22
CA VAL D 84 -67.80 2.31 -57.64
C VAL D 84 -66.82 1.15 -57.88
N MET D 85 -67.28 0.14 -58.60
CA MET D 85 -66.41 -0.91 -59.12
C MET D 85 -65.82 -0.41 -60.43
N VAL D 86 -64.52 -0.65 -60.61
CA VAL D 86 -63.83 -0.16 -61.81
C VAL D 86 -63.06 -1.28 -62.48
N GLU D 87 -62.41 -0.95 -63.59
CA GLU D 87 -61.43 -1.82 -64.23
C GLU D 87 -60.41 -0.94 -64.92
N ALA D 88 -59.19 -0.94 -64.43
CA ALA D 88 -58.10 -0.31 -65.16
C ALA D 88 -57.82 -1.11 -66.42
N ARG D 89 -57.72 -0.43 -67.56
CA ARG D 89 -57.44 -1.13 -68.80
C ARG D 89 -55.95 -1.10 -69.13
N ALA D 90 -55.39 0.09 -69.36
CA ALA D 90 -53.98 0.27 -69.65
C ALA D 90 -53.63 1.74 -69.36
N ARG D 91 -52.36 2.08 -69.56
CA ARG D 91 -51.68 3.19 -68.91
C ARG D 91 -51.45 4.37 -69.85
N ALA D 92 -51.49 5.57 -69.29
CA ALA D 92 -51.48 6.82 -70.05
C ALA D 92 -51.08 7.96 -69.13
N GLN D 93 -51.04 9.18 -69.69
CA GLN D 93 -50.78 10.39 -68.91
C GLN D 93 -51.89 11.41 -69.12
N VAL D 94 -51.73 12.61 -68.56
CA VAL D 94 -52.79 13.63 -68.55
C VAL D 94 -52.35 14.81 -69.41
N THR D 95 -53.25 15.23 -70.31
CA THR D 95 -52.99 16.41 -71.15
C THR D 95 -53.01 17.68 -70.32
N ASP D 96 -54.06 17.88 -69.53
CA ASP D 96 -54.32 19.13 -68.84
C ASP D 96 -54.98 18.78 -67.52
N TYR D 97 -54.45 19.31 -66.42
CA TYR D 97 -55.09 19.15 -65.12
C TYR D 97 -55.48 20.53 -64.59
N ILE D 98 -56.71 20.93 -64.92
CA ILE D 98 -57.31 22.15 -64.35
C ILE D 98 -57.67 21.88 -62.90
N PRO D 99 -57.40 22.81 -61.96
CA PRO D 99 -57.76 22.58 -60.57
C PRO D 99 -59.27 22.46 -60.33
N GLY D 100 -59.63 21.48 -59.49
CA GLY D 100 -60.99 21.32 -59.02
C GLY D 100 -61.10 21.77 -57.58
N PRO D 101 -61.79 20.99 -56.73
CA PRO D 101 -62.52 19.74 -56.97
C PRO D 101 -63.88 19.97 -57.67
N TYR D 102 -64.35 19.08 -58.55
CA TYR D 102 -63.70 17.82 -58.93
C TYR D 102 -62.52 18.03 -59.88
N LEU D 103 -61.38 17.43 -59.53
CA LEU D 103 -60.14 17.70 -60.25
C LEU D 103 -60.20 17.11 -61.65
N ARG D 104 -60.47 17.98 -62.62
CA ARG D 104 -60.63 17.60 -64.01
C ARG D 104 -59.29 17.17 -64.59
N ALA D 105 -59.36 16.39 -65.66
CA ALA D 105 -58.17 15.94 -66.35
C ALA D 105 -58.56 15.54 -67.76
N ARG D 106 -57.74 15.93 -68.72
CA ARG D 106 -57.82 15.39 -70.07
C ARG D 106 -56.71 14.35 -70.21
N GLY D 107 -57.07 13.11 -70.51
CA GLY D 107 -56.10 12.04 -70.55
C GLY D 107 -55.23 12.06 -71.78
N GLU D 108 -54.44 10.99 -71.95
CA GLU D 108 -53.77 10.75 -73.22
C GLU D 108 -53.92 9.31 -73.69
N VAL D 109 -53.17 8.96 -74.74
CA VAL D 109 -53.31 7.67 -75.41
C VAL D 109 -52.69 6.55 -74.57
N PHE D 110 -53.16 5.33 -74.82
CA PHE D 110 -52.67 4.14 -74.13
C PHE D 110 -51.20 3.88 -74.43
N SER D 111 -50.58 3.09 -73.57
CA SER D 111 -49.25 2.53 -73.80
C SER D 111 -49.41 1.03 -73.93
N GLU D 112 -49.28 0.52 -75.16
CA GLU D 112 -49.53 -0.88 -75.47
C GLU D 112 -48.31 -1.45 -76.20
N ILE D 113 -47.68 -2.44 -75.59
CA ILE D 113 -46.60 -3.20 -76.20
C ILE D 113 -47.13 -4.56 -76.64
N PHE D 114 -46.70 -5.01 -77.81
CA PHE D 114 -46.81 -6.41 -78.20
C PHE D 114 -45.41 -7.01 -78.08
N PRO D 115 -45.23 -8.06 -77.27
CA PRO D 115 -43.90 -8.36 -76.74
C PRO D 115 -42.92 -8.90 -77.77
N ILE D 116 -41.63 -8.79 -77.41
CA ILE D 116 -40.51 -9.34 -78.18
C ILE D 116 -39.81 -10.34 -77.24
N ASP D 117 -39.04 -11.26 -77.84
CA ASP D 117 -38.32 -12.35 -77.13
C ASP D 117 -39.31 -13.27 -76.41
N GLU D 118 -40.25 -13.81 -77.19
CA GLU D 118 -41.41 -14.50 -76.61
C GLU D 118 -41.06 -15.83 -75.96
N ALA D 119 -39.97 -16.48 -76.35
CA ALA D 119 -39.66 -17.76 -75.73
C ALA D 119 -39.06 -17.58 -74.34
N VAL D 120 -38.18 -16.58 -74.17
CA VAL D 120 -37.67 -16.27 -72.84
C VAL D 120 -38.74 -15.53 -72.02
N VAL D 121 -39.69 -14.88 -72.70
CA VAL D 121 -40.93 -14.46 -72.06
C VAL D 121 -41.63 -15.67 -71.42
N ARG D 122 -41.79 -16.76 -72.19
CA ARG D 122 -42.46 -17.93 -71.65
C ARG D 122 -41.62 -18.66 -70.61
N VAL D 123 -40.29 -18.55 -70.70
CA VAL D 123 -39.40 -19.03 -69.64
C VAL D 123 -39.67 -18.28 -68.34
N LEU D 124 -39.65 -16.96 -68.40
CA LEU D 124 -39.90 -16.15 -67.21
C LEU D 124 -41.34 -16.30 -66.74
N VAL D 125 -42.27 -16.60 -67.64
CA VAL D 125 -43.68 -16.71 -67.30
C VAL D 125 -43.97 -18.04 -66.62
N GLU D 126 -43.32 -19.12 -67.04
CA GLU D 126 -43.48 -20.37 -66.32
C GLU D 126 -42.73 -20.33 -64.98
N GLU D 127 -41.59 -19.62 -64.92
CA GLU D 127 -40.94 -19.32 -63.65
C GLU D 127 -41.86 -18.53 -62.73
N LEU D 128 -42.55 -17.54 -63.28
CA LEU D 128 -43.49 -16.71 -62.53
C LEU D 128 -44.68 -17.50 -62.04
N LYS D 129 -45.21 -18.38 -62.88
CA LYS D 129 -46.34 -19.23 -62.53
C LYS D 129 -46.00 -20.11 -61.34
N GLU D 130 -44.89 -20.85 -61.43
CA GLU D 130 -44.53 -21.72 -60.32
C GLU D 130 -44.04 -20.94 -59.11
N ALA D 131 -43.40 -19.79 -59.32
CA ALA D 131 -42.94 -18.99 -58.20
C ALA D 131 -44.09 -18.34 -57.47
N PHE D 132 -45.20 -18.08 -58.16
CA PHE D 132 -46.37 -17.53 -57.49
C PHE D 132 -47.17 -18.62 -56.82
N GLU D 133 -47.17 -19.81 -57.42
CA GLU D 133 -47.68 -21.01 -56.76
C GLU D 133 -46.97 -21.23 -55.43
N LYS D 134 -45.65 -21.21 -55.46
CA LYS D 134 -44.95 -21.37 -54.19
C LYS D 134 -44.81 -20.06 -53.43
N TYR D 135 -45.30 -18.95 -53.96
CA TYR D 135 -45.49 -17.76 -53.14
C TYR D 135 -46.70 -17.93 -52.26
N VAL D 136 -47.75 -18.57 -52.80
CA VAL D 136 -48.85 -19.05 -51.97
C VAL D 136 -48.35 -20.11 -51.00
N ALA D 137 -47.50 -21.01 -51.48
CA ALA D 137 -47.00 -22.09 -50.64
C ALA D 137 -45.84 -21.67 -49.74
N ASN D 138 -45.37 -20.42 -49.83
CA ASN D 138 -44.47 -19.88 -48.83
C ASN D 138 -45.16 -18.83 -47.97
N HIS D 139 -45.73 -17.81 -48.61
CA HIS D 139 -46.34 -16.73 -47.84
C HIS D 139 -47.72 -17.20 -47.38
N LYS D 140 -47.68 -17.97 -46.31
CA LYS D 140 -48.87 -18.54 -45.67
C LYS D 140 -49.52 -17.53 -44.75
N SER D 141 -48.73 -16.63 -44.16
CA SER D 141 -49.18 -15.71 -43.13
C SER D 141 -50.11 -14.62 -43.66
N LEU D 142 -50.30 -14.51 -44.97
CA LEU D 142 -51.06 -13.41 -45.53
C LEU D 142 -52.53 -13.71 -45.70
N ARG D 143 -52.96 -14.95 -45.43
CA ARG D 143 -54.31 -15.45 -45.70
C ARG D 143 -54.72 -15.21 -47.15
N LEU D 144 -53.80 -15.54 -48.04
CA LEU D 144 -53.98 -15.23 -49.43
C LEU D 144 -54.89 -16.27 -50.07
N ASP D 145 -55.57 -15.87 -51.15
CA ASP D 145 -56.49 -16.74 -51.85
C ASP D 145 -55.76 -17.90 -52.50
N ARG D 146 -56.39 -19.07 -52.47
CA ARG D 146 -55.72 -20.31 -52.86
C ARG D 146 -56.45 -21.03 -54.00
N TYR D 147 -57.27 -20.31 -54.76
CA TYR D 147 -57.88 -20.88 -55.95
C TYR D 147 -57.87 -19.94 -57.14
N GLN D 148 -57.24 -18.77 -57.03
CA GLN D 148 -57.35 -17.74 -58.06
C GLN D 148 -56.20 -17.78 -59.05
N LEU D 149 -55.26 -18.72 -58.89
CA LEU D 149 -54.25 -19.03 -59.89
C LEU D 149 -54.60 -20.28 -60.68
N GLU D 150 -55.47 -21.13 -60.11
CA GLU D 150 -55.87 -22.40 -60.71
C GLU D 150 -56.96 -22.25 -61.77
N ALA D 151 -57.14 -21.04 -62.31
CA ALA D 151 -57.96 -20.78 -63.48
C ALA D 151 -57.17 -20.12 -64.60
N VAL D 152 -56.26 -19.22 -64.25
CA VAL D 152 -55.39 -18.54 -65.20
C VAL D 152 -54.07 -19.29 -65.28
N LYS D 153 -54.05 -20.51 -64.74
CA LYS D 153 -52.86 -21.34 -64.82
C LYS D 153 -52.60 -21.78 -66.25
N GLY D 154 -53.64 -21.92 -67.06
CA GLY D 154 -53.49 -22.39 -68.42
C GLY D 154 -53.79 -21.40 -69.51
N THR D 155 -54.19 -20.18 -69.18
CA THR D 155 -54.54 -19.17 -70.18
C THR D 155 -53.28 -18.44 -70.65
N SER D 156 -53.45 -17.39 -71.49
CA SER D 156 -52.30 -16.65 -72.04
C SER D 156 -52.58 -15.15 -72.11
N ASP D 157 -52.16 -14.43 -71.06
CA ASP D 157 -52.04 -12.98 -70.99
C ASP D 157 -51.06 -12.69 -69.85
N PRO D 158 -49.77 -12.65 -70.15
CA PRO D 158 -48.76 -12.74 -69.08
C PRO D 158 -48.62 -11.50 -68.22
N ALA D 159 -48.76 -10.31 -68.81
CA ALA D 159 -48.78 -9.11 -67.99
C ALA D 159 -50.03 -9.04 -67.14
N MET D 160 -51.12 -9.69 -67.58
CA MET D 160 -52.29 -9.81 -66.71
C MET D 160 -52.08 -10.83 -65.61
N LEU D 161 -51.23 -11.85 -65.86
CA LEU D 161 -50.79 -12.72 -64.77
C LEU D 161 -50.06 -11.90 -63.71
N ALA D 162 -49.12 -11.06 -64.15
CA ALA D 162 -48.46 -10.14 -63.23
C ALA D 162 -49.44 -9.15 -62.59
N ASP D 163 -50.51 -8.80 -63.31
CA ASP D 163 -51.47 -7.86 -62.75
C ASP D 163 -52.29 -8.49 -61.64
N THR D 164 -52.63 -9.76 -61.77
CA THR D 164 -53.28 -10.43 -60.65
C THR D 164 -52.28 -10.68 -59.53
N ILE D 165 -51.02 -10.90 -59.87
CA ILE D 165 -50.01 -11.20 -58.84
C ILE D 165 -49.71 -9.96 -57.99
N ALA D 166 -49.31 -8.86 -58.63
CA ALA D 166 -49.11 -7.59 -57.94
C ALA D 166 -50.43 -6.99 -57.45
N TYR D 167 -51.55 -7.40 -58.02
CA TYR D 167 -52.86 -7.13 -57.44
C TYR D 167 -52.98 -7.79 -56.08
N HIS D 168 -52.39 -8.97 -55.93
CA HIS D 168 -52.40 -9.66 -54.65
C HIS D 168 -51.05 -9.60 -53.95
N ALA D 169 -50.23 -8.61 -54.27
CA ALA D 169 -48.97 -8.37 -53.57
C ALA D 169 -49.10 -7.10 -52.74
N THR D 170 -48.42 -7.07 -51.60
CA THR D 170 -48.63 -6.02 -50.61
C THR D 170 -47.30 -5.45 -50.15
N TRP D 171 -47.03 -4.22 -50.55
CA TRP D 171 -45.86 -3.46 -50.12
C TRP D 171 -46.15 -1.97 -50.35
N THR D 172 -45.10 -1.16 -50.38
CA THR D 172 -45.29 0.27 -50.58
C THR D 172 -45.76 0.59 -52.00
N VAL D 173 -46.43 1.73 -52.12
CA VAL D 173 -47.27 2.05 -53.26
C VAL D 173 -46.43 2.29 -54.50
N ALA D 174 -45.21 2.79 -54.30
CA ALA D 174 -44.33 3.16 -55.41
C ALA D 174 -43.89 1.94 -56.21
N GLU D 175 -43.87 0.77 -55.59
CA GLU D 175 -43.51 -0.44 -56.32
C GLU D 175 -44.60 -0.82 -57.32
N LYS D 176 -45.87 -0.80 -56.86
CA LYS D 176 -47.00 -0.98 -57.76
C LYS D 176 -47.05 0.11 -58.82
N GLN D 177 -46.60 1.31 -58.47
CA GLN D 177 -46.49 2.39 -59.44
C GLN D 177 -45.50 2.06 -60.53
N GLU D 178 -44.32 1.57 -60.16
CA GLU D 178 -43.29 1.26 -61.14
C GLU D 178 -43.68 0.05 -61.97
N ILE D 179 -44.47 -0.86 -61.39
CA ILE D 179 -45.14 -1.90 -62.17
C ILE D 179 -46.05 -1.27 -63.21
N LEU D 180 -46.82 -0.27 -62.80
CA LEU D 180 -47.69 0.44 -63.72
C LEU D 180 -46.92 1.47 -64.56
N GLU D 181 -45.80 2.01 -64.06
CA GLU D 181 -45.04 2.99 -64.82
C GLU D 181 -44.37 2.40 -66.05
N LEU D 182 -44.07 1.11 -66.07
CA LEU D 182 -43.32 0.51 -67.16
C LEU D 182 -44.27 0.11 -68.28
N THR D 183 -44.20 0.87 -69.38
CA THR D 183 -44.82 0.45 -70.64
C THR D 183 -44.28 -0.90 -71.08
N ASP D 184 -42.95 -1.08 -71.01
CA ASP D 184 -42.37 -2.37 -71.34
C ASP D 184 -42.65 -3.35 -70.22
N LEU D 185 -42.62 -4.63 -70.56
CA LEU D 185 -43.10 -5.66 -69.66
C LEU D 185 -42.00 -6.48 -68.97
N GLU D 186 -40.84 -6.69 -69.61
CA GLU D 186 -39.85 -7.60 -69.04
C GLU D 186 -39.24 -7.04 -67.77
N ALA D 187 -38.98 -5.73 -67.76
CA ALA D 187 -38.33 -5.10 -66.61
C ALA D 187 -39.25 -5.05 -65.41
N ARG D 188 -40.57 -4.91 -65.63
CA ARG D 188 -41.49 -4.92 -64.49
C ARG D 188 -41.51 -6.31 -63.86
N LEU D 189 -41.36 -7.34 -64.69
CA LEU D 189 -41.36 -8.71 -64.19
C LEU D 189 -40.09 -8.99 -63.42
N LYS D 190 -38.95 -8.51 -63.93
CA LYS D 190 -37.69 -8.80 -63.26
C LYS D 190 -37.58 -8.04 -61.95
N LYS D 191 -38.12 -6.81 -61.90
CA LYS D 191 -38.12 -6.06 -60.65
C LYS D 191 -39.08 -6.66 -59.63
N VAL D 192 -40.27 -7.09 -60.09
CA VAL D 192 -41.19 -7.82 -59.23
C VAL D 192 -40.53 -9.08 -58.69
N LEU D 193 -39.79 -9.79 -59.53
CA LEU D 193 -39.20 -11.05 -59.11
C LEU D 193 -38.06 -10.83 -58.13
N GLY D 194 -37.35 -9.71 -58.26
CA GLY D 194 -36.38 -9.35 -57.23
C GLY D 194 -37.04 -9.04 -55.89
N LEU D 195 -38.18 -8.34 -55.94
CA LEU D 195 -38.98 -8.13 -54.74
C LEU D 195 -39.42 -9.47 -54.16
N LEU D 196 -39.79 -10.40 -55.03
CA LEU D 196 -40.21 -11.73 -54.59
C LEU D 196 -39.06 -12.46 -53.94
N SER D 197 -37.84 -12.23 -54.43
CA SER D 197 -36.65 -12.81 -53.80
C SER D 197 -36.50 -12.30 -52.39
N ARG D 198 -36.73 -11.00 -52.20
CA ARG D 198 -36.67 -10.42 -50.85
C ARG D 198 -37.75 -11.00 -49.94
N ASP D 199 -38.94 -11.22 -50.50
CA ASP D 199 -40.06 -11.73 -49.73
C ASP D 199 -39.82 -13.16 -49.25
N LEU D 200 -39.49 -14.04 -50.20
CA LEU D 200 -39.22 -15.44 -49.89
C LEU D 200 -38.04 -15.58 -48.95
N GLU D 201 -37.01 -14.76 -49.14
CA GLU D 201 -35.86 -14.89 -48.27
C GLU D 201 -36.15 -14.32 -46.89
N ARG D 202 -37.04 -13.33 -46.80
CA ARG D 202 -37.47 -12.86 -45.49
C ARG D 202 -38.29 -13.93 -44.77
N PHE D 203 -39.06 -14.70 -45.54
CA PHE D 203 -39.78 -15.83 -44.97
C PHE D 203 -38.83 -16.89 -44.44
N GLU D 204 -37.81 -17.21 -45.21
CA GLU D 204 -36.87 -18.24 -44.78
C GLU D 204 -36.05 -17.74 -43.60
N LEU D 205 -35.84 -16.44 -43.56
CA LEU D 205 -35.19 -15.83 -42.42
C LEU D 205 -36.04 -15.93 -41.17
N ASP D 206 -37.37 -15.86 -41.34
CA ASP D 206 -38.26 -16.04 -40.21
C ASP D 206 -38.11 -17.44 -39.64
N LYS D 207 -37.99 -18.43 -40.54
CA LYS D 207 -37.76 -19.80 -40.10
C LYS D 207 -36.45 -19.93 -39.34
N ARG D 208 -35.40 -19.28 -39.85
CA ARG D 208 -34.11 -19.22 -39.15
C ARG D 208 -34.27 -18.72 -37.73
N VAL D 209 -34.87 -17.56 -37.57
CA VAL D 209 -34.79 -16.92 -36.25
C VAL D 209 -35.72 -17.59 -35.27
N ALA D 210 -36.78 -18.22 -35.78
CA ALA D 210 -37.61 -19.04 -34.89
C ALA D 210 -36.82 -20.21 -34.33
N GLN D 211 -36.03 -20.88 -35.20
CA GLN D 211 -35.19 -21.96 -34.70
C GLN D 211 -34.16 -21.45 -33.70
N ARG D 212 -33.62 -20.28 -33.97
CA ARG D 212 -32.57 -19.77 -33.09
C ARG D 212 -33.12 -19.42 -31.73
N VAL D 213 -34.30 -18.81 -31.68
CA VAL D 213 -34.94 -18.45 -30.41
C VAL D 213 -35.25 -19.69 -29.60
N LYS D 214 -35.76 -20.73 -30.27
CA LYS D 214 -36.17 -21.90 -29.52
C LYS D 214 -34.99 -22.64 -28.91
N GLU D 215 -33.89 -22.77 -29.67
CA GLU D 215 -32.75 -23.44 -29.06
C GLU D 215 -32.11 -22.59 -27.98
N GLN D 216 -32.14 -21.26 -28.12
CA GLN D 216 -31.56 -20.40 -27.08
C GLN D 216 -32.31 -20.51 -25.77
N MET D 217 -33.64 -20.49 -25.83
CA MET D 217 -34.42 -20.55 -24.60
C MET D 217 -34.29 -21.91 -23.93
N ASP D 218 -34.30 -22.99 -24.71
CA ASP D 218 -34.22 -24.28 -24.07
C ASP D 218 -32.82 -24.56 -23.55
N THR D 219 -31.82 -23.91 -24.13
CA THR D 219 -30.47 -23.95 -23.58
C THR D 219 -30.41 -23.28 -22.21
N ASN D 220 -31.05 -22.11 -22.09
CA ASN D 220 -31.05 -21.42 -20.80
C ASN D 220 -31.82 -22.21 -19.74
N GLN D 221 -32.90 -22.86 -20.16
CA GLN D 221 -33.71 -23.61 -19.20
C GLN D 221 -33.00 -24.87 -18.75
N ARG D 222 -32.29 -25.53 -19.67
CA ARG D 222 -31.45 -26.66 -19.30
C ARG D 222 -30.32 -26.23 -18.38
N GLU D 223 -29.72 -25.05 -18.60
CA GLU D 223 -28.62 -24.61 -17.76
C GLU D 223 -29.06 -24.32 -16.33
N TYR D 224 -30.18 -23.60 -16.19
CA TYR D 224 -30.80 -23.40 -14.87
C TYR D 224 -31.17 -24.72 -14.18
N TYR D 225 -31.80 -25.65 -14.91
CA TYR D 225 -32.15 -26.96 -14.37
C TYR D 225 -30.94 -27.71 -13.87
N LEU D 226 -29.84 -27.64 -14.60
CA LEU D 226 -28.64 -28.33 -14.19
C LEU D 226 -28.06 -27.69 -12.93
N ARG D 227 -28.10 -26.35 -12.85
CA ARG D 227 -27.58 -25.69 -11.65
C ARG D 227 -28.37 -26.11 -10.42
N GLU D 228 -29.65 -26.35 -10.59
CA GLU D 228 -30.40 -26.81 -9.45
C GLU D 228 -30.20 -28.29 -9.16
N GLN D 229 -29.90 -29.13 -10.17
CA GLN D 229 -29.47 -30.51 -9.91
C GLN D 229 -28.25 -30.50 -9.01
N MET D 230 -27.33 -29.60 -9.34
CA MET D 230 -26.08 -29.46 -8.61
C MET D 230 -26.34 -29.10 -7.15
N LYS D 231 -27.05 -28.01 -6.92
CA LYS D 231 -27.23 -27.59 -5.52
C LYS D 231 -28.18 -28.51 -4.77
N ALA D 232 -28.95 -29.32 -5.49
CA ALA D 232 -29.79 -30.32 -4.84
C ALA D 232 -28.97 -31.44 -4.25
N ILE D 233 -28.00 -31.97 -5.02
CA ILE D 233 -27.12 -32.98 -4.42
C ILE D 233 -26.28 -32.35 -3.32
N GLN D 234 -25.95 -31.05 -3.44
CA GLN D 234 -25.11 -30.45 -2.40
C GLN D 234 -25.84 -30.31 -1.07
N LYS D 235 -27.11 -29.93 -1.10
CA LYS D 235 -27.84 -29.85 0.15
C LYS D 235 -28.21 -31.24 0.66
N GLU D 236 -28.17 -32.24 -0.23
CA GLU D 236 -28.07 -33.60 0.30
C GLU D 236 -26.74 -33.80 1.01
N LEU D 237 -25.67 -33.22 0.48
CA LEU D 237 -24.34 -33.44 1.04
C LEU D 237 -23.99 -32.43 2.12
N GLY D 238 -25.04 -31.88 2.76
CA GLY D 238 -24.85 -30.90 3.84
C GLY D 238 -26.17 -30.57 4.51
N GLY D 239 -27.15 -31.47 4.40
CA GLY D 239 -28.50 -31.23 4.96
C GLY D 239 -28.71 -31.88 6.31
N GLU D 240 -27.66 -32.44 6.90
CA GLU D 240 -27.78 -33.14 8.21
C GLU D 240 -28.11 -32.10 9.29
N ASP D 241 -28.76 -32.53 10.38
CA ASP D 241 -29.21 -31.57 11.44
C ASP D 241 -28.00 -30.81 12.01
N GLY D 242 -26.86 -31.49 12.21
CA GLY D 242 -25.65 -30.83 12.74
C GLY D 242 -24.65 -30.47 11.65
N LEU D 243 -24.99 -30.64 10.38
CA LEU D 243 -23.99 -30.42 9.29
C LEU D 243 -23.74 -28.93 9.03
N SER D 244 -24.74 -28.06 9.16
CA SER D 244 -24.56 -26.64 8.82
C SER D 244 -23.35 -26.21 9.63
N ASP D 245 -22.23 -26.01 8.99
CA ASP D 245 -21.01 -25.54 9.61
C ASP D 245 -21.20 -24.28 10.41
N LEU D 246 -22.20 -23.47 10.08
CA LEU D 246 -22.53 -22.37 10.98
C LEU D 246 -23.15 -22.88 12.26
N GLU D 247 -23.90 -23.98 12.19
CA GLU D 247 -24.37 -24.64 13.40
C GLU D 247 -23.23 -25.22 14.21
N ALA D 248 -22.23 -25.78 13.53
CA ALA D 248 -21.08 -26.32 14.24
C ALA D 248 -20.25 -25.21 14.87
N LEU D 249 -20.15 -24.07 14.18
CA LEU D 249 -19.46 -22.92 14.73
C LEU D 249 -20.21 -22.35 15.93
N ARG D 250 -21.54 -22.36 15.86
CA ARG D 250 -22.33 -21.92 17.00
C ARG D 250 -22.12 -22.83 18.19
N LYS D 251 -22.03 -24.15 17.96
CA LYS D 251 -21.75 -25.04 19.08
C LYS D 251 -20.36 -24.86 19.63
N LYS D 252 -19.38 -24.61 18.76
CA LYS D 252 -18.02 -24.43 19.22
C LYS D 252 -17.86 -23.15 20.02
N ILE D 253 -18.71 -22.15 19.77
CA ILE D 253 -18.66 -20.94 20.57
C ILE D 253 -19.07 -21.21 22.00
N GLU D 254 -20.12 -22.00 22.24
CA GLU D 254 -20.43 -22.28 23.63
C GLU D 254 -19.58 -23.37 24.24
N GLU D 255 -18.88 -24.18 23.45
CA GLU D 255 -18.01 -25.18 24.07
C GLU D 255 -16.79 -24.54 24.70
N VAL D 256 -15.95 -23.87 23.90
CA VAL D 256 -14.69 -23.35 24.40
C VAL D 256 -14.98 -22.15 25.30
N GLY D 257 -14.14 -21.97 26.32
CA GLY D 257 -14.02 -20.76 27.13
C GLY D 257 -15.32 -20.23 27.67
N MET D 258 -15.67 -18.98 27.37
CA MET D 258 -14.78 -17.88 27.04
C MET D 258 -15.45 -16.82 27.90
N PRO D 259 -14.90 -15.61 28.08
CA PRO D 259 -15.59 -14.63 28.92
C PRO D 259 -16.89 -14.16 28.31
N GLU D 260 -17.64 -13.40 29.10
CA GLU D 260 -19.04 -13.18 28.77
C GLU D 260 -19.22 -12.11 27.71
N ALA D 261 -18.47 -11.01 27.81
CA ALA D 261 -18.59 -9.95 26.82
C ALA D 261 -18.09 -10.39 25.47
N VAL D 262 -17.02 -11.20 25.45
CA VAL D 262 -16.50 -11.72 24.21
C VAL D 262 -17.49 -12.69 23.60
N LYS D 263 -18.19 -13.44 24.44
CA LYS D 263 -19.18 -14.38 23.93
C LYS D 263 -20.37 -13.67 23.33
N THR D 264 -20.75 -12.54 23.92
CA THR D 264 -21.85 -11.73 23.37
C THR D 264 -21.48 -11.13 22.03
N LYS D 265 -20.27 -10.58 21.93
CA LYS D 265 -19.78 -10.05 20.67
C LYS D 265 -19.72 -11.13 19.59
N ALA D 266 -19.31 -12.34 19.96
CA ALA D 266 -19.20 -13.39 18.98
C ALA D 266 -20.57 -13.87 18.51
N LEU D 267 -21.56 -13.92 19.41
CA LEU D 267 -22.88 -14.32 18.96
C LEU D 267 -23.55 -13.26 18.09
N LYS D 268 -23.31 -11.98 18.35
CA LYS D 268 -23.84 -10.97 17.45
C LYS D 268 -23.16 -11.01 16.09
N GLU D 269 -21.87 -11.31 16.07
CA GLU D 269 -21.17 -11.42 14.80
C GLU D 269 -21.63 -12.63 14.01
N LEU D 270 -21.96 -13.73 14.69
CA LEU D 270 -22.49 -14.89 13.98
C LEU D 270 -23.88 -14.62 13.43
N ASP D 271 -24.72 -13.92 14.19
CA ASP D 271 -26.03 -13.58 13.68
C ASP D 271 -25.96 -12.63 12.50
N ARG D 272 -24.99 -11.72 12.49
CA ARG D 272 -24.76 -10.91 11.31
C ARG D 272 -24.26 -11.72 10.14
N LEU D 273 -23.45 -12.74 10.40
CA LEU D 273 -22.91 -13.57 9.32
C LEU D 273 -23.99 -14.46 8.70
N GLU D 274 -24.96 -14.90 9.47
CA GLU D 274 -25.95 -15.82 8.94
C GLU D 274 -26.94 -15.18 7.98
N ARG D 275 -26.94 -13.87 7.83
CA ARG D 275 -27.85 -13.23 6.91
C ARG D 275 -27.23 -12.89 5.57
N MET D 276 -25.90 -12.81 5.51
CA MET D 276 -25.22 -12.45 4.28
C MET D 276 -25.35 -13.58 3.28
N GLN D 277 -25.03 -13.27 2.02
CA GLN D 277 -24.91 -14.32 1.03
C GLN D 277 -23.50 -14.83 1.06
N GLN D 278 -23.34 -16.12 0.88
CA GLN D 278 -22.06 -16.73 1.14
C GLN D 278 -21.10 -16.50 -0.02
N GLY D 279 -19.82 -16.42 0.31
CA GLY D 279 -18.81 -16.17 -0.68
C GLY D 279 -18.54 -14.71 -0.96
N SER D 280 -19.46 -13.82 -0.58
CA SER D 280 -19.20 -12.39 -0.67
C SER D 280 -18.07 -12.03 0.28
N PRO D 281 -17.29 -10.98 -0.02
CA PRO D 281 -16.05 -10.73 0.74
C PRO D 281 -16.28 -10.37 2.20
N GLU D 282 -17.40 -9.73 2.51
CA GLU D 282 -17.73 -9.43 3.89
C GLU D 282 -17.98 -10.70 4.69
N ALA D 283 -18.58 -11.71 4.06
CA ALA D 283 -18.76 -12.99 4.71
C ALA D 283 -17.44 -13.69 4.97
N THR D 284 -16.46 -13.49 4.08
CA THR D 284 -15.15 -14.07 4.30
C THR D 284 -14.45 -13.42 5.48
N VAL D 285 -14.52 -12.10 5.57
CA VAL D 285 -13.90 -11.38 6.69
C VAL D 285 -14.52 -11.80 8.02
N ALA D 286 -15.83 -11.93 8.07
CA ALA D 286 -16.46 -12.33 9.32
C ALA D 286 -16.18 -13.79 9.68
N ARG D 287 -16.09 -14.67 8.69
CA ARG D 287 -15.86 -16.07 8.99
C ARG D 287 -14.45 -16.30 9.50
N THR D 288 -13.47 -15.62 8.91
CA THR D 288 -12.12 -15.82 9.42
C THR D 288 -11.92 -15.16 10.76
N TYR D 289 -12.67 -14.11 11.07
CA TYR D 289 -12.60 -13.54 12.41
C TYR D 289 -13.17 -14.48 13.45
N LEU D 290 -14.26 -15.17 13.13
CA LEU D 290 -14.79 -16.12 14.11
C LEU D 290 -13.90 -17.34 14.27
N ASP D 291 -13.20 -17.74 13.22
CA ASP D 291 -12.27 -18.85 13.34
C ASP D 291 -11.12 -18.52 14.29
N TRP D 292 -10.52 -17.33 14.13
CA TRP D 292 -9.51 -16.92 15.10
C TRP D 292 -10.08 -16.76 16.49
N LEU D 293 -11.33 -16.34 16.61
CA LEU D 293 -11.86 -16.07 17.93
C LEU D 293 -12.22 -17.35 18.67
N THR D 294 -12.39 -18.46 17.97
CA THR D 294 -12.58 -19.73 18.65
C THR D 294 -11.35 -20.61 18.66
N GLU D 295 -10.25 -20.22 18.02
CA GLU D 295 -9.05 -21.06 18.09
C GLU D 295 -8.07 -20.70 19.20
N VAL D 296 -8.10 -19.49 19.74
CA VAL D 296 -7.18 -19.15 20.83
C VAL D 296 -7.63 -19.84 22.10
N PRO D 297 -6.76 -20.10 23.06
CA PRO D 297 -7.20 -20.73 24.30
C PRO D 297 -7.74 -19.72 25.29
N TRP D 298 -8.86 -20.07 25.90
CA TRP D 298 -9.50 -19.15 26.83
C TRP D 298 -9.42 -19.60 28.27
N SER D 299 -9.48 -20.90 28.56
CA SER D 299 -9.16 -21.39 29.89
C SER D 299 -8.73 -22.85 29.76
N LYS D 300 -7.43 -23.09 29.73
CA LYS D 300 -6.90 -24.43 29.53
C LYS D 300 -5.47 -24.38 30.02
N ALA D 301 -5.18 -25.02 31.13
CA ALA D 301 -3.91 -24.85 31.78
C ALA D 301 -3.25 -26.19 32.05
N ASP D 302 -1.97 -26.15 32.20
CA ASP D 302 -1.19 -27.29 32.63
C ASP D 302 -1.14 -27.32 34.14
N PRO D 303 -0.82 -28.46 34.76
CA PRO D 303 -0.61 -28.46 36.20
C PRO D 303 0.63 -27.68 36.58
N GLU D 304 0.55 -27.00 37.72
CA GLU D 304 1.63 -26.14 38.16
C GLU D 304 2.27 -26.53 39.47
N VAL D 305 1.79 -27.57 40.13
CA VAL D 305 2.37 -28.01 41.39
C VAL D 305 3.17 -29.27 41.12
N LEU D 306 4.48 -29.20 41.35
CA LEU D 306 5.40 -30.27 40.98
C LEU D 306 6.21 -30.67 42.19
N ASP D 307 7.03 -31.70 42.01
CA ASP D 307 7.99 -32.11 43.02
C ASP D 307 9.25 -31.29 42.83
N ILE D 308 9.71 -30.67 43.90
CA ILE D 308 10.87 -29.80 43.80
C ILE D 308 12.14 -30.63 43.64
N ASN D 309 12.22 -31.77 44.32
CA ASN D 309 13.42 -32.60 44.28
C ASN D 309 13.62 -33.25 42.93
N HIS D 310 12.60 -33.28 42.10
CA HIS D 310 12.72 -33.83 40.76
C HIS D 310 13.09 -32.77 39.73
N THR D 311 12.53 -31.57 39.85
CA THR D 311 12.94 -30.55 38.90
C THR D 311 14.33 -30.03 39.19
N ARG D 312 14.82 -30.17 40.42
CA ARG D 312 16.22 -29.90 40.68
C ARG D 312 17.12 -30.83 39.87
N GLN D 313 16.74 -32.11 39.81
CA GLN D 313 17.51 -33.08 39.05
C GLN D 313 17.42 -32.83 37.56
N VAL D 314 16.26 -32.42 37.08
CA VAL D 314 16.15 -32.19 35.64
C VAL D 314 16.89 -30.93 35.22
N LEU D 315 16.88 -29.89 36.05
CA LEU D 315 17.67 -28.71 35.74
C LEU D 315 19.16 -28.98 35.81
N ASP D 316 19.57 -29.97 36.60
CA ASP D 316 21.00 -30.26 36.68
C ASP D 316 21.53 -31.01 35.47
N GLU D 317 20.69 -31.68 34.71
CA GLU D 317 21.23 -32.56 33.68
C GLU D 317 21.41 -31.86 32.35
N ASP D 318 21.23 -30.56 32.28
CA ASP D 318 21.46 -29.81 31.05
C ASP D 318 22.45 -28.68 31.19
N HIS D 319 22.77 -28.23 32.39
CA HIS D 319 23.61 -27.06 32.58
C HIS D 319 24.41 -27.22 33.85
N TYR D 320 25.63 -26.73 33.81
CA TYR D 320 26.50 -26.71 34.95
C TYR D 320 26.40 -25.36 35.63
N GLY D 321 26.31 -25.36 36.95
CA GLY D 321 26.38 -24.12 37.67
C GLY D 321 25.06 -23.39 37.62
N LEU D 322 25.10 -22.07 37.44
CA LEU D 322 23.92 -21.21 37.29
C LEU D 322 22.98 -21.32 38.47
N LYS D 323 23.50 -20.99 39.65
CA LYS D 323 22.72 -21.14 40.87
C LYS D 323 21.56 -20.17 40.94
N ASP D 324 21.71 -18.97 40.41
CA ASP D 324 20.70 -17.94 40.61
C ASP D 324 19.45 -18.22 39.81
N VAL D 325 19.60 -18.64 38.57
CA VAL D 325 18.45 -18.95 37.74
C VAL D 325 17.72 -20.17 38.28
N LYS D 326 18.46 -21.18 38.72
CA LYS D 326 17.85 -22.39 39.20
C LYS D 326 17.15 -22.16 40.53
N GLU D 327 17.72 -21.30 41.38
CA GLU D 327 17.03 -21.00 42.62
C GLU D 327 15.80 -20.15 42.40
N ARG D 328 15.80 -19.29 41.37
CA ARG D 328 14.59 -18.55 41.05
C ARG D 328 13.46 -19.48 40.65
N ILE D 329 13.78 -20.52 39.88
CA ILE D 329 12.76 -21.49 39.49
C ILE D 329 12.25 -22.29 40.68
N LEU D 330 13.16 -22.70 41.57
CA LEU D 330 12.70 -23.49 42.70
C LEU D 330 11.91 -22.66 43.70
N GLU D 331 12.19 -21.38 43.83
CA GLU D 331 11.38 -20.52 44.68
C GLU D 331 10.00 -20.31 44.10
N TYR D 332 9.91 -20.18 42.78
CA TYR D 332 8.60 -20.13 42.12
C TYR D 332 7.78 -21.37 42.41
N LEU D 333 8.42 -22.55 42.40
CA LEU D 333 7.65 -23.76 42.69
C LEU D 333 7.27 -23.88 44.15
N ALA D 334 8.09 -23.37 45.07
CA ALA D 334 7.71 -23.39 46.47
C ALA D 334 6.50 -22.51 46.73
N VAL D 335 6.47 -21.33 46.12
CA VAL D 335 5.31 -20.45 46.22
C VAL D 335 4.09 -21.12 45.61
N ARG D 336 4.25 -21.81 44.48
CA ARG D 336 3.13 -22.51 43.90
C ARG D 336 2.61 -23.63 44.77
N GLN D 337 3.47 -24.25 45.56
CA GLN D 337 2.98 -25.32 46.43
C GLN D 337 2.25 -24.77 47.64
N LEU D 338 2.69 -23.64 48.20
CA LEU D 338 2.02 -23.14 49.39
C LEU D 338 0.65 -22.54 49.10
N THR D 339 0.49 -21.85 47.98
CA THR D 339 -0.78 -21.21 47.71
C THR D 339 -1.67 -22.12 46.89
N GLN D 340 -1.83 -23.35 47.32
CA GLN D 340 -2.48 -24.30 46.43
C GLN D 340 -3.99 -24.27 46.53
N GLY D 341 -4.53 -24.21 47.74
CA GLY D 341 -5.96 -24.17 47.88
C GLY D 341 -6.51 -22.76 48.01
N LEU D 342 -5.63 -21.78 48.15
CA LEU D 342 -6.05 -20.41 48.43
C LEU D 342 -6.54 -19.74 47.15
N ASP D 343 -6.96 -18.49 47.27
CA ASP D 343 -7.31 -17.67 46.12
C ASP D 343 -6.52 -16.37 46.12
N VAL D 344 -5.33 -16.41 45.58
CA VAL D 344 -4.52 -15.21 45.44
C VAL D 344 -4.35 -15.01 43.94
N ARG D 345 -3.65 -13.96 43.51
CA ARG D 345 -3.86 -13.55 42.13
C ARG D 345 -2.98 -14.26 41.11
N ASN D 346 -1.85 -14.86 41.50
CA ASN D 346 -1.05 -15.76 40.65
C ASN D 346 -0.54 -15.07 39.38
N LYS D 347 0.41 -14.17 39.56
CA LYS D 347 1.12 -13.56 38.43
C LYS D 347 2.41 -14.31 38.16
N ALA D 348 2.62 -14.71 36.91
CA ALA D 348 3.82 -15.40 36.52
C ALA D 348 4.98 -14.42 36.39
N PRO D 349 6.22 -14.90 36.48
CA PRO D 349 7.37 -13.99 36.44
C PRO D 349 7.65 -13.44 35.05
N ILE D 350 8.36 -12.32 35.02
CA ILE D 350 8.86 -11.71 33.79
C ILE D 350 10.32 -11.40 34.02
N LEU D 351 11.21 -12.16 33.37
CA LEU D 351 12.63 -12.14 33.65
C LEU D 351 13.40 -11.57 32.47
N VAL D 352 14.60 -11.05 32.74
CA VAL D 352 15.55 -10.77 31.68
C VAL D 352 16.90 -11.37 32.07
N LEU D 353 17.47 -12.17 31.18
CA LEU D 353 18.78 -12.78 31.38
C LEU D 353 19.80 -11.99 30.58
N VAL D 354 20.75 -11.38 31.26
CA VAL D 354 21.71 -10.51 30.60
C VAL D 354 23.12 -11.04 30.85
N GLY D 355 23.93 -11.07 29.81
CA GLY D 355 25.26 -11.58 29.93
C GLY D 355 25.95 -11.77 28.60
N PRO D 356 27.27 -11.99 28.61
CA PRO D 356 28.09 -11.99 27.39
C PRO D 356 27.74 -13.15 26.47
N PRO D 357 28.20 -13.18 25.22
CA PRO D 357 27.73 -14.22 24.30
C PRO D 357 28.32 -15.58 24.62
N GLY D 358 27.55 -16.62 24.34
CA GLY D 358 28.04 -17.95 24.50
C GLY D 358 27.87 -18.55 25.86
N VAL D 359 27.46 -17.79 26.85
CA VAL D 359 26.96 -18.41 28.06
C VAL D 359 25.57 -18.96 27.77
N GLY D 360 25.05 -19.77 28.65
CA GLY D 360 23.86 -20.48 28.22
C GLY D 360 22.55 -19.73 28.31
N LYS D 361 22.34 -18.66 27.53
CA LYS D 361 21.12 -17.90 27.73
C LYS D 361 19.92 -18.53 27.04
N THR D 362 19.95 -18.68 25.72
CA THR D 362 18.77 -19.22 25.07
C THR D 362 18.64 -20.72 25.21
N SER D 363 19.59 -21.39 25.83
CA SER D 363 19.42 -22.79 26.13
C SER D 363 18.62 -22.99 27.40
N LEU D 364 18.74 -22.05 28.33
CA LEU D 364 17.99 -22.11 29.56
C LEU D 364 16.51 -21.98 29.34
N GLY D 365 16.08 -21.34 28.24
CA GLY D 365 14.66 -21.25 27.96
C GLY D 365 14.02 -22.60 27.76
N ARG D 366 14.59 -23.41 26.89
CA ARG D 366 14.03 -24.72 26.65
C ARG D 366 14.29 -25.66 27.80
N SER D 367 15.40 -25.47 28.52
CA SER D 367 15.66 -26.34 29.66
C SER D 367 14.68 -26.10 30.80
N ILE D 368 14.37 -24.83 31.08
CA ILE D 368 13.39 -24.48 32.11
C ILE D 368 12.01 -24.96 31.71
N ALA D 369 11.62 -24.79 30.46
CA ALA D 369 10.29 -25.24 30.07
C ALA D 369 10.16 -26.75 30.05
N ARG D 370 11.23 -27.47 29.75
CA ARG D 370 11.17 -28.93 29.85
C ARG D 370 11.17 -29.36 31.31
N SER D 371 11.79 -28.58 32.18
CA SER D 371 11.87 -28.94 33.57
C SER D 371 10.53 -28.84 34.28
N MET D 372 9.75 -27.82 34.00
CA MET D 372 8.50 -27.60 34.70
C MET D 372 7.31 -28.22 34.00
N ASN D 373 7.54 -29.01 32.95
CA ASN D 373 6.51 -29.63 32.13
C ASN D 373 5.56 -28.63 31.50
N ARG D 374 6.06 -27.48 31.11
CA ARG D 374 5.24 -26.51 30.41
C ARG D 374 5.44 -26.65 28.91
N LYS D 375 4.61 -25.95 28.16
CA LYS D 375 4.86 -25.82 26.73
C LYS D 375 5.89 -24.75 26.49
N PHE D 376 6.35 -24.63 25.27
CA PHE D 376 7.44 -23.71 24.96
C PHE D 376 7.23 -23.16 23.57
N HIS D 377 7.62 -21.90 23.38
CA HIS D 377 7.58 -21.28 22.08
C HIS D 377 8.54 -20.11 22.08
N ARG D 378 9.34 -19.99 21.03
CA ARG D 378 10.36 -18.96 20.95
C ARG D 378 9.97 -17.92 19.93
N ILE D 379 10.06 -16.65 20.30
CA ILE D 379 9.85 -15.54 19.38
C ILE D 379 11.18 -14.82 19.26
N SER D 380 11.67 -14.67 18.04
CA SER D 380 12.96 -14.03 17.83
C SER D 380 12.73 -12.59 17.44
N LEU D 381 13.22 -11.66 18.25
CA LEU D 381 12.95 -10.24 18.08
C LEU D 381 14.11 -9.47 17.51
N GLY D 382 15.14 -10.14 17.02
CA GLY D 382 16.27 -9.40 16.53
C GLY D 382 16.00 -8.77 15.19
N GLY D 383 16.17 -7.46 15.09
CA GLY D 383 16.00 -6.78 13.83
C GLY D 383 14.57 -6.46 13.48
N VAL D 384 13.59 -6.85 14.28
CA VAL D 384 12.20 -6.49 14.01
C VAL D 384 12.01 -5.01 14.25
N ARG D 385 11.46 -4.31 13.27
CA ARG D 385 11.19 -2.90 13.45
C ARG D 385 9.79 -2.52 12.99
N ASP D 386 8.89 -3.47 12.90
CA ASP D 386 7.51 -3.23 12.51
C ASP D 386 6.63 -3.34 13.74
N GLU D 387 5.86 -2.30 14.02
CA GLU D 387 4.94 -2.33 15.15
C GLU D 387 3.82 -3.32 14.95
N ALA D 388 3.44 -3.57 13.71
CA ALA D 388 2.38 -4.51 13.42
C ALA D 388 2.83 -5.94 13.49
N GLU D 389 3.99 -6.20 14.02
CA GLU D 389 4.40 -7.54 14.31
C GLU D 389 4.06 -7.92 15.73
N ILE D 390 3.80 -6.94 16.59
CA ILE D 390 3.42 -7.15 17.97
C ILE D 390 1.92 -7.18 18.09
N ARG D 391 1.28 -6.10 17.66
CA ARG D 391 -0.15 -6.08 17.44
C ARG D 391 -0.40 -6.51 16.00
N GLY D 392 -1.60 -6.39 15.51
CA GLY D 392 -1.85 -6.82 14.15
C GLY D 392 -2.15 -5.68 13.21
N HIS D 393 -3.00 -5.94 12.24
CA HIS D 393 -3.72 -4.90 11.54
C HIS D 393 -5.18 -5.11 11.81
N ARG D 394 -5.99 -4.08 11.56
CA ARG D 394 -7.43 -4.22 11.69
C ARG D 394 -7.93 -5.16 10.64
N ARG D 395 -9.09 -5.75 10.86
CA ARG D 395 -9.58 -6.68 9.86
C ARG D 395 -10.23 -6.00 8.66
N THR D 396 -10.02 -4.70 8.45
CA THR D 396 -10.48 -4.06 7.23
C THR D 396 -9.53 -4.33 6.08
N TYR D 397 -8.24 -4.45 6.35
CA TYR D 397 -7.26 -4.64 5.31
C TYR D 397 -7.34 -6.06 4.78
N ILE D 398 -6.61 -6.31 3.69
CA ILE D 398 -6.87 -7.52 2.90
C ILE D 398 -6.26 -8.74 3.57
N GLY D 399 -4.96 -8.78 3.72
CA GLY D 399 -4.40 -10.00 4.26
C GLY D 399 -4.16 -9.96 5.74
N ALA D 400 -4.99 -9.26 6.50
CA ALA D 400 -4.69 -8.94 7.87
C ALA D 400 -4.92 -10.12 8.79
N MET D 401 -4.13 -10.19 9.84
CA MET D 401 -4.10 -11.30 10.78
C MET D 401 -3.36 -10.83 12.02
N PRO D 402 -3.55 -11.47 13.18
CA PRO D 402 -2.99 -10.92 14.41
C PRO D 402 -1.48 -10.99 14.54
N GLY D 403 -0.95 -10.45 15.63
CA GLY D 403 0.48 -10.31 15.81
C GLY D 403 1.13 -11.61 16.21
N LYS D 404 2.38 -11.49 16.65
CA LYS D 404 3.15 -12.68 17.03
C LYS D 404 2.67 -13.30 18.32
N LEU D 405 2.13 -12.50 19.23
CA LEU D 405 1.75 -13.01 20.54
C LEU D 405 0.51 -13.90 20.46
N ILE D 406 -0.52 -13.43 19.77
CA ILE D 406 -1.74 -14.21 19.60
C ILE D 406 -1.47 -15.44 18.76
N HIS D 407 -0.55 -15.33 17.81
CA HIS D 407 -0.19 -16.48 16.99
C HIS D 407 0.54 -17.54 17.81
N ALA D 408 1.44 -17.10 18.69
CA ALA D 408 2.13 -18.03 19.57
C ALA D 408 1.17 -18.70 20.55
N MET D 409 0.21 -17.95 21.07
CA MET D 409 -0.76 -18.54 21.98
C MET D 409 -1.69 -19.50 21.25
N LYS D 410 -1.89 -19.34 19.95
CA LYS D 410 -2.66 -20.34 19.25
C LYS D 410 -1.82 -21.59 19.02
N GLN D 411 -0.53 -21.43 18.73
CA GLN D 411 0.35 -22.58 18.50
C GLN D 411 0.50 -23.42 19.75
N VAL D 412 0.56 -22.78 20.90
CA VAL D 412 0.77 -23.50 22.14
C VAL D 412 -0.51 -24.22 22.55
N GLY D 413 -1.64 -23.54 22.53
CA GLY D 413 -2.90 -24.16 22.84
C GLY D 413 -3.23 -24.25 24.30
N VAL D 414 -2.51 -23.53 25.14
CA VAL D 414 -2.60 -23.61 26.59
C VAL D 414 -2.45 -22.19 27.10
N ILE D 415 -3.19 -21.84 28.14
CA ILE D 415 -3.18 -20.48 28.67
C ILE D 415 -1.90 -20.15 29.42
N ASN D 416 -1.03 -21.11 29.60
CA ASN D 416 0.07 -21.08 30.54
C ASN D 416 1.47 -21.42 29.98
N PRO D 417 1.95 -20.88 28.85
CA PRO D 417 3.22 -21.40 28.34
C PRO D 417 4.45 -20.77 28.93
N VAL D 418 5.59 -21.09 28.34
CA VAL D 418 6.83 -20.34 28.52
C VAL D 418 7.19 -19.73 27.18
N ILE D 419 7.23 -18.42 27.09
CA ILE D 419 7.61 -17.74 25.86
C ILE D 419 8.99 -17.15 26.06
N LEU D 420 9.88 -17.43 25.14
CA LEU D 420 11.22 -16.88 25.15
C LEU D 420 11.26 -15.74 24.15
N LEU D 421 11.37 -14.52 24.64
CA LEU D 421 11.48 -13.37 23.76
C LEU D 421 12.96 -13.11 23.57
N ASP D 422 13.51 -13.56 22.47
CA ASP D 422 14.95 -13.63 22.33
C ASP D 422 15.50 -12.34 21.76
N GLU D 423 16.63 -11.92 22.30
CA GLU D 423 17.43 -10.72 21.94
C GLU D 423 16.56 -9.47 21.80
N ILE D 424 16.02 -9.08 22.96
CA ILE D 424 15.10 -7.95 23.06
C ILE D 424 15.81 -6.62 23.00
N ASP D 425 17.13 -6.58 23.08
CA ASP D 425 17.81 -5.30 22.98
C ASP D 425 18.16 -4.93 21.54
N LYS D 426 17.80 -5.78 20.58
CA LYS D 426 18.07 -5.50 19.18
C LYS D 426 16.81 -5.09 18.43
N MET D 427 15.81 -4.58 19.15
CA MET D 427 14.62 -4.10 18.49
C MET D 427 14.92 -2.74 17.88
N SER D 428 14.87 -2.67 16.56
CA SER D 428 15.23 -1.44 15.88
C SER D 428 14.10 -0.44 16.01
N SER D 429 14.45 0.83 15.94
CA SER D 429 13.48 1.90 16.11
C SER D 429 13.55 2.86 14.92
N ASP D 430 12.50 3.70 14.82
CA ASP D 430 12.50 4.95 14.06
C ASP D 430 12.53 4.74 12.56
N TRP D 431 11.80 3.72 12.08
CA TRP D 431 11.63 3.56 10.64
C TRP D 431 10.18 3.75 10.22
N ARG D 432 9.26 2.94 10.73
CA ARG D 432 7.85 3.28 10.76
C ARG D 432 7.43 3.75 12.13
N GLY D 433 8.22 3.39 13.13
CA GLY D 433 7.83 3.46 14.51
C GLY D 433 8.72 2.48 15.27
N ASP D 434 8.39 2.29 16.53
CA ASP D 434 9.13 1.33 17.27
C ASP D 434 8.22 0.27 17.85
N PRO D 435 8.62 -1.00 17.81
CA PRO D 435 7.88 -2.01 18.56
C PRO D 435 8.28 -2.09 20.01
N ALA D 436 9.31 -1.36 20.44
CA ALA D 436 9.64 -1.31 21.85
C ALA D 436 8.56 -0.59 22.64
N SER D 437 7.86 0.34 22.02
CA SER D 437 6.75 1.00 22.69
C SER D 437 5.47 0.20 22.62
N ALA D 438 5.38 -0.79 21.76
CA ALA D 438 4.26 -1.69 21.83
C ALA D 438 4.49 -2.83 22.79
N MET D 439 5.73 -3.06 23.22
CA MET D 439 5.99 -4.08 24.21
C MET D 439 5.68 -3.61 25.62
N LEU D 440 5.39 -2.33 25.82
CA LEU D 440 5.03 -1.86 27.15
C LEU D 440 3.67 -2.35 27.57
N GLU D 441 2.82 -2.69 26.62
CA GLU D 441 1.48 -3.17 26.95
C GLU D 441 1.50 -4.65 27.28
N VAL D 442 2.35 -5.42 26.62
CA VAL D 442 2.35 -6.86 26.84
C VAL D 442 3.16 -7.22 28.07
N LEU D 443 4.18 -6.45 28.42
CA LEU D 443 5.01 -6.80 29.56
C LEU D 443 4.67 -6.04 30.82
N ASP D 444 3.53 -5.39 30.88
CA ASP D 444 3.17 -4.65 32.08
C ASP D 444 2.65 -5.62 33.13
N PRO D 445 3.29 -5.73 34.29
CA PRO D 445 2.91 -6.76 35.25
C PRO D 445 1.55 -6.57 35.84
N GLU D 446 1.08 -5.34 35.92
CA GLU D 446 -0.17 -5.07 36.59
C GLU D 446 -1.33 -4.99 35.61
N GLN D 447 -1.05 -4.74 34.33
CA GLN D 447 -2.07 -4.42 33.36
C GLN D 447 -2.19 -5.38 32.20
N ASN D 448 -1.36 -6.42 32.11
CA ASN D 448 -1.42 -7.20 30.88
C ASN D 448 -2.50 -8.25 30.89
N ASN D 449 -3.41 -8.25 31.83
CA ASN D 449 -4.53 -9.15 31.74
C ASN D 449 -5.63 -8.62 30.82
N THR D 450 -5.48 -7.41 30.30
CA THR D 450 -6.29 -6.90 29.20
C THR D 450 -5.31 -6.37 28.18
N PHE D 451 -4.78 -7.25 27.35
CA PHE D 451 -3.92 -6.87 26.24
C PHE D 451 -4.77 -6.85 24.99
N THR D 452 -4.79 -5.74 24.29
CA THR D 452 -5.69 -5.58 23.15
C THR D 452 -4.90 -5.53 21.86
N ASP D 453 -5.07 -6.56 21.05
CA ASP D 453 -4.53 -6.64 19.72
C ASP D 453 -5.36 -5.79 18.77
N HIS D 454 -4.78 -5.42 17.64
CA HIS D 454 -5.56 -4.67 16.68
C HIS D 454 -6.41 -5.55 15.81
N TYR D 455 -6.13 -6.84 15.73
CA TYR D 455 -6.97 -7.71 14.93
C TYR D 455 -8.21 -8.12 15.71
N LEU D 456 -8.02 -8.83 16.80
CA LEU D 456 -9.11 -9.14 17.71
C LEU D 456 -9.46 -7.87 18.48
N ASP D 457 -10.72 -7.48 18.51
CA ASP D 457 -11.06 -6.27 19.24
C ASP D 457 -11.40 -6.52 20.68
N VAL D 458 -10.87 -7.56 21.29
CA VAL D 458 -11.29 -7.97 22.64
C VAL D 458 -10.06 -7.94 23.53
N PRO D 459 -10.25 -7.82 24.83
CA PRO D 459 -9.11 -7.91 25.75
C PRO D 459 -8.73 -9.36 25.97
N TYR D 460 -7.43 -9.64 25.88
CA TYR D 460 -6.93 -10.99 26.06
C TYR D 460 -5.98 -11.04 27.24
N ASP D 461 -6.08 -12.09 28.04
CA ASP D 461 -5.34 -12.20 29.28
C ASP D 461 -4.02 -12.90 29.04
N LEU D 462 -2.92 -12.17 29.18
CA LEU D 462 -1.58 -12.75 29.18
C LEU D 462 -0.99 -12.47 30.54
N SER D 463 -1.41 -13.18 31.55
CA SER D 463 -0.82 -12.98 32.85
C SER D 463 -0.46 -14.28 33.51
N LYS D 464 -0.73 -15.39 32.85
CA LYS D 464 -0.20 -16.66 33.28
C LYS D 464 1.02 -17.07 32.49
N VAL D 465 1.33 -16.35 31.42
CA VAL D 465 2.50 -16.64 30.60
C VAL D 465 3.77 -16.30 31.36
N PHE D 466 4.77 -17.14 31.19
CA PHE D 466 6.06 -17.04 31.86
C PHE D 466 7.01 -16.41 30.86
N PHE D 467 7.18 -15.09 30.90
CA PHE D 467 8.06 -14.48 29.92
C PHE D 467 9.51 -14.55 30.36
N ILE D 468 10.37 -14.99 29.45
CA ILE D 468 11.82 -14.98 29.63
C ILE D 468 12.40 -14.20 28.49
N THR D 469 13.17 -13.16 28.79
CA THR D 469 13.80 -12.38 27.74
C THR D 469 15.31 -12.44 27.91
N THR D 470 16.00 -12.07 26.84
CA THR D 470 17.43 -12.33 26.69
C THR D 470 18.09 -11.09 26.12
N ALA D 471 19.21 -10.68 26.69
CA ALA D 471 19.98 -9.58 26.13
C ALA D 471 21.42 -9.80 26.49
N ASN D 472 22.32 -9.04 25.88
CA ASN D 472 23.69 -9.04 26.35
C ASN D 472 24.21 -7.69 26.79
N THR D 473 23.44 -6.63 26.63
CA THR D 473 23.67 -5.41 27.37
C THR D 473 22.33 -4.77 27.68
N LEU D 474 22.28 -4.05 28.79
CA LEU D 474 21.07 -3.37 29.21
C LEU D 474 20.90 -1.99 28.60
N GLN D 475 21.94 -1.45 27.96
CA GLN D 475 21.97 -0.03 27.64
C GLN D 475 21.04 0.33 26.50
N THR D 476 20.76 -0.62 25.61
CA THR D 476 19.91 -0.32 24.48
C THR D 476 18.47 -0.75 24.69
N ILE D 477 18.06 -0.89 25.94
CA ILE D 477 16.66 -1.11 26.30
C ILE D 477 16.13 0.20 26.86
N PRO D 478 14.95 0.66 26.43
CA PRO D 478 14.40 1.89 26.98
C PRO D 478 14.08 1.74 28.45
N ARG D 479 14.21 2.86 29.18
CA ARG D 479 14.03 2.83 30.62
C ARG D 479 12.65 2.38 31.10
N PRO D 480 11.51 2.78 30.51
CA PRO D 480 10.25 2.21 31.00
C PRO D 480 10.06 0.76 30.70
N LEU D 481 10.72 0.23 29.68
CA LEU D 481 10.59 -1.19 29.42
C LEU D 481 11.50 -1.99 30.33
N LEU D 482 12.68 -1.45 30.63
CA LEU D 482 13.56 -2.09 31.58
C LEU D 482 12.98 -2.09 32.98
N ASP D 483 12.17 -1.09 33.32
CA ASP D 483 11.64 -1.02 34.67
C ASP D 483 10.54 -2.05 34.92
N ARG D 484 10.09 -2.77 33.91
CA ARG D 484 9.09 -3.80 34.08
C ARG D 484 9.65 -5.18 34.34
N MET D 485 10.91 -5.44 34.02
CA MET D 485 11.45 -6.78 34.05
C MET D 485 12.38 -6.94 35.25
N GLU D 486 12.48 -8.17 35.73
CA GLU D 486 13.38 -8.53 36.81
C GLU D 486 14.68 -9.03 36.21
N VAL D 487 15.80 -8.46 36.64
CA VAL D 487 17.07 -8.67 35.96
C VAL D 487 17.92 -9.67 36.72
N ILE D 488 18.34 -10.72 36.02
CA ILE D 488 19.25 -11.73 36.52
C ILE D 488 20.49 -11.72 35.64
N GLU D 489 21.65 -11.57 36.24
CA GLU D 489 22.88 -11.48 35.48
C GLU D 489 23.59 -12.81 35.45
N ILE D 490 24.18 -13.11 34.29
CA ILE D 490 24.92 -14.34 34.07
C ILE D 490 26.34 -13.95 33.74
N PRO D 491 27.27 -14.10 34.69
CA PRO D 491 28.49 -13.29 34.64
C PRO D 491 29.52 -13.72 33.63
N GLY D 492 29.71 -15.01 33.40
CA GLY D 492 30.83 -15.43 32.59
C GLY D 492 31.68 -16.41 33.36
N TYR D 493 32.26 -17.39 32.69
CA TYR D 493 32.78 -18.54 33.41
C TYR D 493 34.26 -18.36 33.71
N THR D 494 34.69 -18.96 34.80
CA THR D 494 36.10 -18.96 35.17
C THR D 494 36.79 -20.13 34.50
N ASN D 495 38.05 -20.39 34.83
CA ASN D 495 38.73 -21.51 34.20
C ASN D 495 38.35 -22.83 34.87
N MET D 496 38.17 -22.83 36.18
CA MET D 496 37.75 -24.04 36.86
C MET D 496 36.31 -24.43 36.55
N GLU D 497 35.51 -23.51 36.04
CA GLU D 497 34.17 -23.86 35.61
C GLU D 497 34.16 -24.40 34.20
N LYS D 498 34.92 -23.77 33.30
CA LYS D 498 35.03 -24.27 31.93
C LYS D 498 35.65 -25.64 31.88
N GLN D 499 36.57 -25.92 32.79
CA GLN D 499 37.12 -27.25 33.01
C GLN D 499 36.01 -28.28 33.21
N ALA D 500 35.10 -28.00 34.14
CA ALA D 500 34.05 -28.96 34.46
C ALA D 500 32.99 -29.03 33.39
N ILE D 501 32.69 -27.92 32.72
CA ILE D 501 31.75 -27.95 31.61
C ILE D 501 32.29 -28.80 30.48
N ALA D 502 33.57 -28.65 30.16
CA ALA D 502 34.15 -29.42 29.08
C ALA D 502 34.28 -30.89 29.43
N ARG D 503 34.50 -31.21 30.69
CA ARG D 503 34.57 -32.62 31.05
C ARG D 503 33.19 -33.27 31.06
N GLN D 504 32.18 -32.60 31.60
CA GLN D 504 30.91 -33.26 31.82
C GLN D 504 29.89 -33.04 30.73
N TYR D 505 30.06 -32.08 29.86
CA TYR D 505 29.02 -31.78 28.90
C TYR D 505 29.53 -31.68 27.47
N LEU D 506 30.71 -31.09 27.27
CA LEU D 506 31.13 -30.78 25.91
C LEU D 506 31.90 -31.91 25.27
N TRP D 507 32.84 -32.51 25.97
CA TRP D 507 33.60 -33.60 25.37
C TRP D 507 32.79 -34.89 25.17
N PRO D 508 31.89 -35.32 26.07
CA PRO D 508 31.02 -36.45 25.70
C PRO D 508 30.15 -36.19 24.50
N LYS D 509 29.68 -34.96 24.32
CA LYS D 509 28.79 -34.69 23.21
C LYS D 509 29.55 -34.70 21.89
N GLN D 510 30.74 -34.12 21.86
CA GLN D 510 31.51 -34.10 20.63
C GLN D 510 32.08 -35.47 20.31
N VAL D 511 32.32 -36.30 21.32
CA VAL D 511 32.75 -37.66 21.03
C VAL D 511 31.61 -38.48 20.47
N ARG D 512 30.44 -38.39 21.08
CA ARG D 512 29.28 -39.13 20.60
C ARG D 512 28.89 -38.72 19.20
N GLU D 513 28.94 -37.43 18.91
CA GLU D 513 28.38 -36.93 17.67
C GLU D 513 29.27 -37.22 16.48
N SER D 514 30.53 -37.61 16.70
CA SER D 514 31.44 -37.85 15.61
C SER D 514 31.76 -39.32 15.43
N GLY D 515 31.01 -40.22 16.06
CA GLY D 515 31.21 -41.64 15.85
C GLY D 515 32.33 -42.26 16.66
N MET D 516 33.35 -41.48 16.98
CA MET D 516 34.54 -41.98 17.63
C MET D 516 34.36 -42.17 19.12
N GLU D 517 33.47 -43.07 19.52
CA GLU D 517 33.11 -43.15 20.92
C GLU D 517 33.74 -44.41 21.51
N GLY D 518 34.46 -44.24 22.60
CA GLY D 518 35.23 -45.33 23.16
C GLY D 518 36.56 -45.56 22.50
N ARG D 519 37.02 -44.62 21.70
CA ARG D 519 38.24 -44.78 20.92
C ARG D 519 39.23 -43.66 21.14
N ILE D 520 38.88 -42.66 21.93
CA ILE D 520 39.73 -41.48 22.07
C ILE D 520 39.38 -40.84 23.41
N GLU D 521 40.33 -40.07 23.96
CA GLU D 521 40.17 -39.52 25.29
C GLU D 521 41.18 -38.39 25.48
N VAL D 522 40.80 -37.36 26.22
CA VAL D 522 41.72 -36.29 26.57
C VAL D 522 41.98 -36.30 28.06
N THR D 523 43.11 -35.74 28.45
CA THR D 523 43.45 -35.60 29.85
C THR D 523 42.91 -34.29 30.38
N ASP D 524 43.30 -33.92 31.60
CA ASP D 524 42.86 -32.66 32.14
C ASP D 524 43.84 -31.55 31.85
N ALA D 525 45.13 -31.86 31.76
CA ALA D 525 46.10 -30.87 31.35
C ALA D 525 45.90 -30.48 29.90
N ALA D 526 45.43 -31.41 29.08
CA ALA D 526 45.10 -31.09 27.70
C ALA D 526 43.97 -30.09 27.61
N ILE D 527 42.91 -30.29 28.40
CA ILE D 527 41.79 -29.36 28.41
C ILE D 527 42.24 -28.00 28.92
N LEU D 528 43.12 -27.98 29.91
CA LEU D 528 43.54 -26.70 30.45
C LEU D 528 44.43 -25.94 29.47
N ARG D 529 45.23 -26.65 28.68
CA ARG D 529 46.01 -25.98 27.66
C ARG D 529 45.13 -25.47 26.53
N VAL D 530 44.10 -26.24 26.15
CA VAL D 530 43.17 -25.78 25.12
C VAL D 530 42.42 -24.54 25.58
N ILE D 531 42.10 -24.46 26.87
CA ILE D 531 41.43 -23.27 27.38
C ILE D 531 42.37 -22.09 27.38
N SER D 532 43.59 -22.25 27.85
CA SER D 532 44.41 -21.07 28.05
C SER D 532 45.16 -20.60 26.80
N GLU D 533 45.35 -21.44 25.80
CA GLU D 533 46.15 -21.03 24.66
C GLU D 533 45.42 -20.97 23.33
N TYR D 534 44.17 -21.40 23.27
CA TYR D 534 43.46 -21.46 22.00
C TYR D 534 42.10 -20.79 22.06
N THR D 535 41.82 -20.02 23.11
CA THR D 535 40.47 -19.56 23.39
C THR D 535 40.56 -18.32 24.25
N ARG D 536 39.93 -17.24 23.81
CA ARG D 536 39.93 -15.98 24.56
C ARG D 536 38.51 -15.40 24.56
N GLU D 537 37.58 -16.17 25.08
CA GLU D 537 36.19 -15.75 25.12
C GLU D 537 35.66 -15.88 26.54
N ALA D 538 34.42 -15.47 26.74
CA ALA D 538 33.73 -15.65 28.00
C ALA D 538 32.73 -16.78 27.99
N GLY D 539 32.19 -17.11 26.84
CA GLY D 539 31.28 -18.23 26.70
C GLY D 539 32.03 -19.53 26.51
N VAL D 540 31.34 -20.50 25.93
CA VAL D 540 31.98 -21.79 25.71
C VAL D 540 31.80 -22.25 24.28
N ARG D 541 31.58 -21.34 23.34
CA ARG D 541 31.43 -21.77 21.96
C ARG D 541 32.76 -22.12 21.32
N GLY D 542 33.80 -21.33 21.58
CA GLY D 542 35.11 -21.64 21.05
C GLY D 542 35.69 -22.91 21.63
N LEU D 543 35.40 -23.18 22.89
CA LEU D 543 35.88 -24.42 23.52
C LEU D 543 35.24 -25.63 22.89
N GLU D 544 33.95 -25.56 22.63
CA GLU D 544 33.24 -26.65 21.99
C GLU D 544 33.72 -26.87 20.57
N ARG D 545 34.06 -25.79 19.88
CA ARG D 545 34.50 -25.92 18.51
C ARG D 545 35.91 -26.52 18.43
N GLU D 546 36.79 -26.18 19.37
CA GLU D 546 38.11 -26.81 19.41
C GLU D 546 38.02 -28.29 19.75
N LEU D 547 37.16 -28.66 20.69
CA LEU D 547 37.02 -30.07 21.02
C LEU D 547 36.44 -30.87 19.86
N GLY D 548 35.52 -30.27 19.11
CA GLY D 548 35.02 -30.93 17.92
C GLY D 548 36.08 -31.08 16.85
N LYS D 549 37.00 -30.14 16.78
CA LYS D 549 38.13 -30.26 15.85
C LYS D 549 39.01 -31.44 16.21
N ILE D 550 39.29 -31.63 17.51
CA ILE D 550 40.08 -32.78 17.95
C ILE D 550 39.39 -34.09 17.61
N ALA D 551 38.07 -34.16 17.79
CA ALA D 551 37.37 -35.40 17.49
C ALA D 551 37.31 -35.69 16.00
N ARG D 552 37.22 -34.67 15.16
CA ARG D 552 37.19 -34.94 13.72
C ARG D 552 38.55 -35.36 13.18
N LYS D 553 39.63 -34.79 13.73
CA LYS D 553 40.95 -35.32 13.40
C LYS D 553 41.08 -36.76 13.84
N GLY D 554 40.48 -37.12 14.97
CA GLY D 554 40.49 -38.50 15.40
C GLY D 554 39.80 -39.43 14.43
N ALA D 555 38.65 -39.01 13.89
CA ALA D 555 37.94 -39.84 12.92
C ALA D 555 38.72 -39.99 11.62
N LYS D 556 39.38 -38.91 11.20
CA LYS D 556 40.23 -38.95 10.02
C LYS D 556 41.38 -39.92 10.18
N PHE D 557 41.96 -39.99 11.37
CA PHE D 557 43.03 -40.97 11.58
C PHE D 557 42.50 -42.37 11.69
N TRP D 558 41.32 -42.56 12.27
CA TRP D 558 40.76 -43.89 12.40
C TRP D 558 40.46 -44.51 11.05
N LEU D 559 40.03 -43.70 10.08
CA LEU D 559 39.73 -44.30 8.78
C LEU D 559 40.97 -44.75 8.03
N GLU D 560 42.11 -44.11 8.25
CA GLU D 560 43.31 -44.52 7.53
C GLU D 560 44.11 -45.56 8.28
N GLY D 561 43.48 -46.30 9.18
CA GLY D 561 44.13 -47.38 9.90
C GLY D 561 43.84 -47.35 11.38
N ALA D 562 43.26 -48.41 11.91
CA ALA D 562 42.69 -48.38 13.24
C ALA D 562 43.76 -48.62 14.30
N TRP D 563 43.33 -48.66 15.56
CA TRP D 563 44.19 -49.02 16.66
C TRP D 563 43.35 -49.82 17.64
N GLU D 564 43.88 -50.05 18.84
CA GLU D 564 43.18 -50.78 19.88
C GLU D 564 43.20 -50.00 21.17
N GLY D 565 42.11 -50.03 21.90
CA GLY D 565 42.02 -49.34 23.15
C GLY D 565 41.81 -47.86 22.94
N LEU D 566 42.01 -47.11 24.00
CA LEU D 566 41.90 -45.67 23.92
C LEU D 566 43.18 -45.06 23.40
N ARG D 567 43.04 -43.92 22.75
CA ARG D 567 44.17 -43.12 22.29
C ARG D 567 44.13 -41.84 23.13
N THR D 568 44.85 -41.84 24.23
CA THR D 568 44.78 -40.73 25.15
C THR D 568 45.59 -39.56 24.64
N ILE D 569 45.00 -38.39 24.62
CA ILE D 569 45.61 -37.18 24.10
C ILE D 569 46.13 -36.39 25.28
N ASP D 570 47.45 -36.26 25.39
CA ASP D 570 48.04 -35.53 26.49
C ASP D 570 48.35 -34.11 26.02
N ALA D 571 48.90 -33.29 26.92
CA ALA D 571 48.99 -31.86 26.67
C ALA D 571 50.08 -31.52 25.68
N SER D 572 50.98 -32.45 25.40
CA SER D 572 52.00 -32.20 24.39
C SER D 572 51.52 -32.59 23.01
N ASP D 573 50.50 -33.43 22.91
CA ASP D 573 49.94 -33.82 21.63
C ASP D 573 49.04 -32.78 21.02
N ILE D 574 48.72 -31.71 21.75
CA ILE D 574 47.72 -30.75 21.33
C ILE D 574 48.09 -29.97 20.08
N PRO D 575 49.32 -29.46 19.86
CA PRO D 575 49.58 -28.77 18.60
C PRO D 575 49.56 -29.67 17.37
N THR D 576 49.67 -30.97 17.54
CA THR D 576 49.47 -31.89 16.42
C THR D 576 48.05 -31.79 15.89
N TYR D 577 47.09 -31.60 16.77
CA TYR D 577 45.70 -31.55 16.34
C TYR D 577 45.19 -30.16 16.09
N LEU D 578 45.65 -29.17 16.85
CA LEU D 578 45.08 -27.85 16.74
C LEU D 578 45.99 -26.84 16.07
N GLY D 579 47.26 -27.15 15.89
CA GLY D 579 48.14 -26.22 15.22
C GLY D 579 48.91 -25.33 16.17
N ILE D 580 49.29 -24.17 15.70
CA ILE D 580 50.15 -23.26 16.47
C ILE D 580 49.28 -22.54 17.51
N PRO D 581 49.69 -22.46 18.77
CA PRO D 581 48.88 -21.77 19.78
C PRO D 581 48.79 -20.29 19.50
N ARG D 582 47.58 -19.74 19.60
CA ARG D 582 47.35 -18.41 19.08
C ARG D 582 47.11 -17.35 20.15
N TYR D 583 47.29 -17.66 21.41
CA TYR D 583 47.22 -16.62 22.43
C TYR D 583 48.34 -16.83 23.42
N ARG D 584 48.82 -15.74 23.98
CA ARG D 584 49.93 -15.81 24.90
C ARG D 584 49.45 -15.54 26.31
N PRO D 585 49.80 -16.37 27.27
CA PRO D 585 49.35 -16.14 28.64
C PRO D 585 50.06 -14.97 29.28
N ASP D 586 49.37 -14.33 30.20
CA ASP D 586 49.98 -13.28 31.00
C ASP D 586 50.96 -13.87 31.98
N LYS D 587 51.95 -13.06 32.37
CA LYS D 587 52.85 -13.46 33.43
C LYS D 587 53.42 -12.21 34.08
N ALA D 588 53.84 -12.37 35.32
CA ALA D 588 54.35 -11.27 36.10
C ALA D 588 55.83 -11.11 35.94
N GLU D 589 56.31 -9.89 36.07
CA GLU D 589 57.73 -9.69 36.27
C GLU D 589 58.09 -10.04 37.71
N THR D 590 59.37 -10.13 37.98
CA THR D 590 59.80 -10.42 39.33
C THR D 590 60.64 -9.32 39.94
N GLU D 591 61.62 -8.86 39.24
CA GLU D 591 62.60 -7.89 39.65
C GLU D 591 61.95 -6.53 39.86
N PRO D 592 62.39 -5.74 40.83
CA PRO D 592 61.89 -4.37 40.96
C PRO D 592 62.41 -3.46 39.87
N GLN D 593 61.52 -2.66 39.30
CA GLN D 593 61.83 -1.74 38.24
C GLN D 593 61.71 -0.31 38.76
N VAL D 594 62.30 0.63 38.04
CA VAL D 594 62.16 2.04 38.35
C VAL D 594 61.10 2.63 37.45
N GLY D 595 60.04 3.16 38.06
CA GLY D 595 59.02 3.82 37.30
C GLY D 595 58.09 2.89 36.57
N THR D 596 57.66 1.82 37.20
CA THR D 596 56.84 0.80 36.56
C THR D 596 55.98 0.16 37.63
N ALA D 597 54.69 0.04 37.38
CA ALA D 597 53.81 -0.55 38.35
C ALA D 597 52.89 -1.54 37.67
N GLN D 598 52.25 -2.38 38.47
CA GLN D 598 51.43 -3.49 37.99
C GLN D 598 49.98 -3.22 38.31
N GLY D 599 49.16 -3.04 37.29
CA GLY D 599 47.76 -2.76 37.47
C GLY D 599 46.91 -3.91 36.98
N LEU D 600 45.63 -3.80 37.24
CA LEU D 600 44.67 -4.83 36.87
C LEU D 600 43.55 -4.18 36.09
N ALA D 601 43.09 -4.85 35.04
CA ALA D 601 41.99 -4.36 34.25
C ALA D 601 41.06 -5.50 33.94
N TRP D 602 39.88 -5.20 33.42
CA TRP D 602 38.98 -6.29 33.10
C TRP D 602 38.08 -5.94 31.94
N THR D 603 37.78 -6.94 31.13
CA THR D 603 36.89 -6.91 29.99
C THR D 603 35.76 -7.86 30.32
N PRO D 604 34.72 -8.02 29.49
CA PRO D 604 33.80 -9.15 29.71
C PRO D 604 34.44 -10.51 29.54
N VAL D 605 35.54 -10.59 28.80
CA VAL D 605 36.29 -11.85 28.69
C VAL D 605 36.89 -12.23 30.03
N GLY D 606 37.37 -11.27 30.78
CA GLY D 606 37.92 -11.54 32.07
C GLY D 606 38.93 -10.48 32.45
N GLY D 607 39.73 -10.78 33.44
CA GLY D 607 40.74 -9.86 33.88
C GLY D 607 42.03 -10.06 33.12
N THR D 608 42.81 -8.99 33.02
CA THR D 608 44.15 -9.02 32.46
C THR D 608 45.07 -8.22 33.35
N LEU D 609 46.36 -8.45 33.23
CA LEU D 609 47.36 -7.60 33.84
C LEU D 609 47.68 -6.46 32.90
N LEU D 610 47.94 -5.28 33.46
CA LEU D 610 48.44 -4.17 32.67
C LEU D 610 49.53 -3.43 33.42
N THR D 611 50.50 -2.96 32.68
CA THR D 611 51.69 -2.33 33.22
C THR D 611 51.68 -0.87 32.83
N ILE D 612 51.96 0.01 33.78
CA ILE D 612 52.11 1.42 33.53
C ILE D 612 53.59 1.75 33.58
N GLU D 613 54.09 2.41 32.55
CA GLU D 613 55.47 2.85 32.47
C GLU D 613 55.53 4.36 32.46
N VAL D 614 56.49 4.92 33.16
CA VAL D 614 56.68 6.37 33.21
C VAL D 614 58.15 6.65 33.02
N ALA D 615 58.46 7.59 32.13
CA ALA D 615 59.81 8.10 32.01
C ALA D 615 59.85 9.55 32.43
N ALA D 616 60.93 9.97 33.09
CA ALA D 616 61.12 11.36 33.44
C ALA D 616 62.46 11.82 32.92
N VAL D 617 62.44 12.78 32.01
CA VAL D 617 63.63 13.22 31.28
C VAL D 617 63.73 14.73 31.48
N PRO D 618 64.92 15.31 31.28
CA PRO D 618 65.03 16.77 31.39
C PRO D 618 64.21 17.49 30.34
N GLY D 619 63.59 18.58 30.76
CA GLY D 619 62.63 19.24 29.92
C GLY D 619 62.11 20.51 30.55
N SER D 620 60.87 20.86 30.29
CA SER D 620 60.33 22.13 30.75
C SER D 620 59.00 22.00 31.48
N GLY D 621 58.48 20.80 31.65
CA GLY D 621 57.25 20.56 32.35
C GLY D 621 56.14 20.33 31.38
N LYS D 622 55.89 19.08 31.05
CA LYS D 622 54.84 18.67 30.12
C LYS D 622 54.30 17.35 30.61
N LEU D 623 53.35 16.80 29.86
CA LEU D 623 52.78 15.52 30.25
C LEU D 623 52.24 14.87 28.99
N SER D 624 52.93 13.86 28.50
CA SER D 624 52.45 13.06 27.39
C SER D 624 51.75 11.84 27.95
N LEU D 625 50.67 11.43 27.30
CA LEU D 625 49.85 10.33 27.79
C LEU D 625 49.52 9.44 26.61
N THR D 626 50.38 8.49 26.31
CA THR D 626 50.20 7.68 25.12
C THR D 626 49.80 6.27 25.48
N GLY D 627 49.30 5.55 24.50
CA GLY D 627 48.84 4.20 24.70
C GLY D 627 47.37 4.12 24.44
N GLN D 628 46.84 5.15 23.79
CA GLN D 628 45.41 5.34 23.50
C GLN D 628 44.56 5.31 24.76
N LEU D 629 44.78 6.30 25.60
CA LEU D 629 44.05 6.43 26.84
C LEU D 629 42.82 7.27 26.63
N GLY D 630 41.77 6.98 27.40
CA GLY D 630 40.55 7.75 27.32
C GLY D 630 40.65 9.03 28.12
N GLU D 631 39.53 9.74 28.20
CA GLU D 631 39.56 11.04 28.88
C GLU D 631 39.55 10.90 30.38
N VAL D 632 38.81 9.92 30.89
CA VAL D 632 38.73 9.69 32.33
C VAL D 632 40.09 9.26 32.87
N MET D 633 40.84 8.52 32.08
CA MET D 633 42.12 8.02 32.53
C MET D 633 43.19 9.10 32.48
N LYS D 634 43.09 10.03 31.54
CA LYS D 634 43.99 11.17 31.54
C LYS D 634 43.72 12.08 32.72
N GLU D 635 42.45 12.28 33.07
CA GLU D 635 42.13 13.07 34.24
C GLU D 635 42.62 12.41 35.52
N SER D 636 42.59 11.08 35.57
CA SER D 636 43.13 10.36 36.71
C SER D 636 44.64 10.58 36.85
N ALA D 637 45.35 10.58 35.72
CA ALA D 637 46.78 10.87 35.74
C ALA D 637 47.07 12.27 36.23
N GLN D 638 46.25 13.24 35.83
CA GLN D 638 46.49 14.61 36.27
C GLN D 638 46.21 14.81 37.75
N ALA D 639 45.21 14.11 38.28
CA ALA D 639 44.94 14.19 39.71
C ALA D 639 46.07 13.59 40.52
N ALA D 640 46.64 12.47 40.06
CA ALA D 640 47.78 11.89 40.77
C ALA D 640 49.00 12.79 40.73
N LEU D 641 49.25 13.42 39.59
CA LEU D 641 50.42 14.30 39.51
C LEU D 641 50.24 15.54 40.36
N THR D 642 49.02 16.07 40.46
CA THR D 642 48.79 17.25 41.29
C THR D 642 48.96 16.92 42.76
N TYR D 643 48.53 15.72 43.17
CA TYR D 643 48.81 15.27 44.53
C TYR D 643 50.29 15.21 44.81
N LEU D 644 51.08 14.69 43.87
CA LEU D 644 52.50 14.60 44.15
C LEU D 644 53.17 15.96 44.12
N ARG D 645 52.64 16.93 43.38
CA ARG D 645 53.21 18.27 43.43
C ARG D 645 52.92 18.96 44.74
N ALA D 646 51.83 18.61 45.40
CA ALA D 646 51.57 19.25 46.69
C ALA D 646 52.42 18.70 47.82
N HIS D 647 53.02 17.52 47.66
CA HIS D 647 53.78 16.86 48.73
C HIS D 647 55.12 16.44 48.18
N THR D 648 56.07 17.37 48.10
CA THR D 648 57.36 17.00 47.53
C THR D 648 58.33 16.51 48.57
N GLN D 649 58.33 17.07 49.76
CA GLN D 649 59.31 16.65 50.75
C GLN D 649 58.87 15.46 51.55
N ASP D 650 57.65 14.98 51.37
CA ASP D 650 57.26 13.76 52.05
C ASP D 650 57.90 12.54 51.41
N TYR D 651 58.01 12.51 50.10
CA TYR D 651 58.47 11.32 49.42
C TYR D 651 59.84 11.48 48.81
N GLY D 652 60.46 12.65 48.94
CA GLY D 652 61.78 12.83 48.39
C GLY D 652 61.81 13.18 46.93
N LEU D 653 60.76 13.79 46.43
CA LEU D 653 60.74 14.21 45.05
C LEU D 653 61.62 15.44 44.88
N PRO D 654 62.14 15.68 43.68
CA PRO D 654 62.89 16.92 43.45
C PRO D 654 61.99 18.12 43.62
N GLU D 655 62.58 19.22 44.09
CA GLU D 655 61.77 20.31 44.60
C GLU D 655 61.08 21.07 43.49
N ASP D 656 61.73 21.21 42.35
CA ASP D 656 61.24 22.05 41.26
C ASP D 656 60.97 21.26 40.00
N PHE D 657 60.36 20.09 40.12
CA PHE D 657 60.14 19.33 38.92
C PHE D 657 58.97 19.84 38.11
N TYR D 658 58.23 20.82 38.58
CA TYR D 658 57.08 21.27 37.83
C TYR D 658 57.47 22.05 36.60
N ASN D 659 58.71 22.52 36.50
CA ASN D 659 59.15 23.18 35.29
C ASN D 659 60.55 22.78 34.85
N LYS D 660 61.05 21.63 35.29
CA LYS D 660 62.33 21.15 34.82
C LYS D 660 62.29 19.77 34.21
N VAL D 661 61.17 19.06 34.31
CA VAL D 661 61.10 17.65 33.99
C VAL D 661 59.91 17.42 33.09
N ASP D 662 60.10 16.70 32.00
CA ASP D 662 59.00 16.22 31.18
C ASP D 662 58.62 14.81 31.57
N LEU D 663 57.33 14.56 31.70
CA LEU D 663 56.84 13.24 32.04
C LEU D 663 56.10 12.62 30.88
N HIS D 664 56.15 11.30 30.78
CA HIS D 664 55.49 10.57 29.72
C HIS D 664 55.00 9.26 30.29
N VAL D 665 53.69 9.11 30.39
CA VAL D 665 53.06 7.90 30.85
C VAL D 665 52.64 7.09 29.64
N HIS D 666 52.99 5.82 29.62
CA HIS D 666 52.70 4.96 28.49
C HIS D 666 52.18 3.64 29.00
N VAL D 667 51.06 3.17 28.47
CA VAL D 667 50.46 1.92 28.87
C VAL D 667 50.46 0.99 27.67
N PRO D 668 51.43 0.10 27.59
CA PRO D 668 51.47 -0.85 26.47
C PRO D 668 50.35 -1.86 26.60
N ASP D 669 49.82 -2.31 25.45
CA ASP D 669 50.31 -2.07 24.11
C ASP D 669 49.63 -0.92 23.41
N GLY D 670 50.24 -0.45 22.33
CA GLY D 670 49.79 0.77 21.70
C GLY D 670 48.50 0.68 20.93
N ALA D 671 48.03 -0.51 20.61
CA ALA D 671 46.93 -0.62 19.67
C ALA D 671 45.57 -0.69 20.32
N THR D 672 45.49 -1.00 21.59
CA THR D 672 44.23 -1.29 22.25
C THR D 672 43.73 -0.10 23.04
N PRO D 673 42.48 0.36 22.83
CA PRO D 673 41.93 1.42 23.65
C PRO D 673 41.73 1.07 25.12
N LYS D 674 42.23 1.89 26.05
CA LYS D 674 42.15 1.65 27.51
C LYS D 674 41.49 2.87 28.15
N ASP D 675 40.53 2.68 29.05
CA ASP D 675 39.85 3.80 29.75
C ASP D 675 39.43 3.40 31.15
N GLY D 676 39.08 4.35 32.02
CA GLY D 676 38.56 4.07 33.36
C GLY D 676 39.26 4.80 34.46
N PRO D 677 38.66 4.91 35.66
CA PRO D 677 39.28 5.65 36.71
C PRO D 677 39.97 4.78 37.75
N SER D 678 40.04 3.48 37.55
CA SER D 678 40.44 2.52 38.58
C SER D 678 41.94 2.45 38.77
N ALA D 679 42.68 3.23 37.98
CA ALA D 679 44.16 3.13 38.02
C ALA D 679 44.78 4.39 38.62
N GLY D 680 44.07 5.03 39.54
CA GLY D 680 44.59 6.24 40.19
C GLY D 680 45.84 5.98 41.01
N ILE D 681 45.89 4.86 41.74
CA ILE D 681 47.04 4.62 42.67
C ILE D 681 48.24 4.00 41.94
N THR D 682 48.02 3.21 40.88
CA THR D 682 49.15 2.65 40.16
C THR D 682 49.88 3.71 39.35
N MET D 683 49.17 4.73 38.88
CA MET D 683 49.87 5.85 38.26
C MET D 683 50.60 6.69 39.29
N ALA D 684 50.07 6.81 40.49
CA ALA D 684 50.80 7.55 41.51
C ALA D 684 52.07 6.81 41.91
N THR D 685 52.01 5.49 41.99
CA THR D 685 53.18 4.70 42.30
C THR D 685 54.23 4.79 41.21
N ALA D 686 53.82 4.70 39.95
CA ALA D 686 54.79 4.78 38.86
C ALA D 686 55.39 6.18 38.74
N ILE D 687 54.61 7.23 38.93
CA ILE D 687 55.16 8.58 38.80
C ILE D 687 56.09 8.89 39.95
N ALA D 688 55.77 8.47 41.16
CA ALA D 688 56.67 8.72 42.27
C ALA D 688 57.92 7.88 42.17
N SER D 689 57.82 6.68 41.63
CA SER D 689 58.98 5.85 41.41
C SER D 689 59.90 6.45 40.36
N ALA D 690 59.33 7.04 39.32
CA ALA D 690 60.15 7.62 38.30
C ALA D 690 60.78 8.93 38.73
N LEU D 691 60.08 9.72 39.52
CA LEU D 691 60.63 10.99 39.95
C LEU D 691 61.64 10.85 41.06
N SER D 692 61.50 9.88 41.94
CA SER D 692 62.40 9.82 43.09
C SER D 692 63.54 8.84 42.91
N ARG D 693 63.55 8.09 41.81
CA ARG D 693 64.55 7.06 41.49
C ARG D 693 64.58 5.95 42.52
N ARG D 694 63.46 5.63 43.12
CA ARG D 694 63.38 4.47 43.97
C ARG D 694 62.59 3.40 43.28
N PRO D 695 63.09 2.17 43.21
CA PRO D 695 62.39 1.13 42.48
C PRO D 695 61.11 0.70 43.15
N ALA D 696 60.16 0.24 42.34
CA ALA D 696 58.87 -0.19 42.82
C ALA D 696 58.77 -1.70 42.72
N ARG D 697 58.12 -2.33 43.68
CA ARG D 697 58.04 -3.78 43.68
C ARG D 697 57.03 -4.25 42.64
N MET D 698 57.41 -5.22 41.83
CA MET D 698 56.55 -5.68 40.75
C MET D 698 55.86 -6.99 41.06
N ASP D 699 55.98 -7.49 42.28
CA ASP D 699 55.25 -8.66 42.71
C ASP D 699 54.01 -8.33 43.51
N ILE D 700 53.48 -7.12 43.35
CA ILE D 700 52.28 -6.67 44.03
C ILE D 700 51.40 -6.01 43.00
N ALA D 701 50.21 -6.54 42.81
CA ALA D 701 49.28 -5.91 41.90
C ALA D 701 48.35 -5.02 42.68
N MET D 702 47.86 -3.97 42.04
CA MET D 702 47.08 -3.00 42.80
C MET D 702 46.05 -2.38 41.91
N THR D 703 45.07 -1.76 42.55
CA THR D 703 43.98 -1.08 41.87
C THR D 703 43.30 -0.15 42.86
N GLY D 704 42.72 0.91 42.34
CA GLY D 704 42.00 1.86 43.17
C GLY D 704 42.01 3.25 42.57
N GLU D 705 40.93 3.98 42.82
CA GLU D 705 40.76 5.33 42.30
C GLU D 705 41.26 6.34 43.32
N VAL D 706 42.04 7.30 42.87
CA VAL D 706 42.65 8.29 43.75
C VAL D 706 41.90 9.60 43.59
N SER D 707 41.90 10.43 44.62
CA SER D 707 41.34 11.76 44.51
C SER D 707 42.43 12.78 44.76
N LEU D 708 42.05 14.04 44.85
CA LEU D 708 43.03 15.10 44.90
C LEU D 708 43.57 15.32 46.30
N ARG D 709 42.88 14.85 47.32
CA ARG D 709 43.40 14.89 48.67
C ARG D 709 44.18 13.65 49.03
N GLY D 710 44.18 12.64 48.19
CA GLY D 710 44.86 11.41 48.48
C GLY D 710 44.01 10.31 49.03
N LYS D 711 42.70 10.37 48.87
CA LYS D 711 41.85 9.30 49.35
C LYS D 711 41.73 8.24 48.28
N VAL D 712 41.69 7.00 48.69
CA VAL D 712 41.49 5.89 47.77
C VAL D 712 40.01 5.55 47.79
N MET D 713 39.43 5.39 46.62
CA MET D 713 38.00 5.21 46.47
C MET D 713 37.67 3.86 45.89
N PRO D 714 36.48 3.32 46.13
CA PRO D 714 36.17 1.98 45.66
C PRO D 714 36.02 1.89 44.16
N ILE D 715 36.11 0.66 43.68
CA ILE D 715 36.20 0.35 42.27
C ILE D 715 35.19 -0.73 41.93
N GLY D 716 35.24 -1.17 40.69
CA GLY D 716 34.39 -2.25 40.27
C GLY D 716 35.17 -3.43 39.74
N GLY D 717 34.53 -4.58 39.65
CA GLY D 717 35.12 -5.75 39.07
C GLY D 717 36.20 -6.38 39.92
N VAL D 718 35.93 -6.61 41.20
CA VAL D 718 36.97 -7.12 42.09
C VAL D 718 37.26 -8.58 41.81
N LYS D 719 36.22 -9.36 41.53
CA LYS D 719 36.37 -10.80 41.36
C LYS D 719 37.23 -11.14 40.16
N GLU D 720 36.97 -10.49 39.02
CA GLU D 720 37.72 -10.78 37.81
C GLU D 720 39.17 -10.37 37.92
N LYS D 721 39.43 -9.22 38.52
CA LYS D 721 40.81 -8.76 38.66
C LYS D 721 41.60 -9.66 39.59
N LEU D 722 40.99 -10.13 40.66
CA LEU D 722 41.77 -10.96 41.58
C LEU D 722 41.94 -12.39 41.06
N LEU D 723 40.98 -12.90 40.29
CA LEU D 723 41.22 -14.16 39.60
C LEU D 723 42.35 -14.05 38.60
N ALA D 724 42.41 -12.94 37.86
CA ALA D 724 43.49 -12.78 36.92
C ALA D 724 44.83 -12.59 37.60
N ALA D 725 44.84 -11.99 38.77
CA ALA D 725 46.11 -11.85 39.46
C ALA D 725 46.57 -13.15 40.06
N HIS D 726 45.65 -14.02 40.45
CA HIS D 726 46.03 -15.28 41.06
C HIS D 726 46.64 -16.25 40.07
N GLN D 727 46.13 -16.29 38.86
CA GLN D 727 46.59 -17.29 37.91
C GLN D 727 47.74 -16.80 37.06
N ALA D 728 48.26 -15.63 37.35
CA ALA D 728 49.54 -15.24 36.80
C ALA D 728 50.64 -15.30 37.84
N GLY D 729 50.31 -15.70 39.05
CA GLY D 729 51.32 -15.91 40.06
C GLY D 729 51.62 -14.72 40.93
N ILE D 730 50.71 -13.77 41.05
CA ILE D 730 50.87 -12.67 41.98
C ILE D 730 50.06 -12.98 43.22
N HIS D 731 50.69 -12.88 44.39
CA HIS D 731 50.05 -13.29 45.61
C HIS D 731 49.87 -12.15 46.60
N LYS D 732 50.09 -10.91 46.20
CA LYS D 732 49.91 -9.76 47.08
C LYS D 732 49.09 -8.71 46.37
N ILE D 733 48.04 -8.23 47.00
CA ILE D 733 47.10 -7.30 46.38
C ILE D 733 47.00 -6.06 47.26
N VAL D 734 46.84 -4.90 46.65
CA VAL D 734 46.50 -3.66 47.34
C VAL D 734 45.14 -3.21 46.84
N LEU D 735 44.24 -2.91 47.78
CA LEU D 735 42.84 -2.75 47.41
C LEU D 735 42.23 -1.67 48.28
N PRO D 736 41.25 -0.92 47.79
CA PRO D 736 40.57 0.06 48.63
C PRO D 736 39.81 -0.61 49.75
N LYS D 737 39.69 0.10 50.86
CA LYS D 737 39.08 -0.50 52.04
C LYS D 737 37.59 -0.70 51.86
N ASP D 738 36.96 0.19 51.11
CA ASP D 738 35.53 0.11 50.89
C ASP D 738 35.12 -1.03 49.99
N ASN D 739 36.04 -1.74 49.37
CA ASN D 739 35.72 -2.95 48.64
C ASN D 739 35.93 -4.19 49.48
N GLU D 740 35.91 -4.07 50.78
CA GLU D 740 36.07 -5.25 51.62
C GLU D 740 34.84 -6.15 51.53
N ALA D 741 33.69 -5.57 51.25
CA ALA D 741 32.47 -6.35 51.13
C ALA D 741 32.44 -7.23 49.91
N GLN D 742 33.16 -6.88 48.86
CA GLN D 742 33.15 -7.67 47.64
C GLN D 742 34.12 -8.84 47.67
N LEU D 743 34.82 -9.06 48.76
CA LEU D 743 35.68 -10.22 48.84
C LEU D 743 34.95 -11.47 49.20
N GLU D 744 33.64 -11.45 49.34
CA GLU D 744 32.90 -12.64 49.67
C GLU D 744 32.60 -13.51 48.47
N GLU D 745 32.73 -12.97 47.28
CA GLU D 745 32.38 -13.69 46.07
C GLU D 745 33.58 -14.31 45.40
N LEU D 746 34.62 -14.43 46.07
CA LEU D 746 35.75 -15.19 45.56
C LEU D 746 35.66 -16.63 46.04
N PRO D 747 36.26 -17.56 45.32
CA PRO D 747 36.41 -18.93 45.85
C PRO D 747 37.36 -18.96 47.02
N LYS D 748 37.28 -20.06 47.77
CA LYS D 748 37.92 -20.10 49.06
C LYS D 748 39.43 -20.31 48.98
N GLU D 749 39.87 -21.17 48.07
CA GLU D 749 41.30 -21.38 47.89
C GLU D 749 41.97 -20.19 47.22
N VAL D 750 41.22 -19.40 46.45
CA VAL D 750 41.77 -18.17 45.91
C VAL D 750 42.00 -17.17 47.03
N LEU D 751 41.02 -17.00 47.91
CA LEU D 751 41.20 -16.14 49.07
C LEU D 751 42.24 -16.63 50.04
N GLU D 752 42.56 -17.91 50.04
CA GLU D 752 43.69 -18.33 50.85
C GLU D 752 45.00 -18.25 50.12
N GLY D 753 44.98 -18.15 48.81
CA GLY D 753 46.22 -17.97 48.09
C GLY D 753 46.70 -16.54 48.17
N LEU D 754 45.78 -15.59 48.14
CA LEU D 754 46.10 -14.17 48.07
C LEU D 754 46.41 -13.61 49.44
N GLU D 755 46.81 -12.36 49.46
CA GLU D 755 47.17 -11.66 50.69
C GLU D 755 46.79 -10.20 50.50
N ILE D 756 45.61 -9.84 50.96
CA ILE D 756 45.03 -8.56 50.65
C ILE D 756 45.50 -7.53 51.67
N LYS D 757 45.96 -6.38 51.20
CA LYS D 757 46.19 -5.24 52.05
C LYS D 757 45.15 -4.19 51.71
N LEU D 758 44.48 -3.65 52.71
CA LEU D 758 43.37 -2.73 52.50
C LEU D 758 43.79 -1.34 52.94
N VAL D 759 43.71 -0.39 52.03
CA VAL D 759 44.20 0.96 52.27
C VAL D 759 43.06 1.94 52.13
N GLU D 760 43.30 3.14 52.62
CA GLU D 760 42.39 4.25 52.41
C GLU D 760 43.13 5.56 52.20
N ASP D 761 44.43 5.54 52.00
CA ASP D 761 45.23 6.72 51.82
C ASP D 761 46.42 6.33 50.97
N VAL D 762 46.77 7.17 49.99
CA VAL D 762 47.78 6.81 49.02
C VAL D 762 49.18 6.86 49.62
N GLY D 763 49.35 7.50 50.77
CA GLY D 763 50.63 7.45 51.45
C GLY D 763 50.97 6.08 51.97
N GLU D 764 49.96 5.30 52.33
CA GLU D 764 50.17 3.92 52.73
C GLU D 764 50.64 3.07 51.57
N VAL D 765 50.09 3.32 50.37
CA VAL D 765 50.49 2.59 49.19
C VAL D 765 51.93 2.91 48.83
N LEU D 766 52.28 4.19 48.84
CA LEU D 766 53.65 4.55 48.50
C LEU D 766 54.64 4.11 49.54
N GLU D 767 54.22 3.95 50.79
CA GLU D 767 55.13 3.38 51.77
C GLU D 767 55.31 1.90 51.56
N TYR D 768 54.27 1.21 51.12
CA TYR D 768 54.37 -0.23 50.99
C TYR D 768 55.05 -0.65 49.69
N LEU D 769 55.01 0.17 48.66
CA LEU D 769 55.46 -0.25 47.35
C LEU D 769 56.90 0.10 47.03
N LEU D 770 57.39 1.25 47.46
CA LEU D 770 58.67 1.74 46.98
C LEU D 770 59.78 1.22 47.87
N LEU D 771 60.84 0.70 47.25
CA LEU D 771 61.99 0.26 48.01
C LEU D 771 62.74 1.47 48.55
N PRO D 772 63.28 1.40 49.77
CA PRO D 772 63.72 2.61 50.46
C PRO D 772 65.01 3.24 49.95
N GLU D 773 65.65 2.69 48.93
CA GLU D 773 66.91 3.26 48.50
C GLU D 773 66.82 3.71 47.05
N PRO D 774 67.55 4.76 46.70
CA PRO D 774 67.69 5.10 45.28
C PRO D 774 68.71 4.23 44.59
N THR D 775 68.56 4.11 43.28
CA THR D 775 69.50 3.37 42.46
C THR D 775 70.08 4.17 41.31
N MET D 776 69.32 5.09 40.74
CA MET D 776 69.77 5.89 39.62
C MET D 776 70.17 7.29 40.09
N PRO D 777 71.01 7.98 39.34
CA PRO D 777 71.28 9.40 39.62
C PRO D 777 70.04 10.24 39.35
N PRO D 778 69.92 11.39 39.99
CA PRO D 778 68.72 12.22 39.78
C PRO D 778 68.74 12.87 38.41
N VAL D 779 67.56 12.93 37.79
CA VAL D 779 67.38 13.87 36.70
C VAL D 779 67.37 15.27 37.28
N VAL D 780 68.41 16.04 36.95
CA VAL D 780 68.59 17.33 37.60
C VAL D 780 67.68 18.34 36.89
N ARG E 2 -86.06 -18.33 33.03
CA ARG E 2 -86.03 -17.82 34.38
C ARG E 2 -85.97 -18.97 35.36
N LEU E 3 -86.59 -20.08 34.97
CA LEU E 3 -86.92 -21.17 35.90
C LEU E 3 -85.75 -22.12 36.13
N GLU E 4 -84.69 -21.61 36.76
CA GLU E 4 -83.39 -22.26 36.91
C GLU E 4 -82.87 -22.81 35.59
N LEU E 5 -82.56 -21.91 34.68
CA LEU E 5 -82.15 -22.24 33.32
C LEU E 5 -80.85 -23.01 33.31
N PRO E 6 -80.84 -24.27 32.86
CA PRO E 6 -79.58 -24.99 32.69
C PRO E 6 -78.81 -24.45 31.50
N VAL E 7 -77.50 -24.28 31.69
CA VAL E 7 -76.65 -23.55 30.75
C VAL E 7 -75.44 -24.40 30.39
N ILE E 8 -75.27 -24.68 29.09
CA ILE E 8 -74.12 -25.38 28.54
C ILE E 8 -73.30 -24.38 27.72
N PRO E 9 -71.97 -24.32 27.87
CA PRO E 9 -71.18 -23.42 27.03
C PRO E 9 -70.99 -23.93 25.62
N LEU E 10 -71.18 -23.02 24.66
CA LEU E 10 -71.02 -23.32 23.24
C LEU E 10 -69.56 -23.59 22.91
N ARG E 11 -69.33 -24.56 22.03
CA ARG E 11 -67.98 -25.06 21.80
C ARG E 11 -67.18 -24.15 20.86
N ASN E 12 -67.77 -23.75 19.73
CA ASN E 12 -67.16 -22.76 18.84
C ASN E 12 -68.11 -21.71 18.29
N THR E 13 -69.42 -21.97 18.21
CA THR E 13 -70.29 -21.18 17.36
C THR E 13 -71.40 -20.54 18.16
N VAL E 14 -71.54 -19.23 18.02
CA VAL E 14 -72.68 -18.52 18.60
C VAL E 14 -73.92 -18.91 17.80
N ILE E 15 -75.02 -19.15 18.51
CA ILE E 15 -76.24 -19.65 17.90
C ILE E 15 -77.29 -18.55 17.99
N LEU E 16 -77.45 -17.79 16.92
CA LEU E 16 -78.43 -16.72 16.84
C LEU E 16 -79.82 -17.35 16.72
N PRO E 17 -80.92 -16.58 16.97
CA PRO E 17 -82.27 -17.18 16.96
C PRO E 17 -82.70 -17.85 15.66
N HIS E 18 -83.69 -18.75 15.79
CA HIS E 18 -84.27 -19.61 14.74
C HIS E 18 -83.27 -20.59 14.12
N THR E 19 -82.08 -20.76 14.68
CA THR E 19 -81.03 -21.51 14.00
C THR E 19 -80.81 -22.84 14.71
N THR E 20 -81.42 -23.88 14.14
CA THR E 20 -81.33 -25.24 14.63
C THR E 20 -79.93 -25.78 14.37
N THR E 21 -79.18 -26.08 15.43
CA THR E 21 -77.74 -26.31 15.32
C THR E 21 -77.26 -27.59 15.99
N PRO E 22 -76.39 -28.36 15.32
CA PRO E 22 -75.76 -29.53 15.96
C PRO E 22 -74.43 -29.24 16.65
N VAL E 23 -74.28 -29.64 17.92
CA VAL E 23 -73.08 -29.40 18.71
C VAL E 23 -72.70 -30.70 19.42
N ASP E 24 -71.43 -31.11 19.32
CA ASP E 24 -70.96 -32.34 19.96
C ASP E 24 -70.84 -32.13 21.47
N VAL E 25 -71.98 -32.02 22.14
CA VAL E 25 -72.02 -31.78 23.58
C VAL E 25 -71.68 -33.11 24.25
N GLY E 26 -70.45 -33.24 24.72
CA GLY E 26 -70.03 -34.48 25.34
C GLY E 26 -69.06 -34.38 26.50
N ARG E 27 -68.87 -33.19 27.07
CA ARG E 27 -67.90 -33.03 28.14
C ARG E 27 -68.53 -33.36 29.48
N ALA E 28 -67.86 -34.22 30.25
CA ALA E 28 -68.39 -34.67 31.52
C ALA E 28 -68.33 -33.62 32.62
N LYS E 29 -67.70 -32.47 32.38
CA LYS E 29 -67.70 -31.40 33.37
C LYS E 29 -69.10 -30.80 33.51
N SER E 30 -69.67 -30.32 32.41
CA SER E 30 -71.05 -29.89 32.39
C SER E 30 -71.99 -31.01 31.99
N LYS E 31 -71.63 -32.25 32.31
CA LYS E 31 -72.60 -33.33 32.27
C LYS E 31 -73.76 -33.06 33.23
N ARG E 32 -73.49 -32.38 34.34
CA ARG E 32 -74.57 -31.91 35.21
C ARG E 32 -75.45 -30.88 34.51
N ALA E 33 -74.88 -30.05 33.66
CA ALA E 33 -75.70 -29.10 32.89
C ALA E 33 -76.56 -29.83 31.87
N VAL E 34 -76.00 -30.88 31.26
CA VAL E 34 -76.77 -31.73 30.36
C VAL E 34 -77.91 -32.41 31.10
N GLU E 35 -77.63 -32.95 32.29
CA GLU E 35 -78.63 -33.71 33.03
C GLU E 35 -79.66 -32.80 33.69
N GLU E 36 -79.34 -31.52 33.89
CA GLU E 36 -80.36 -30.58 34.33
C GLU E 36 -81.12 -29.96 33.17
N ALA E 37 -80.56 -30.01 31.94
CA ALA E 37 -81.38 -29.79 30.76
C ALA E 37 -82.36 -30.94 30.57
N MET E 38 -81.95 -32.13 31.00
CA MET E 38 -82.86 -33.27 31.08
C MET E 38 -83.83 -33.13 32.25
N GLY E 39 -83.44 -32.46 33.33
CA GLY E 39 -84.25 -32.32 34.52
C GLY E 39 -84.99 -31.01 34.67
N ALA E 40 -85.18 -30.25 33.58
CA ALA E 40 -85.98 -29.02 33.62
C ALA E 40 -86.84 -28.83 32.37
N ASP E 41 -87.12 -29.92 31.63
CA ASP E 41 -87.98 -29.94 30.45
C ASP E 41 -87.48 -29.02 29.34
N ARG E 42 -86.25 -29.30 28.90
CA ARG E 42 -85.85 -29.21 27.49
C ARG E 42 -85.80 -27.77 26.96
N LEU E 43 -85.03 -26.93 27.62
CA LEU E 43 -84.48 -25.70 27.04
C LEU E 43 -82.99 -25.69 27.32
N ILE E 44 -82.18 -25.34 26.32
CA ILE E 44 -80.73 -25.37 26.47
C ILE E 44 -80.18 -23.96 26.24
N PHE E 45 -79.86 -23.26 27.33
CA PHE E 45 -79.61 -21.82 27.33
C PHE E 45 -78.13 -21.59 27.01
N LEU E 46 -77.83 -21.35 25.74
CA LEU E 46 -76.47 -21.39 25.23
C LEU E 46 -75.72 -20.10 25.57
N VAL E 47 -74.62 -20.22 26.33
CA VAL E 47 -73.80 -19.08 26.75
C VAL E 47 -72.34 -19.39 26.46
N ALA E 48 -71.77 -18.71 25.46
CA ALA E 48 -70.39 -18.96 25.05
C ALA E 48 -69.43 -18.12 25.86
N GLN E 49 -68.40 -18.75 26.40
CA GLN E 49 -67.28 -18.03 26.99
C GLN E 49 -66.17 -17.91 25.96
N ARG E 50 -64.98 -17.49 26.41
CA ARG E 50 -63.98 -16.85 25.57
C ARG E 50 -63.21 -17.85 24.70
N ASP E 51 -62.09 -17.35 24.15
CA ASP E 51 -61.05 -17.98 23.35
C ASP E 51 -60.72 -19.35 23.94
N PRO E 52 -60.38 -20.36 23.08
CA PRO E 52 -61.12 -21.65 23.07
C PRO E 52 -61.65 -22.09 24.42
N GLU E 53 -62.97 -22.35 24.47
CA GLU E 53 -63.80 -22.25 25.68
C GLU E 53 -63.24 -22.97 26.89
N VAL E 54 -63.15 -22.22 27.98
CA VAL E 54 -62.32 -22.58 29.13
C VAL E 54 -63.01 -23.69 29.91
N ASP E 55 -62.22 -24.66 30.36
CA ASP E 55 -62.68 -25.77 31.18
C ASP E 55 -63.31 -25.33 32.50
N ASP E 56 -63.01 -24.12 32.94
CA ASP E 56 -63.77 -23.50 34.02
C ASP E 56 -65.02 -22.84 33.44
N PRO E 57 -66.21 -23.18 33.94
CA PRO E 57 -67.35 -22.29 33.73
C PRO E 57 -67.29 -21.11 34.69
N ALA E 58 -66.97 -19.92 34.17
CA ALA E 58 -66.80 -18.71 34.94
C ALA E 58 -67.57 -17.57 34.28
N PRO E 59 -68.09 -16.61 35.06
CA PRO E 59 -68.84 -15.51 34.44
C PRO E 59 -67.93 -14.37 34.01
N ASP E 60 -66.64 -14.65 33.88
CA ASP E 60 -65.62 -13.62 33.67
C ASP E 60 -65.70 -12.95 32.31
N ASP E 61 -65.94 -13.70 31.24
CA ASP E 61 -65.92 -13.16 29.88
C ASP E 61 -67.15 -13.59 29.09
N LEU E 62 -68.31 -13.50 29.73
CA LEU E 62 -69.56 -13.83 29.07
C LEU E 62 -69.92 -12.74 28.08
N TYR E 63 -70.92 -13.05 27.27
CA TYR E 63 -71.58 -12.08 26.40
C TYR E 63 -73.01 -11.95 26.90
N THR E 64 -73.47 -10.71 27.02
CA THR E 64 -74.64 -10.38 27.83
C THR E 64 -75.90 -11.03 27.28
N TRP E 65 -75.97 -11.17 25.97
CA TRP E 65 -77.14 -11.75 25.33
C TRP E 65 -76.89 -13.23 25.13
N GLY E 66 -76.89 -13.95 26.25
CA GLY E 66 -77.04 -15.39 26.18
C GLY E 66 -78.42 -15.74 25.64
N VAL E 67 -78.45 -16.70 24.76
CA VAL E 67 -79.68 -17.00 24.04
C VAL E 67 -80.30 -18.24 24.65
N GLN E 68 -81.60 -18.39 24.46
CA GLN E 68 -82.28 -19.65 24.71
C GLN E 68 -82.16 -20.53 23.48
N ALA E 69 -82.48 -21.82 23.63
CA ALA E 69 -82.58 -22.72 22.48
C ALA E 69 -83.54 -23.86 22.80
N VAL E 70 -84.63 -23.92 22.02
CA VAL E 70 -85.66 -24.94 22.23
C VAL E 70 -85.12 -26.29 21.77
N VAL E 71 -85.76 -27.37 22.23
CA VAL E 71 -85.27 -28.73 22.02
C VAL E 71 -86.21 -29.48 21.10
N LYS E 72 -85.66 -30.03 20.02
CA LYS E 72 -86.43 -30.82 19.06
C LYS E 72 -86.02 -32.29 19.02
N GLN E 73 -84.75 -32.59 18.77
CA GLN E 73 -84.22 -33.95 18.89
C GLN E 73 -82.70 -33.90 19.00
N ALA E 74 -82.15 -34.88 19.71
CA ALA E 74 -80.72 -34.95 20.03
C ALA E 74 -80.24 -36.37 19.82
N MET E 75 -79.06 -36.51 19.24
CA MET E 75 -78.54 -37.82 18.91
C MET E 75 -77.96 -38.48 20.16
N ARG E 76 -78.76 -39.34 20.81
CA ARG E 76 -78.33 -40.06 22.01
C ARG E 76 -77.28 -41.10 21.62
N LEU E 77 -76.00 -40.77 21.84
CA LEU E 77 -74.91 -41.63 21.41
C LEU E 77 -74.18 -42.28 22.57
N PRO E 78 -73.71 -43.53 22.40
CA PRO E 78 -72.77 -44.15 23.34
C PRO E 78 -71.31 -43.80 23.08
N ASP E 79 -71.03 -42.53 22.78
CA ASP E 79 -69.67 -42.00 22.89
C ASP E 79 -69.68 -40.56 23.41
N GLY E 80 -70.69 -40.19 24.20
CA GLY E 80 -70.80 -38.89 24.83
C GLY E 80 -71.43 -37.80 23.98
N THR E 81 -71.21 -37.85 22.67
CA THR E 81 -71.68 -36.83 21.74
C THR E 81 -73.21 -36.78 21.69
N LEU E 82 -73.77 -35.58 21.61
CA LEU E 82 -75.21 -35.41 21.39
C LEU E 82 -75.44 -34.45 20.23
N GLN E 83 -75.46 -34.96 19.00
CA GLN E 83 -75.78 -34.15 17.84
C GLN E 83 -77.23 -33.72 17.94
N VAL E 84 -77.45 -32.45 18.22
CA VAL E 84 -78.73 -31.98 18.72
C VAL E 84 -79.38 -31.12 17.63
N MET E 85 -80.69 -30.93 17.76
CA MET E 85 -81.43 -30.00 16.92
C MET E 85 -82.03 -28.92 17.81
N VAL E 86 -81.26 -27.88 18.11
CA VAL E 86 -81.69 -26.78 18.98
C VAL E 86 -81.95 -25.52 18.15
N GLU E 87 -83.22 -25.28 17.83
CA GLU E 87 -83.61 -23.97 17.35
C GLU E 87 -83.46 -22.96 18.47
N ALA E 88 -82.56 -22.00 18.29
CA ALA E 88 -82.43 -20.91 19.23
C ALA E 88 -83.63 -19.99 19.10
N ARG E 89 -84.14 -19.53 20.24
CA ARG E 89 -85.44 -18.87 20.27
C ARG E 89 -85.36 -17.39 20.63
N ALA E 90 -84.80 -17.05 21.77
CA ALA E 90 -84.85 -15.66 22.22
C ALA E 90 -83.53 -15.29 22.87
N ARG E 91 -82.93 -14.22 22.38
CA ARG E 91 -81.81 -13.60 23.07
C ARG E 91 -82.27 -13.11 24.42
N ALA E 92 -81.39 -13.21 25.41
CA ALA E 92 -81.83 -12.97 26.76
C ALA E 92 -80.73 -12.26 27.53
N GLN E 93 -81.10 -11.14 28.12
CA GLN E 93 -80.26 -10.51 29.13
C GLN E 93 -80.33 -11.37 30.38
N VAL E 94 -79.21 -12.00 30.72
CA VAL E 94 -79.16 -12.96 31.83
C VAL E 94 -79.32 -12.22 33.15
N THR E 95 -80.00 -12.85 34.12
CA THR E 95 -80.27 -12.19 35.40
C THR E 95 -79.01 -12.09 36.26
N ASP E 96 -78.48 -13.22 36.67
CA ASP E 96 -77.43 -13.23 37.66
C ASP E 96 -76.17 -13.90 37.10
N TYR E 97 -75.21 -14.09 38.00
CA TYR E 97 -74.06 -14.93 37.73
C TYR E 97 -73.73 -15.66 39.01
N ILE E 98 -73.55 -16.98 38.91
CA ILE E 98 -73.22 -17.83 40.04
C ILE E 98 -72.16 -18.80 39.54
N PRO E 99 -71.06 -19.00 40.27
CA PRO E 99 -69.90 -19.72 39.71
C PRO E 99 -70.17 -21.20 39.44
N GLY E 100 -69.22 -21.81 38.74
CA GLY E 100 -69.41 -23.14 38.21
C GLY E 100 -68.42 -24.16 38.74
N PRO E 101 -68.49 -25.40 38.23
CA PRO E 101 -69.36 -25.89 37.15
C PRO E 101 -70.78 -26.26 37.61
N TYR E 102 -71.83 -25.82 36.89
CA TYR E 102 -71.77 -24.88 35.77
C TYR E 102 -72.31 -23.54 36.27
N LEU E 103 -72.42 -22.54 35.41
CA LEU E 103 -72.90 -21.24 35.87
C LEU E 103 -74.39 -21.29 36.08
N ARG E 104 -74.83 -21.13 37.33
CA ARG E 104 -76.26 -20.96 37.59
C ARG E 104 -76.67 -19.59 37.05
N ALA E 105 -77.33 -19.61 35.89
CA ALA E 105 -77.71 -18.40 35.19
C ALA E 105 -79.23 -18.35 35.08
N ARG E 106 -79.82 -17.21 35.41
CA ARG E 106 -81.25 -17.01 35.37
C ARG E 106 -81.60 -15.98 34.29
N GLY E 107 -82.84 -16.03 33.81
CA GLY E 107 -83.20 -15.24 32.65
C GLY E 107 -84.04 -14.03 32.94
N GLU E 108 -84.51 -13.37 31.88
CA GLU E 108 -85.41 -12.23 31.99
C GLU E 108 -86.45 -12.37 30.89
N VAL E 109 -87.19 -11.29 30.61
CA VAL E 109 -88.22 -11.29 29.57
C VAL E 109 -87.57 -11.22 28.19
N PHE E 110 -88.34 -11.50 27.14
CA PHE E 110 -87.78 -11.64 25.80
C PHE E 110 -87.59 -10.28 25.13
N SER E 111 -86.66 -10.26 24.17
CA SER E 111 -86.50 -9.13 23.28
C SER E 111 -87.58 -9.13 22.22
N GLU E 112 -88.81 -8.76 22.60
CA GLU E 112 -89.95 -8.70 21.70
C GLU E 112 -90.18 -7.26 21.24
N ILE E 113 -89.08 -6.49 21.13
CA ILE E 113 -89.16 -5.08 20.78
C ILE E 113 -89.67 -4.94 19.35
N PHE E 114 -90.39 -3.85 19.10
CA PHE E 114 -91.04 -3.65 17.80
C PHE E 114 -90.47 -2.45 17.08
N PRO E 115 -89.53 -2.65 16.16
CA PRO E 115 -89.19 -1.60 15.18
C PRO E 115 -90.38 -1.38 14.26
N ILE E 116 -90.87 -0.14 14.21
CA ILE E 116 -92.02 0.20 13.38
C ILE E 116 -91.57 0.39 11.93
N ASP E 117 -92.54 0.62 11.04
CA ASP E 117 -92.37 0.69 9.59
C ASP E 117 -91.87 -0.65 9.03
N GLU E 118 -92.81 -1.61 9.03
CA GLU E 118 -92.61 -2.94 8.44
C GLU E 118 -92.09 -2.91 7.01
N ALA E 119 -92.43 -1.86 6.23
CA ALA E 119 -91.94 -1.72 4.86
C ALA E 119 -90.41 -1.70 4.81
N VAL E 120 -89.77 -1.05 5.78
CA VAL E 120 -88.32 -1.09 5.91
C VAL E 120 -87.82 -2.50 6.18
N VAL E 121 -88.52 -3.24 7.05
CA VAL E 121 -88.12 -4.60 7.39
C VAL E 121 -88.16 -5.51 6.17
N ARG E 122 -89.31 -5.51 5.49
CA ARG E 122 -89.52 -6.31 4.28
C ARG E 122 -88.51 -5.95 3.19
N VAL E 123 -88.38 -4.66 2.88
CA VAL E 123 -87.53 -4.23 1.77
C VAL E 123 -86.05 -4.46 2.09
N LEU E 124 -85.62 -4.17 3.33
CA LEU E 124 -84.22 -4.36 3.68
C LEU E 124 -83.87 -5.84 3.81
N VAL E 125 -84.82 -6.69 4.24
CA VAL E 125 -84.59 -8.13 4.20
C VAL E 125 -84.45 -8.61 2.74
N GLU E 126 -85.24 -8.05 1.82
CA GLU E 126 -85.10 -8.42 0.41
C GLU E 126 -83.75 -7.98 -0.17
N GLU E 127 -83.29 -6.79 0.22
CA GLU E 127 -82.03 -6.27 -0.28
C GLU E 127 -80.84 -7.05 0.29
N LEU E 128 -80.90 -7.36 1.58
CA LEU E 128 -79.94 -8.25 2.22
C LEU E 128 -79.96 -9.63 1.57
N LYS E 129 -81.14 -10.10 1.18
CA LYS E 129 -81.28 -11.38 0.48
C LYS E 129 -80.55 -11.33 -0.85
N GLU E 130 -80.67 -10.20 -1.56
CA GLU E 130 -79.91 -9.99 -2.80
C GLU E 130 -78.42 -10.03 -2.56
N ALA E 131 -77.97 -9.43 -1.45
CA ALA E 131 -76.56 -9.47 -1.10
C ALA E 131 -76.10 -10.91 -0.86
N PHE E 132 -76.94 -11.69 -0.19
CA PHE E 132 -76.66 -13.10 0.03
C PHE E 132 -76.66 -13.89 -1.27
N GLU E 133 -77.52 -13.51 -2.22
CA GLU E 133 -77.55 -14.13 -3.54
C GLU E 133 -76.21 -13.94 -4.24
N LYS E 134 -75.72 -12.69 -4.23
CA LYS E 134 -74.41 -12.41 -4.81
C LYS E 134 -73.30 -13.11 -4.06
N TYR E 135 -73.49 -13.27 -2.75
CA TYR E 135 -72.47 -13.87 -1.90
C TYR E 135 -72.31 -15.35 -2.21
N VAL E 136 -73.42 -16.09 -2.23
CA VAL E 136 -73.38 -17.50 -2.58
C VAL E 136 -73.06 -17.68 -4.06
N ALA E 137 -73.30 -16.67 -4.89
CA ALA E 137 -72.75 -16.69 -6.23
C ALA E 137 -71.24 -16.49 -6.24
N ASN E 138 -70.67 -15.92 -5.19
CA ASN E 138 -69.27 -15.56 -5.24
C ASN E 138 -68.41 -16.23 -4.17
N HIS E 139 -68.97 -16.98 -3.24
CA HIS E 139 -68.16 -17.51 -2.14
C HIS E 139 -68.34 -19.01 -1.95
N LYS E 140 -68.28 -19.76 -3.05
CA LYS E 140 -68.22 -21.22 -3.00
C LYS E 140 -66.80 -21.73 -2.78
N SER E 141 -65.85 -20.85 -2.43
CA SER E 141 -64.66 -21.30 -1.73
C SER E 141 -65.02 -21.83 -0.36
N LEU E 142 -66.12 -21.33 0.21
CA LEU E 142 -66.67 -21.83 1.44
C LEU E 142 -67.61 -23.01 1.24
N ARG E 143 -68.08 -23.24 -0.01
CA ARG E 143 -68.91 -24.38 -0.42
C ARG E 143 -70.23 -24.45 0.37
N LEU E 144 -71.06 -23.44 0.15
CA LEU E 144 -72.40 -23.45 0.74
C LEU E 144 -73.31 -24.45 0.03
N ASP E 145 -74.04 -25.24 0.83
CA ASP E 145 -74.99 -26.18 0.27
C ASP E 145 -76.22 -25.45 -0.28
N ARG E 146 -76.69 -25.93 -1.43
CA ARG E 146 -77.80 -25.30 -2.13
C ARG E 146 -79.14 -25.50 -1.44
N TYR E 147 -79.23 -26.43 -0.49
CA TYR E 147 -80.47 -26.60 0.25
C TYR E 147 -80.60 -25.63 1.41
N GLN E 148 -79.68 -24.69 1.53
CA GLN E 148 -79.88 -23.46 2.26
C GLN E 148 -80.18 -22.29 1.32
N LEU E 149 -79.97 -22.47 0.02
CA LEU E 149 -80.23 -21.41 -0.95
C LEU E 149 -81.71 -21.35 -1.32
N GLU E 150 -82.22 -22.40 -1.95
CA GLU E 150 -83.59 -22.42 -2.48
C GLU E 150 -84.58 -23.08 -1.53
N ALA E 151 -84.39 -22.93 -0.23
CA ALA E 151 -85.28 -23.54 0.75
C ALA E 151 -86.17 -22.55 1.49
N VAL E 152 -85.67 -21.36 1.80
CA VAL E 152 -86.40 -20.40 2.64
C VAL E 152 -86.56 -19.06 1.92
N LYS E 153 -86.56 -19.08 0.60
CA LYS E 153 -86.73 -17.85 -0.15
C LYS E 153 -88.18 -17.39 -0.07
N GLY E 154 -88.41 -16.18 0.43
CA GLY E 154 -89.75 -15.77 0.78
C GLY E 154 -90.07 -15.95 2.25
N THR E 155 -89.25 -15.35 3.12
CA THR E 155 -89.40 -15.46 4.56
C THR E 155 -90.20 -14.29 5.13
N SER E 156 -91.20 -14.59 5.96
CA SER E 156 -92.03 -13.58 6.62
C SER E 156 -91.41 -13.07 7.91
N ASP E 157 -91.17 -13.98 8.86
CA ASP E 157 -90.53 -13.72 10.14
C ASP E 157 -89.09 -13.31 9.89
N PRO E 158 -88.72 -12.03 10.06
CA PRO E 158 -87.43 -11.55 9.52
C PRO E 158 -86.22 -12.05 10.29
N ALA E 159 -86.36 -12.23 11.61
CA ALA E 159 -85.25 -12.65 12.45
C ALA E 159 -84.76 -14.03 12.06
N MET E 160 -85.66 -14.88 11.55
CA MET E 160 -85.31 -16.23 11.13
C MET E 160 -84.27 -16.24 10.01
N LEU E 161 -84.63 -15.67 8.86
CA LEU E 161 -83.74 -15.73 7.70
C LEU E 161 -82.55 -14.79 7.85
N ALA E 162 -82.72 -13.69 8.61
CA ALA E 162 -81.59 -12.81 8.90
C ALA E 162 -80.52 -13.54 9.71
N ASP E 163 -80.92 -14.11 10.85
CA ASP E 163 -79.97 -14.85 11.68
C ASP E 163 -79.50 -16.11 10.99
N THR E 164 -80.31 -16.68 10.11
CA THR E 164 -79.92 -17.92 9.44
C THR E 164 -78.84 -17.65 8.40
N ILE E 165 -79.00 -16.61 7.58
CA ILE E 165 -77.96 -16.22 6.64
C ILE E 165 -76.69 -15.82 7.38
N ALA E 166 -76.81 -14.98 8.40
CA ALA E 166 -75.61 -14.56 9.11
C ALA E 166 -75.00 -15.70 9.93
N TYR E 167 -75.77 -16.74 10.23
CA TYR E 167 -75.18 -17.95 10.76
C TYR E 167 -74.39 -18.66 9.67
N HIS E 168 -74.95 -18.69 8.47
CA HIS E 168 -74.23 -19.28 7.35
C HIS E 168 -73.03 -18.43 6.99
N ALA E 169 -73.16 -17.12 7.16
CA ALA E 169 -72.08 -16.20 6.87
C ALA E 169 -70.99 -16.39 7.91
N THR E 170 -69.87 -17.00 7.50
CA THR E 170 -68.76 -17.17 8.41
C THR E 170 -68.07 -15.84 8.63
N TRP E 171 -67.83 -15.53 9.90
CA TRP E 171 -67.25 -14.26 10.34
C TRP E 171 -66.48 -14.55 11.62
N THR E 172 -66.21 -13.51 12.40
CA THR E 172 -65.75 -13.79 13.75
C THR E 172 -66.93 -14.12 14.65
N VAL E 173 -66.68 -14.99 15.63
CA VAL E 173 -67.57 -15.23 16.77
C VAL E 173 -67.87 -13.91 17.48
N ALA E 174 -66.86 -13.05 17.57
CA ALA E 174 -67.02 -11.67 17.99
C ALA E 174 -68.11 -10.97 17.19
N GLU E 175 -68.04 -11.04 15.86
CA GLU E 175 -69.08 -10.38 15.09
C GLU E 175 -70.38 -11.17 15.04
N LYS E 176 -70.37 -12.47 15.37
CA LYS E 176 -71.63 -13.18 15.61
C LYS E 176 -72.38 -12.57 16.78
N GLN E 177 -71.69 -12.32 17.89
CA GLN E 177 -72.39 -11.68 18.98
C GLN E 177 -72.66 -10.21 18.69
N GLU E 178 -71.72 -9.52 18.02
CA GLU E 178 -71.92 -8.12 17.67
C GLU E 178 -73.11 -7.91 16.74
N ILE E 179 -73.46 -8.92 15.95
CA ILE E 179 -74.82 -9.01 15.43
C ILE E 179 -75.81 -9.09 16.58
N LEU E 180 -75.59 -10.04 17.50
CA LEU E 180 -76.65 -10.43 18.42
C LEU E 180 -76.91 -9.42 19.55
N GLU E 181 -76.10 -8.35 19.64
CA GLU E 181 -76.15 -7.45 20.78
C GLU E 181 -77.43 -6.64 20.82
N LEU E 182 -77.66 -5.84 19.78
CA LEU E 182 -78.74 -4.88 19.79
C LEU E 182 -80.07 -5.57 19.54
N THR E 183 -81.07 -5.26 20.37
CA THR E 183 -82.43 -5.74 20.17
C THR E 183 -83.05 -5.17 18.91
N ASP E 184 -82.54 -4.04 18.44
CA ASP E 184 -82.89 -3.46 17.15
C ASP E 184 -82.44 -4.37 16.01
N LEU E 185 -83.40 -5.00 15.34
CA LEU E 185 -83.11 -5.78 14.14
C LEU E 185 -82.70 -4.88 12.98
N GLU E 186 -83.02 -3.58 13.03
CA GLU E 186 -82.60 -2.68 11.96
C GLU E 186 -81.10 -2.46 11.96
N ALA E 187 -80.50 -2.27 13.15
CA ALA E 187 -79.03 -2.15 13.19
C ALA E 187 -78.37 -3.50 13.00
N ARG E 188 -79.09 -4.58 13.30
CA ARG E 188 -78.60 -5.92 12.98
C ARG E 188 -78.52 -6.15 11.48
N LEU E 189 -79.56 -5.76 10.75
CA LEU E 189 -79.52 -5.81 9.29
C LEU E 189 -78.49 -4.84 8.73
N LYS E 190 -78.29 -3.69 9.39
CA LYS E 190 -77.22 -2.75 9.05
C LYS E 190 -75.85 -3.40 9.15
N LYS E 191 -75.59 -4.04 10.29
CA LYS E 191 -74.39 -4.86 10.52
C LYS E 191 -74.18 -5.88 9.40
N VAL E 192 -75.19 -6.75 9.20
CA VAL E 192 -75.02 -7.88 8.28
C VAL E 192 -74.88 -7.42 6.84
N LEU E 193 -75.67 -6.42 6.43
CA LEU E 193 -75.65 -5.96 5.05
C LEU E 193 -74.37 -5.18 4.74
N GLY E 194 -73.91 -4.33 5.67
CA GLY E 194 -72.66 -3.63 5.43
C GLY E 194 -71.47 -4.58 5.40
N LEU E 195 -71.51 -5.62 6.24
CA LEU E 195 -70.46 -6.63 6.21
C LEU E 195 -70.47 -7.41 4.89
N LEU E 196 -71.65 -7.71 4.37
CA LEU E 196 -71.69 -8.40 3.08
C LEU E 196 -71.23 -7.48 1.95
N SER E 197 -71.48 -6.17 2.10
CA SER E 197 -70.98 -5.21 1.10
C SER E 197 -69.46 -5.18 1.11
N ARG E 198 -68.87 -5.20 2.30
CA ARG E 198 -67.42 -5.25 2.43
C ARG E 198 -66.86 -6.53 1.82
N ASP E 199 -67.48 -7.69 2.07
CA ASP E 199 -66.94 -8.91 1.48
C ASP E 199 -67.18 -8.99 -0.01
N LEU E 200 -68.25 -8.36 -0.50
CA LEU E 200 -68.44 -8.38 -1.95
C LEU E 200 -67.49 -7.43 -2.64
N GLU E 201 -67.07 -6.36 -1.95
CA GLU E 201 -65.99 -5.59 -2.56
C GLU E 201 -64.67 -6.33 -2.39
N ARG E 202 -64.58 -7.24 -1.42
CA ARG E 202 -63.37 -8.07 -1.32
C ARG E 202 -63.30 -9.04 -2.50
N PHE E 203 -64.45 -9.58 -2.90
CA PHE E 203 -64.51 -10.38 -4.11
C PHE E 203 -64.12 -9.56 -5.33
N GLU E 204 -64.62 -8.32 -5.38
CA GLU E 204 -64.26 -7.38 -6.44
C GLU E 204 -62.75 -7.13 -6.47
N LEU E 205 -62.15 -7.01 -5.29
CA LEU E 205 -60.73 -6.70 -5.22
C LEU E 205 -59.88 -7.91 -5.54
N ASP E 206 -60.41 -9.11 -5.27
CA ASP E 206 -59.79 -10.33 -5.75
C ASP E 206 -59.76 -10.38 -7.27
N LYS E 207 -60.88 -9.97 -7.89
CA LYS E 207 -60.91 -9.85 -9.34
C LYS E 207 -59.90 -8.84 -9.86
N ARG E 208 -59.79 -7.69 -9.16
CA ARG E 208 -58.87 -6.65 -9.60
C ARG E 208 -57.42 -7.13 -9.52
N VAL E 209 -57.05 -7.76 -8.40
CA VAL E 209 -55.68 -8.20 -8.19
C VAL E 209 -55.31 -9.30 -9.19
N ALA E 210 -56.21 -10.26 -9.41
CA ALA E 210 -55.90 -11.34 -10.34
C ALA E 210 -55.79 -10.83 -11.78
N GLN E 211 -56.60 -9.82 -12.13
CA GLN E 211 -56.51 -9.23 -13.46
C GLN E 211 -55.17 -8.54 -13.66
N ARG E 212 -54.72 -7.77 -12.66
CA ARG E 212 -53.42 -7.11 -12.75
C ARG E 212 -52.29 -8.12 -12.80
N VAL E 213 -52.44 -9.24 -12.09
CA VAL E 213 -51.42 -10.29 -12.08
C VAL E 213 -51.28 -10.91 -13.47
N LYS E 214 -52.40 -11.27 -14.08
CA LYS E 214 -52.36 -11.92 -15.39
C LYS E 214 -51.81 -10.97 -16.45
N GLU E 215 -52.11 -9.67 -16.32
CA GLU E 215 -51.51 -8.70 -17.21
C GLU E 215 -50.01 -8.58 -17.01
N GLN E 216 -49.55 -8.63 -15.76
CA GLN E 216 -48.11 -8.59 -15.49
C GLN E 216 -47.38 -9.77 -16.12
N MET E 217 -47.99 -10.94 -16.05
CA MET E 217 -47.32 -12.14 -16.56
C MET E 217 -47.31 -12.16 -18.08
N ASP E 218 -48.38 -11.65 -18.71
CA ASP E 218 -48.37 -11.49 -20.15
C ASP E 218 -47.27 -10.54 -20.59
N THR E 219 -47.07 -9.45 -19.83
CA THR E 219 -46.01 -8.51 -20.18
C THR E 219 -44.63 -9.10 -19.98
N ASN E 220 -44.43 -9.91 -18.92
CA ASN E 220 -43.12 -10.51 -18.69
C ASN E 220 -42.76 -11.51 -19.79
N GLN E 221 -43.71 -12.35 -20.16
CA GLN E 221 -43.47 -13.34 -21.21
C GLN E 221 -43.21 -12.67 -22.55
N ARG E 222 -43.95 -11.60 -22.84
CA ARG E 222 -43.68 -10.78 -24.02
C ARG E 222 -42.28 -10.21 -23.98
N GLU E 223 -41.85 -9.72 -22.80
CA GLU E 223 -40.52 -9.13 -22.66
C GLU E 223 -39.44 -10.15 -22.96
N TYR E 224 -39.57 -11.37 -22.43
CA TYR E 224 -38.56 -12.38 -22.63
C TYR E 224 -38.48 -12.81 -24.10
N TYR E 225 -39.65 -12.94 -24.75
CA TYR E 225 -39.67 -13.37 -26.14
C TYR E 225 -39.06 -12.33 -27.06
N LEU E 226 -39.47 -11.07 -26.91
CA LEU E 226 -38.92 -9.99 -27.73
C LEU E 226 -37.44 -9.80 -27.46
N ARG E 227 -37.03 -9.89 -26.19
CA ARG E 227 -35.62 -9.76 -25.83
C ARG E 227 -34.76 -10.79 -26.54
N GLU E 228 -35.08 -12.08 -26.40
CA GLU E 228 -34.21 -13.03 -27.07
C GLU E 228 -34.46 -13.12 -28.56
N GLN E 229 -35.61 -12.61 -29.03
CA GLN E 229 -35.82 -12.53 -30.47
C GLN E 229 -34.86 -11.56 -31.10
N MET E 230 -34.73 -10.38 -30.50
CA MET E 230 -33.83 -9.39 -31.05
C MET E 230 -32.39 -9.86 -30.93
N LYS E 231 -32.06 -10.55 -29.85
CA LYS E 231 -30.68 -11.00 -29.72
C LYS E 231 -30.38 -12.10 -30.73
N ALA E 232 -31.37 -12.92 -31.05
CA ALA E 232 -31.17 -13.93 -32.08
C ALA E 232 -31.09 -13.29 -33.46
N ILE E 233 -31.83 -12.20 -33.68
CA ILE E 233 -31.70 -11.43 -34.92
C ILE E 233 -30.30 -10.91 -35.07
N GLN E 234 -29.74 -10.36 -33.99
CA GLN E 234 -28.40 -9.82 -34.05
C GLN E 234 -27.40 -10.94 -34.28
N LYS E 235 -27.65 -12.12 -33.72
CA LYS E 235 -26.76 -13.25 -33.98
C LYS E 235 -26.83 -13.65 -35.45
N GLU E 236 -28.02 -13.67 -36.01
CA GLU E 236 -28.15 -14.07 -37.40
C GLU E 236 -27.53 -13.02 -38.31
N LEU E 237 -27.70 -11.75 -37.93
CA LEU E 237 -27.09 -10.63 -38.70
C LEU E 237 -25.57 -10.77 -38.51
N GLY E 238 -25.18 -11.79 -37.76
CA GLY E 238 -23.74 -12.02 -37.58
C GLY E 238 -23.30 -13.28 -38.30
N GLY E 239 -22.30 -13.15 -39.16
CA GLY E 239 -21.75 -14.32 -39.87
C GLY E 239 -20.31 -14.45 -39.47
N GLU E 240 -19.74 -15.66 -39.51
CA GLU E 240 -18.36 -15.86 -39.02
C GLU E 240 -18.31 -15.34 -37.58
N ASP E 241 -19.30 -15.70 -36.75
CA ASP E 241 -19.32 -15.29 -35.33
C ASP E 241 -19.21 -13.76 -35.24
N GLY E 242 -19.87 -13.03 -36.13
CA GLY E 242 -19.68 -11.57 -36.18
C GLY E 242 -18.25 -11.22 -36.54
N LEU E 243 -17.62 -10.29 -35.79
CA LEU E 243 -16.19 -9.95 -36.02
C LEU E 243 -15.43 -11.22 -35.63
N SER E 244 -15.74 -11.78 -34.47
CA SER E 244 -15.22 -13.09 -34.01
C SER E 244 -13.70 -13.04 -33.79
N ASP E 245 -13.32 -12.29 -32.75
CA ASP E 245 -11.91 -12.20 -32.37
C ASP E 245 -11.37 -13.50 -31.78
N LEU E 246 -12.25 -14.43 -31.39
CA LEU E 246 -11.82 -15.73 -30.88
C LEU E 246 -11.07 -16.52 -31.94
N GLU E 247 -11.72 -16.74 -33.09
CA GLU E 247 -11.04 -17.39 -34.21
C GLU E 247 -9.93 -16.54 -34.80
N ALA E 248 -9.99 -15.21 -34.64
CA ALA E 248 -8.90 -14.35 -35.10
C ALA E 248 -7.62 -14.57 -34.28
N LEU E 249 -7.74 -14.62 -32.96
CA LEU E 249 -6.57 -14.92 -32.14
C LEU E 249 -6.18 -16.40 -32.23
N ARG E 250 -7.11 -17.29 -32.57
CA ARG E 250 -6.72 -18.67 -32.84
C ARG E 250 -5.85 -18.75 -34.11
N LYS E 251 -6.24 -18.01 -35.16
CA LYS E 251 -5.40 -17.92 -36.34
C LYS E 251 -4.10 -17.18 -36.06
N LYS E 252 -4.12 -16.25 -35.12
CA LYS E 252 -2.89 -15.54 -34.73
C LYS E 252 -1.96 -16.45 -33.93
N ILE E 253 -2.52 -17.49 -33.28
CA ILE E 253 -1.68 -18.51 -32.66
C ILE E 253 -1.11 -19.47 -33.72
N GLU E 254 -1.97 -20.02 -34.57
CA GLU E 254 -1.64 -21.23 -35.32
C GLU E 254 -0.75 -20.97 -36.54
N GLU E 255 -0.27 -19.75 -36.76
CA GLU E 255 0.37 -19.39 -38.01
C GLU E 255 1.77 -18.79 -37.79
N VAL E 256 2.39 -19.06 -36.64
CA VAL E 256 3.63 -18.40 -36.25
C VAL E 256 4.30 -19.25 -35.19
N GLY E 257 5.64 -19.25 -35.19
CA GLY E 257 6.39 -19.95 -34.16
C GLY E 257 6.43 -21.45 -34.42
N MET E 258 6.13 -22.28 -33.41
CA MET E 258 5.84 -21.90 -32.02
C MET E 258 6.31 -23.07 -31.14
N PRO E 259 6.77 -22.78 -29.91
CA PRO E 259 7.06 -23.87 -28.98
C PRO E 259 5.82 -24.55 -28.40
N GLU E 260 6.04 -25.45 -27.44
CA GLU E 260 5.04 -26.43 -27.03
C GLU E 260 4.42 -26.14 -25.66
N ALA E 261 5.22 -25.70 -24.68
CA ALA E 261 4.63 -25.30 -23.41
C ALA E 261 3.88 -23.98 -23.55
N VAL E 262 4.37 -23.08 -24.39
CA VAL E 262 3.63 -21.87 -24.67
C VAL E 262 2.42 -22.15 -25.56
N LYS E 263 2.42 -23.26 -26.30
CA LYS E 263 1.20 -23.72 -26.97
C LYS E 263 0.11 -24.07 -25.97
N THR E 264 0.48 -24.77 -24.90
CA THR E 264 -0.46 -25.10 -23.84
C THR E 264 -0.92 -23.85 -23.10
N LYS E 265 0.01 -22.92 -22.84
CA LYS E 265 -0.36 -21.67 -22.17
C LYS E 265 -1.29 -20.83 -23.05
N ALA E 266 -1.04 -20.80 -24.36
CA ALA E 266 -1.88 -20.04 -25.28
C ALA E 266 -3.27 -20.67 -25.38
N LEU E 267 -3.35 -22.00 -25.43
CA LEU E 267 -4.66 -22.63 -25.54
C LEU E 267 -5.45 -22.53 -24.24
N LYS E 268 -4.79 -22.55 -23.07
CA LYS E 268 -5.55 -22.37 -21.84
C LYS E 268 -6.01 -20.92 -21.67
N GLU E 269 -5.21 -19.95 -22.11
CA GLU E 269 -5.69 -18.56 -22.08
C GLU E 269 -6.83 -18.35 -23.07
N LEU E 270 -6.78 -19.05 -24.22
CA LEU E 270 -7.89 -19.02 -25.16
C LEU E 270 -9.15 -19.65 -24.57
N ASP E 271 -8.99 -20.73 -23.81
CA ASP E 271 -10.16 -21.38 -23.21
C ASP E 271 -10.71 -20.58 -22.04
N ARG E 272 -9.85 -19.82 -21.34
CA ARG E 272 -10.36 -18.88 -20.35
C ARG E 272 -11.09 -17.72 -21.02
N LEU E 273 -10.71 -17.37 -22.26
CA LEU E 273 -11.44 -16.36 -23.00
C LEU E 273 -12.75 -16.88 -23.59
N GLU E 274 -12.83 -18.18 -23.87
CA GLU E 274 -14.02 -18.75 -24.47
C GLU E 274 -15.21 -18.85 -23.51
N ARG E 275 -14.97 -18.94 -22.20
CA ARG E 275 -16.08 -19.15 -21.27
C ARG E 275 -16.80 -17.85 -20.95
N MET E 276 -16.10 -16.92 -20.29
CA MET E 276 -16.65 -15.61 -20.02
C MET E 276 -16.41 -14.70 -21.23
N GLN E 277 -17.37 -13.83 -21.49
CA GLN E 277 -17.32 -13.02 -22.70
C GLN E 277 -17.19 -11.54 -22.44
N GLN E 278 -17.93 -11.01 -21.46
CA GLN E 278 -17.88 -9.60 -21.15
C GLN E 278 -18.46 -9.38 -19.75
N GLY E 279 -18.03 -8.30 -19.11
CA GLY E 279 -18.52 -7.91 -17.81
C GLY E 279 -17.41 -7.86 -16.79
N SER E 280 -16.53 -8.83 -16.84
CA SER E 280 -15.40 -8.72 -15.93
C SER E 280 -14.25 -8.01 -16.63
N PRO E 281 -13.41 -7.29 -15.87
CA PRO E 281 -12.12 -6.85 -16.42
C PRO E 281 -11.22 -8.01 -16.83
N GLU E 282 -11.38 -9.19 -16.22
CA GLU E 282 -10.46 -10.29 -16.40
C GLU E 282 -10.53 -10.88 -17.81
N ALA E 283 -11.67 -10.76 -18.49
CA ALA E 283 -11.78 -11.26 -19.86
C ALA E 283 -10.89 -10.46 -20.81
N THR E 284 -10.93 -9.14 -20.71
CA THR E 284 -10.02 -8.31 -21.48
C THR E 284 -8.58 -8.43 -20.99
N VAL E 285 -8.38 -8.72 -19.70
CA VAL E 285 -7.03 -8.96 -19.18
C VAL E 285 -6.43 -10.19 -19.83
N ALA E 286 -7.19 -11.29 -19.91
CA ALA E 286 -6.70 -12.50 -20.57
C ALA E 286 -6.57 -12.29 -22.07
N ARG E 287 -7.40 -11.43 -22.66
CA ARG E 287 -7.23 -11.06 -24.06
C ARG E 287 -5.89 -10.40 -24.31
N THR E 288 -5.58 -9.33 -23.58
CA THR E 288 -4.32 -8.61 -23.71
C THR E 288 -3.12 -9.47 -23.34
N TYR E 289 -3.27 -10.29 -22.30
CA TYR E 289 -2.24 -11.22 -21.85
C TYR E 289 -2.02 -12.35 -22.83
N LEU E 290 -2.99 -12.62 -23.69
CA LEU E 290 -2.83 -13.60 -24.76
C LEU E 290 -2.22 -13.01 -26.02
N ASP E 291 -2.46 -11.70 -26.27
CA ASP E 291 -2.27 -11.07 -27.58
C ASP E 291 -0.91 -11.31 -28.22
N TRP E 292 0.18 -10.89 -27.56
CA TRP E 292 1.49 -11.16 -28.15
C TRP E 292 1.92 -12.61 -27.95
N LEU E 293 1.43 -13.25 -26.89
CA LEU E 293 1.77 -14.63 -26.61
C LEU E 293 1.15 -15.59 -27.62
N THR E 294 0.15 -15.13 -28.39
CA THR E 294 -0.26 -15.81 -29.61
C THR E 294 0.92 -16.05 -30.54
N GLU E 295 1.78 -15.05 -30.66
CA GLU E 295 3.03 -15.22 -31.37
C GLU E 295 4.11 -15.66 -30.39
N VAL E 296 5.26 -16.00 -30.97
CA VAL E 296 6.56 -15.75 -30.36
C VAL E 296 7.39 -14.99 -31.39
N PRO E 297 8.07 -13.90 -31.01
CA PRO E 297 8.98 -13.24 -31.96
C PRO E 297 10.19 -14.12 -32.23
N TRP E 298 10.00 -15.16 -33.03
CA TRP E 298 10.92 -16.29 -33.12
C TRP E 298 11.02 -16.77 -34.58
N SER E 299 10.50 -16.00 -35.51
CA SER E 299 10.33 -16.48 -36.86
C SER E 299 11.43 -15.98 -37.81
N LYS E 300 11.58 -14.68 -37.93
CA LYS E 300 12.54 -14.14 -38.89
C LYS E 300 13.96 -14.24 -38.34
N ALA E 301 14.90 -14.52 -39.22
CA ALA E 301 16.32 -14.58 -38.86
C ALA E 301 17.09 -13.72 -39.85
N ASP E 302 17.53 -12.55 -39.41
CA ASP E 302 18.43 -11.74 -40.21
C ASP E 302 19.78 -12.45 -40.34
N PRO E 303 20.24 -12.71 -41.55
CA PRO E 303 21.59 -13.28 -41.70
C PRO E 303 22.64 -12.25 -41.34
N GLU E 304 23.65 -12.74 -40.62
CA GLU E 304 24.67 -11.89 -40.02
C GLU E 304 26.02 -12.31 -40.55
N VAL E 305 26.98 -11.39 -40.44
CA VAL E 305 28.34 -11.64 -40.89
C VAL E 305 29.30 -11.35 -39.75
N LEU E 306 30.42 -12.07 -39.76
CA LEU E 306 31.58 -11.71 -38.96
C LEU E 306 32.78 -11.66 -39.89
N ASP E 307 33.34 -10.46 -40.04
CA ASP E 307 34.63 -10.28 -40.67
C ASP E 307 35.24 -9.04 -40.03
N ILE E 308 36.41 -9.20 -39.43
CA ILE E 308 37.01 -8.06 -38.74
C ILE E 308 37.64 -7.08 -39.72
N ASN E 309 37.93 -7.51 -40.95
CA ASN E 309 38.41 -6.56 -41.96
C ASN E 309 37.30 -5.63 -42.39
N HIS E 310 36.11 -6.19 -42.65
CA HIS E 310 34.97 -5.38 -43.03
C HIS E 310 34.51 -4.49 -41.88
N THR E 311 34.62 -5.00 -40.66
CA THR E 311 34.33 -4.21 -39.47
C THR E 311 35.32 -3.07 -39.32
N ARG E 312 36.59 -3.30 -39.65
CA ARG E 312 37.59 -2.24 -39.57
C ARG E 312 37.33 -1.17 -40.63
N GLN E 313 36.88 -1.58 -41.80
CA GLN E 313 36.49 -0.61 -42.83
C GLN E 313 35.30 0.22 -42.39
N VAL E 314 34.38 -0.37 -41.64
CA VAL E 314 33.25 0.39 -41.10
C VAL E 314 33.72 1.37 -40.02
N LEU E 315 34.58 0.91 -39.11
CA LEU E 315 35.03 1.76 -38.01
C LEU E 315 35.93 2.88 -38.48
N ASP E 316 36.66 2.70 -39.57
CA ASP E 316 37.49 3.77 -40.08
C ASP E 316 36.69 4.84 -40.81
N GLU E 317 35.42 4.62 -41.07
CA GLU E 317 34.63 5.64 -41.75
C GLU E 317 33.52 6.22 -40.91
N ASP E 318 33.03 5.52 -39.89
CA ASP E 318 32.08 6.18 -39.00
C ASP E 318 32.76 7.12 -38.01
N HIS E 319 33.90 6.74 -37.46
CA HIS E 319 34.55 7.51 -36.42
C HIS E 319 35.93 7.95 -36.86
N TYR E 320 36.38 9.07 -36.31
CA TYR E 320 37.74 9.54 -36.41
C TYR E 320 38.54 9.07 -35.21
N GLY E 321 39.83 8.81 -35.42
CA GLY E 321 40.75 8.57 -34.33
C GLY E 321 40.51 7.23 -33.65
N LEU E 322 40.72 7.22 -32.33
CA LEU E 322 40.39 6.12 -31.42
C LEU E 322 41.04 4.80 -31.83
N LYS E 323 42.38 4.79 -31.89
CA LYS E 323 43.07 3.64 -32.47
C LYS E 323 42.97 2.40 -31.59
N ASP E 324 43.51 2.48 -30.37
CA ASP E 324 43.68 1.31 -29.52
C ASP E 324 42.35 0.69 -29.11
N VAL E 325 41.32 1.53 -28.96
CA VAL E 325 39.98 1.03 -28.65
C VAL E 325 39.43 0.22 -29.82
N LYS E 326 39.64 0.70 -31.05
CA LYS E 326 39.24 -0.05 -32.23
C LYS E 326 39.97 -1.39 -32.30
N GLU E 327 41.25 -1.42 -31.94
CA GLU E 327 41.90 -2.73 -31.95
C GLU E 327 41.42 -3.64 -30.83
N ARG E 328 40.99 -3.08 -29.69
CA ARG E 328 40.40 -3.95 -28.65
C ARG E 328 39.08 -4.55 -29.09
N ILE E 329 38.26 -3.76 -29.79
CA ILE E 329 37.01 -4.24 -30.35
C ILE E 329 37.29 -5.36 -31.35
N LEU E 330 38.33 -5.18 -32.18
CA LEU E 330 38.65 -6.21 -33.15
C LEU E 330 39.19 -7.46 -32.49
N GLU E 331 39.84 -7.33 -31.35
CA GLU E 331 40.24 -8.51 -30.58
C GLU E 331 39.03 -9.30 -30.11
N TYR E 332 38.06 -8.62 -29.51
CA TYR E 332 36.85 -9.27 -29.02
C TYR E 332 36.10 -9.97 -30.14
N LEU E 333 35.94 -9.29 -31.27
CA LEU E 333 35.23 -9.91 -32.37
C LEU E 333 36.06 -10.99 -33.04
N ALA E 334 37.38 -10.91 -32.96
CA ALA E 334 38.21 -11.99 -33.48
C ALA E 334 38.04 -13.26 -32.67
N VAL E 335 37.88 -13.11 -31.35
CA VAL E 335 37.65 -14.28 -30.53
C VAL E 335 36.27 -14.86 -30.77
N ARG E 336 35.28 -13.99 -30.99
CA ARG E 336 33.94 -14.50 -31.29
C ARG E 336 33.91 -15.18 -32.66
N GLN E 337 34.59 -14.60 -33.63
CA GLN E 337 34.62 -15.16 -34.97
C GLN E 337 35.37 -16.48 -35.00
N LEU E 338 36.43 -16.60 -34.21
CA LEU E 338 37.35 -17.71 -34.39
C LEU E 338 36.77 -19.02 -33.88
N THR E 339 35.87 -18.96 -32.92
CA THR E 339 35.19 -20.16 -32.47
C THR E 339 33.67 -20.00 -32.60
N GLN E 340 33.06 -20.97 -33.27
CA GLN E 340 31.61 -21.04 -33.41
C GLN E 340 31.03 -22.36 -32.94
N GLY E 341 31.82 -23.43 -32.84
CA GLY E 341 31.41 -24.58 -32.08
C GLY E 341 31.41 -24.28 -30.60
N LEU E 342 30.41 -24.80 -29.89
CA LEU E 342 30.07 -24.33 -28.57
C LEU E 342 31.01 -24.91 -27.52
N ASP E 343 30.59 -24.76 -26.25
CA ASP E 343 31.24 -25.12 -24.98
C ASP E 343 32.39 -24.16 -24.64
N VAL E 344 32.78 -23.28 -25.55
CA VAL E 344 33.59 -22.12 -25.19
C VAL E 344 32.87 -20.81 -25.45
N ARG E 345 31.81 -20.82 -26.27
CA ARG E 345 30.91 -19.68 -26.35
C ARG E 345 30.01 -19.57 -25.15
N ASN E 346 29.92 -20.63 -24.35
CA ASN E 346 29.20 -20.58 -23.09
C ASN E 346 29.98 -19.88 -22.00
N LYS E 347 31.30 -19.76 -22.18
CA LYS E 347 32.17 -19.01 -21.27
C LYS E 347 32.83 -17.92 -22.12
N ALA E 348 32.14 -16.80 -22.26
CA ALA E 348 32.63 -15.67 -23.02
C ALA E 348 32.18 -14.43 -22.26
N PRO E 349 33.04 -13.43 -22.16
CA PRO E 349 32.66 -12.23 -21.40
C PRO E 349 31.70 -11.35 -22.15
N ILE E 350 31.40 -10.18 -21.58
CA ILE E 350 30.48 -9.22 -22.15
C ILE E 350 31.19 -7.88 -22.18
N LEU E 351 31.15 -7.21 -23.34
CA LEU E 351 31.80 -5.92 -23.47
C LEU E 351 31.13 -4.88 -22.59
N VAL E 352 31.94 -4.00 -22.02
CA VAL E 352 31.45 -2.80 -21.35
C VAL E 352 32.22 -1.62 -21.91
N LEU E 353 31.52 -0.59 -22.35
CA LEU E 353 32.13 0.61 -22.88
C LEU E 353 32.14 1.65 -21.79
N VAL E 354 33.31 1.89 -21.20
CA VAL E 354 33.45 2.76 -20.04
C VAL E 354 34.05 4.07 -20.51
N GLY E 355 33.51 5.17 -20.01
CA GLY E 355 34.13 6.46 -20.22
C GLY E 355 33.22 7.60 -19.81
N PRO E 356 33.63 8.82 -20.08
CA PRO E 356 32.78 9.97 -19.81
C PRO E 356 31.71 10.11 -20.89
N PRO E 357 30.65 10.86 -20.62
CA PRO E 357 29.67 11.15 -21.68
C PRO E 357 30.19 12.18 -22.66
N GLY E 358 29.73 12.08 -23.90
CA GLY E 358 30.23 12.93 -24.97
C GLY E 358 31.25 12.25 -25.84
N VAL E 359 31.62 11.04 -25.53
CA VAL E 359 32.49 10.21 -26.33
C VAL E 359 31.58 9.20 -27.03
N GLY E 360 31.95 8.78 -28.23
CA GLY E 360 30.97 8.09 -29.05
C GLY E 360 30.71 6.66 -28.66
N LYS E 361 29.94 6.44 -27.60
CA LYS E 361 29.64 5.07 -27.18
C LYS E 361 28.50 4.47 -28.01
N THR E 362 27.36 5.16 -28.07
CA THR E 362 26.22 4.65 -28.81
C THR E 362 26.50 4.61 -30.31
N SER E 363 27.26 5.58 -30.82
CA SER E 363 27.63 5.58 -32.23
C SER E 363 28.56 4.44 -32.55
N LEU E 364 29.41 4.05 -31.61
CA LEU E 364 30.29 2.92 -31.85
C LEU E 364 29.51 1.61 -31.80
N GLY E 365 28.49 1.55 -30.94
CA GLY E 365 27.61 0.39 -30.93
C GLY E 365 26.81 0.25 -32.22
N ARG E 366 26.33 1.38 -32.75
CA ARG E 366 25.65 1.36 -34.04
C ARG E 366 26.57 0.93 -35.16
N SER E 367 27.84 1.36 -35.09
CA SER E 367 28.82 0.97 -36.11
C SER E 367 29.04 -0.53 -36.10
N ILE E 368 29.13 -1.11 -34.90
CA ILE E 368 29.26 -2.56 -34.79
C ILE E 368 28.00 -3.25 -35.33
N ALA E 369 26.82 -2.67 -35.06
CA ALA E 369 25.57 -3.30 -35.47
C ALA E 369 25.40 -3.31 -36.98
N ARG E 370 25.61 -2.17 -37.65
CA ARG E 370 25.54 -2.21 -39.11
C ARG E 370 26.75 -2.85 -39.75
N SER E 371 27.81 -3.12 -38.99
CA SER E 371 28.91 -3.88 -39.55
C SER E 371 28.56 -5.34 -39.71
N MET E 372 27.60 -5.85 -38.95
CA MET E 372 27.22 -7.26 -39.00
C MET E 372 25.89 -7.49 -39.71
N ASN E 373 25.33 -6.45 -40.34
CA ASN E 373 24.02 -6.47 -40.99
C ASN E 373 22.92 -6.90 -40.03
N ARG E 374 23.02 -6.44 -38.79
CA ARG E 374 22.08 -6.81 -37.76
C ARG E 374 21.33 -5.58 -37.29
N LYS E 375 20.29 -5.80 -36.50
CA LYS E 375 19.53 -4.68 -35.99
C LYS E 375 20.26 -4.00 -34.85
N PHE E 376 19.71 -2.89 -34.42
CA PHE E 376 20.22 -2.16 -33.27
C PHE E 376 19.04 -1.68 -32.45
N HIS E 377 19.17 -1.73 -31.13
CA HIS E 377 18.12 -1.23 -30.26
C HIS E 377 18.75 -0.82 -28.94
N ARG E 378 18.13 0.15 -28.29
CA ARG E 378 18.67 0.75 -27.08
C ARG E 378 17.70 0.55 -25.93
N ILE E 379 18.24 0.20 -24.77
CA ILE E 379 17.49 0.10 -23.53
C ILE E 379 18.23 0.92 -22.48
N SER E 380 17.57 1.93 -21.94
CA SER E 380 18.22 2.76 -20.94
C SER E 380 17.97 2.20 -19.55
N LEU E 381 18.92 2.47 -18.67
CA LEU E 381 18.86 2.11 -17.26
C LEU E 381 19.37 3.32 -16.49
N GLY E 382 19.65 3.12 -15.21
CA GLY E 382 20.25 4.15 -14.40
C GLY E 382 19.28 5.15 -13.81
N GLY E 383 18.21 5.47 -14.53
CA GLY E 383 17.13 6.29 -14.02
C GLY E 383 16.16 5.57 -13.12
N VAL E 384 16.48 4.34 -12.72
CA VAL E 384 15.60 3.56 -11.86
C VAL E 384 15.72 4.08 -10.43
N ARG E 385 14.79 4.96 -10.05
CA ARG E 385 14.69 5.36 -8.64
C ARG E 385 14.15 4.22 -7.80
N ASP E 386 13.11 3.55 -8.29
CA ASP E 386 12.67 2.29 -7.73
C ASP E 386 13.69 1.21 -8.06
N GLU E 387 13.60 0.10 -7.35
CA GLU E 387 14.68 -0.88 -7.43
C GLU E 387 14.51 -1.78 -8.66
N ALA E 388 13.32 -2.33 -8.88
CA ALA E 388 13.17 -3.52 -9.69
C ALA E 388 12.13 -3.24 -10.76
N GLU E 389 12.59 -2.64 -11.86
CA GLU E 389 11.75 -2.32 -12.99
C GLU E 389 12.06 -3.21 -14.18
N ILE E 390 13.24 -3.82 -14.21
CA ILE E 390 13.48 -5.00 -15.04
C ILE E 390 12.56 -6.12 -14.61
N ARG E 391 12.52 -6.36 -13.31
CA ARG E 391 11.47 -7.14 -12.68
C ARG E 391 10.14 -6.43 -12.91
N GLY E 392 9.08 -7.18 -13.21
CA GLY E 392 9.05 -8.62 -13.05
C GLY E 392 8.50 -8.86 -11.66
N HIS E 393 7.68 -7.90 -11.22
CA HIS E 393 6.87 -8.04 -10.03
C HIS E 393 5.40 -8.12 -10.43
N ARG E 394 4.52 -8.19 -9.42
CA ARG E 394 3.14 -8.62 -9.61
C ARG E 394 2.33 -7.63 -10.44
N ARG E 395 1.12 -8.05 -10.79
CA ARG E 395 0.46 -7.57 -12.00
C ARG E 395 -0.13 -6.17 -11.81
N THR E 396 0.75 -5.18 -11.91
CA THR E 396 0.37 -3.83 -12.31
C THR E 396 0.39 -3.67 -13.82
N TYR E 397 0.94 -4.65 -14.54
CA TYR E 397 0.97 -4.69 -15.99
C TYR E 397 0.10 -5.83 -16.49
N ILE E 398 -0.53 -5.63 -17.64
CA ILE E 398 -1.31 -6.70 -18.25
C ILE E 398 -0.39 -7.55 -19.12
N GLY E 399 0.34 -8.43 -18.47
CA GLY E 399 1.35 -9.25 -19.09
C GLY E 399 2.34 -9.69 -18.04
N ALA E 400 2.98 -10.83 -18.29
CA ALA E 400 3.92 -11.43 -17.36
C ALA E 400 5.32 -10.84 -17.45
N MET E 401 5.47 -9.64 -18.03
CA MET E 401 6.73 -8.92 -18.06
C MET E 401 6.54 -7.42 -18.23
N PRO E 402 6.53 -6.64 -17.13
CA PRO E 402 6.58 -5.18 -17.26
C PRO E 402 7.98 -4.65 -17.51
N GLY E 403 8.98 -5.51 -17.50
CA GLY E 403 10.33 -5.08 -17.76
C GLY E 403 10.58 -4.80 -19.23
N LYS E 404 11.71 -4.14 -19.48
CA LYS E 404 11.99 -3.55 -20.78
C LYS E 404 12.32 -4.59 -21.84
N LEU E 405 12.61 -5.82 -21.44
CA LEU E 405 13.26 -6.77 -22.33
C LEU E 405 12.29 -7.37 -23.35
N ILE E 406 11.06 -7.71 -22.93
CA ILE E 406 10.15 -8.27 -23.91
C ILE E 406 9.59 -7.17 -24.81
N HIS E 407 9.54 -5.93 -24.33
CA HIS E 407 9.12 -4.83 -25.19
C HIS E 407 10.17 -4.54 -26.25
N ALA E 408 11.45 -4.62 -25.87
CA ALA E 408 12.50 -4.48 -26.86
C ALA E 408 12.54 -5.67 -27.81
N MET E 409 12.16 -6.85 -27.34
CA MET E 409 12.07 -8.00 -28.23
C MET E 409 10.86 -7.88 -29.15
N LYS E 410 9.83 -7.13 -28.75
CA LYS E 410 8.75 -6.79 -29.65
C LYS E 410 9.23 -5.81 -30.73
N GLN E 411 9.93 -4.75 -30.31
CA GLN E 411 10.29 -3.67 -31.23
C GLN E 411 11.30 -4.12 -32.28
N VAL E 412 12.07 -5.12 -31.98
CA VAL E 412 12.90 -5.76 -32.98
C VAL E 412 12.08 -6.87 -33.62
N GLY E 413 12.09 -6.95 -34.93
CA GLY E 413 11.28 -7.94 -35.60
C GLY E 413 11.87 -9.33 -35.69
N VAL E 414 13.17 -9.48 -35.44
CA VAL E 414 13.82 -10.75 -35.76
C VAL E 414 14.33 -11.43 -34.50
N ILE E 415 14.97 -12.58 -34.68
CA ILE E 415 15.38 -13.39 -33.55
C ILE E 415 16.68 -12.87 -32.90
N ASN E 416 17.55 -12.21 -33.66
CA ASN E 416 18.92 -11.92 -33.22
C ASN E 416 19.29 -10.44 -33.35
N PRO E 417 18.91 -9.63 -32.38
CA PRO E 417 19.32 -8.22 -32.43
C PRO E 417 20.68 -7.94 -31.79
N VAL E 418 21.04 -6.66 -31.79
CA VAL E 418 22.13 -6.13 -31.01
C VAL E 418 21.54 -5.09 -30.06
N ILE E 419 21.72 -5.30 -28.77
CA ILE E 419 21.08 -4.47 -27.76
C ILE E 419 22.17 -3.78 -26.96
N LEU E 420 21.98 -2.50 -26.70
CA LEU E 420 22.86 -1.71 -25.84
C LEU E 420 22.16 -1.53 -24.50
N LEU E 421 22.93 -1.20 -23.46
CA LEU E 421 22.36 -0.88 -22.15
C LEU E 421 23.08 0.33 -21.58
N ASP E 422 22.41 1.47 -21.53
CA ASP E 422 23.02 2.70 -21.06
C ASP E 422 22.99 2.78 -19.55
N GLU E 423 24.14 3.08 -18.96
CA GLU E 423 24.32 3.43 -17.55
C GLU E 423 23.79 2.32 -16.63
N ILE E 424 24.47 1.18 -16.71
CA ILE E 424 24.23 0.09 -15.77
C ILE E 424 24.85 0.38 -14.42
N ASP E 425 25.63 1.45 -14.30
CA ASP E 425 26.32 1.80 -13.07
C ASP E 425 25.64 2.91 -12.29
N LYS E 426 24.43 3.33 -12.67
CA LYS E 426 23.71 4.34 -11.91
C LYS E 426 22.52 3.73 -11.17
N MET E 427 22.63 2.45 -10.84
CA MET E 427 21.63 1.77 -10.02
C MET E 427 22.01 1.86 -8.53
N SER E 428 22.14 3.09 -8.05
CA SER E 428 22.46 3.36 -6.65
C SER E 428 21.41 4.35 -6.13
N SER E 429 20.29 3.81 -5.67
CA SER E 429 19.17 4.60 -5.20
C SER E 429 18.82 4.34 -3.73
N ASP E 430 18.85 3.07 -3.32
CA ASP E 430 18.55 2.61 -1.95
C ASP E 430 17.17 3.04 -1.49
N TRP E 431 16.20 3.01 -2.42
CA TRP E 431 14.82 3.38 -2.16
C TRP E 431 13.95 2.13 -2.30
N ARG E 432 13.30 1.75 -1.19
CA ARG E 432 12.53 0.53 -0.94
C ARG E 432 13.14 -0.73 -1.56
N GLY E 433 14.45 -0.84 -1.49
CA GLY E 433 15.19 -1.83 -2.24
C GLY E 433 16.31 -1.19 -3.04
N ASP E 434 17.19 -2.05 -3.53
CA ASP E 434 18.35 -1.55 -4.25
C ASP E 434 18.27 -1.96 -5.70
N PRO E 435 18.36 -1.01 -6.64
CA PRO E 435 18.40 -1.39 -8.05
C PRO E 435 19.69 -2.10 -8.44
N ALA E 436 20.77 -1.92 -7.69
CA ALA E 436 21.98 -2.71 -7.90
C ALA E 436 21.75 -4.19 -7.61
N SER E 437 20.93 -4.49 -6.60
CA SER E 437 20.54 -5.85 -6.27
C SER E 437 19.41 -6.38 -7.15
N ALA E 438 18.98 -5.60 -8.15
CA ALA E 438 17.87 -5.98 -8.99
C ALA E 438 18.31 -6.44 -10.37
N MET E 439 19.53 -6.94 -10.52
CA MET E 439 19.96 -7.46 -11.81
C MET E 439 21.01 -8.53 -11.63
N LEU E 440 20.76 -9.71 -12.20
CA LEU E 440 21.84 -10.60 -12.58
C LEU E 440 21.63 -11.29 -13.92
N GLU E 441 20.40 -11.45 -14.39
CA GLU E 441 20.11 -12.50 -15.35
C GLU E 441 19.58 -11.90 -16.65
N VAL E 442 19.93 -10.66 -16.93
CA VAL E 442 19.64 -10.11 -18.26
C VAL E 442 20.55 -10.73 -19.30
N LEU E 443 21.69 -11.28 -18.89
CA LEU E 443 22.83 -11.62 -19.74
C LEU E 443 23.31 -12.97 -19.24
N ASP E 444 24.61 -13.25 -19.45
CA ASP E 444 25.33 -14.39 -18.86
C ASP E 444 24.83 -15.72 -19.42
N PRO E 445 25.23 -16.07 -20.65
CA PRO E 445 24.52 -17.05 -21.50
C PRO E 445 24.76 -18.51 -21.12
N GLU E 446 24.44 -18.87 -19.89
CA GLU E 446 24.33 -20.28 -19.53
C GLU E 446 23.04 -20.49 -18.75
N GLN E 447 22.59 -19.43 -18.11
CA GLN E 447 21.29 -19.33 -17.48
C GLN E 447 20.31 -18.59 -18.37
N ASN E 448 20.83 -17.89 -19.37
CA ASN E 448 20.09 -16.94 -20.18
C ASN E 448 19.31 -17.61 -21.28
N ASN E 449 19.41 -18.94 -21.39
CA ASN E 449 18.61 -19.70 -22.34
C ASN E 449 17.12 -19.67 -21.99
N THR E 450 16.80 -19.48 -20.71
CA THR E 450 15.45 -19.21 -20.24
C THR E 450 15.52 -18.03 -19.29
N PHE E 451 14.90 -16.91 -19.66
CA PHE E 451 15.02 -15.68 -18.89
C PHE E 451 14.21 -15.75 -17.60
N THR E 452 14.73 -15.10 -16.55
CA THR E 452 14.11 -15.12 -15.23
C THR E 452 14.23 -13.75 -14.58
N ASP E 453 13.19 -13.37 -13.83
CA ASP E 453 13.22 -12.26 -12.90
C ASP E 453 13.07 -12.70 -11.46
N HIS E 454 12.84 -14.00 -11.23
CA HIS E 454 12.70 -14.70 -9.95
C HIS E 454 11.39 -14.37 -9.24
N TYR E 455 10.60 -13.43 -9.76
CA TYR E 455 9.31 -13.17 -9.13
C TYR E 455 8.14 -13.10 -10.10
N LEU E 456 8.35 -12.59 -11.32
CA LEU E 456 7.30 -12.64 -12.36
C LEU E 456 8.01 -12.61 -13.72
N ASP E 457 8.17 -13.78 -14.33
CA ASP E 457 9.07 -13.91 -15.46
C ASP E 457 8.40 -14.65 -16.61
N VAL E 458 9.14 -14.76 -17.70
CA VAL E 458 8.78 -15.59 -18.84
C VAL E 458 9.99 -16.41 -19.26
N PRO E 459 9.86 -17.72 -19.41
CA PRO E 459 10.98 -18.51 -19.93
C PRO E 459 11.12 -18.31 -21.43
N TYR E 460 12.13 -17.56 -21.86
CA TYR E 460 12.25 -17.22 -23.28
C TYR E 460 13.71 -17.16 -23.67
N ASP E 461 13.99 -17.58 -24.90
CA ASP E 461 15.37 -17.76 -25.35
C ASP E 461 16.03 -16.42 -25.64
N LEU E 462 17.24 -16.24 -25.11
CA LEU E 462 18.07 -15.09 -25.41
C LEU E 462 19.48 -15.49 -25.81
N SER E 463 19.65 -16.73 -26.26
CA SER E 463 20.97 -17.25 -26.57
C SER E 463 21.41 -16.92 -27.98
N LYS E 464 20.71 -16.03 -28.68
CA LYS E 464 21.15 -15.58 -29.99
C LYS E 464 21.33 -14.08 -30.08
N VAL E 465 21.19 -13.37 -28.98
CA VAL E 465 21.25 -11.91 -28.98
C VAL E 465 22.63 -11.48 -28.50
N PHE E 466 23.23 -10.52 -29.21
CA PHE E 466 24.55 -9.99 -28.89
C PHE E 466 24.40 -8.71 -28.07
N PHE E 467 24.92 -8.75 -26.86
CA PHE E 467 24.75 -7.69 -25.88
C PHE E 467 25.99 -6.83 -25.80
N ILE E 468 25.79 -5.52 -25.65
CA ILE E 468 26.83 -4.55 -25.35
C ILE E 468 26.35 -3.84 -24.09
N THR E 469 27.27 -3.28 -23.32
CA THR E 469 26.92 -2.56 -22.11
C THR E 469 27.67 -1.23 -22.04
N THR E 470 27.00 -0.20 -21.55
CA THR E 470 27.56 1.14 -21.49
C THR E 470 27.52 1.63 -20.04
N ALA E 471 28.67 2.04 -19.52
CA ALA E 471 28.75 2.58 -18.17
C ALA E 471 29.64 3.80 -18.18
N ASN E 472 29.60 4.54 -17.07
CA ASN E 472 30.47 5.69 -16.88
C ASN E 472 31.60 5.39 -15.89
N THR E 473 31.26 4.87 -14.71
CA THR E 473 32.25 4.51 -13.70
C THR E 473 31.98 3.08 -13.25
N LEU E 474 32.98 2.23 -13.39
CA LEU E 474 32.82 0.80 -13.16
C LEU E 474 32.78 0.40 -11.69
N GLN E 475 32.86 1.35 -10.76
CA GLN E 475 32.89 1.02 -9.34
C GLN E 475 31.51 1.02 -8.69
N THR E 476 30.46 0.69 -9.43
CA THR E 476 29.11 0.65 -8.89
C THR E 476 28.38 -0.61 -9.29
N ILE E 477 28.91 -1.39 -10.24
CA ILE E 477 28.30 -2.62 -10.71
C ILE E 477 28.23 -3.62 -9.56
N PRO E 478 27.14 -4.38 -9.40
CA PRO E 478 27.18 -5.53 -8.49
C PRO E 478 28.22 -6.54 -8.92
N ARG E 479 28.98 -7.03 -7.96
CA ARG E 479 30.12 -7.90 -8.17
C ARG E 479 29.89 -9.26 -8.81
N PRO E 480 28.71 -9.91 -8.73
CA PRO E 480 28.49 -11.05 -9.62
C PRO E 480 28.35 -10.67 -11.07
N LEU E 481 27.99 -9.42 -11.36
CA LEU E 481 27.84 -8.96 -12.73
C LEU E 481 29.16 -8.47 -13.30
N LEU E 482 30.04 -7.95 -12.46
CA LEU E 482 31.32 -7.43 -12.94
C LEU E 482 32.26 -8.54 -13.39
N ASP E 483 32.33 -9.64 -12.63
CA ASP E 483 33.28 -10.68 -12.97
C ASP E 483 32.86 -11.52 -14.16
N ARG E 484 31.63 -11.37 -14.63
CA ARG E 484 31.19 -11.98 -15.88
C ARG E 484 31.55 -11.16 -17.10
N MET E 485 31.88 -9.89 -16.93
CA MET E 485 32.07 -8.96 -18.04
C MET E 485 33.53 -8.55 -18.12
N GLU E 486 33.91 -8.06 -19.30
CA GLU E 486 35.21 -7.45 -19.50
C GLU E 486 35.02 -6.03 -20.03
N VAL E 487 36.08 -5.24 -19.93
CA VAL E 487 35.96 -3.80 -20.01
C VAL E 487 36.77 -3.26 -21.18
N ILE E 488 36.20 -2.25 -21.83
CA ILE E 488 36.89 -1.41 -22.78
C ILE E 488 36.83 0.01 -22.23
N GLU E 489 37.97 0.69 -22.20
CA GLU E 489 38.06 2.00 -21.57
C GLU E 489 38.31 3.05 -22.64
N ILE E 490 37.50 4.10 -22.64
CA ILE E 490 37.64 5.11 -23.67
C ILE E 490 38.07 6.42 -23.03
N PRO E 491 39.26 6.93 -23.35
CA PRO E 491 39.89 7.96 -22.51
C PRO E 491 39.31 9.37 -22.55
N GLY E 492 39.25 10.00 -23.70
CA GLY E 492 39.02 11.43 -23.79
C GLY E 492 39.83 12.05 -24.91
N TYR E 493 39.36 13.18 -25.43
CA TYR E 493 39.86 13.76 -26.66
C TYR E 493 40.82 14.90 -26.38
N THR E 494 41.82 15.04 -27.25
CA THR E 494 42.67 16.22 -27.30
C THR E 494 42.03 17.25 -28.21
N ASN E 495 42.59 18.45 -28.21
CA ASN E 495 41.99 19.51 -29.01
C ASN E 495 42.21 19.33 -30.50
N MET E 496 43.26 18.63 -30.90
CA MET E 496 43.40 18.35 -32.33
C MET E 496 42.40 17.29 -32.76
N GLU E 497 42.12 16.32 -31.89
CA GLU E 497 41.06 15.37 -32.16
C GLU E 497 39.71 16.06 -32.25
N LYS E 498 39.46 17.02 -31.36
CA LYS E 498 38.20 17.77 -31.41
C LYS E 498 38.09 18.59 -32.68
N GLN E 499 39.20 19.15 -33.14
CA GLN E 499 39.17 19.95 -34.37
C GLN E 499 38.93 19.07 -35.59
N ALA E 500 39.53 17.88 -35.60
CA ALA E 500 39.34 16.99 -36.74
C ALA E 500 37.93 16.44 -36.78
N ILE E 501 37.38 16.05 -35.63
CA ILE E 501 35.99 15.61 -35.57
C ILE E 501 35.05 16.73 -35.96
N ALA E 502 35.35 17.97 -35.57
CA ALA E 502 34.48 19.09 -35.92
C ALA E 502 34.52 19.38 -37.41
N ARG E 503 35.66 19.16 -38.06
CA ARG E 503 35.70 19.35 -39.51
C ARG E 503 34.98 18.21 -40.23
N GLN E 504 35.28 16.97 -39.85
CA GLN E 504 34.88 15.86 -40.70
C GLN E 504 33.47 15.37 -40.43
N TYR E 505 32.93 15.55 -39.23
CA TYR E 505 31.64 14.96 -38.92
C TYR E 505 30.62 15.93 -38.39
N LEU E 506 31.02 16.88 -37.54
CA LEU E 506 30.03 17.65 -36.79
C LEU E 506 29.50 18.84 -37.56
N TRP E 507 30.37 19.60 -38.20
CA TRP E 507 29.93 20.79 -38.92
C TRP E 507 29.10 20.52 -40.17
N PRO E 508 29.42 19.54 -41.05
CA PRO E 508 28.47 19.22 -42.14
C PRO E 508 27.09 18.81 -41.66
N LYS E 509 27.01 18.04 -40.59
CA LYS E 509 25.72 17.59 -40.08
C LYS E 509 24.90 18.75 -39.55
N GLN E 510 25.56 19.75 -38.97
CA GLN E 510 24.80 20.86 -38.42
C GLN E 510 24.41 21.88 -39.47
N VAL E 511 25.15 21.98 -40.56
CA VAL E 511 24.72 22.92 -41.59
C VAL E 511 23.72 22.28 -42.55
N ARG E 512 23.72 20.95 -42.67
CA ARG E 512 22.63 20.24 -43.33
C ARG E 512 21.30 20.54 -42.66
N GLU E 513 21.14 20.13 -41.40
CA GLU E 513 19.85 20.11 -40.76
C GLU E 513 19.32 21.49 -40.41
N SER E 514 20.13 22.53 -40.59
CA SER E 514 19.67 23.90 -40.46
C SER E 514 19.27 24.52 -41.79
N GLY E 515 19.49 23.82 -42.90
CA GLY E 515 19.02 24.30 -44.18
C GLY E 515 19.86 25.39 -44.81
N MET E 516 21.16 25.41 -44.57
CA MET E 516 22.04 26.42 -45.13
C MET E 516 22.92 25.86 -46.23
N GLU E 517 23.63 24.77 -45.91
CA GLU E 517 24.21 23.77 -46.81
C GLU E 517 24.89 24.34 -48.07
N GLY E 518 25.72 25.34 -47.86
CA GLY E 518 26.51 25.85 -48.96
C GLY E 518 26.45 27.36 -49.13
N ARG E 519 26.04 28.06 -48.10
CA ARG E 519 26.04 29.51 -48.14
C ARG E 519 26.73 30.14 -46.92
N ILE E 520 27.29 29.33 -46.03
CA ILE E 520 28.03 29.82 -44.88
C ILE E 520 29.06 28.76 -44.48
N GLU E 521 30.26 29.23 -44.12
CA GLU E 521 31.36 28.33 -43.77
C GLU E 521 32.13 28.84 -42.58
N VAL E 522 32.83 27.92 -41.92
CA VAL E 522 33.73 28.27 -40.84
C VAL E 522 35.14 27.89 -41.26
N THR E 523 36.11 28.50 -40.59
CA THR E 523 37.50 28.18 -40.81
C THR E 523 38.04 27.41 -39.62
N ASP E 524 39.29 26.98 -39.71
CA ASP E 524 39.88 26.18 -38.64
C ASP E 524 40.18 27.03 -37.41
N ALA E 525 40.51 28.30 -37.62
CA ALA E 525 40.75 29.20 -36.51
C ALA E 525 39.50 29.38 -35.68
N ALA E 526 38.35 29.44 -36.34
CA ALA E 526 37.08 29.59 -35.64
C ALA E 526 36.75 28.35 -34.82
N ILE E 527 37.04 27.17 -35.37
CA ILE E 527 36.81 25.91 -34.65
C ILE E 527 37.66 25.85 -33.39
N LEU E 528 38.93 26.22 -33.52
CA LEU E 528 39.82 26.17 -32.37
C LEU E 528 39.45 27.21 -31.33
N ARG E 529 38.97 28.38 -31.78
CA ARG E 529 38.53 29.40 -30.85
C ARG E 529 37.29 28.97 -30.09
N VAL E 530 36.34 28.31 -30.77
CA VAL E 530 35.13 27.81 -30.12
C VAL E 530 35.47 26.75 -29.09
N ILE E 531 36.36 25.82 -29.43
CA ILE E 531 36.74 24.76 -28.49
C ILE E 531 37.46 25.34 -27.29
N SER E 532 38.37 26.29 -27.52
CA SER E 532 39.16 26.79 -26.41
C SER E 532 38.39 27.74 -25.52
N GLU E 533 37.42 28.46 -26.05
CA GLU E 533 36.79 29.54 -25.29
C GLU E 533 35.32 29.35 -25.00
N TYR E 534 34.68 28.29 -25.46
CA TYR E 534 33.26 28.13 -25.23
C TYR E 534 32.86 26.76 -24.71
N THR E 535 33.80 25.83 -24.56
CA THR E 535 33.53 24.50 -24.04
C THR E 535 34.53 24.16 -22.94
N ARG E 536 34.08 23.38 -21.95
CA ARG E 536 34.98 22.64 -21.05
C ARG E 536 34.36 21.26 -20.87
N GLU E 537 34.85 20.28 -21.60
CA GLU E 537 34.28 18.95 -21.53
C GLU E 537 35.30 17.94 -21.99
N ALA E 538 35.08 16.70 -21.62
CA ALA E 538 35.91 15.61 -22.11
C ALA E 538 35.43 15.05 -23.42
N GLY E 539 34.21 15.37 -23.83
CA GLY E 539 33.63 14.79 -25.03
C GLY E 539 33.42 15.79 -26.13
N VAL E 540 32.49 15.51 -27.04
CA VAL E 540 32.17 16.40 -28.15
C VAL E 540 30.72 16.82 -28.15
N ARG E 541 29.98 16.54 -27.08
CA ARG E 541 28.56 16.86 -27.06
C ARG E 541 28.33 18.35 -26.94
N GLY E 542 29.18 19.06 -26.19
CA GLY E 542 28.99 20.49 -26.04
C GLY E 542 29.43 21.29 -27.23
N LEU E 543 30.35 20.76 -28.02
CA LEU E 543 30.80 21.46 -29.22
C LEU E 543 29.74 21.47 -30.29
N GLU E 544 28.91 20.43 -30.30
CA GLU E 544 27.90 20.27 -31.32
C GLU E 544 26.79 21.30 -31.19
N ARG E 545 26.41 21.64 -29.95
CA ARG E 545 25.44 22.70 -29.72
C ARG E 545 25.96 24.06 -30.16
N GLU E 546 27.27 24.31 -30.00
CA GLU E 546 27.84 25.59 -30.40
C GLU E 546 27.86 25.73 -31.91
N LEU E 547 28.23 24.66 -32.61
CA LEU E 547 28.17 24.69 -34.07
C LEU E 547 26.74 24.86 -34.57
N GLY E 548 25.78 24.25 -33.87
CA GLY E 548 24.39 24.46 -34.20
C GLY E 548 23.92 25.88 -33.99
N LYS E 549 24.44 26.55 -32.95
CA LYS E 549 24.08 27.94 -32.73
C LYS E 549 24.62 28.84 -33.82
N ILE E 550 25.81 28.53 -34.33
CA ILE E 550 26.35 29.34 -35.43
C ILE E 550 25.52 29.13 -36.70
N ALA E 551 25.07 27.90 -36.95
CA ALA E 551 24.23 27.63 -38.12
C ALA E 551 22.88 28.33 -38.03
N ARG E 552 22.25 28.30 -36.85
CA ARG E 552 20.94 28.94 -36.73
C ARG E 552 21.03 30.46 -36.71
N LYS E 553 22.15 31.01 -36.23
CA LYS E 553 22.41 32.43 -36.37
C LYS E 553 22.52 32.84 -37.83
N GLY E 554 23.22 32.02 -38.63
CA GLY E 554 23.26 32.26 -40.05
C GLY E 554 21.89 32.16 -40.70
N ALA E 555 21.03 31.28 -40.19
CA ALA E 555 19.68 31.15 -40.73
C ALA E 555 18.86 32.40 -40.50
N LYS E 556 18.92 32.96 -39.28
CA LYS E 556 18.19 34.20 -39.02
C LYS E 556 18.74 35.35 -39.86
N PHE E 557 20.06 35.40 -40.07
CA PHE E 557 20.60 36.43 -40.95
C PHE E 557 20.23 36.22 -42.42
N TRP E 558 19.96 34.99 -42.83
CA TRP E 558 19.46 34.76 -44.19
C TRP E 558 18.04 35.25 -44.34
N LEU E 559 17.19 34.92 -43.37
CA LEU E 559 15.78 35.25 -43.51
C LEU E 559 15.50 36.71 -43.25
N GLU E 560 16.48 37.45 -42.70
CA GLU E 560 16.39 38.90 -42.51
C GLU E 560 17.28 39.64 -43.50
N GLY E 561 17.26 39.20 -44.75
CA GLY E 561 18.05 39.81 -45.80
C GLY E 561 19.12 38.88 -46.31
N ALA E 562 18.84 38.24 -47.44
CA ALA E 562 19.68 37.17 -47.95
C ALA E 562 20.79 37.73 -48.84
N TRP E 563 21.97 37.15 -48.73
CA TRP E 563 23.12 37.51 -49.53
C TRP E 563 23.24 36.52 -50.69
N GLU E 564 24.35 36.61 -51.41
CA GLU E 564 24.68 35.69 -52.49
C GLU E 564 25.90 34.88 -52.13
N GLY E 565 25.99 33.67 -52.67
CA GLY E 565 27.20 32.88 -52.55
C GLY E 565 27.44 32.33 -51.17
N LEU E 566 28.68 32.43 -50.69
CA LEU E 566 29.04 31.98 -49.36
C LEU E 566 29.57 33.15 -48.55
N ARG E 567 29.54 33.00 -47.23
CA ARG E 567 30.27 33.87 -46.33
C ARG E 567 31.05 32.99 -45.35
N THR E 568 32.37 33.13 -45.37
CA THR E 568 33.21 32.39 -44.43
C THR E 568 33.25 33.14 -43.11
N ILE E 569 33.12 32.42 -42.01
CA ILE E 569 33.07 33.04 -40.70
C ILE E 569 34.48 33.04 -40.12
N ASP E 570 34.99 34.22 -39.82
CA ASP E 570 36.35 34.39 -39.39
C ASP E 570 36.47 34.14 -37.88
N ALA E 571 37.67 34.34 -37.34
CA ALA E 571 37.82 34.24 -35.90
C ALA E 571 37.29 35.45 -35.17
N SER E 572 37.13 36.58 -35.86
CA SER E 572 36.65 37.78 -35.19
C SER E 572 35.14 37.74 -34.97
N ASP E 573 34.41 37.02 -35.82
CA ASP E 573 32.96 37.06 -35.78
C ASP E 573 32.35 36.07 -34.81
N ILE E 574 33.16 35.25 -34.17
CA ILE E 574 32.62 34.29 -33.18
C ILE E 574 31.98 34.98 -31.98
N PRO E 575 32.50 36.09 -31.44
CA PRO E 575 31.67 36.83 -30.47
C PRO E 575 30.44 37.44 -31.08
N THR E 576 30.43 37.75 -32.37
CA THR E 576 29.22 38.31 -32.96
C THR E 576 28.15 37.27 -33.16
N TYR E 577 28.47 35.99 -33.04
CA TYR E 577 27.48 34.94 -33.18
C TYR E 577 27.17 34.21 -31.90
N LEU E 578 28.17 33.88 -31.10
CA LEU E 578 27.95 33.14 -29.88
C LEU E 578 27.88 34.02 -28.64
N GLY E 579 28.35 35.24 -28.71
CA GLY E 579 28.31 36.14 -27.58
C GLY E 579 29.64 36.24 -26.86
N ILE E 580 29.54 36.55 -25.58
CA ILE E 580 30.72 36.81 -24.75
C ILE E 580 31.41 35.50 -24.44
N PRO E 581 32.74 35.41 -24.56
CA PRO E 581 33.43 34.14 -24.29
C PRO E 581 33.35 33.74 -22.84
N ARG E 582 33.10 32.46 -22.61
CA ARG E 582 32.87 31.98 -21.27
C ARG E 582 34.14 31.59 -20.53
N TYR E 583 35.17 31.13 -21.24
CA TYR E 583 36.28 30.43 -20.62
C TYR E 583 37.58 31.10 -21.03
N ARG E 584 38.26 31.69 -20.08
CA ARG E 584 39.52 32.32 -20.39
C ARG E 584 40.60 31.24 -20.52
N PRO E 585 41.40 31.27 -21.57
CA PRO E 585 42.41 30.23 -21.76
C PRO E 585 43.66 30.50 -20.92
N ASP E 586 44.45 29.45 -20.76
CA ASP E 586 45.69 29.55 -20.00
C ASP E 586 46.76 30.26 -20.81
N LYS E 587 47.58 31.06 -20.12
CA LYS E 587 48.66 31.78 -20.76
C LYS E 587 49.95 31.52 -20.00
N ALA E 588 51.05 31.42 -20.73
CA ALA E 588 52.35 31.26 -20.12
C ALA E 588 53.04 32.61 -19.98
N GLU E 589 53.81 32.75 -18.93
CA GLU E 589 54.60 33.95 -18.74
C GLU E 589 55.91 33.82 -19.49
N THR E 590 56.66 34.91 -19.54
CA THR E 590 57.94 34.87 -20.24
C THR E 590 59.12 35.21 -19.35
N GLU E 591 59.05 36.30 -18.63
CA GLU E 591 60.18 36.84 -17.90
C GLU E 591 60.46 35.97 -16.66
N PRO E 592 61.73 35.82 -16.29
CA PRO E 592 62.05 35.24 -14.99
C PRO E 592 61.53 36.10 -13.86
N GLN E 593 61.03 35.45 -12.82
CA GLN E 593 60.42 36.14 -11.69
C GLN E 593 60.87 35.53 -10.38
N VAL E 594 61.10 36.38 -9.39
CA VAL E 594 61.52 35.93 -8.07
C VAL E 594 60.32 35.32 -7.35
N GLY E 595 60.46 34.08 -6.95
CA GLY E 595 59.50 33.51 -6.03
C GLY E 595 58.36 32.77 -6.66
N THR E 596 58.34 32.60 -7.96
CA THR E 596 57.26 31.88 -8.61
C THR E 596 57.83 30.73 -9.40
N ALA E 597 56.96 29.77 -9.73
CA ALA E 597 57.36 28.64 -10.54
C ALA E 597 56.13 28.02 -11.16
N GLN E 598 56.32 27.42 -12.33
CA GLN E 598 55.23 26.96 -13.15
C GLN E 598 54.98 25.48 -12.91
N GLY E 599 53.74 25.12 -12.60
CA GLY E 599 53.40 23.75 -12.32
C GLY E 599 52.26 23.29 -13.20
N LEU E 600 52.07 21.98 -13.25
CA LEU E 600 51.07 21.34 -14.08
C LEU E 600 50.10 20.59 -13.18
N ALA E 601 48.85 20.48 -13.59
CA ALA E 601 47.85 19.80 -12.78
C ALA E 601 46.96 18.96 -13.68
N TRP E 602 46.23 18.05 -13.05
CA TRP E 602 45.37 17.12 -13.77
C TRP E 602 43.95 17.29 -13.28
N THR E 603 43.03 17.53 -14.20
CA THR E 603 41.62 17.48 -13.92
C THR E 603 41.04 16.38 -14.79
N PRO E 604 39.85 15.86 -14.48
CA PRO E 604 39.26 14.87 -15.39
C PRO E 604 38.79 15.44 -16.72
N VAL E 605 38.68 16.76 -16.85
CA VAL E 605 38.48 17.38 -18.15
C VAL E 605 39.78 17.40 -18.93
N GLY E 606 40.86 17.86 -18.31
CA GLY E 606 42.13 17.94 -18.98
C GLY E 606 43.17 18.57 -18.08
N GLY E 607 44.32 18.83 -18.66
CA GLY E 607 45.39 19.42 -17.91
C GLY E 607 45.19 20.89 -17.69
N THR E 608 46.02 21.46 -16.83
CA THR E 608 45.91 22.86 -16.47
C THR E 608 47.29 23.32 -16.05
N LEU E 609 47.62 24.57 -16.36
CA LEU E 609 48.78 25.21 -15.76
C LEU E 609 48.41 25.78 -14.40
N LEU E 610 49.33 25.69 -13.45
CA LEU E 610 49.17 26.35 -12.17
C LEU E 610 50.47 27.02 -11.77
N THR E 611 50.36 28.12 -11.05
CA THR E 611 51.51 28.89 -10.61
C THR E 611 51.59 28.85 -9.10
N ILE E 612 52.76 28.65 -8.56
CA ILE E 612 53.00 28.69 -7.13
C ILE E 612 53.65 30.02 -6.82
N GLU E 613 53.24 30.65 -5.74
CA GLU E 613 53.83 31.91 -5.34
C GLU E 613 54.28 31.82 -3.90
N VAL E 614 55.47 32.31 -3.61
CA VAL E 614 56.02 32.30 -2.26
C VAL E 614 56.50 33.70 -1.96
N ALA E 615 56.14 34.21 -0.79
CA ALA E 615 56.68 35.47 -0.31
C ALA E 615 57.50 35.19 0.94
N ALA E 616 58.59 35.92 1.11
CA ALA E 616 59.44 35.76 2.28
C ALA E 616 59.67 37.14 2.89
N VAL E 617 58.91 37.44 3.93
CA VAL E 617 58.93 38.74 4.58
C VAL E 617 59.57 38.51 5.94
N PRO E 618 60.07 39.54 6.64
CA PRO E 618 60.65 39.32 7.96
C PRO E 618 59.62 38.88 8.98
N GLY E 619 60.04 38.06 9.92
CA GLY E 619 59.11 37.48 10.86
C GLY E 619 59.76 36.63 11.92
N SER E 620 59.15 35.51 12.27
CA SER E 620 59.68 34.69 13.34
C SER E 620 59.66 33.20 13.04
N GLY E 621 59.33 32.80 11.84
CA GLY E 621 59.41 31.42 11.43
C GLY E 621 58.03 30.83 11.51
N LYS E 622 57.30 30.92 10.41
CA LYS E 622 55.92 30.48 10.32
C LYS E 622 55.71 30.04 8.89
N LEU E 623 54.62 29.33 8.64
CA LEU E 623 54.41 28.81 7.30
C LEU E 623 52.92 28.85 7.01
N SER E 624 52.48 29.90 6.34
CA SER E 624 51.10 30.01 5.92
C SER E 624 50.95 29.36 4.58
N LEU E 625 49.82 28.74 4.35
CA LEU E 625 49.60 27.91 3.17
C LEU E 625 48.17 28.16 2.74
N THR E 626 47.97 29.09 1.82
CA THR E 626 46.62 29.50 1.48
C THR E 626 46.31 29.18 0.02
N GLY E 627 45.03 29.02 -0.27
CA GLY E 627 44.59 28.72 -1.61
C GLY E 627 43.77 27.46 -1.67
N GLN E 628 43.13 27.10 -0.56
CA GLN E 628 42.31 25.88 -0.42
C GLN E 628 43.12 24.63 -0.67
N LEU E 629 44.23 24.48 0.03
CA LEU E 629 45.10 23.33 -0.17
C LEU E 629 44.66 22.17 0.68
N GLY E 630 44.83 20.96 0.17
CA GLY E 630 44.54 19.76 0.91
C GLY E 630 45.67 19.43 1.87
N GLU E 631 45.54 18.28 2.53
CA GLU E 631 46.55 17.91 3.51
C GLU E 631 47.81 17.37 2.88
N VAL E 632 47.68 16.65 1.77
CA VAL E 632 48.85 16.06 1.14
C VAL E 632 49.74 17.14 0.56
N MET E 633 49.14 18.18 0.03
CA MET E 633 49.90 19.29 -0.55
C MET E 633 50.54 20.11 0.55
N LYS E 634 49.84 20.27 1.67
CA LYS E 634 50.42 20.90 2.84
C LYS E 634 51.58 20.11 3.41
N GLU E 635 51.62 18.79 3.22
CA GLU E 635 52.77 18.06 3.71
C GLU E 635 53.92 18.08 2.73
N SER E 636 53.62 18.18 1.44
CA SER E 636 54.66 18.37 0.43
C SER E 636 55.42 19.66 0.67
N ALA E 637 54.71 20.71 1.08
CA ALA E 637 55.38 21.98 1.35
C ALA E 637 56.37 21.87 2.51
N GLN E 638 56.01 21.13 3.56
CA GLN E 638 56.90 21.04 4.71
C GLN E 638 58.06 20.11 4.44
N ALA E 639 57.86 19.08 3.62
CA ALA E 639 58.97 18.23 3.25
C ALA E 639 59.99 18.98 2.42
N ALA E 640 59.52 19.82 1.49
CA ALA E 640 60.44 20.62 0.70
C ALA E 640 61.18 21.62 1.56
N LEU E 641 60.50 22.25 2.50
CA LEU E 641 61.16 23.22 3.36
C LEU E 641 62.15 22.56 4.31
N THR E 642 61.88 21.35 4.79
CA THR E 642 62.83 20.67 5.67
C THR E 642 64.08 20.27 4.92
N TYR E 643 63.91 19.81 3.68
CA TYR E 643 65.06 19.58 2.81
C TYR E 643 65.90 20.84 2.66
N LEU E 644 65.26 21.97 2.42
CA LEU E 644 66.06 23.20 2.22
C LEU E 644 66.68 23.69 3.51
N ARG E 645 66.05 23.42 4.66
CA ARG E 645 66.67 23.75 5.93
C ARG E 645 67.88 22.87 6.19
N ALA E 646 67.92 21.68 5.60
CA ALA E 646 69.06 20.81 5.80
C ALA E 646 70.26 21.19 4.94
N HIS E 647 70.05 21.72 3.74
CA HIS E 647 71.13 22.04 2.82
C HIS E 647 71.11 23.54 2.61
N THR E 648 71.69 24.28 3.52
CA THR E 648 71.44 25.71 3.53
C THR E 648 72.56 26.52 2.92
N GLN E 649 73.71 25.92 2.66
CA GLN E 649 74.81 26.63 2.05
C GLN E 649 75.14 26.08 0.68
N ASP E 650 74.48 25.01 0.25
CA ASP E 650 74.61 24.59 -1.13
C ASP E 650 74.00 25.62 -2.06
N TYR E 651 72.92 26.27 -1.64
CA TYR E 651 72.15 27.10 -2.53
C TYR E 651 72.22 28.58 -2.17
N GLY E 652 73.05 28.94 -1.21
CA GLY E 652 73.17 30.34 -0.85
C GLY E 652 72.01 30.87 -0.05
N LEU E 653 71.31 30.00 0.66
CA LEU E 653 70.22 30.44 1.50
C LEU E 653 70.79 31.13 2.74
N PRO E 654 70.02 32.02 3.38
CA PRO E 654 70.49 32.62 4.63
C PRO E 654 70.55 31.57 5.72
N GLU E 655 71.55 31.67 6.58
CA GLU E 655 71.87 30.56 7.45
C GLU E 655 70.88 30.41 8.60
N ASP E 656 70.13 31.45 8.93
CA ASP E 656 69.07 31.32 9.92
C ASP E 656 67.78 31.89 9.36
N PHE E 657 67.09 31.12 8.56
CA PHE E 657 65.77 31.56 8.16
C PHE E 657 64.68 30.82 8.89
N TYR E 658 65.03 29.87 9.73
CA TYR E 658 64.00 29.22 10.52
C TYR E 658 63.53 30.09 11.67
N ASN E 659 64.32 31.11 12.02
CA ASN E 659 63.99 32.02 13.09
C ASN E 659 63.51 33.37 12.63
N LYS E 660 63.81 33.76 11.40
CA LYS E 660 63.74 35.16 11.05
C LYS E 660 62.78 35.51 9.95
N VAL E 661 62.42 34.59 9.07
CA VAL E 661 61.54 34.93 7.98
C VAL E 661 60.23 34.19 8.14
N ASP E 662 59.18 34.75 7.58
CA ASP E 662 57.89 34.08 7.47
C ASP E 662 57.66 33.73 6.02
N LEU E 663 57.24 32.51 5.75
CA LEU E 663 56.94 32.12 4.39
C LEU E 663 55.44 32.06 4.21
N HIS E 664 55.01 32.26 2.98
CA HIS E 664 53.60 32.18 2.66
C HIS E 664 53.50 31.62 1.26
N VAL E 665 52.91 30.44 1.13
CA VAL E 665 52.77 29.79 -0.15
C VAL E 665 51.34 29.99 -0.60
N HIS E 666 51.14 30.59 -1.76
CA HIS E 666 49.82 30.87 -2.26
C HIS E 666 49.69 30.25 -3.64
N VAL E 667 48.57 29.60 -3.89
CA VAL E 667 48.32 28.95 -5.17
C VAL E 667 47.02 29.49 -5.72
N PRO E 668 47.07 30.45 -6.63
CA PRO E 668 45.85 31.00 -7.22
C PRO E 668 45.16 29.97 -8.10
N ASP E 669 43.83 30.01 -8.16
CA ASP E 669 42.98 30.99 -7.52
C ASP E 669 42.36 30.50 -6.22
N GLY E 670 41.83 31.44 -5.44
CA GLY E 670 41.48 31.15 -4.07
C GLY E 670 40.23 30.32 -3.89
N ALA E 671 39.40 30.23 -4.91
CA ALA E 671 38.10 29.59 -4.72
C ALA E 671 38.10 28.13 -5.06
N THR E 672 39.10 27.63 -5.69
CA THR E 672 39.05 26.27 -6.20
C THR E 672 39.89 25.36 -5.34
N PRO E 673 39.34 24.27 -4.82
CA PRO E 673 40.14 23.39 -3.97
C PRO E 673 41.14 22.57 -4.76
N LYS E 674 42.36 22.45 -4.21
CA LYS E 674 43.43 21.70 -4.90
C LYS E 674 44.04 20.69 -3.91
N ASP E 675 44.52 19.54 -4.40
CA ASP E 675 45.04 18.48 -3.48
C ASP E 675 46.03 17.59 -4.24
N GLY E 676 46.79 16.76 -3.53
CA GLY E 676 47.75 15.82 -4.16
C GLY E 676 49.18 16.23 -3.93
N PRO E 677 50.15 15.28 -3.94
CA PRO E 677 51.55 15.59 -3.66
C PRO E 677 52.43 15.76 -4.90
N SER E 678 51.83 15.73 -6.09
CA SER E 678 52.67 15.79 -7.29
C SER E 678 53.39 17.11 -7.47
N ALA E 679 53.16 18.12 -6.65
CA ALA E 679 53.82 19.41 -6.92
C ALA E 679 54.93 19.77 -5.95
N GLY E 680 55.69 18.82 -5.45
CA GLY E 680 56.80 19.08 -4.53
C GLY E 680 57.99 19.78 -5.14
N ILE E 681 58.31 19.48 -6.39
CA ILE E 681 59.49 20.07 -7.06
C ILE E 681 59.18 21.53 -7.39
N THR E 682 57.93 21.88 -7.63
CA THR E 682 57.55 23.25 -7.91
C THR E 682 57.64 24.11 -6.67
N MET E 683 57.20 23.56 -5.54
CA MET E 683 57.28 24.29 -4.28
C MET E 683 58.71 24.43 -3.81
N ALA E 684 59.56 23.44 -4.04
CA ALA E 684 60.95 23.59 -3.66
C ALA E 684 61.65 24.64 -4.50
N THR E 685 61.33 24.72 -5.78
CA THR E 685 61.91 25.76 -6.63
C THR E 685 61.44 27.15 -6.21
N ALA E 686 60.14 27.28 -5.93
CA ALA E 686 59.58 28.56 -5.54
C ALA E 686 60.13 29.04 -4.20
N ILE E 687 60.26 28.13 -3.24
CA ILE E 687 60.77 28.51 -1.93
C ILE E 687 62.24 28.86 -2.00
N ALA E 688 63.03 28.12 -2.79
CA ALA E 688 64.45 28.45 -2.89
C ALA E 688 64.70 29.73 -3.65
N SER E 689 63.85 30.01 -4.64
CA SER E 689 63.94 31.27 -5.35
C SER E 689 63.58 32.44 -4.46
N ALA E 690 62.53 32.30 -3.66
CA ALA E 690 62.11 33.38 -2.78
C ALA E 690 63.10 33.62 -1.66
N LEU E 691 63.77 32.58 -1.18
CA LEU E 691 64.68 32.78 -0.08
C LEU E 691 66.04 33.27 -0.54
N SER E 692 66.49 32.82 -1.70
CA SER E 692 67.83 33.13 -2.14
C SER E 692 67.90 34.34 -3.05
N ARG E 693 66.75 34.94 -3.35
CA ARG E 693 66.56 36.11 -4.21
C ARG E 693 66.95 35.87 -5.66
N ARG E 694 67.02 34.65 -6.09
CA ARG E 694 67.38 34.44 -7.47
C ARG E 694 66.16 34.06 -8.27
N PRO E 695 65.91 34.71 -9.40
CA PRO E 695 64.65 34.48 -10.11
C PRO E 695 64.62 33.14 -10.83
N ALA E 696 63.46 32.53 -10.82
CA ALA E 696 63.28 31.25 -11.48
C ALA E 696 62.75 31.47 -12.88
N ARG E 697 63.14 30.59 -13.79
CA ARG E 697 62.71 30.69 -15.17
C ARG E 697 61.27 30.25 -15.30
N MET E 698 60.49 30.97 -16.09
CA MET E 698 59.06 30.72 -16.16
C MET E 698 58.62 30.03 -17.44
N ASP E 699 59.54 29.75 -18.36
CA ASP E 699 59.22 29.03 -19.57
C ASP E 699 59.48 27.54 -19.46
N ILE E 700 59.51 27.00 -18.24
CA ILE E 700 59.79 25.59 -18.00
C ILE E 700 58.72 25.08 -17.06
N ALA E 701 57.84 24.22 -17.55
CA ALA E 701 56.91 23.57 -16.67
C ALA E 701 57.61 22.41 -15.99
N MET E 702 57.15 22.07 -14.79
CA MET E 702 57.82 21.02 -14.03
C MET E 702 56.79 20.33 -13.16
N THR E 703 57.14 19.15 -12.68
CA THR E 703 56.26 18.32 -11.88
C THR E 703 57.08 17.21 -11.26
N GLY E 704 56.61 16.69 -10.13
CA GLY E 704 57.36 15.65 -9.45
C GLY E 704 57.21 15.67 -7.95
N GLU E 705 57.14 14.50 -7.33
CA GLU E 705 57.02 14.39 -5.88
C GLU E 705 58.40 14.34 -5.24
N VAL E 706 58.58 15.05 -4.14
CA VAL E 706 59.87 15.14 -3.46
C VAL E 706 59.79 14.34 -2.16
N SER E 707 60.93 13.85 -1.71
CA SER E 707 61.04 13.22 -0.40
C SER E 707 61.97 14.04 0.46
N LEU E 708 62.17 13.57 1.68
CA LEU E 708 62.86 14.37 2.68
C LEU E 708 64.36 14.41 2.47
N ARG E 709 64.91 13.48 1.71
CA ARG E 709 66.33 13.49 1.41
C ARG E 709 66.63 13.78 -0.04
N GLY E 710 65.68 14.39 -0.76
CA GLY E 710 65.98 14.86 -2.13
C GLY E 710 65.55 13.92 -3.23
N LYS E 711 65.37 12.63 -2.94
CA LYS E 711 65.05 11.69 -4.06
C LYS E 711 63.71 12.10 -4.65
N VAL E 712 63.63 12.28 -5.97
CA VAL E 712 62.31 12.58 -6.61
C VAL E 712 61.52 11.26 -6.67
N MET E 713 60.19 11.36 -6.55
CA MET E 713 59.33 10.16 -6.64
C MET E 713 58.42 10.30 -7.87
N PRO E 714 58.16 9.25 -8.71
CA PRO E 714 57.31 9.43 -9.88
C PRO E 714 55.87 9.78 -9.56
N ILE E 715 55.19 10.26 -10.60
CA ILE E 715 53.85 10.83 -10.51
C ILE E 715 52.93 10.13 -11.49
N GLY E 716 51.70 10.62 -11.62
CA GLY E 716 50.74 10.03 -12.53
C GLY E 716 50.09 11.08 -13.41
N GLY E 717 49.45 10.60 -14.47
CA GLY E 717 48.74 11.45 -15.41
C GLY E 717 49.63 12.30 -16.26
N VAL E 718 50.56 11.69 -17.00
CA VAL E 718 51.63 12.46 -17.62
C VAL E 718 51.18 13.08 -18.93
N LYS E 719 50.37 12.36 -19.72
CA LYS E 719 50.05 12.83 -21.06
C LYS E 719 49.12 14.04 -21.05
N GLU E 720 48.20 14.12 -20.10
CA GLU E 720 47.31 15.27 -20.00
C GLU E 720 48.08 16.52 -19.64
N LYS E 721 49.07 16.37 -18.77
CA LYS E 721 49.85 17.51 -18.34
C LYS E 721 50.79 18.00 -19.43
N LEU E 722 51.47 17.07 -20.11
CA LEU E 722 52.36 17.50 -21.17
C LEU E 722 51.61 18.03 -22.37
N LEU E 723 50.41 17.51 -22.61
CA LEU E 723 49.55 18.03 -23.65
C LEU E 723 49.13 19.45 -23.35
N ALA E 724 48.70 19.71 -22.12
CA ALA E 724 48.29 21.05 -21.75
C ALA E 724 49.45 22.01 -21.71
N ALA E 725 50.65 21.53 -21.41
CA ALA E 725 51.79 22.44 -21.44
C ALA E 725 52.26 22.73 -22.85
N HIS E 726 52.00 21.85 -23.81
CA HIS E 726 52.37 22.16 -25.18
C HIS E 726 51.50 23.26 -25.76
N GLN E 727 50.20 23.13 -25.61
CA GLN E 727 49.29 24.08 -26.22
C GLN E 727 49.10 25.34 -25.41
N ALA E 728 49.94 25.58 -24.42
CA ALA E 728 50.02 26.88 -23.78
C ALA E 728 51.28 27.62 -24.18
N GLY E 729 52.16 26.99 -24.93
CA GLY E 729 53.33 27.65 -25.44
C GLY E 729 54.62 27.35 -24.74
N ILE E 730 54.65 26.34 -23.88
CA ILE E 730 55.85 25.99 -23.13
C ILE E 730 56.51 24.79 -23.79
N HIS E 731 57.80 24.90 -24.08
CA HIS E 731 58.48 23.86 -24.82
C HIS E 731 59.61 23.22 -24.05
N LYS E 732 59.59 23.29 -22.72
CA LYS E 732 60.60 22.66 -21.90
C LYS E 732 59.92 22.08 -20.68
N ILE E 733 60.16 20.80 -20.39
CA ILE E 733 59.52 20.10 -19.29
C ILE E 733 60.62 19.55 -18.41
N VAL E 734 60.35 19.43 -17.11
CA VAL E 734 61.19 18.70 -16.18
C VAL E 734 60.35 17.59 -15.58
N LEU E 735 60.83 16.36 -15.66
CA LEU E 735 60.01 15.20 -15.36
C LEU E 735 60.83 14.21 -14.57
N PRO E 736 60.21 13.41 -13.71
CA PRO E 736 60.96 12.38 -12.98
C PRO E 736 61.52 11.34 -13.92
N LYS E 737 62.63 10.74 -13.48
CA LYS E 737 63.32 9.74 -14.30
C LYS E 737 62.50 8.49 -14.47
N ASP E 738 61.73 8.11 -13.46
CA ASP E 738 60.94 6.91 -13.52
C ASP E 738 59.70 7.04 -14.40
N ASN E 739 59.40 8.25 -14.87
CA ASN E 739 58.32 8.43 -15.81
C ASN E 739 58.81 8.52 -17.24
N GLU E 740 59.96 7.95 -17.54
CA GLU E 740 60.42 7.89 -18.92
C GLU E 740 59.58 6.91 -19.71
N ALA E 741 58.99 5.91 -19.04
CA ALA E 741 58.24 4.90 -19.75
C ALA E 741 56.89 5.38 -20.22
N GLN E 742 56.36 6.48 -19.70
CA GLN E 742 55.06 6.94 -20.13
C GLN E 742 55.15 7.96 -21.25
N LEU E 743 56.33 8.19 -21.80
CA LEU E 743 56.44 9.15 -22.89
C LEU E 743 56.03 8.59 -24.23
N GLU E 744 55.76 7.30 -24.36
CA GLU E 744 55.26 6.76 -25.61
C GLU E 744 53.76 6.80 -25.70
N GLU E 745 53.10 7.48 -24.79
CA GLU E 745 51.68 7.74 -24.94
C GLU E 745 51.42 9.00 -25.72
N LEU E 746 52.39 9.85 -25.84
CA LEU E 746 52.24 11.13 -26.49
C LEU E 746 52.17 10.97 -27.99
N PRO E 747 51.50 11.89 -28.68
CA PRO E 747 51.63 11.95 -30.14
C PRO E 747 53.03 12.32 -30.54
N LYS E 748 53.34 12.04 -31.80
CA LYS E 748 54.71 12.20 -32.25
C LYS E 748 55.09 13.66 -32.40
N GLU E 749 54.15 14.49 -32.86
CA GLU E 749 54.44 15.89 -33.08
C GLU E 749 54.62 16.65 -31.77
N VAL E 750 53.89 16.27 -30.72
CA VAL E 750 54.06 16.88 -29.41
C VAL E 750 55.41 16.51 -28.84
N LEU E 751 55.77 15.24 -28.95
CA LEU E 751 57.03 14.77 -28.40
C LEU E 751 58.22 15.32 -29.18
N GLU E 752 58.02 15.66 -30.44
CA GLU E 752 59.06 16.35 -31.17
C GLU E 752 59.10 17.83 -30.84
N GLY E 753 57.99 18.39 -30.36
CA GLY E 753 58.00 19.78 -29.94
C GLY E 753 58.73 20.05 -28.64
N LEU E 754 58.58 19.17 -27.66
CA LEU E 754 59.02 19.40 -26.30
C LEU E 754 60.49 19.06 -26.12
N GLU E 755 61.05 19.43 -24.97
CA GLU E 755 62.43 19.12 -24.62
C GLU E 755 62.42 18.58 -23.20
N ILE E 756 62.32 17.29 -23.05
CA ILE E 756 62.17 16.69 -21.74
C ILE E 756 63.54 16.62 -21.06
N LYS E 757 63.58 16.96 -19.79
CA LYS E 757 64.75 16.74 -18.96
C LYS E 757 64.36 15.84 -17.82
N LEU E 758 65.10 14.76 -17.64
CA LEU E 758 64.77 13.73 -16.66
C LEU E 758 65.70 13.85 -15.47
N VAL E 759 65.13 13.87 -14.27
CA VAL E 759 65.90 14.14 -13.06
C VAL E 759 65.66 13.04 -12.04
N GLU E 760 66.60 12.93 -11.11
CA GLU E 760 66.49 12.04 -9.97
C GLU E 760 66.59 12.74 -8.64
N ASP E 761 67.50 13.71 -8.51
CA ASP E 761 67.70 14.52 -7.34
C ASP E 761 67.14 15.90 -7.59
N VAL E 762 66.82 16.63 -6.52
CA VAL E 762 66.31 17.98 -6.73
C VAL E 762 67.42 19.00 -6.86
N GLY E 763 68.65 18.63 -6.60
CA GLY E 763 69.76 19.53 -6.88
C GLY E 763 69.90 19.79 -8.37
N GLU E 764 69.55 18.80 -9.19
CA GLU E 764 69.55 18.97 -10.63
C GLU E 764 68.49 19.97 -11.07
N VAL E 765 67.31 19.89 -10.46
CA VAL E 765 66.23 20.81 -10.78
C VAL E 765 66.61 22.23 -10.37
N LEU E 766 67.16 22.40 -9.19
CA LEU E 766 67.53 23.74 -8.75
C LEU E 766 68.70 24.30 -9.54
N GLU E 767 69.56 23.46 -10.11
CA GLU E 767 70.56 24.04 -10.99
C GLU E 767 69.99 24.40 -12.34
N TYR E 768 69.00 23.67 -12.81
CA TYR E 768 68.46 23.97 -14.13
C TYR E 768 67.53 25.17 -14.12
N LEU E 769 66.85 25.44 -13.00
CA LEU E 769 65.82 26.48 -12.98
C LEU E 769 66.31 27.84 -12.51
N LEU E 770 67.08 27.91 -11.44
CA LEU E 770 67.40 29.20 -10.85
C LEU E 770 68.50 29.87 -11.65
N LEU E 771 68.27 31.12 -12.03
CA LEU E 771 69.35 31.90 -12.62
C LEU E 771 70.37 32.24 -11.55
N PRO E 772 71.60 32.57 -11.92
CA PRO E 772 72.54 33.10 -10.94
C PRO E 772 72.19 34.54 -10.61
N GLU E 773 72.97 35.12 -9.69
CA GLU E 773 73.03 36.56 -9.46
C GLU E 773 71.71 37.21 -9.03
N PRO E 774 71.41 37.18 -7.73
CA PRO E 774 70.16 37.75 -7.21
C PRO E 774 69.91 39.19 -7.63
N THR E 775 68.62 39.53 -7.74
CA THR E 775 68.18 40.85 -8.21
C THR E 775 67.34 41.58 -7.17
N MET E 776 67.33 41.12 -5.93
CA MET E 776 66.65 41.82 -4.86
C MET E 776 67.58 41.91 -3.66
N PRO E 777 67.40 42.91 -2.79
CA PRO E 777 68.15 42.92 -1.53
C PRO E 777 67.70 41.78 -0.64
N PRO E 778 68.60 41.23 0.17
CA PRO E 778 68.24 40.04 0.95
C PRO E 778 67.32 40.38 2.12
N VAL E 779 66.30 39.55 2.29
CA VAL E 779 65.50 39.59 3.49
C VAL E 779 66.33 39.08 4.66
N VAL E 780 66.38 39.85 5.74
CA VAL E 780 67.19 39.50 6.89
C VAL E 780 66.52 40.09 8.13
N ARG F 2 -4.53 -76.50 -22.99
CA ARG F 2 -3.53 -76.73 -24.03
C ARG F 2 -4.07 -76.23 -25.37
N LEU F 3 -3.60 -76.85 -26.46
CA LEU F 3 -4.16 -76.71 -27.79
C LEU F 3 -4.13 -75.29 -28.33
N GLU F 4 -2.95 -74.85 -28.77
CA GLU F 4 -2.76 -73.63 -29.55
C GLU F 4 -3.77 -73.50 -30.69
N LEU F 5 -4.67 -72.53 -30.61
CA LEU F 5 -5.58 -72.21 -31.69
C LEU F 5 -5.81 -70.70 -31.65
N PRO F 6 -6.17 -70.08 -32.77
CA PRO F 6 -6.37 -68.63 -32.79
C PRO F 6 -7.50 -68.14 -31.88
N VAL F 7 -7.20 -67.03 -31.17
CA VAL F 7 -8.07 -66.38 -30.19
C VAL F 7 -8.95 -65.37 -30.93
N ILE F 8 -10.15 -65.12 -30.42
CA ILE F 8 -11.03 -64.11 -30.99
C ILE F 8 -11.17 -62.93 -30.03
N PRO F 9 -10.50 -61.81 -30.30
CA PRO F 9 -10.65 -60.64 -29.43
C PRO F 9 -11.85 -59.78 -29.82
N LEU F 10 -12.33 -59.00 -28.86
CA LEU F 10 -13.45 -58.09 -29.06
C LEU F 10 -13.10 -56.70 -28.57
N ARG F 11 -14.03 -55.76 -28.81
CA ARG F 11 -13.72 -54.35 -28.61
C ARG F 11 -13.91 -53.93 -27.16
N ASN F 12 -15.17 -53.85 -26.72
CA ASN F 12 -15.51 -53.59 -25.33
C ASN F 12 -16.66 -54.44 -24.80
N THR F 13 -17.57 -54.89 -25.65
CA THR F 13 -18.73 -55.68 -25.26
C THR F 13 -18.27 -57.13 -25.13
N VAL F 14 -17.80 -57.44 -23.93
CA VAL F 14 -17.17 -58.73 -23.65
C VAL F 14 -18.25 -59.81 -23.64
N ILE F 15 -17.96 -60.93 -24.26
CA ILE F 15 -18.84 -62.08 -24.24
C ILE F 15 -18.23 -63.15 -23.35
N LEU F 16 -19.06 -64.07 -22.89
CA LEU F 16 -18.80 -64.81 -21.66
C LEU F 16 -18.75 -66.32 -21.86
N PRO F 17 -18.18 -67.07 -20.91
CA PRO F 17 -18.31 -68.52 -20.95
C PRO F 17 -19.73 -68.93 -20.60
N HIS F 18 -20.09 -70.11 -21.11
CA HIS F 18 -21.33 -70.84 -20.81
C HIS F 18 -22.59 -70.09 -21.28
N THR F 19 -22.44 -69.04 -22.09
CA THR F 19 -23.46 -68.00 -22.22
C THR F 19 -23.92 -67.91 -23.66
N THR F 20 -25.11 -68.43 -23.94
CA THR F 20 -25.69 -68.52 -25.29
C THR F 20 -25.94 -67.11 -25.82
N THR F 21 -25.06 -66.66 -26.74
CA THR F 21 -24.99 -65.27 -27.16
C THR F 21 -24.64 -65.17 -28.65
N PRO F 22 -25.50 -64.58 -29.48
CA PRO F 22 -25.13 -64.30 -30.87
C PRO F 22 -24.29 -63.03 -31.00
N VAL F 23 -23.04 -63.19 -31.40
CA VAL F 23 -22.01 -62.15 -31.23
C VAL F 23 -21.58 -61.65 -32.59
N ASP F 24 -22.07 -60.47 -32.97
CA ASP F 24 -21.72 -59.83 -34.24
C ASP F 24 -20.34 -59.19 -34.10
N VAL F 25 -19.30 -59.98 -34.39
CA VAL F 25 -17.92 -59.52 -34.28
C VAL F 25 -17.61 -58.71 -35.53
N GLY F 26 -17.69 -57.40 -35.42
CA GLY F 26 -17.48 -56.54 -36.58
C GLY F 26 -16.13 -55.88 -36.70
N ARG F 27 -15.03 -56.62 -36.50
CA ARG F 27 -13.72 -55.98 -36.45
C ARG F 27 -13.14 -55.78 -37.85
N ALA F 28 -11.87 -55.31 -37.87
CA ALA F 28 -11.16 -54.96 -39.09
C ALA F 28 -9.96 -55.86 -39.35
N LYS F 29 -9.11 -56.10 -38.35
CA LYS F 29 -7.88 -56.87 -38.54
C LYS F 29 -7.79 -58.09 -37.62
N SER F 30 -8.92 -58.55 -37.10
CA SER F 30 -9.01 -59.87 -36.46
C SER F 30 -9.64 -60.94 -37.33
N LYS F 31 -10.14 -60.59 -38.53
CA LYS F 31 -10.91 -61.52 -39.35
C LYS F 31 -10.09 -62.73 -39.80
N ARG F 32 -8.76 -62.62 -39.83
CA ARG F 32 -7.91 -63.76 -40.15
C ARG F 32 -8.08 -64.86 -39.10
N ALA F 33 -7.95 -64.49 -37.83
CA ALA F 33 -8.20 -65.44 -36.75
C ALA F 33 -9.66 -65.88 -36.71
N VAL F 34 -10.59 -64.97 -37.06
CA VAL F 34 -12.03 -65.31 -37.04
C VAL F 34 -12.35 -66.39 -38.07
N GLU F 35 -11.91 -66.19 -39.31
CA GLU F 35 -12.15 -67.13 -40.40
C GLU F 35 -11.47 -68.46 -40.14
N GLU F 36 -10.19 -68.43 -39.72
CA GLU F 36 -9.48 -69.67 -39.42
C GLU F 36 -10.09 -70.42 -38.23
N ALA F 37 -10.65 -69.70 -37.26
CA ALA F 37 -11.24 -70.34 -36.08
C ALA F 37 -12.59 -70.96 -36.37
N MET F 38 -13.42 -70.31 -37.18
CA MET F 38 -14.67 -70.96 -37.56
C MET F 38 -14.45 -72.07 -38.57
N GLY F 39 -13.35 -72.03 -39.34
CA GLY F 39 -13.01 -73.15 -40.20
C GLY F 39 -12.07 -74.17 -39.59
N ALA F 40 -11.75 -74.05 -38.32
CA ALA F 40 -10.74 -74.87 -37.64
C ALA F 40 -11.35 -75.85 -36.65
N ASP F 41 -12.42 -76.54 -37.04
CA ASP F 41 -13.08 -77.62 -36.28
C ASP F 41 -13.71 -77.07 -34.99
N ARG F 42 -14.41 -75.95 -35.17
CA ARG F 42 -15.46 -75.46 -34.25
C ARG F 42 -14.91 -75.12 -32.86
N LEU F 43 -13.83 -74.34 -32.84
CA LEU F 43 -13.19 -73.97 -31.58
C LEU F 43 -12.74 -72.52 -31.66
N ILE F 44 -12.97 -71.78 -30.56
CA ILE F 44 -12.67 -70.36 -30.47
C ILE F 44 -12.18 -70.05 -29.05
N PHE F 45 -11.09 -69.30 -28.96
CA PHE F 45 -10.69 -68.63 -27.73
C PHE F 45 -11.16 -67.19 -27.77
N LEU F 46 -11.27 -66.57 -26.60
CA LEU F 46 -11.80 -65.20 -26.53
C LEU F 46 -11.11 -64.41 -25.43
N VAL F 47 -10.78 -63.15 -25.71
CA VAL F 47 -10.76 -62.08 -24.72
C VAL F 47 -11.43 -60.92 -25.45
N ALA F 48 -11.47 -59.75 -24.80
CA ALA F 48 -11.57 -58.47 -25.48
C ALA F 48 -10.20 -57.81 -25.49
N GLN F 49 -10.14 -56.54 -25.93
CA GLN F 49 -8.92 -55.75 -25.82
C GLN F 49 -9.12 -54.59 -24.83
N ARG F 50 -8.14 -53.70 -24.74
CA ARG F 50 -8.22 -52.55 -23.84
C ARG F 50 -8.19 -51.24 -24.60
N ASP F 51 -8.67 -50.17 -23.90
CA ASP F 51 -9.05 -48.83 -24.32
C ASP F 51 -7.84 -48.08 -24.90
N PRO F 52 -7.98 -46.78 -25.37
CA PRO F 52 -7.94 -46.53 -26.83
C PRO F 52 -7.22 -47.62 -27.57
N GLU F 53 -8.03 -48.31 -28.35
CA GLU F 53 -7.81 -49.69 -28.69
C GLU F 53 -7.03 -49.76 -29.99
N VAL F 54 -6.78 -50.96 -30.46
CA VAL F 54 -6.15 -51.14 -31.75
C VAL F 54 -7.04 -51.99 -32.64
N ASP F 55 -7.17 -51.56 -33.89
CA ASP F 55 -7.79 -52.39 -34.93
C ASP F 55 -6.89 -53.56 -35.28
N ASP F 56 -5.57 -53.32 -35.36
CA ASP F 56 -4.54 -54.32 -35.58
C ASP F 56 -4.21 -54.94 -34.23
N PRO F 57 -4.61 -56.17 -33.97
CA PRO F 57 -4.59 -56.70 -32.59
C PRO F 57 -3.19 -56.97 -32.06
N ALA F 58 -2.73 -56.12 -31.15
CA ALA F 58 -1.39 -56.21 -30.60
C ALA F 58 -1.27 -57.37 -29.61
N PRO F 59 -0.06 -57.68 -29.13
CA PRO F 59 0.07 -58.38 -27.86
C PRO F 59 -0.06 -57.49 -26.64
N ASP F 60 -0.48 -56.25 -26.82
CA ASP F 60 -0.86 -55.35 -25.75
C ASP F 60 -2.37 -55.22 -25.60
N ASP F 61 -3.12 -56.31 -25.84
CA ASP F 61 -4.58 -56.23 -25.85
C ASP F 61 -5.26 -57.19 -24.89
N LEU F 62 -4.87 -58.47 -24.89
CA LEU F 62 -5.66 -59.51 -24.25
C LEU F 62 -5.50 -59.45 -22.72
N TYR F 63 -6.33 -60.21 -22.03
CA TYR F 63 -6.39 -60.20 -20.57
C TYR F 63 -6.44 -61.62 -20.04
N THR F 64 -6.51 -61.72 -18.70
CA THR F 64 -5.84 -62.82 -18.00
C THR F 64 -6.55 -64.15 -18.09
N TRP F 65 -7.69 -64.32 -17.44
CA TRP F 65 -8.40 -65.58 -17.59
C TRP F 65 -9.28 -65.46 -18.83
N GLY F 66 -9.56 -66.58 -19.48
CA GLY F 66 -10.26 -66.51 -20.74
C GLY F 66 -11.27 -67.62 -20.82
N VAL F 67 -11.54 -68.05 -22.06
CA VAL F 67 -12.59 -69.02 -22.25
C VAL F 67 -12.35 -69.93 -23.46
N GLN F 68 -12.29 -71.23 -23.19
CA GLN F 68 -12.53 -72.23 -24.22
C GLN F 68 -13.97 -72.12 -24.72
N ALA F 69 -14.13 -71.60 -25.92
CA ALA F 69 -15.45 -71.45 -26.51
C ALA F 69 -15.51 -72.34 -27.74
N VAL F 70 -15.98 -73.58 -27.55
CA VAL F 70 -16.29 -74.48 -28.66
C VAL F 70 -17.50 -73.92 -29.40
N VAL F 71 -17.39 -73.84 -30.73
CA VAL F 71 -18.34 -73.05 -31.52
C VAL F 71 -19.63 -73.86 -31.69
N LYS F 72 -20.77 -73.21 -31.43
CA LYS F 72 -22.06 -73.90 -31.46
C LYS F 72 -22.83 -73.76 -32.76
N GLN F 73 -22.43 -72.86 -33.66
CA GLN F 73 -23.18 -72.67 -34.89
C GLN F 73 -22.25 -72.35 -36.06
N ALA F 74 -22.58 -72.91 -37.21
CA ALA F 74 -21.83 -72.72 -38.46
C ALA F 74 -22.55 -71.66 -39.27
N MET F 75 -22.18 -70.39 -39.04
CA MET F 75 -22.93 -69.29 -39.62
C MET F 75 -22.01 -68.08 -39.73
N ARG F 76 -21.43 -67.86 -40.91
CA ARG F 76 -20.70 -66.64 -41.21
C ARG F 76 -21.64 -65.70 -41.93
N LEU F 77 -21.74 -64.47 -41.44
CA LEU F 77 -22.48 -63.44 -42.15
C LEU F 77 -21.50 -62.61 -42.97
N PRO F 78 -21.47 -62.75 -44.31
CA PRO F 78 -20.40 -62.14 -45.11
C PRO F 78 -20.64 -60.66 -45.43
N ASP F 79 -20.38 -59.82 -44.43
CA ASP F 79 -20.23 -58.39 -44.66
C ASP F 79 -19.09 -57.79 -43.82
N GLY F 80 -18.24 -58.63 -43.22
CA GLY F 80 -17.32 -58.21 -42.21
C GLY F 80 -17.86 -58.29 -40.80
N THR F 81 -19.18 -58.37 -40.63
CA THR F 81 -19.83 -58.47 -39.32
C THR F 81 -20.21 -59.93 -39.12
N LEU F 82 -19.33 -60.69 -38.48
CA LEU F 82 -19.49 -62.14 -38.37
C LEU F 82 -20.15 -62.48 -37.04
N GLN F 83 -21.06 -63.46 -37.08
CA GLN F 83 -21.86 -63.85 -35.92
C GLN F 83 -21.48 -65.25 -35.45
N VAL F 84 -21.48 -65.46 -34.13
CA VAL F 84 -21.00 -66.70 -33.52
C VAL F 84 -21.76 -66.94 -32.22
N MET F 85 -21.82 -68.20 -31.81
CA MET F 85 -22.38 -68.61 -30.52
C MET F 85 -21.27 -69.08 -29.61
N VAL F 86 -21.27 -68.57 -28.38
CA VAL F 86 -20.34 -69.04 -27.36
C VAL F 86 -21.11 -69.82 -26.31
N GLU F 87 -20.53 -70.95 -25.89
CA GLU F 87 -21.13 -71.80 -24.86
C GLU F 87 -20.01 -72.70 -24.35
N ALA F 88 -19.58 -72.50 -23.11
CA ALA F 88 -18.34 -73.08 -22.62
C ALA F 88 -18.59 -74.20 -21.62
N ARG F 89 -17.50 -74.67 -21.04
CA ARG F 89 -17.51 -75.76 -20.09
C ARG F 89 -16.63 -75.40 -18.91
N ALA F 90 -15.67 -74.52 -19.15
CA ALA F 90 -14.74 -74.01 -18.13
C ALA F 90 -14.19 -72.69 -18.64
N ARG F 91 -13.11 -72.23 -18.01
CA ARG F 91 -12.45 -71.01 -18.44
C ARG F 91 -11.09 -71.35 -19.06
N ALA F 92 -10.33 -70.33 -19.47
CA ALA F 92 -9.08 -70.58 -20.18
C ALA F 92 -8.05 -69.51 -19.85
N GLN F 93 -6.85 -69.66 -20.44
CA GLN F 93 -5.71 -68.76 -20.29
C GLN F 93 -4.72 -69.12 -21.40
N VAL F 94 -3.61 -68.35 -21.48
CA VAL F 94 -2.55 -68.52 -22.49
C VAL F 94 -1.26 -68.91 -21.78
N THR F 95 -0.43 -69.76 -22.42
CA THR F 95 0.92 -70.08 -21.94
C THR F 95 1.99 -69.57 -22.88
N ASP F 96 1.95 -69.93 -24.17
CA ASP F 96 2.86 -69.38 -25.16
C ASP F 96 2.11 -68.51 -26.15
N TYR F 97 2.83 -67.53 -26.71
CA TYR F 97 2.19 -66.57 -27.60
C TYR F 97 3.24 -65.89 -28.48
N ILE F 98 2.72 -65.15 -29.46
CA ILE F 98 3.42 -64.45 -30.54
C ILE F 98 2.60 -63.18 -30.76
N PRO F 99 3.18 -62.03 -31.11
CA PRO F 99 2.36 -60.88 -31.53
C PRO F 99 1.56 -61.18 -32.79
N GLY F 100 0.24 -61.21 -32.64
CA GLY F 100 -0.66 -61.69 -33.67
C GLY F 100 -1.39 -60.58 -34.41
N PRO F 101 -2.41 -60.92 -35.22
CA PRO F 101 -2.94 -62.23 -35.60
C PRO F 101 -2.01 -63.00 -36.55
N TYR F 102 -1.80 -64.28 -36.31
CA TYR F 102 -2.69 -65.13 -35.53
C TYR F 102 -2.33 -65.19 -34.04
N LEU F 103 -3.34 -65.44 -33.20
CA LEU F 103 -3.22 -65.29 -31.74
C LEU F 103 -3.10 -66.67 -31.11
N ARG F 104 -1.87 -67.04 -30.76
CA ARG F 104 -1.56 -68.42 -30.37
C ARG F 104 -1.66 -68.54 -28.86
N ALA F 105 -2.31 -69.59 -28.39
CA ALA F 105 -2.57 -69.79 -26.97
C ALA F 105 -2.37 -71.25 -26.59
N ARG F 106 -1.15 -71.60 -26.19
CA ARG F 106 -0.93 -72.79 -25.39
C ARG F 106 -1.62 -72.60 -24.04
N GLY F 107 -2.13 -73.70 -23.47
CA GLY F 107 -2.82 -73.67 -22.20
C GLY F 107 -2.23 -74.61 -21.16
N GLU F 108 -2.86 -74.60 -19.99
CA GLU F 108 -2.43 -75.36 -18.83
C GLU F 108 -3.67 -75.87 -18.10
N VAL F 109 -3.45 -76.61 -17.02
CA VAL F 109 -4.55 -77.07 -16.18
C VAL F 109 -5.12 -75.90 -15.40
N PHE F 110 -6.23 -75.37 -15.89
CA PHE F 110 -6.85 -74.16 -15.36
C PHE F 110 -7.71 -74.59 -14.17
N SER F 111 -7.12 -74.57 -12.97
CA SER F 111 -7.64 -75.33 -11.84
C SER F 111 -8.98 -74.78 -11.34
N GLU F 112 -9.98 -75.66 -11.31
CA GLU F 112 -11.33 -75.33 -10.89
C GLU F 112 -11.46 -75.48 -9.37
N ILE F 113 -12.69 -75.49 -8.89
CA ILE F 113 -12.98 -75.60 -7.46
C ILE F 113 -14.06 -76.68 -7.31
N PHE F 114 -14.23 -77.16 -6.09
CA PHE F 114 -15.35 -78.08 -5.91
C PHE F 114 -16.54 -77.36 -5.32
N PRO F 115 -17.72 -77.48 -5.94
CA PRO F 115 -18.97 -77.01 -5.33
C PRO F 115 -19.53 -78.09 -4.41
N ILE F 116 -19.67 -77.76 -3.13
CA ILE F 116 -20.25 -78.66 -2.14
C ILE F 116 -21.52 -78.08 -1.53
N ASP F 117 -21.53 -76.78 -1.24
CA ASP F 117 -22.71 -76.14 -0.65
C ASP F 117 -23.85 -76.09 -1.66
N GLU F 118 -25.05 -76.40 -1.18
CA GLU F 118 -26.24 -76.30 -1.99
C GLU F 118 -27.39 -75.67 -1.21
N ALA F 119 -27.20 -75.33 0.06
CA ALA F 119 -28.23 -74.84 0.95
C ALA F 119 -28.17 -73.34 1.16
N VAL F 120 -27.01 -72.82 1.56
CA VAL F 120 -26.83 -71.38 1.47
C VAL F 120 -26.79 -70.96 0.01
N VAL F 121 -26.38 -71.87 -0.88
CA VAL F 121 -26.45 -71.62 -2.32
C VAL F 121 -27.90 -71.48 -2.78
N ARG F 122 -28.81 -72.34 -2.28
CA ARG F 122 -30.20 -72.21 -2.74
C ARG F 122 -30.90 -71.01 -2.11
N VAL F 123 -30.52 -70.63 -0.87
CA VAL F 123 -30.99 -69.36 -0.31
C VAL F 123 -30.46 -68.19 -1.14
N LEU F 124 -29.22 -68.32 -1.63
CA LEU F 124 -28.65 -67.32 -2.51
C LEU F 124 -29.32 -67.32 -3.88
N VAL F 125 -29.79 -68.48 -4.34
CA VAL F 125 -30.52 -68.58 -5.61
C VAL F 125 -31.83 -67.80 -5.53
N GLU F 126 -32.57 -68.01 -4.44
CA GLU F 126 -33.84 -67.30 -4.28
C GLU F 126 -33.61 -65.80 -4.08
N GLU F 127 -32.66 -65.43 -3.20
CA GLU F 127 -32.32 -64.02 -3.01
C GLU F 127 -31.82 -63.37 -4.29
N LEU F 128 -31.07 -64.11 -5.10
CA LEU F 128 -30.43 -63.55 -6.27
C LEU F 128 -31.42 -63.41 -7.42
N LYS F 129 -32.38 -64.34 -7.53
CA LYS F 129 -33.44 -64.18 -8.51
C LYS F 129 -34.36 -63.01 -8.16
N GLU F 130 -34.74 -62.88 -6.88
CA GLU F 130 -35.54 -61.72 -6.47
C GLU F 130 -34.75 -60.42 -6.56
N ALA F 131 -33.45 -60.47 -6.33
CA ALA F 131 -32.61 -59.30 -6.49
C ALA F 131 -32.45 -58.91 -7.95
N PHE F 132 -32.43 -59.89 -8.86
CA PHE F 132 -32.45 -59.52 -10.27
C PHE F 132 -33.82 -58.97 -10.66
N GLU F 133 -34.90 -59.49 -10.08
CA GLU F 133 -36.21 -58.99 -10.47
C GLU F 133 -36.49 -57.59 -9.94
N LYS F 134 -35.88 -57.20 -8.83
CA LYS F 134 -35.88 -55.79 -8.47
C LYS F 134 -34.77 -55.01 -9.18
N TYR F 135 -33.76 -55.71 -9.73
CA TYR F 135 -32.73 -55.03 -10.50
C TYR F 135 -33.24 -54.57 -11.85
N VAL F 136 -33.87 -55.47 -12.58
CA VAL F 136 -34.24 -55.21 -13.96
C VAL F 136 -35.28 -54.10 -14.07
N ALA F 137 -36.07 -53.88 -13.00
CA ALA F 137 -37.16 -52.90 -13.00
C ALA F 137 -36.64 -51.49 -13.21
N ASN F 138 -35.64 -51.09 -12.44
CA ASN F 138 -34.98 -49.82 -12.68
C ASN F 138 -34.09 -49.88 -13.92
N HIS F 139 -33.67 -51.08 -14.31
CA HIS F 139 -32.76 -51.21 -15.44
C HIS F 139 -33.51 -51.51 -16.73
N LYS F 140 -34.85 -51.58 -16.69
CA LYS F 140 -35.61 -51.38 -17.92
C LYS F 140 -35.32 -50.00 -18.47
N SER F 141 -35.44 -48.99 -17.60
CA SER F 141 -35.12 -47.62 -17.95
C SER F 141 -33.66 -47.47 -18.37
N LEU F 142 -32.79 -48.28 -17.79
CA LEU F 142 -31.41 -48.35 -18.25
C LEU F 142 -31.22 -49.54 -19.18
N ARG F 143 -32.25 -49.80 -20.00
CA ARG F 143 -32.23 -50.67 -21.17
C ARG F 143 -31.98 -52.16 -20.90
N LEU F 144 -33.00 -52.89 -20.44
CA LEU F 144 -32.92 -54.35 -20.41
C LEU F 144 -34.29 -55.00 -20.64
N ASP F 145 -34.30 -56.10 -21.41
CA ASP F 145 -35.44 -57.02 -21.57
C ASP F 145 -35.29 -58.26 -20.69
N ARG F 146 -36.39 -59.01 -20.58
CA ARG F 146 -36.50 -60.01 -19.52
C ARG F 146 -37.14 -61.34 -19.91
N TYR F 147 -37.59 -61.55 -21.15
CA TYR F 147 -38.23 -62.82 -21.48
C TYR F 147 -37.23 -63.89 -21.88
N GLN F 148 -35.99 -63.51 -22.15
CA GLN F 148 -34.95 -64.48 -22.44
C GLN F 148 -34.27 -64.99 -21.19
N LEU F 149 -34.71 -64.55 -20.01
CA LEU F 149 -34.20 -65.01 -18.72
C LEU F 149 -35.31 -65.58 -17.84
N GLU F 150 -36.50 -65.00 -17.90
CA GLU F 150 -37.63 -65.50 -17.12
C GLU F 150 -38.15 -66.85 -17.62
N ALA F 151 -37.73 -67.29 -18.80
CA ALA F 151 -37.96 -68.66 -19.21
C ALA F 151 -37.06 -69.63 -18.46
N VAL F 152 -35.79 -69.25 -18.27
CA VAL F 152 -34.74 -70.13 -17.77
C VAL F 152 -34.40 -69.80 -16.31
N LYS F 153 -35.41 -69.34 -15.56
CA LYS F 153 -35.30 -69.05 -14.13
C LYS F 153 -34.66 -70.18 -13.33
N GLY F 154 -34.91 -71.43 -13.72
CA GLY F 154 -34.40 -72.58 -13.00
C GLY F 154 -33.41 -73.43 -13.78
N THR F 155 -32.43 -72.79 -14.44
CA THR F 155 -31.36 -73.52 -15.10
C THR F 155 -30.56 -74.35 -14.09
N SER F 156 -30.32 -75.63 -14.44
CA SER F 156 -29.74 -76.60 -13.52
C SER F 156 -28.39 -76.18 -13.01
N ASP F 157 -27.59 -75.55 -13.85
CA ASP F 157 -26.48 -74.78 -13.34
C ASP F 157 -27.02 -73.46 -12.83
N PRO F 158 -26.85 -73.13 -11.54
CA PRO F 158 -27.08 -71.76 -11.12
C PRO F 158 -26.04 -70.81 -11.66
N ALA F 159 -24.83 -71.30 -11.95
CA ALA F 159 -23.80 -70.40 -12.47
C ALA F 159 -24.09 -70.01 -13.91
N MET F 160 -24.78 -70.86 -14.66
CA MET F 160 -25.11 -70.46 -16.03
C MET F 160 -26.29 -69.49 -16.04
N LEU F 161 -27.22 -69.67 -15.10
CA LEU F 161 -28.25 -68.67 -14.85
C LEU F 161 -27.63 -67.34 -14.43
N ALA F 162 -26.56 -67.40 -13.63
CA ALA F 162 -25.85 -66.19 -13.23
C ALA F 162 -25.10 -65.59 -14.40
N ASP F 163 -24.55 -66.41 -15.30
CA ASP F 163 -23.94 -65.91 -16.52
C ASP F 163 -24.95 -65.19 -17.40
N THR F 164 -26.16 -65.74 -17.47
CA THR F 164 -27.21 -65.18 -18.30
C THR F 164 -27.73 -63.87 -17.70
N ILE F 165 -27.79 -63.80 -16.37
CA ILE F 165 -27.91 -62.50 -15.68
C ILE F 165 -26.73 -61.59 -16.03
N ALA F 166 -25.53 -62.17 -16.03
CA ALA F 166 -24.30 -61.41 -15.88
C ALA F 166 -23.89 -60.70 -17.15
N TYR F 167 -24.21 -61.26 -18.31
CA TYR F 167 -24.01 -60.47 -19.52
C TYR F 167 -25.04 -59.37 -19.61
N HIS F 168 -26.23 -59.60 -19.07
CA HIS F 168 -27.32 -58.64 -19.11
C HIS F 168 -27.27 -57.64 -17.97
N ALA F 169 -26.31 -57.75 -17.06
CA ALA F 169 -26.09 -56.73 -16.05
C ALA F 169 -25.01 -55.79 -16.58
N THR F 170 -25.43 -54.71 -17.21
CA THR F 170 -24.54 -53.83 -17.96
C THR F 170 -23.82 -52.88 -17.02
N TRP F 171 -22.91 -53.43 -16.21
CA TRP F 171 -21.92 -52.65 -15.48
C TRP F 171 -20.64 -52.58 -16.32
N THR F 172 -19.55 -52.17 -15.68
CA THR F 172 -18.32 -51.76 -16.34
C THR F 172 -17.64 -52.93 -17.09
N VAL F 173 -16.58 -52.59 -17.83
CA VAL F 173 -15.57 -53.57 -18.18
C VAL F 173 -14.98 -54.18 -16.93
N ALA F 174 -14.74 -53.33 -15.91
CA ALA F 174 -13.93 -53.69 -14.76
C ALA F 174 -14.57 -54.79 -13.93
N GLU F 175 -15.83 -54.61 -13.52
CA GLU F 175 -16.47 -55.65 -12.71
C GLU F 175 -16.68 -56.92 -13.52
N LYS F 176 -16.99 -56.78 -14.81
CA LYS F 176 -17.16 -57.94 -15.67
C LYS F 176 -15.89 -58.78 -15.76
N GLN F 177 -14.75 -58.12 -15.85
CA GLN F 177 -13.55 -58.93 -15.92
C GLN F 177 -13.11 -59.40 -14.54
N GLU F 178 -13.26 -58.55 -13.50
CA GLU F 178 -12.84 -58.94 -12.15
C GLU F 178 -13.66 -60.10 -11.61
N ILE F 179 -14.93 -60.19 -12.01
CA ILE F 179 -15.74 -61.33 -11.62
C ILE F 179 -15.64 -62.44 -12.65
N LEU F 180 -15.25 -62.09 -13.88
CA LEU F 180 -14.92 -63.09 -14.89
C LEU F 180 -13.67 -63.88 -14.51
N GLU F 181 -12.82 -63.32 -13.65
CA GLU F 181 -11.48 -63.85 -13.39
C GLU F 181 -11.39 -64.59 -12.06
N LEU F 182 -12.39 -65.39 -11.71
CA LEU F 182 -12.35 -66.14 -10.45
C LEU F 182 -12.79 -67.59 -10.64
N THR F 183 -12.70 -68.34 -9.54
CA THR F 183 -13.06 -69.75 -9.50
C THR F 183 -13.98 -70.08 -8.32
N ASP F 184 -15.10 -69.36 -8.16
CA ASP F 184 -16.08 -69.81 -7.20
C ASP F 184 -17.47 -69.47 -7.71
N LEU F 185 -18.48 -69.71 -6.87
CA LEU F 185 -19.85 -69.31 -7.12
C LEU F 185 -20.46 -68.59 -5.91
N GLU F 186 -20.13 -69.03 -4.70
CA GLU F 186 -20.81 -68.50 -3.51
C GLU F 186 -20.39 -67.06 -3.22
N ALA F 187 -19.12 -66.85 -2.87
CA ALA F 187 -18.64 -65.53 -2.50
C ALA F 187 -18.63 -64.59 -3.71
N ARG F 188 -18.33 -65.15 -4.87
CA ARG F 188 -18.33 -64.41 -6.12
C ARG F 188 -19.72 -63.87 -6.45
N LEU F 189 -20.73 -64.74 -6.41
CA LEU F 189 -22.05 -64.30 -6.84
C LEU F 189 -22.78 -63.54 -5.73
N LYS F 190 -22.39 -63.71 -4.46
CA LYS F 190 -22.98 -62.85 -3.45
C LYS F 190 -22.42 -61.42 -3.54
N LYS F 191 -21.16 -61.26 -3.94
CA LYS F 191 -20.69 -59.89 -4.14
C LYS F 191 -21.30 -59.30 -5.40
N VAL F 192 -21.61 -60.15 -6.38
CA VAL F 192 -22.46 -59.74 -7.50
C VAL F 192 -23.81 -59.23 -7.01
N LEU F 193 -24.39 -59.91 -6.01
CA LEU F 193 -25.68 -59.48 -5.44
C LEU F 193 -25.55 -58.13 -4.74
N GLY F 194 -24.42 -57.89 -4.09
CA GLY F 194 -24.18 -56.58 -3.50
C GLY F 194 -24.06 -55.49 -4.55
N LEU F 195 -23.51 -55.82 -5.73
CA LEU F 195 -23.51 -54.89 -6.84
C LEU F 195 -24.93 -54.56 -7.30
N LEU F 196 -25.79 -55.59 -7.35
CA LEU F 196 -27.18 -55.38 -7.72
C LEU F 196 -27.87 -54.43 -6.74
N SER F 197 -27.63 -54.64 -5.45
CA SER F 197 -28.29 -53.82 -4.44
C SER F 197 -27.76 -52.39 -4.43
N ARG F 198 -26.45 -52.19 -4.64
CA ARG F 198 -25.94 -50.83 -4.65
C ARG F 198 -26.41 -50.06 -5.88
N ASP F 199 -26.67 -50.77 -6.99
CA ASP F 199 -27.19 -50.09 -8.16
C ASP F 199 -28.63 -49.66 -7.93
N LEU F 200 -29.42 -50.50 -7.27
CA LEU F 200 -30.79 -50.08 -6.98
C LEU F 200 -30.83 -48.94 -5.97
N GLU F 201 -29.90 -48.95 -5.02
CA GLU F 201 -29.90 -47.90 -4.00
C GLU F 201 -29.40 -46.59 -4.56
N ARG F 202 -28.47 -46.62 -5.52
CA ARG F 202 -28.07 -45.36 -6.14
C ARG F 202 -29.17 -44.83 -7.09
N PHE F 203 -29.94 -45.72 -7.71
CA PHE F 203 -31.04 -45.26 -8.55
C PHE F 203 -32.13 -44.61 -7.72
N GLU F 204 -32.40 -45.17 -6.55
CA GLU F 204 -33.40 -44.55 -5.70
C GLU F 204 -32.86 -43.28 -5.06
N LEU F 205 -31.55 -43.19 -4.87
CA LEU F 205 -30.95 -41.95 -4.44
C LEU F 205 -31.13 -40.83 -5.48
N ASP F 206 -31.04 -41.18 -6.76
CA ASP F 206 -31.35 -40.18 -7.78
C ASP F 206 -32.85 -39.86 -7.83
N LYS F 207 -33.70 -40.80 -7.41
CA LYS F 207 -35.10 -40.43 -7.26
C LYS F 207 -35.31 -39.38 -6.16
N ARG F 208 -34.59 -39.53 -5.04
CA ARG F 208 -34.66 -38.53 -3.98
C ARG F 208 -34.20 -37.16 -4.48
N VAL F 209 -33.16 -37.14 -5.31
CA VAL F 209 -32.66 -35.83 -5.71
C VAL F 209 -33.59 -35.18 -6.74
N ALA F 210 -34.30 -36.00 -7.53
CA ALA F 210 -35.28 -35.44 -8.47
C ALA F 210 -36.43 -34.78 -7.73
N GLN F 211 -36.84 -35.39 -6.61
CA GLN F 211 -37.82 -34.74 -5.74
C GLN F 211 -37.30 -33.41 -5.21
N ARG F 212 -36.01 -33.35 -4.84
CA ARG F 212 -35.44 -32.13 -4.32
C ARG F 212 -35.49 -30.97 -5.34
N VAL F 213 -35.13 -31.27 -6.58
CA VAL F 213 -35.16 -30.24 -7.63
C VAL F 213 -36.57 -29.74 -7.88
N LYS F 214 -37.53 -30.68 -8.04
CA LYS F 214 -38.92 -30.34 -8.29
C LYS F 214 -39.45 -29.36 -7.25
N GLU F 215 -39.23 -29.70 -5.99
CA GLU F 215 -39.81 -28.92 -4.92
C GLU F 215 -39.15 -27.55 -4.80
N GLN F 216 -37.84 -27.48 -5.05
CA GLN F 216 -37.17 -26.19 -4.88
C GLN F 216 -37.53 -25.22 -6.01
N MET F 217 -37.74 -25.75 -7.22
CA MET F 217 -38.22 -24.91 -8.30
C MET F 217 -39.58 -24.32 -7.99
N ASP F 218 -40.47 -25.15 -7.39
CA ASP F 218 -41.77 -24.65 -6.97
C ASP F 218 -41.65 -23.52 -5.95
N THR F 219 -40.66 -23.61 -5.07
CA THR F 219 -40.46 -22.54 -4.09
C THR F 219 -40.06 -21.23 -4.74
N ASN F 220 -39.11 -21.25 -5.68
CA ASN F 220 -38.69 -19.96 -6.24
C ASN F 220 -39.74 -19.34 -7.15
N GLN F 221 -40.53 -20.15 -7.85
CA GLN F 221 -41.62 -19.53 -8.60
C GLN F 221 -42.66 -18.94 -7.67
N ARG F 222 -42.84 -19.56 -6.49
CA ARG F 222 -43.74 -19.01 -5.50
C ARG F 222 -43.27 -17.64 -5.03
N GLU F 223 -41.96 -17.50 -4.79
CA GLU F 223 -41.47 -16.24 -4.25
C GLU F 223 -41.54 -15.13 -5.30
N TYR F 224 -41.32 -15.50 -6.57
CA TYR F 224 -41.61 -14.57 -7.67
C TYR F 224 -43.06 -14.10 -7.66
N TYR F 225 -43.99 -15.02 -7.40
CA TYR F 225 -45.40 -14.62 -7.38
C TYR F 225 -45.69 -13.67 -6.23
N LEU F 226 -45.12 -13.95 -5.06
CA LEU F 226 -45.26 -13.05 -3.93
C LEU F 226 -44.86 -11.64 -4.30
N ARG F 227 -43.68 -11.49 -4.90
CA ARG F 227 -43.18 -10.15 -5.15
C ARG F 227 -44.00 -9.45 -6.23
N GLU F 228 -44.62 -10.21 -7.14
CA GLU F 228 -45.41 -9.52 -8.16
C GLU F 228 -46.82 -9.16 -7.67
N GLN F 229 -47.39 -9.93 -6.75
CA GLN F 229 -48.65 -9.48 -6.17
C GLN F 229 -48.41 -8.28 -5.27
N MET F 230 -47.26 -8.26 -4.59
CA MET F 230 -46.86 -7.06 -3.84
C MET F 230 -46.71 -5.87 -4.75
N LYS F 231 -46.13 -6.08 -5.93
CA LYS F 231 -45.94 -4.99 -6.89
C LYS F 231 -47.28 -4.43 -7.36
N ALA F 232 -48.28 -5.30 -7.51
CA ALA F 232 -49.61 -4.81 -7.89
C ALA F 232 -50.27 -4.00 -6.77
N ILE F 233 -50.14 -4.47 -5.52
CA ILE F 233 -50.75 -3.74 -4.42
C ILE F 233 -50.07 -2.38 -4.20
N GLN F 234 -48.74 -2.35 -4.31
CA GLN F 234 -48.02 -1.10 -4.11
C GLN F 234 -48.15 -0.19 -5.32
N LYS F 235 -48.59 -0.72 -6.46
CA LYS F 235 -49.17 0.16 -7.47
C LYS F 235 -50.49 0.74 -6.97
N GLU F 236 -51.28 -0.06 -6.26
CA GLU F 236 -52.60 0.40 -5.89
C GLU F 236 -52.65 1.16 -4.58
N LEU F 237 -51.51 1.47 -3.98
CA LEU F 237 -51.48 2.39 -2.84
C LEU F 237 -50.38 3.46 -2.90
N GLY F 238 -49.23 3.13 -3.50
CA GLY F 238 -48.11 4.08 -3.60
C GLY F 238 -48.57 5.37 -4.26
N GLY F 239 -49.27 5.27 -5.39
CA GLY F 239 -49.82 6.45 -6.07
C GLY F 239 -51.21 6.16 -6.60
N GLU F 240 -52.02 7.20 -6.83
CA GLU F 240 -53.40 6.97 -7.33
C GLU F 240 -53.32 6.28 -8.69
N ASP F 241 -52.42 6.72 -9.57
CA ASP F 241 -52.21 6.02 -10.86
C ASP F 241 -50.97 5.12 -10.76
N GLY F 242 -49.87 5.68 -10.22
CA GLY F 242 -48.62 4.93 -10.10
C GLY F 242 -47.69 5.55 -9.08
N LEU F 243 -46.63 4.83 -8.65
CA LEU F 243 -45.62 5.39 -7.69
C LEU F 243 -45.62 6.90 -7.81
N SER F 244 -46.08 7.60 -6.77
CA SER F 244 -46.27 9.04 -6.89
C SER F 244 -45.02 9.79 -6.45
N ASP F 245 -44.12 9.14 -5.72
CA ASP F 245 -42.84 9.74 -5.38
C ASP F 245 -41.96 9.93 -6.60
N LEU F 246 -42.14 9.09 -7.64
CA LEU F 246 -41.45 9.33 -8.90
C LEU F 246 -41.95 10.61 -9.55
N GLU F 247 -43.24 10.87 -9.46
CA GLU F 247 -43.76 12.13 -10.00
C GLU F 247 -43.36 13.31 -9.13
N ALA F 248 -43.19 13.07 -7.84
CA ALA F 248 -42.66 14.10 -6.96
C ALA F 248 -41.21 14.43 -7.31
N LEU F 249 -40.42 13.41 -7.63
CA LEU F 249 -39.08 13.67 -8.18
C LEU F 249 -39.13 14.39 -9.50
N ARG F 250 -40.09 14.05 -10.36
CA ARG F 250 -40.16 14.68 -11.66
C ARG F 250 -40.51 16.15 -11.54
N LYS F 251 -41.33 16.51 -10.55
CA LYS F 251 -41.57 17.92 -10.31
C LYS F 251 -40.37 18.59 -9.65
N LYS F 252 -39.74 17.91 -8.70
CA LYS F 252 -38.68 18.52 -7.91
C LYS F 252 -37.42 18.75 -8.72
N ILE F 253 -37.16 17.90 -9.71
CA ILE F 253 -36.06 18.14 -10.65
C ILE F 253 -36.31 19.42 -11.42
N GLU F 254 -37.57 19.67 -11.76
CA GLU F 254 -37.88 20.83 -12.56
C GLU F 254 -37.88 22.11 -11.72
N GLU F 255 -38.22 22.02 -10.44
CA GLU F 255 -38.34 23.22 -9.62
C GLU F 255 -36.98 23.81 -9.26
N VAL F 256 -36.01 22.97 -8.89
CA VAL F 256 -34.70 23.50 -8.53
C VAL F 256 -34.00 23.99 -9.78
N GLY F 257 -33.30 25.11 -9.66
CA GLY F 257 -32.77 25.75 -10.83
C GLY F 257 -31.48 25.13 -11.33
N MET F 258 -31.50 23.94 -11.62
CA MET F 258 -30.28 23.28 -12.04
C MET F 258 -30.03 23.55 -13.51
N PRO F 259 -28.77 23.56 -13.94
CA PRO F 259 -28.45 23.89 -15.33
C PRO F 259 -29.00 22.87 -16.32
N GLU F 260 -28.88 23.21 -17.60
CA GLU F 260 -29.67 22.49 -18.59
C GLU F 260 -29.06 21.15 -18.94
N ALA F 261 -27.73 21.08 -19.00
CA ALA F 261 -27.06 19.82 -19.28
C ALA F 261 -27.32 18.81 -18.18
N VAL F 262 -27.24 19.26 -16.93
CA VAL F 262 -27.46 18.33 -15.83
C VAL F 262 -28.93 18.00 -15.69
N LYS F 263 -29.83 18.87 -16.17
CA LYS F 263 -31.24 18.53 -16.15
C LYS F 263 -31.55 17.47 -17.19
N THR F 264 -30.90 17.55 -18.35
CA THR F 264 -31.05 16.50 -19.35
C THR F 264 -30.51 15.17 -18.85
N LYS F 265 -29.35 15.21 -18.20
CA LYS F 265 -28.77 14.06 -17.52
C LYS F 265 -29.74 13.42 -16.52
N ALA F 266 -30.31 14.25 -15.64
CA ALA F 266 -31.19 13.75 -14.59
C ALA F 266 -32.50 13.22 -15.14
N LEU F 267 -33.06 13.88 -16.15
CA LEU F 267 -34.29 13.37 -16.72
C LEU F 267 -34.06 12.08 -17.49
N LYS F 268 -32.88 11.91 -18.05
CA LYS F 268 -32.57 10.64 -18.69
C LYS F 268 -32.46 9.52 -17.68
N GLU F 269 -31.81 9.79 -16.54
CA GLU F 269 -31.74 8.82 -15.46
C GLU F 269 -33.12 8.47 -14.92
N LEU F 270 -33.98 9.47 -14.77
CA LEU F 270 -35.31 9.21 -14.24
C LEU F 270 -36.15 8.40 -15.21
N ASP F 271 -36.00 8.67 -16.51
CA ASP F 271 -36.76 7.90 -17.49
C ASP F 271 -36.27 6.47 -17.57
N ARG F 272 -34.97 6.23 -17.38
CA ARG F 272 -34.49 4.87 -17.30
C ARG F 272 -34.97 4.18 -16.03
N LEU F 273 -34.94 4.89 -14.91
CA LEU F 273 -35.37 4.35 -13.62
C LEU F 273 -36.84 3.98 -13.61
N GLU F 274 -37.66 4.68 -14.37
CA GLU F 274 -39.09 4.48 -14.31
C GLU F 274 -39.53 3.11 -14.84
N ARG F 275 -38.65 2.41 -15.58
CA ARG F 275 -38.94 1.09 -16.08
C ARG F 275 -38.20 -0.03 -15.35
N MET F 276 -37.34 0.30 -14.39
CA MET F 276 -36.75 -0.74 -13.57
C MET F 276 -37.79 -1.27 -12.60
N GLN F 277 -37.60 -2.51 -12.16
CA GLN F 277 -38.44 -3.05 -11.12
C GLN F 277 -37.88 -2.63 -9.77
N GLN F 278 -38.77 -2.33 -8.84
CA GLN F 278 -38.25 -1.82 -7.59
C GLN F 278 -37.81 -2.97 -6.69
N GLY F 279 -36.97 -2.63 -5.72
CA GLY F 279 -36.30 -3.67 -4.96
C GLY F 279 -35.23 -4.32 -5.78
N SER F 280 -34.43 -3.54 -6.48
CA SER F 280 -33.41 -4.03 -7.35
C SER F 280 -32.10 -3.34 -7.02
N PRO F 281 -30.96 -4.01 -7.17
CA PRO F 281 -29.69 -3.38 -6.79
C PRO F 281 -29.21 -2.29 -7.74
N GLU F 282 -29.90 -2.03 -8.83
CA GLU F 282 -29.61 -0.85 -9.64
C GLU F 282 -30.75 0.15 -9.63
N ALA F 283 -31.90 -0.19 -9.07
CA ALA F 283 -32.91 0.82 -8.82
C ALA F 283 -32.50 1.71 -7.66
N THR F 284 -31.87 1.11 -6.65
CA THR F 284 -31.50 1.89 -5.47
C THR F 284 -30.35 2.83 -5.77
N VAL F 285 -29.43 2.44 -6.65
CA VAL F 285 -28.33 3.31 -7.04
C VAL F 285 -28.87 4.53 -7.77
N ALA F 286 -29.83 4.31 -8.67
CA ALA F 286 -30.40 5.41 -9.45
C ALA F 286 -31.21 6.33 -8.55
N ARG F 287 -31.97 5.77 -7.64
CA ARG F 287 -32.79 6.61 -6.79
C ARG F 287 -31.96 7.37 -5.77
N THR F 288 -30.86 6.79 -5.30
CA THR F 288 -29.98 7.52 -4.39
C THR F 288 -29.24 8.63 -5.13
N TYR F 289 -28.87 8.39 -6.39
CA TYR F 289 -28.22 9.43 -7.17
C TYR F 289 -29.16 10.59 -7.44
N LEU F 290 -30.43 10.29 -7.72
CA LEU F 290 -31.36 11.39 -7.95
C LEU F 290 -31.72 12.11 -6.67
N ASP F 291 -31.66 11.45 -5.53
CA ASP F 291 -31.88 12.19 -4.29
C ASP F 291 -30.67 13.05 -3.93
N TRP F 292 -29.47 12.63 -4.27
CA TRP F 292 -28.33 13.53 -4.10
C TRP F 292 -28.33 14.65 -5.09
N LEU F 293 -28.96 14.49 -6.23
CA LEU F 293 -28.81 15.51 -7.26
C LEU F 293 -29.85 16.60 -7.14
N THR F 294 -30.89 16.40 -6.35
CA THR F 294 -31.90 17.42 -6.10
C THR F 294 -31.84 17.96 -4.70
N GLU F 295 -30.76 17.73 -3.97
CA GLU F 295 -30.62 18.25 -2.63
C GLU F 295 -29.38 19.07 -2.44
N VAL F 296 -28.51 19.12 -3.44
CA VAL F 296 -27.35 19.99 -3.45
C VAL F 296 -27.89 21.33 -3.91
N PRO F 297 -27.29 22.47 -3.54
CA PRO F 297 -27.83 23.75 -3.98
C PRO F 297 -27.43 24.09 -5.39
N TRP F 298 -28.43 24.44 -6.21
CA TRP F 298 -28.21 24.98 -7.54
C TRP F 298 -28.84 26.37 -7.50
N SER F 299 -28.01 27.40 -7.38
CA SER F 299 -28.40 28.81 -7.48
C SER F 299 -29.47 29.20 -6.45
N LYS F 300 -29.08 29.14 -5.19
CA LYS F 300 -29.84 29.74 -4.10
C LYS F 300 -28.84 30.34 -3.14
N ALA F 301 -29.00 31.61 -2.81
CA ALA F 301 -27.95 32.31 -2.11
C ALA F 301 -28.51 33.13 -0.97
N ASP F 302 -27.62 33.54 -0.11
CA ASP F 302 -27.86 34.50 0.95
C ASP F 302 -27.78 35.91 0.38
N PRO F 303 -28.58 36.83 0.89
CA PRO F 303 -28.51 38.21 0.41
C PRO F 303 -27.22 38.89 0.83
N GLU F 304 -26.75 39.77 -0.04
CA GLU F 304 -25.49 40.47 0.16
C GLU F 304 -25.59 41.43 1.32
N VAL F 305 -24.44 41.76 1.89
CA VAL F 305 -24.39 42.64 3.05
C VAL F 305 -24.57 44.08 2.55
N LEU F 306 -25.26 44.88 3.33
CA LEU F 306 -25.69 46.20 2.90
C LEU F 306 -24.96 47.33 3.61
N ASP F 307 -24.12 47.02 4.58
CA ASP F 307 -23.54 48.05 5.45
C ASP F 307 -22.28 47.49 6.08
N ILE F 308 -21.13 48.10 5.81
CA ILE F 308 -19.91 47.60 6.45
C ILE F 308 -19.75 48.14 7.86
N ASN F 309 -20.49 49.16 8.24
CA ASN F 309 -20.45 49.61 9.62
C ASN F 309 -21.12 48.63 10.56
N HIS F 310 -21.98 47.77 10.05
CA HIS F 310 -22.57 46.75 10.90
C HIS F 310 -21.61 45.58 11.09
N THR F 311 -20.91 45.18 10.03
CA THR F 311 -19.98 44.07 10.17
C THR F 311 -18.78 44.47 11.01
N ARG F 312 -18.41 45.74 10.99
CA ARG F 312 -17.34 46.17 11.88
C ARG F 312 -17.73 46.00 13.35
N GLN F 313 -18.99 46.26 13.69
CA GLN F 313 -19.40 46.08 15.07
C GLN F 313 -19.53 44.62 15.44
N VAL F 314 -20.01 43.80 14.50
CA VAL F 314 -20.16 42.38 14.83
C VAL F 314 -18.79 41.72 14.97
N LEU F 315 -17.82 42.13 14.16
CA LEU F 315 -16.47 41.61 14.34
C LEU F 315 -15.83 42.12 15.61
N ASP F 316 -16.20 43.31 16.07
CA ASP F 316 -15.63 43.78 17.31
C ASP F 316 -16.30 43.21 18.54
N GLU F 317 -17.46 42.58 18.41
CA GLU F 317 -18.08 41.98 19.58
C GLU F 317 -17.40 40.71 20.04
N ASP F 318 -16.86 39.92 19.11
CA ASP F 318 -16.44 38.57 19.43
C ASP F 318 -14.98 38.46 19.84
N HIS F 319 -14.11 39.27 19.29
CA HIS F 319 -12.69 39.17 19.56
C HIS F 319 -12.12 40.55 19.82
N TYR F 320 -11.01 40.59 20.51
CA TYR F 320 -10.31 41.81 20.80
C TYR F 320 -9.07 41.86 19.94
N GLY F 321 -8.70 43.07 19.51
CA GLY F 321 -7.50 43.17 18.72
C GLY F 321 -7.71 42.64 17.32
N LEU F 322 -6.66 42.06 16.76
CA LEU F 322 -6.65 41.38 15.47
C LEU F 322 -7.09 42.30 14.33
N LYS F 323 -6.44 43.46 14.23
CA LYS F 323 -6.85 44.45 13.23
C LYS F 323 -6.56 44.00 11.82
N ASP F 324 -5.43 43.33 11.61
CA ASP F 324 -4.98 42.98 10.28
C ASP F 324 -5.84 41.94 9.63
N VAL F 325 -6.60 41.18 10.40
CA VAL F 325 -7.47 40.20 9.80
C VAL F 325 -8.89 40.72 9.69
N LYS F 326 -9.29 41.67 10.54
CA LYS F 326 -10.62 42.23 10.40
C LYS F 326 -10.69 43.19 9.23
N GLU F 327 -9.66 43.98 9.05
CA GLU F 327 -9.71 44.94 7.96
C GLU F 327 -9.54 44.29 6.60
N ARG F 328 -8.98 43.10 6.53
CA ARG F 328 -8.93 42.40 5.26
C ARG F 328 -10.33 41.96 4.83
N ILE F 329 -11.16 41.58 5.79
CA ILE F 329 -12.56 41.26 5.49
C ILE F 329 -13.31 42.50 5.07
N LEU F 330 -13.01 43.64 5.70
CA LEU F 330 -13.70 44.86 5.33
C LEU F 330 -13.32 45.32 3.92
N GLU F 331 -12.04 45.17 3.55
CA GLU F 331 -11.60 45.46 2.20
C GLU F 331 -12.25 44.54 1.18
N TYR F 332 -12.39 43.26 1.54
CA TYR F 332 -13.10 42.32 0.68
C TYR F 332 -14.53 42.77 0.42
N LEU F 333 -15.23 43.19 1.47
CA LEU F 333 -16.61 43.65 1.27
C LEU F 333 -16.68 44.94 0.47
N ALA F 334 -15.71 45.84 0.65
CA ALA F 334 -15.76 47.11 -0.05
C ALA F 334 -15.52 46.92 -1.54
N VAL F 335 -14.53 46.12 -1.91
CA VAL F 335 -14.31 45.79 -3.32
C VAL F 335 -15.49 45.04 -3.89
N ARG F 336 -16.06 44.10 -3.12
CA ARG F 336 -17.21 43.32 -3.55
C ARG F 336 -18.42 44.20 -3.83
N GLN F 337 -18.57 45.28 -3.08
CA GLN F 337 -19.66 46.19 -3.33
C GLN F 337 -19.41 47.04 -4.57
N LEU F 338 -18.21 47.61 -4.69
CA LEU F 338 -17.99 48.56 -5.78
C LEU F 338 -17.86 47.89 -7.13
N THR F 339 -17.36 46.66 -7.21
CA THR F 339 -17.23 46.03 -8.50
C THR F 339 -18.51 45.34 -8.93
N GLN F 340 -19.54 45.38 -8.12
CA GLN F 340 -20.77 44.67 -8.43
C GLN F 340 -21.57 45.45 -9.47
N GLY F 341 -22.10 44.73 -10.44
CA GLY F 341 -22.70 45.36 -11.59
C GLY F 341 -21.75 45.59 -12.74
N LEU F 342 -20.46 45.34 -12.55
CA LEU F 342 -19.51 45.40 -13.64
C LEU F 342 -19.40 44.01 -14.26
N ASP F 343 -18.39 43.82 -15.11
CA ASP F 343 -18.21 42.55 -15.80
C ASP F 343 -17.13 41.68 -15.20
N VAL F 344 -16.12 42.28 -14.58
CA VAL F 344 -15.05 41.50 -13.95
C VAL F 344 -15.63 40.76 -12.75
N ARG F 345 -15.56 39.44 -12.79
CA ARG F 345 -16.05 38.64 -11.68
C ARG F 345 -14.95 38.54 -10.66
N ASN F 346 -15.11 39.24 -9.54
CA ASN F 346 -14.13 39.17 -8.49
C ASN F 346 -14.21 37.82 -7.79
N LYS F 347 -13.05 37.29 -7.46
CA LYS F 347 -12.98 36.08 -6.68
C LYS F 347 -12.67 36.44 -5.24
N ALA F 348 -13.32 35.75 -4.32
CA ALA F 348 -12.98 35.89 -2.92
C ALA F 348 -11.58 35.35 -2.69
N PRO F 349 -10.80 35.98 -1.82
CA PRO F 349 -9.47 35.46 -1.54
C PRO F 349 -9.53 34.17 -0.76
N ILE F 350 -8.45 33.43 -0.84
CA ILE F 350 -8.26 32.24 -0.04
C ILE F 350 -7.24 32.61 1.02
N LEU F 351 -7.69 32.72 2.26
CA LEU F 351 -6.82 33.20 3.32
C LEU F 351 -6.13 32.04 4.00
N VAL F 352 -4.90 32.28 4.45
CA VAL F 352 -4.24 31.41 5.40
C VAL F 352 -3.96 32.24 6.63
N LEU F 353 -4.39 31.74 7.77
CA LEU F 353 -4.09 32.36 9.04
C LEU F 353 -3.01 31.51 9.70
N VAL F 354 -1.83 32.07 9.87
CA VAL F 354 -0.74 31.35 10.52
C VAL F 354 -0.40 32.02 11.83
N GLY F 355 0.09 31.22 12.77
CA GLY F 355 0.47 31.75 14.07
C GLY F 355 0.62 30.65 15.10
N PRO F 356 0.94 31.04 16.33
CA PRO F 356 1.20 30.07 17.38
C PRO F 356 -0.08 29.41 17.85
N PRO F 357 -0.01 28.39 18.72
CA PRO F 357 -1.24 27.87 19.31
C PRO F 357 -1.84 28.86 20.28
N GLY F 358 -3.16 28.88 20.34
CA GLY F 358 -3.86 29.64 21.34
C GLY F 358 -4.32 31.01 20.90
N VAL F 359 -3.72 31.59 19.88
CA VAL F 359 -4.29 32.81 19.33
C VAL F 359 -5.54 32.41 18.57
N GLY F 360 -6.49 33.32 18.47
CA GLY F 360 -7.78 32.78 18.11
C GLY F 360 -8.00 32.71 16.62
N LYS F 361 -7.74 31.57 16.01
CA LYS F 361 -7.91 31.49 14.59
C LYS F 361 -8.77 30.33 14.12
N THR F 362 -9.06 29.35 14.96
CA THR F 362 -10.19 28.49 14.65
C THR F 362 -11.49 29.20 14.98
N SER F 363 -11.46 30.09 15.96
CA SER F 363 -12.68 30.72 16.42
C SER F 363 -13.03 31.99 15.65
N LEU F 364 -12.15 32.48 14.78
CA LEU F 364 -12.53 33.56 13.91
C LEU F 364 -13.46 33.13 12.80
N GLY F 365 -13.56 31.84 12.51
CA GLY F 365 -14.36 31.41 11.38
C GLY F 365 -15.84 31.65 11.58
N ARG F 366 -16.35 31.32 12.76
CA ARG F 366 -17.77 31.53 13.02
C ARG F 366 -18.08 33.00 13.18
N SER F 367 -17.12 33.78 13.66
CA SER F 367 -17.33 35.21 13.81
C SER F 367 -17.39 35.91 12.47
N ILE F 368 -16.48 35.55 11.55
CA ILE F 368 -16.52 36.09 10.20
C ILE F 368 -17.78 35.66 9.48
N ALA F 369 -18.22 34.43 9.70
CA ALA F 369 -19.45 34.00 9.06
C ALA F 369 -20.66 34.71 9.61
N ARG F 370 -20.68 35.03 10.90
CA ARG F 370 -21.84 35.70 11.48
C ARG F 370 -21.89 37.16 11.09
N SER F 371 -20.74 37.80 10.94
CA SER F 371 -20.71 39.21 10.62
C SER F 371 -21.20 39.50 9.21
N MET F 372 -21.05 38.55 8.29
CA MET F 372 -21.54 38.72 6.94
C MET F 372 -22.89 38.11 6.71
N ASN F 373 -23.51 37.53 7.75
CA ASN F 373 -24.81 36.87 7.70
C ASN F 373 -24.84 35.71 6.71
N ARG F 374 -23.82 34.87 6.78
CA ARG F 374 -23.71 33.73 5.89
C ARG F 374 -23.61 32.45 6.69
N LYS F 375 -23.96 31.34 6.06
CA LYS F 375 -23.91 30.05 6.69
C LYS F 375 -22.49 29.61 6.94
N PHE F 376 -22.29 28.73 7.91
CA PHE F 376 -20.96 28.32 8.31
C PHE F 376 -20.85 26.81 8.31
N HIS F 377 -19.69 26.30 7.95
CA HIS F 377 -19.41 24.89 8.09
C HIS F 377 -17.92 24.71 8.24
N ARG F 378 -17.52 23.70 9.00
CA ARG F 378 -16.11 23.49 9.31
C ARG F 378 -15.72 22.07 8.96
N ILE F 379 -14.69 21.93 8.14
CA ILE F 379 -14.15 20.63 7.78
C ILE F 379 -12.81 20.50 8.46
N SER F 380 -12.65 19.43 9.22
CA SER F 380 -11.40 19.20 9.93
C SER F 380 -10.56 18.25 9.09
N LEU F 381 -9.66 18.84 8.32
CA LEU F 381 -8.61 18.10 7.65
C LEU F 381 -7.51 17.83 8.65
N GLY F 382 -6.36 17.46 8.16
CA GLY F 382 -5.25 17.54 9.07
C GLY F 382 -5.05 16.25 9.83
N GLY F 383 -5.58 15.18 9.30
CA GLY F 383 -4.97 13.89 9.53
C GLY F 383 -5.23 13.01 8.34
N VAL F 384 -5.83 13.60 7.32
CA VAL F 384 -6.53 12.83 6.31
C VAL F 384 -5.52 12.27 5.31
N ARG F 385 -5.72 11.00 4.93
CA ARG F 385 -4.89 10.35 3.92
C ARG F 385 -5.63 10.06 2.63
N ASP F 386 -6.86 9.58 2.73
CA ASP F 386 -7.60 9.18 1.55
C ASP F 386 -7.95 10.38 0.70
N GLU F 387 -7.59 10.29 -0.57
CA GLU F 387 -8.03 11.29 -1.54
C GLU F 387 -9.52 11.19 -1.79
N ALA F 388 -10.14 10.05 -1.48
CA ALA F 388 -11.57 9.87 -1.62
C ALA F 388 -12.37 10.57 -0.54
N GLU F 389 -11.76 11.33 0.36
CA GLU F 389 -12.54 12.18 1.24
C GLU F 389 -12.91 13.48 0.56
N ILE F 390 -12.10 13.92 -0.38
CA ILE F 390 -12.27 15.21 -1.02
C ILE F 390 -13.22 15.03 -2.18
N ARG F 391 -12.84 14.16 -3.11
CA ARG F 391 -13.69 13.67 -4.18
C ARG F 391 -14.47 12.48 -3.64
N GLY F 392 -15.14 11.71 -4.48
CA GLY F 392 -15.88 10.60 -3.92
C GLY F 392 -15.41 9.26 -4.40
N HIS F 393 -16.30 8.29 -4.48
CA HIS F 393 -16.09 7.12 -5.31
C HIS F 393 -17.14 7.13 -6.40
N ARG F 394 -16.84 6.44 -7.50
CA ARG F 394 -17.82 6.32 -8.56
C ARG F 394 -19.00 5.52 -8.07
N ARG F 395 -20.17 5.80 -8.61
CA ARG F 395 -21.37 5.21 -8.06
C ARG F 395 -21.62 3.80 -8.54
N THR F 396 -20.67 3.18 -9.24
CA THR F 396 -20.77 1.78 -9.57
C THR F 396 -20.37 0.88 -8.42
N TYR F 397 -19.60 1.38 -7.46
CA TYR F 397 -19.22 0.58 -6.31
C TYR F 397 -20.40 0.43 -5.36
N ILE F 398 -20.21 -0.41 -4.35
CA ILE F 398 -21.36 -0.93 -3.63
C ILE F 398 -21.80 -0.02 -2.48
N GLY F 399 -21.01 0.97 -2.10
CA GLY F 399 -21.43 1.80 -0.99
C GLY F 399 -21.09 3.24 -1.18
N ALA F 400 -21.10 3.71 -2.42
CA ALA F 400 -20.43 4.94 -2.77
C ALA F 400 -21.20 6.17 -2.32
N MET F 401 -20.45 7.22 -1.99
CA MET F 401 -20.97 8.46 -1.46
C MET F 401 -20.07 9.58 -1.96
N PRO F 402 -20.55 10.81 -2.00
CA PRO F 402 -19.68 11.93 -2.37
C PRO F 402 -18.79 12.36 -1.23
N GLY F 403 -17.91 13.31 -1.51
CA GLY F 403 -16.84 13.66 -0.62
C GLY F 403 -17.26 14.63 0.47
N LYS F 404 -16.25 15.24 1.09
CA LYS F 404 -16.51 16.22 2.14
C LYS F 404 -17.15 17.48 1.60
N LEU F 405 -16.78 17.88 0.39
CA LEU F 405 -17.24 19.17 -0.13
C LEU F 405 -18.71 19.13 -0.51
N ILE F 406 -19.14 18.09 -1.21
CA ILE F 406 -20.54 18.03 -1.63
C ILE F 406 -21.44 17.79 -0.44
N HIS F 407 -20.98 17.02 0.53
CA HIS F 407 -21.73 16.81 1.75
C HIS F 407 -21.83 18.11 2.56
N ALA F 408 -20.74 18.88 2.58
CA ALA F 408 -20.77 20.17 3.25
C ALA F 408 -21.69 21.14 2.55
N MET F 409 -21.76 21.09 1.23
CA MET F 409 -22.67 21.97 0.51
C MET F 409 -24.11 21.54 0.66
N LYS F 410 -24.38 20.28 0.97
CA LYS F 410 -25.76 19.93 1.26
C LYS F 410 -26.15 20.33 2.66
N GLN F 411 -25.21 20.32 3.61
CA GLN F 411 -25.50 20.71 4.99
C GLN F 411 -26.01 22.14 5.08
N VAL F 412 -25.21 23.10 4.63
CA VAL F 412 -25.70 24.45 4.45
C VAL F 412 -26.65 24.46 3.27
N GLY F 413 -27.59 25.38 3.27
CA GLY F 413 -28.56 25.26 2.20
C GLY F 413 -28.25 26.06 0.97
N VAL F 414 -27.22 26.89 1.03
CA VAL F 414 -27.06 27.96 0.08
C VAL F 414 -25.86 27.72 -0.79
N ILE F 415 -25.62 28.61 -1.74
CA ILE F 415 -24.53 28.41 -2.69
C ILE F 415 -23.30 29.20 -2.30
N ASN F 416 -23.39 30.12 -1.35
CA ASN F 416 -22.23 30.87 -0.89
C ASN F 416 -22.03 30.80 0.62
N PRO F 417 -21.60 29.67 1.15
CA PRO F 417 -21.35 29.63 2.58
C PRO F 417 -19.95 30.09 2.91
N VAL F 418 -19.58 30.05 4.17
CA VAL F 418 -18.20 30.23 4.59
C VAL F 418 -17.74 28.89 5.09
N ILE F 419 -16.67 28.36 4.52
CA ILE F 419 -16.17 27.05 4.87
C ILE F 419 -14.76 27.19 5.40
N LEU F 420 -14.54 26.73 6.61
CA LEU F 420 -13.24 26.79 7.27
C LEU F 420 -12.54 25.45 7.11
N LEU F 421 -11.42 25.44 6.41
CA LEU F 421 -10.65 24.21 6.19
C LEU F 421 -9.58 24.15 7.25
N ASP F 422 -9.84 23.40 8.29
CA ASP F 422 -9.05 23.53 9.49
C ASP F 422 -7.79 22.71 9.40
N GLU F 423 -6.66 23.36 9.68
CA GLU F 423 -5.35 22.73 9.86
C GLU F 423 -4.87 22.02 8.59
N ILE F 424 -4.58 22.82 7.56
CA ILE F 424 -4.08 22.25 6.30
C ILE F 424 -2.59 22.02 6.28
N ASP F 425 -1.87 22.30 7.36
CA ASP F 425 -0.53 21.75 7.51
C ASP F 425 -0.56 20.24 7.45
N LYS F 426 -1.42 19.64 8.26
CA LYS F 426 -1.25 18.27 8.70
C LYS F 426 -1.93 17.27 7.79
N MET F 427 -2.18 17.60 6.54
CA MET F 427 -2.63 16.58 5.63
C MET F 427 -1.50 15.59 5.38
N SER F 428 -1.86 14.33 5.22
CA SER F 428 -0.89 13.27 5.11
C SER F 428 -1.08 12.53 3.80
N SER F 429 0.04 12.13 3.21
CA SER F 429 0.05 11.47 1.92
C SER F 429 0.40 10.00 2.10
N ASP F 430 0.09 9.22 1.07
CA ASP F 430 0.48 7.81 1.03
C ASP F 430 0.67 7.42 -0.43
N TRP F 431 0.69 6.13 -0.70
CA TRP F 431 0.54 5.64 -2.05
C TRP F 431 -0.93 5.71 -2.44
N ARG F 432 -1.23 5.44 -3.71
CA ARG F 432 -2.55 5.52 -4.36
C ARG F 432 -3.30 6.83 -4.11
N GLY F 433 -2.60 7.91 -3.82
CA GLY F 433 -3.27 9.19 -3.75
C GLY F 433 -2.59 10.14 -2.79
N ASP F 434 -2.90 11.41 -2.97
CA ASP F 434 -2.48 12.49 -2.11
C ASP F 434 -3.63 13.46 -2.08
N PRO F 435 -4.21 13.76 -0.91
CA PRO F 435 -5.34 14.68 -0.88
C PRO F 435 -4.96 16.11 -1.15
N ALA F 436 -3.68 16.45 -1.07
CA ALA F 436 -3.24 17.76 -1.53
C ALA F 436 -3.34 17.92 -3.04
N SER F 437 -3.44 16.82 -3.78
CA SER F 437 -3.64 16.91 -5.21
C SER F 437 -5.09 17.18 -5.56
N ALA F 438 -6.02 16.63 -4.81
CA ALA F 438 -7.42 16.91 -5.06
C ALA F 438 -7.86 18.19 -4.38
N MET F 439 -7.07 18.68 -3.44
CA MET F 439 -7.40 19.93 -2.77
C MET F 439 -7.08 21.12 -3.66
N LEU F 440 -6.16 20.96 -4.61
CA LEU F 440 -5.82 22.03 -5.51
C LEU F 440 -6.94 22.30 -6.49
N GLU F 441 -7.75 21.30 -6.80
CA GLU F 441 -8.88 21.50 -7.70
C GLU F 441 -9.96 22.37 -7.07
N VAL F 442 -10.03 22.47 -5.74
CA VAL F 442 -11.05 23.32 -5.14
C VAL F 442 -10.52 24.70 -4.78
N LEU F 443 -9.22 24.88 -4.64
CA LEU F 443 -8.65 26.15 -4.21
C LEU F 443 -7.97 26.87 -5.36
N ASP F 444 -8.40 26.61 -6.58
CA ASP F 444 -7.84 27.23 -7.76
C ASP F 444 -8.96 28.01 -8.43
N PRO F 445 -8.86 29.34 -8.52
CA PRO F 445 -9.96 30.11 -9.09
C PRO F 445 -10.18 29.87 -10.56
N GLU F 446 -9.18 29.39 -11.27
CA GLU F 446 -9.33 29.12 -12.68
C GLU F 446 -10.02 27.80 -12.96
N GLN F 447 -10.22 26.95 -11.96
CA GLN F 447 -10.86 25.68 -12.24
C GLN F 447 -11.83 25.19 -11.19
N ASN F 448 -12.12 25.93 -10.13
CA ASN F 448 -13.18 25.48 -9.25
C ASN F 448 -14.55 25.95 -9.69
N ASN F 449 -14.65 26.56 -10.87
CA ASN F 449 -15.94 26.80 -11.48
C ASN F 449 -16.62 25.51 -11.86
N THR F 450 -15.83 24.49 -12.16
CA THR F 450 -16.28 23.20 -12.64
C THR F 450 -15.60 22.08 -11.87
N PHE F 451 -15.64 22.16 -10.55
CA PHE F 451 -15.16 21.06 -9.72
C PHE F 451 -15.99 19.82 -9.98
N THR F 452 -15.31 18.72 -10.24
CA THR F 452 -15.96 17.48 -10.59
C THR F 452 -15.70 16.44 -9.52
N ASP F 453 -16.76 16.07 -8.82
CA ASP F 453 -16.77 14.99 -7.85
C ASP F 453 -16.75 13.67 -8.60
N HIS F 454 -16.58 12.56 -7.90
CA HIS F 454 -16.76 11.30 -8.61
C HIS F 454 -18.11 10.66 -8.39
N TYR F 455 -18.81 11.00 -7.31
CA TYR F 455 -20.14 10.49 -7.18
C TYR F 455 -21.08 11.22 -8.11
N LEU F 456 -21.09 12.54 -8.04
CA LEU F 456 -21.74 13.35 -9.04
C LEU F 456 -20.81 13.38 -10.25
N ASP F 457 -21.30 12.95 -11.41
CA ASP F 457 -20.47 13.10 -12.59
C ASP F 457 -20.42 14.53 -13.07
N VAL F 458 -21.41 15.33 -12.73
CA VAL F 458 -21.61 16.64 -13.33
C VAL F 458 -20.63 17.63 -12.72
N PRO F 459 -20.28 18.71 -13.42
CA PRO F 459 -19.44 19.73 -12.80
C PRO F 459 -20.26 20.63 -11.90
N TYR F 460 -19.66 21.00 -10.77
CA TYR F 460 -20.34 21.78 -9.75
C TYR F 460 -19.55 23.05 -9.51
N ASP F 461 -20.25 24.11 -9.14
CA ASP F 461 -19.67 25.45 -9.09
C ASP F 461 -19.33 25.82 -7.65
N LEU F 462 -18.06 25.74 -7.30
CA LEU F 462 -17.61 26.14 -5.97
C LEU F 462 -17.02 27.54 -5.96
N SER F 463 -17.42 28.40 -6.88
CA SER F 463 -16.77 29.68 -7.01
C SER F 463 -17.34 30.75 -6.12
N LYS F 464 -18.47 30.51 -5.50
CA LYS F 464 -19.10 31.50 -4.64
C LYS F 464 -18.72 31.35 -3.18
N VAL F 465 -17.92 30.37 -2.85
CA VAL F 465 -17.64 30.00 -1.47
C VAL F 465 -16.45 30.80 -0.99
N PHE F 466 -16.54 31.32 0.23
CA PHE F 466 -15.44 32.04 0.86
C PHE F 466 -14.69 31.07 1.76
N PHE F 467 -13.52 30.61 1.32
CA PHE F 467 -12.72 29.66 2.07
C PHE F 467 -11.78 30.35 3.03
N ILE F 468 -11.60 29.77 4.20
CA ILE F 468 -10.61 30.21 5.18
C ILE F 468 -9.82 28.98 5.58
N THR F 469 -8.51 29.11 5.67
CA THR F 469 -7.67 28.02 6.14
C THR F 469 -6.83 28.47 7.31
N THR F 470 -6.19 27.53 7.97
CA THR F 470 -5.55 27.75 9.26
C THR F 470 -4.32 26.86 9.35
N ALA F 471 -3.21 27.40 9.85
CA ALA F 471 -2.00 26.62 9.94
C ALA F 471 -1.15 27.13 11.09
N ASN F 472 -0.19 26.32 11.52
CA ASN F 472 0.80 26.75 12.51
C ASN F 472 2.08 27.23 11.89
N THR F 473 2.42 26.72 10.71
CA THR F 473 3.66 27.08 10.06
C THR F 473 3.48 26.96 8.56
N LEU F 474 4.35 27.62 7.82
CA LEU F 474 4.23 27.62 6.37
C LEU F 474 5.02 26.52 5.70
N GLN F 475 5.77 25.72 6.45
CA GLN F 475 6.71 24.80 5.85
C GLN F 475 6.01 23.61 5.21
N THR F 476 5.06 23.01 5.91
CA THR F 476 4.51 21.74 5.48
C THR F 476 3.32 21.88 4.56
N ILE F 477 2.97 23.10 4.16
CA ILE F 477 1.93 23.29 3.17
C ILE F 477 2.55 22.92 1.83
N PRO F 478 1.86 22.19 0.97
CA PRO F 478 2.44 21.87 -0.35
C PRO F 478 2.58 23.10 -1.21
N ARG F 479 3.64 23.11 -2.01
CA ARG F 479 3.98 24.29 -2.80
C ARG F 479 2.97 24.68 -3.90
N PRO F 480 2.31 23.76 -4.62
CA PRO F 480 1.22 24.22 -5.50
C PRO F 480 0.03 24.84 -4.79
N LEU F 481 -0.12 24.66 -3.49
CA LEU F 481 -1.22 25.31 -2.79
C LEU F 481 -0.83 26.66 -2.21
N LEU F 482 0.43 26.84 -1.83
CA LEU F 482 0.81 28.03 -1.08
C LEU F 482 0.81 29.28 -1.95
N ASP F 483 1.09 29.14 -3.24
CA ASP F 483 1.10 30.31 -4.10
C ASP F 483 -0.30 30.78 -4.50
N ARG F 484 -1.30 29.91 -4.40
CA ARG F 484 -2.67 30.32 -4.66
C ARG F 484 -3.31 31.05 -3.49
N MET F 485 -2.61 31.23 -2.38
CA MET F 485 -3.21 31.73 -1.16
C MET F 485 -2.42 32.92 -0.67
N GLU F 486 -3.07 33.81 0.06
CA GLU F 486 -2.38 34.91 0.71
C GLU F 486 -2.37 34.70 2.22
N VAL F 487 -1.27 35.03 2.84
CA VAL F 487 -1.10 34.71 4.24
C VAL F 487 -1.36 35.94 5.07
N ILE F 488 -1.81 35.72 6.30
CA ILE F 488 -1.96 36.77 7.30
C ILE F 488 -1.36 36.21 8.57
N GLU F 489 -0.24 36.75 9.00
CA GLU F 489 0.39 36.25 10.21
C GLU F 489 -0.28 36.87 11.43
N ILE F 490 -0.40 36.06 12.48
CA ILE F 490 -0.97 36.52 13.73
C ILE F 490 0.10 36.32 14.79
N PRO F 491 0.65 37.39 15.33
CA PRO F 491 1.90 37.25 16.09
C PRO F 491 1.80 36.64 17.48
N GLY F 492 0.81 36.98 18.27
CA GLY F 492 0.86 36.65 19.68
C GLY F 492 0.69 37.91 20.49
N TYR F 493 0.15 37.82 21.69
CA TYR F 493 -0.38 38.98 22.36
C TYR F 493 0.62 39.55 23.35
N THR F 494 0.52 40.86 23.58
CA THR F 494 1.32 41.52 24.59
C THR F 494 0.63 41.35 25.94
N ASN F 495 1.20 41.93 26.98
CA ASN F 495 0.53 41.80 28.27
C ASN F 495 -0.69 42.69 28.38
N MET F 496 -0.69 43.85 27.73
CA MET F 496 -1.85 44.71 27.79
C MET F 496 -3.02 44.11 27.05
N GLU F 497 -2.74 43.49 25.91
CA GLU F 497 -3.78 42.80 25.17
C GLU F 497 -4.31 41.60 25.93
N LYS F 498 -3.43 40.81 26.54
CA LYS F 498 -3.88 39.66 27.31
C LYS F 498 -4.69 40.07 28.52
N GLN F 499 -4.34 41.20 29.14
CA GLN F 499 -5.14 41.69 30.26
C GLN F 499 -6.51 42.14 29.80
N ALA F 500 -6.59 42.78 28.63
CA ALA F 500 -7.89 43.21 28.11
C ALA F 500 -8.78 42.02 27.78
N ILE F 501 -8.22 40.99 27.14
CA ILE F 501 -9.13 39.91 26.79
C ILE F 501 -9.42 39.00 27.97
N ALA F 502 -8.57 38.98 29.00
CA ALA F 502 -8.94 38.29 30.23
C ALA F 502 -10.04 39.02 30.97
N ARG F 503 -10.08 40.34 30.90
CA ARG F 503 -11.17 41.04 31.56
C ARG F 503 -12.48 40.90 30.81
N GLN F 504 -12.45 40.92 29.48
CA GLN F 504 -13.71 40.97 28.77
C GLN F 504 -14.25 39.61 28.38
N TYR F 505 -13.43 38.59 28.24
CA TYR F 505 -13.94 37.34 27.74
C TYR F 505 -13.69 36.17 28.68
N LEU F 506 -12.48 36.03 29.19
CA LEU F 506 -12.10 34.79 29.83
C LEU F 506 -12.57 34.71 31.27
N TRP F 507 -12.44 35.78 32.01
CA TRP F 507 -12.90 35.73 33.40
C TRP F 507 -14.41 35.66 33.59
N PRO F 508 -15.27 36.37 32.85
CA PRO F 508 -16.70 36.12 33.00
C PRO F 508 -17.14 34.73 32.61
N LYS F 509 -16.55 34.15 31.58
CA LYS F 509 -16.89 32.80 31.18
C LYS F 509 -16.47 31.78 32.24
N GLN F 510 -15.28 31.95 32.82
CA GLN F 510 -14.82 30.99 33.82
C GLN F 510 -15.54 31.17 35.15
N VAL F 511 -15.93 32.39 35.49
CA VAL F 511 -16.64 32.51 36.75
C VAL F 511 -18.10 32.11 36.58
N ARG F 512 -18.63 32.13 35.36
CA ARG F 512 -20.00 31.68 35.18
C ARG F 512 -20.10 30.18 35.23
N GLU F 513 -19.14 29.48 34.65
CA GLU F 513 -19.18 28.02 34.61
C GLU F 513 -18.82 27.38 35.92
N SER F 514 -18.50 28.13 36.95
CA SER F 514 -18.25 27.57 38.27
C SER F 514 -19.39 27.81 39.22
N GLY F 515 -20.41 28.55 38.83
CA GLY F 515 -21.48 28.83 39.75
C GLY F 515 -21.15 29.83 40.82
N MET F 516 -19.98 30.47 40.75
CA MET F 516 -19.56 31.45 41.74
C MET F 516 -19.77 32.86 41.26
N GLU F 517 -20.84 33.10 40.52
CA GLU F 517 -21.04 34.38 39.88
C GLU F 517 -21.63 35.38 40.85
N GLY F 518 -21.06 36.58 40.88
CA GLY F 518 -21.55 37.58 41.77
C GLY F 518 -21.14 37.42 43.20
N ARG F 519 -20.21 36.53 43.49
CA ARG F 519 -19.71 36.37 44.84
C ARG F 519 -18.22 36.16 44.90
N ILE F 520 -17.49 36.36 43.80
CA ILE F 520 -16.04 36.42 43.82
C ILE F 520 -15.62 37.32 42.67
N GLU F 521 -14.48 37.98 42.83
CA GLU F 521 -14.05 38.98 41.86
C GLU F 521 -12.55 39.12 41.94
N VAL F 522 -11.94 39.45 40.81
CA VAL F 522 -10.50 39.63 40.72
C VAL F 522 -10.23 41.04 40.19
N THR F 523 -9.13 41.64 40.63
CA THR F 523 -8.77 42.99 40.22
C THR F 523 -7.77 42.94 39.08
N ASP F 524 -7.49 44.11 38.51
CA ASP F 524 -6.65 44.15 37.31
C ASP F 524 -5.19 43.91 37.61
N ALA F 525 -4.71 44.39 38.76
CA ALA F 525 -3.34 44.09 39.17
C ALA F 525 -3.15 42.60 39.41
N ALA F 526 -4.19 41.92 39.88
CA ALA F 526 -4.09 40.49 40.09
C ALA F 526 -4.05 39.74 38.77
N ILE F 527 -4.80 40.19 37.78
CA ILE F 527 -4.75 39.58 36.44
C ILE F 527 -3.38 39.77 35.83
N LEU F 528 -2.78 40.93 36.06
CA LEU F 528 -1.45 41.17 35.55
C LEU F 528 -0.42 40.31 36.25
N ARG F 529 -0.61 40.04 37.54
CA ARG F 529 0.30 39.17 38.25
C ARG F 529 0.18 37.73 37.77
N VAL F 530 -1.03 37.28 37.48
CA VAL F 530 -1.23 35.94 36.91
C VAL F 530 -0.51 35.82 35.58
N ILE F 531 -0.66 36.82 34.72
CA ILE F 531 -0.03 36.78 33.39
C ILE F 531 1.49 36.80 33.51
N SER F 532 2.03 37.63 34.39
CA SER F 532 3.47 37.80 34.39
C SER F 532 4.20 36.71 35.17
N GLU F 533 3.61 36.17 36.23
CA GLU F 533 4.34 35.23 37.07
C GLU F 533 3.84 33.81 36.98
N TYR F 534 2.83 33.51 36.16
CA TYR F 534 2.37 32.14 36.12
C TYR F 534 2.22 31.59 34.71
N THR F 535 2.68 32.30 33.69
CA THR F 535 2.34 31.95 32.32
C THR F 535 3.47 32.38 31.39
N ARG F 536 3.90 31.50 30.50
CA ARG F 536 4.81 31.84 29.39
C ARG F 536 4.27 31.27 28.10
N GLU F 537 3.59 32.08 27.30
CA GLU F 537 3.03 31.59 26.07
C GLU F 537 2.68 32.77 25.19
N ALA F 538 2.47 32.47 23.92
CA ALA F 538 1.98 33.48 22.99
C ALA F 538 0.46 33.56 23.00
N GLY F 539 -0.23 32.43 22.98
CA GLY F 539 -1.68 32.42 23.00
C GLY F 539 -2.24 32.70 24.38
N VAL F 540 -3.54 32.49 24.52
CA VAL F 540 -4.19 32.71 25.79
C VAL F 540 -4.88 31.47 26.31
N ARG F 541 -4.51 30.31 25.79
CA ARG F 541 -5.22 29.12 26.20
C ARG F 541 -4.75 28.64 27.56
N GLY F 542 -3.54 28.98 27.94
CA GLY F 542 -3.06 28.68 29.28
C GLY F 542 -3.43 29.67 30.33
N LEU F 543 -3.87 30.86 29.95
CA LEU F 543 -4.29 31.85 30.92
C LEU F 543 -5.64 31.50 31.50
N GLU F 544 -6.53 30.97 30.68
CA GLU F 544 -7.84 30.66 31.22
C GLU F 544 -7.83 29.43 32.08
N ARG F 545 -6.79 28.60 32.01
CA ARG F 545 -6.68 27.53 32.98
C ARG F 545 -6.33 28.05 34.36
N GLU F 546 -5.55 29.13 34.44
CA GLU F 546 -5.31 29.79 35.73
C GLU F 546 -6.57 30.46 36.25
N LEU F 547 -7.34 31.11 35.37
CA LEU F 547 -8.58 31.74 35.84
C LEU F 547 -9.57 30.70 36.34
N GLY F 548 -9.68 29.58 35.64
CA GLY F 548 -10.57 28.53 36.11
C GLY F 548 -10.09 27.87 37.37
N LYS F 549 -8.79 27.85 37.61
CA LYS F 549 -8.29 27.33 38.87
C LYS F 549 -8.68 28.22 40.03
N ILE F 550 -8.62 29.53 39.83
CA ILE F 550 -9.07 30.46 40.86
C ILE F 550 -10.55 30.29 41.14
N ALA F 551 -11.36 30.07 40.11
CA ALA F 551 -12.79 29.92 40.33
C ALA F 551 -13.15 28.59 41.00
N ARG F 552 -12.47 27.51 40.63
CA ARG F 552 -12.63 26.23 41.34
C ARG F 552 -12.32 26.34 42.81
N LYS F 553 -11.21 26.97 43.15
CA LYS F 553 -10.88 27.04 44.56
C LYS F 553 -11.81 27.99 45.30
N GLY F 554 -12.37 28.97 44.62
CA GLY F 554 -13.45 29.74 45.20
C GLY F 554 -14.66 28.89 45.52
N ALA F 555 -14.99 27.94 44.65
CA ALA F 555 -16.13 27.06 44.91
C ALA F 555 -15.87 26.14 46.09
N LYS F 556 -14.65 25.64 46.21
CA LYS F 556 -14.28 24.80 47.34
C LYS F 556 -14.35 25.54 48.66
N PHE F 557 -13.82 26.78 48.69
CA PHE F 557 -13.93 27.61 49.88
C PHE F 557 -15.36 27.99 50.19
N TRP F 558 -16.21 28.11 49.18
CA TRP F 558 -17.62 28.40 49.45
C TRP F 558 -18.30 27.22 50.13
N LEU F 559 -18.05 26.02 49.63
CA LEU F 559 -18.71 24.88 50.26
C LEU F 559 -18.18 24.59 51.65
N GLU F 560 -16.95 24.99 51.97
CA GLU F 560 -16.53 24.84 53.35
C GLU F 560 -17.25 25.83 54.26
N GLY F 561 -17.02 27.12 54.06
CA GLY F 561 -17.76 28.11 54.82
C GLY F 561 -18.14 29.34 54.03
N ALA F 562 -19.43 29.63 53.94
CA ALA F 562 -19.90 30.72 53.09
C ALA F 562 -19.59 32.08 53.70
N TRP F 563 -19.40 33.06 52.84
CA TRP F 563 -19.22 34.44 53.26
C TRP F 563 -20.38 35.28 52.77
N GLU F 564 -20.30 36.56 53.06
CA GLU F 564 -21.38 37.48 52.76
C GLU F 564 -20.89 38.56 51.82
N GLY F 565 -21.58 38.73 50.70
CA GLY F 565 -21.22 39.78 49.77
C GLY F 565 -20.28 39.32 48.69
N LEU F 566 -19.30 40.15 48.37
CA LEU F 566 -18.42 39.95 47.24
C LEU F 566 -16.98 39.96 47.73
N ARG F 567 -16.32 38.81 47.64
CA ARG F 567 -14.91 38.69 47.98
C ARG F 567 -14.07 39.10 46.78
N THR F 568 -13.18 40.06 46.96
CA THR F 568 -12.27 40.43 45.90
C THR F 568 -10.89 39.85 46.16
N ILE F 569 -10.20 39.54 45.08
CA ILE F 569 -8.89 38.90 45.14
C ILE F 569 -7.90 39.91 44.61
N ASP F 570 -7.17 40.56 45.50
CA ASP F 570 -6.16 41.52 45.09
C ASP F 570 -4.85 40.77 44.89
N ALA F 571 -3.81 41.47 44.46
CA ALA F 571 -2.64 40.82 43.89
C ALA F 571 -1.79 40.14 44.96
N SER F 572 -2.01 40.45 46.22
CA SER F 572 -1.30 39.73 47.27
C SER F 572 -1.99 38.46 47.67
N ASP F 573 -3.20 38.23 47.19
CA ASP F 573 -3.96 37.03 47.53
C ASP F 573 -3.80 35.92 46.52
N ILE F 574 -3.09 36.15 45.43
CA ILE F 574 -2.95 35.17 44.37
C ILE F 574 -2.20 33.90 44.80
N PRO F 575 -1.12 33.91 45.59
CA PRO F 575 -0.53 32.63 45.97
C PRO F 575 -1.34 31.80 46.93
N THR F 576 -2.43 32.33 47.51
CA THR F 576 -3.38 31.50 48.23
C THR F 576 -4.10 30.57 47.26
N TYR F 577 -4.33 31.02 46.05
CA TYR F 577 -5.10 30.27 45.07
C TYR F 577 -4.24 29.52 44.09
N LEU F 578 -3.09 30.03 43.70
CA LEU F 578 -2.33 29.39 42.66
C LEU F 578 -1.03 28.76 43.12
N GLY F 579 -0.60 28.99 44.36
CA GLY F 579 0.62 28.38 44.82
C GLY F 579 1.83 29.25 44.62
N ILE F 580 2.98 28.61 44.57
CA ILE F 580 4.27 29.31 44.46
C ILE F 580 4.40 29.88 43.05
N PRO F 581 4.92 31.09 42.88
CA PRO F 581 5.17 31.61 41.54
C PRO F 581 6.14 30.76 40.74
N ARG F 582 5.87 30.62 39.45
CA ARG F 582 6.73 29.81 38.61
C ARG F 582 7.86 30.60 37.98
N TYR F 583 7.66 31.87 37.70
CA TYR F 583 8.63 32.65 36.97
C TYR F 583 8.93 33.90 37.78
N ARG F 584 10.19 34.19 37.96
CA ARG F 584 10.40 35.40 38.74
C ARG F 584 10.39 36.61 37.83
N PRO F 585 9.79 37.71 38.25
CA PRO F 585 9.73 38.89 37.40
C PRO F 585 11.07 39.59 37.32
N ASP F 586 11.16 40.49 36.36
CA ASP F 586 12.37 41.29 36.19
C ASP F 586 12.33 42.50 37.11
N LYS F 587 13.48 42.80 37.71
CA LYS F 587 13.61 43.98 38.54
C LYS F 587 14.58 44.95 37.89
N ALA F 588 14.20 46.21 37.83
CA ALA F 588 15.16 47.23 37.51
C ALA F 588 16.02 47.51 38.73
N GLU F 589 17.11 48.21 38.53
CA GLU F 589 17.96 48.59 39.64
C GLU F 589 17.96 50.11 39.79
N THR F 590 18.51 50.53 40.91
CA THR F 590 18.88 51.90 41.18
C THR F 590 20.39 51.87 41.35
N GLU F 591 20.97 52.97 41.83
CA GLU F 591 22.31 52.98 42.38
C GLU F 591 23.40 52.59 41.40
N PRO F 592 23.89 53.55 40.58
CA PRO F 592 24.95 53.28 39.58
C PRO F 592 26.08 52.36 39.98
N GLN F 593 26.34 51.35 39.17
CA GLN F 593 27.33 50.32 39.42
C GLN F 593 28.54 50.58 38.56
N VAL F 594 29.68 50.02 38.93
CA VAL F 594 30.86 50.07 38.10
C VAL F 594 31.00 48.75 37.38
N GLY F 595 30.98 48.78 36.06
CA GLY F 595 31.16 47.59 35.29
C GLY F 595 29.89 46.88 34.92
N THR F 596 28.76 47.56 34.90
CA THR F 596 27.49 46.91 34.67
C THR F 596 26.64 47.81 33.80
N ALA F 597 25.88 47.22 32.89
CA ALA F 597 24.95 47.95 32.07
C ALA F 597 23.72 47.09 31.84
N GLN F 598 22.64 47.73 31.42
CA GLN F 598 21.31 47.15 31.38
C GLN F 598 20.85 46.99 29.95
N GLY F 599 20.73 45.75 29.47
CA GLY F 599 20.34 45.49 28.11
C GLY F 599 18.94 44.92 28.02
N LEU F 600 18.56 44.57 26.80
CA LEU F 600 17.21 44.14 26.50
C LEU F 600 17.28 42.99 25.52
N ALA F 601 16.40 42.00 25.66
CA ALA F 601 16.44 40.80 24.85
C ALA F 601 15.08 40.48 24.29
N TRP F 602 15.03 39.54 23.36
CA TRP F 602 13.84 39.24 22.59
C TRP F 602 13.59 37.74 22.61
N THR F 603 12.43 37.33 23.05
CA THR F 603 12.04 35.92 22.95
C THR F 603 10.82 35.88 22.04
N PRO F 604 10.35 34.71 21.59
CA PRO F 604 9.08 34.69 20.86
C PRO F 604 7.87 34.89 21.74
N VAL F 605 8.01 34.93 23.06
CA VAL F 605 6.88 35.13 23.95
C VAL F 605 6.98 36.43 24.73
N GLY F 606 7.85 37.34 24.33
CA GLY F 606 7.99 38.62 24.97
C GLY F 606 9.45 38.99 25.05
N GLY F 607 9.76 40.01 25.84
CA GLY F 607 11.12 40.44 26.02
C GLY F 607 11.50 40.43 27.48
N THR F 608 12.80 40.41 27.73
CA THR F 608 13.35 40.35 29.08
C THR F 608 14.41 41.42 29.25
N LEU F 609 14.79 41.67 30.50
CA LEU F 609 15.95 42.48 30.81
C LEU F 609 17.14 41.56 31.02
N LEU F 610 18.30 41.98 30.57
CA LEU F 610 19.53 41.26 30.82
C LEU F 610 20.64 42.23 31.15
N THR F 611 21.31 42.02 32.27
CA THR F 611 22.44 42.85 32.58
C THR F 611 23.71 42.22 32.07
N ILE F 612 24.72 43.06 31.89
CA ILE F 612 26.03 42.63 31.44
C ILE F 612 27.04 43.12 32.45
N GLU F 613 27.81 42.18 33.01
CA GLU F 613 28.83 42.53 34.05
C GLU F 613 30.23 42.30 33.50
N VAL F 614 31.08 43.33 33.49
CA VAL F 614 32.48 43.20 33.00
C VAL F 614 33.44 43.54 34.15
N ALA F 615 34.45 42.70 34.39
CA ALA F 615 35.45 42.96 35.47
C ALA F 615 36.83 43.21 34.85
N ALA F 616 37.67 43.99 35.54
CA ALA F 616 39.01 44.27 35.05
C ALA F 616 40.01 44.06 36.16
N VAL F 617 40.89 43.10 35.97
CA VAL F 617 41.83 42.65 36.98
C VAL F 617 43.22 42.77 36.39
N PRO F 618 44.28 42.78 37.20
CA PRO F 618 45.61 42.76 36.62
C PRO F 618 45.88 41.48 35.87
N GLY F 619 46.72 41.56 34.85
CA GLY F 619 46.90 40.41 33.99
C GLY F 619 47.76 40.70 32.80
N SER F 620 47.63 39.92 31.74
CA SER F 620 48.51 40.05 30.59
C SER F 620 47.78 40.36 29.30
N GLY F 621 46.47 40.57 29.34
CA GLY F 621 45.70 40.95 28.19
C GLY F 621 45.02 39.74 27.63
N LYS F 622 43.80 39.49 28.08
CA LYS F 622 43.02 38.35 27.65
C LYS F 622 41.57 38.78 27.65
N LEU F 623 40.72 37.91 27.17
CA LEU F 623 39.32 38.27 27.04
C LEU F 623 38.52 36.99 27.18
N SER F 624 37.90 36.80 28.33
CA SER F 624 37.04 35.66 28.59
C SER F 624 35.60 36.11 28.47
N LEU F 625 34.78 35.31 27.81
CA LEU F 625 33.44 35.68 27.44
C LEU F 625 32.55 34.53 27.88
N THR F 626 32.04 34.57 29.11
CA THR F 626 31.27 33.46 29.63
C THR F 626 29.80 33.84 29.74
N GLY F 627 28.97 32.84 29.89
CA GLY F 627 27.55 33.08 30.01
C GLY F 627 26.77 32.43 28.89
N GLN F 628 27.37 31.41 28.28
CA GLN F 628 26.82 30.66 27.14
C GLN F 628 26.56 31.54 25.92
N LEU F 629 27.57 32.31 25.53
CA LEU F 629 27.40 33.26 24.45
C LEU F 629 27.64 32.63 23.10
N GLY F 630 26.84 33.03 22.12
CA GLY F 630 27.03 32.59 20.76
C GLY F 630 28.19 33.28 20.07
N GLU F 631 28.34 32.99 18.80
CA GLU F 631 29.57 33.42 18.12
C GLU F 631 29.45 34.85 17.60
N VAL F 632 28.25 35.23 17.16
CA VAL F 632 27.97 36.61 16.77
C VAL F 632 28.14 37.54 17.96
N MET F 633 27.79 37.08 19.15
CA MET F 633 27.89 37.93 20.31
C MET F 633 29.33 38.09 20.77
N LYS F 634 30.15 37.06 20.58
CA LYS F 634 31.57 37.19 20.88
C LYS F 634 32.24 38.15 19.92
N GLU F 635 31.83 38.14 18.65
CA GLU F 635 32.41 39.07 17.71
C GLU F 635 31.99 40.50 17.99
N SER F 636 30.78 40.72 18.48
CA SER F 636 30.40 42.08 18.82
C SER F 636 31.15 42.60 20.05
N ALA F 637 31.47 41.70 20.98
CA ALA F 637 32.31 42.10 22.11
C ALA F 637 33.71 42.50 21.66
N GLN F 638 34.29 41.76 20.73
CA GLN F 638 35.63 42.11 20.26
C GLN F 638 35.62 43.39 19.45
N ALA F 639 34.54 43.66 18.71
CA ALA F 639 34.45 44.91 17.98
C ALA F 639 34.37 46.10 18.92
N ALA F 640 33.62 46.00 20.00
CA ALA F 640 33.57 47.08 20.97
C ALA F 640 34.91 47.29 21.66
N LEU F 641 35.63 46.21 21.93
CA LEU F 641 36.94 46.38 22.56
C LEU F 641 37.96 47.01 21.63
N THR F 642 37.89 46.72 20.34
CA THR F 642 38.81 47.36 19.40
C THR F 642 38.51 48.84 19.25
N TYR F 643 37.22 49.20 19.24
CA TYR F 643 36.85 50.62 19.23
C TYR F 643 37.39 51.35 20.44
N LEU F 644 37.35 50.72 21.62
CA LEU F 644 37.87 51.43 22.77
C LEU F 644 39.38 51.47 22.79
N ARG F 645 40.06 50.47 22.21
CA ARG F 645 41.51 50.55 22.13
C ARG F 645 41.97 51.59 21.15
N ALA F 646 41.14 51.95 20.18
CA ALA F 646 41.54 52.98 19.23
C ALA F 646 41.46 54.38 19.83
N HIS F 647 40.45 54.64 20.64
CA HIS F 647 40.21 55.97 21.19
C HIS F 647 40.41 55.88 22.69
N THR F 648 41.65 55.91 23.12
CA THR F 648 41.93 55.57 24.50
C THR F 648 42.06 56.78 25.39
N GLN F 649 42.18 57.97 24.83
CA GLN F 649 42.34 59.16 25.63
C GLN F 649 41.13 60.07 25.59
N ASP F 650 40.15 59.75 24.75
CA ASP F 650 38.90 60.48 24.78
C ASP F 650 38.15 60.22 26.06
N TYR F 651 38.18 58.99 26.56
CA TYR F 651 37.29 58.58 27.62
C TYR F 651 38.01 58.40 28.95
N GLY F 652 39.32 58.58 29.00
CA GLY F 652 40.02 58.46 30.24
C GLY F 652 40.44 57.06 30.60
N LEU F 653 40.56 56.19 29.61
CA LEU F 653 41.01 54.84 29.84
C LEU F 653 42.51 54.84 30.08
N PRO F 654 43.06 53.81 30.72
CA PRO F 654 44.50 53.75 30.91
C PRO F 654 45.22 53.59 29.59
N GLU F 655 46.48 54.04 29.58
CA GLU F 655 47.18 54.20 28.31
C GLU F 655 47.59 52.87 27.70
N ASP F 656 47.94 51.89 28.51
CA ASP F 656 48.18 50.55 28.00
C ASP F 656 47.41 49.53 28.84
N PHE F 657 46.14 49.37 28.54
CA PHE F 657 45.44 48.27 29.14
C PHE F 657 45.49 47.04 28.28
N TYR F 658 46.09 47.12 27.11
CA TYR F 658 45.98 45.99 26.20
C TYR F 658 46.93 44.87 26.56
N ASN F 659 47.91 45.10 27.42
CA ASN F 659 48.75 44.01 27.87
C ASN F 659 49.03 44.09 29.37
N LYS F 660 48.19 44.76 30.12
CA LYS F 660 48.34 44.82 31.55
C LYS F 660 47.07 44.47 32.30
N VAL F 661 45.97 44.21 31.60
CA VAL F 661 44.67 44.05 32.20
C VAL F 661 43.99 42.87 31.54
N ASP F 662 43.39 41.99 32.33
CA ASP F 662 42.50 40.96 31.82
C ASP F 662 41.06 41.41 31.98
N LEU F 663 40.23 41.07 31.00
CA LEU F 663 38.82 41.40 31.01
C LEU F 663 38.01 40.12 31.05
N HIS F 664 36.89 40.16 31.74
CA HIS F 664 36.00 39.03 31.81
C HIS F 664 34.60 39.55 31.60
N VAL F 665 34.00 39.26 30.47
CA VAL F 665 32.65 39.70 30.18
C VAL F 665 31.72 38.54 30.52
N HIS F 666 30.80 38.77 31.43
CA HIS F 666 29.92 37.71 31.91
C HIS F 666 28.49 38.18 31.82
N VAL F 667 27.60 37.35 31.30
CA VAL F 667 26.21 37.71 31.13
C VAL F 667 25.37 36.71 31.91
N PRO F 668 24.89 37.09 33.09
CA PRO F 668 24.07 36.17 33.88
C PRO F 668 22.71 35.97 33.23
N ASP F 669 22.17 34.76 33.34
CA ASP F 669 22.73 33.64 34.08
C ASP F 669 23.37 32.60 33.18
N GLY F 670 24.08 31.66 33.77
CA GLY F 670 24.48 30.48 33.04
C GLY F 670 23.29 29.62 32.74
N ALA F 671 23.53 28.62 31.90
CA ALA F 671 22.57 27.61 31.45
C ALA F 671 21.40 28.18 30.67
N THR F 672 21.53 29.39 30.13
CA THR F 672 20.58 29.88 29.14
C THR F 672 21.38 30.42 27.97
N PRO F 673 21.31 29.72 26.80
CA PRO F 673 22.00 30.21 25.63
C PRO F 673 21.57 31.62 25.20
N LYS F 674 22.53 32.52 24.99
CA LYS F 674 22.26 33.89 24.54
C LYS F 674 23.06 34.14 23.28
N ASP F 675 22.47 34.76 22.26
CA ASP F 675 23.22 35.10 21.02
C ASP F 675 22.60 36.30 20.33
N GLY F 676 23.30 36.93 19.41
CA GLY F 676 22.73 38.04 18.63
C GLY F 676 23.64 39.23 18.56
N PRO F 677 23.42 40.16 17.63
CA PRO F 677 24.24 41.33 17.61
C PRO F 677 23.78 42.64 18.24
N SER F 678 22.67 42.67 18.99
CA SER F 678 22.11 43.96 19.39
C SER F 678 22.74 44.45 20.66
N ALA F 679 23.64 43.65 21.19
CA ALA F 679 24.25 43.89 22.49
C ALA F 679 25.50 44.71 22.41
N GLY F 680 25.73 45.56 21.38
CA GLY F 680 27.05 46.11 21.19
C GLY F 680 27.32 47.33 22.02
N ILE F 681 26.39 48.27 22.07
CA ILE F 681 26.66 49.47 22.85
C ILE F 681 26.52 49.22 24.34
N THR F 682 25.80 48.17 24.72
CA THR F 682 25.76 47.77 26.12
C THR F 682 27.11 47.25 26.58
N MET F 683 27.74 46.42 25.75
CA MET F 683 29.08 45.95 26.06
C MET F 683 30.09 47.07 26.02
N ALA F 684 29.93 48.02 25.12
CA ALA F 684 30.87 49.15 25.09
C ALA F 684 30.76 50.00 26.35
N THR F 685 29.54 50.19 26.86
CA THR F 685 29.36 50.95 28.09
C THR F 685 29.96 50.22 29.28
N ALA F 686 29.67 48.93 29.38
CA ALA F 686 30.16 48.15 30.51
C ALA F 686 31.67 48.07 30.52
N ILE F 687 32.29 47.84 29.37
CA ILE F 687 33.74 47.76 29.30
C ILE F 687 34.39 49.11 29.59
N ALA F 688 33.79 50.20 29.12
CA ALA F 688 34.37 51.50 29.40
C ALA F 688 34.27 51.88 30.88
N SER F 689 33.17 51.50 31.53
CA SER F 689 33.07 51.78 32.94
C SER F 689 33.98 50.89 33.76
N ALA F 690 34.27 49.69 33.28
CA ALA F 690 35.19 48.86 34.03
C ALA F 690 36.61 49.37 33.92
N LEU F 691 37.00 49.85 32.77
CA LEU F 691 38.37 50.32 32.62
C LEU F 691 38.59 51.70 33.21
N SER F 692 37.58 52.55 33.27
CA SER F 692 37.81 53.92 33.68
C SER F 692 37.33 54.21 35.09
N ARG F 693 36.71 53.25 35.76
CA ARG F 693 36.26 53.31 37.15
C ARG F 693 35.17 54.35 37.38
N ARG F 694 34.50 54.77 36.38
CA ARG F 694 33.37 55.67 36.40
C ARG F 694 32.10 54.85 36.39
N PRO F 695 31.20 55.01 37.33
CA PRO F 695 30.02 54.13 37.37
C PRO F 695 29.06 54.43 36.24
N ALA F 696 28.20 53.48 35.97
CA ALA F 696 27.26 53.58 34.87
C ALA F 696 25.85 53.64 35.42
N ARG F 697 25.01 54.47 34.83
CA ARG F 697 23.64 54.60 35.29
C ARG F 697 22.84 53.36 34.94
N MET F 698 22.06 52.87 35.89
CA MET F 698 21.33 51.63 35.69
C MET F 698 19.86 51.85 35.44
N ASP F 699 19.39 53.09 35.45
CA ASP F 699 18.00 53.35 35.13
C ASP F 699 17.79 53.76 33.69
N ILE F 700 18.75 53.45 32.82
CA ILE F 700 18.62 53.67 31.39
C ILE F 700 18.88 52.34 30.71
N ALA F 701 17.93 51.86 29.95
CA ALA F 701 18.11 50.63 29.19
C ALA F 701 18.49 51.00 27.77
N MET F 702 19.20 50.12 27.09
CA MET F 702 19.74 50.48 25.80
C MET F 702 19.98 49.25 24.95
N THR F 703 20.16 49.48 23.66
CA THR F 703 20.26 48.42 22.67
C THR F 703 20.76 49.01 21.37
N GLY F 704 21.52 48.25 20.62
CA GLY F 704 22.03 48.73 19.35
C GLY F 704 23.31 48.04 18.97
N GLU F 705 23.45 47.77 17.67
CA GLU F 705 24.63 47.15 17.11
C GLU F 705 25.74 48.17 16.91
N VAL F 706 26.99 47.74 17.01
CA VAL F 706 28.13 48.65 16.95
C VAL F 706 29.07 48.20 15.83
N SER F 707 29.87 49.13 15.30
CA SER F 707 30.91 48.83 14.32
C SER F 707 32.23 49.44 14.77
N LEU F 708 33.29 49.19 14.01
CA LEU F 708 34.62 49.62 14.42
C LEU F 708 34.82 51.11 14.31
N ARG F 709 34.08 51.78 13.45
CA ARG F 709 34.16 53.24 13.43
C ARG F 709 33.37 53.88 14.55
N GLY F 710 32.64 53.10 15.33
CA GLY F 710 31.81 53.65 16.36
C GLY F 710 30.46 54.06 15.90
N LYS F 711 29.94 53.44 14.85
CA LYS F 711 28.62 53.74 14.35
C LYS F 711 27.63 52.81 14.98
N VAL F 712 26.42 53.30 15.21
CA VAL F 712 25.35 52.50 15.79
C VAL F 712 24.39 52.14 14.68
N MET F 713 24.07 50.87 14.56
CA MET F 713 23.33 50.33 13.44
C MET F 713 22.00 49.78 13.91
N PRO F 714 20.98 49.76 13.07
CA PRO F 714 19.64 49.41 13.55
C PRO F 714 19.49 47.96 13.94
N ILE F 715 18.46 47.68 14.74
CA ILE F 715 18.22 46.39 15.36
C ILE F 715 16.83 45.91 14.99
N GLY F 716 16.45 44.79 15.57
CA GLY F 716 15.15 44.19 15.29
C GLY F 716 14.39 43.87 16.55
N GLY F 717 13.08 43.83 16.42
CA GLY F 717 12.21 43.47 17.50
C GLY F 717 12.08 44.51 18.58
N VAL F 718 11.87 45.78 18.22
CA VAL F 718 12.02 46.81 19.24
C VAL F 718 10.78 46.98 20.11
N LYS F 719 9.62 46.52 19.67
CA LYS F 719 8.47 46.79 20.52
C LYS F 719 8.40 45.86 21.70
N GLU F 720 8.91 44.63 21.57
CA GLU F 720 8.94 43.73 22.70
C GLU F 720 9.94 44.21 23.73
N LYS F 721 11.06 44.75 23.26
CA LYS F 721 12.06 45.27 24.14
C LYS F 721 11.57 46.50 24.87
N LEU F 722 10.85 47.38 24.18
CA LEU F 722 10.40 48.58 24.88
C LEU F 722 9.22 48.32 25.81
N LEU F 723 8.37 47.33 25.49
CA LEU F 723 7.32 46.98 26.44
C LEU F 723 7.90 46.32 27.68
N ALA F 724 8.92 45.48 27.51
CA ALA F 724 9.54 44.87 28.67
C ALA F 724 10.30 45.87 29.50
N ALA F 725 10.85 46.91 28.89
CA ALA F 725 11.47 47.94 29.69
C ALA F 725 10.44 48.77 30.42
N HIS F 726 9.26 48.94 29.83
CA HIS F 726 8.24 49.75 30.47
C HIS F 726 7.61 49.04 31.65
N GLN F 727 7.43 47.72 31.58
CA GLN F 727 6.81 47.02 32.69
C GLN F 727 7.72 46.95 33.90
N ALA F 728 9.01 46.90 33.69
CA ALA F 728 9.92 46.80 34.81
C ALA F 728 10.23 48.13 35.44
N GLY F 729 9.70 49.23 34.93
CA GLY F 729 9.86 50.50 35.58
C GLY F 729 11.01 51.34 35.11
N ILE F 730 11.52 51.12 33.91
CA ILE F 730 12.58 51.93 33.34
C ILE F 730 11.95 52.89 32.35
N HIS F 731 12.19 54.18 32.53
CA HIS F 731 11.54 55.18 31.72
C HIS F 731 12.46 55.94 30.79
N LYS F 732 13.70 55.48 30.61
CA LYS F 732 14.64 56.12 29.72
C LYS F 732 15.25 55.06 28.83
N ILE F 733 15.27 55.29 27.53
CA ILE F 733 15.71 54.32 26.55
C ILE F 733 16.78 54.98 25.70
N VAL F 734 17.76 54.20 25.22
CA VAL F 734 18.71 54.65 24.23
C VAL F 734 18.61 53.72 23.03
N LEU F 735 18.53 54.28 21.83
CA LEU F 735 18.09 53.51 20.67
C LEU F 735 18.80 54.05 19.43
N PRO F 736 19.03 53.23 18.41
CA PRO F 736 19.58 53.74 17.17
C PRO F 736 18.61 54.63 16.45
N LYS F 737 19.15 55.63 15.75
CA LYS F 737 18.30 56.60 15.09
C LYS F 737 17.56 55.98 13.91
N ASP F 738 18.12 54.94 13.32
CA ASP F 738 17.46 54.29 12.19
C ASP F 738 16.25 53.46 12.59
N ASN F 739 16.06 53.17 13.86
CA ASN F 739 14.83 52.53 14.30
C ASN F 739 13.78 53.51 14.75
N GLU F 740 13.79 54.73 14.24
CA GLU F 740 12.76 55.68 14.63
C GLU F 740 11.43 55.31 14.00
N ALA F 741 11.45 54.69 12.83
CA ALA F 741 10.23 54.33 12.15
C ALA F 741 9.51 53.17 12.81
N GLN F 742 10.20 52.41 13.64
CA GLN F 742 9.59 51.26 14.26
C GLN F 742 8.76 51.64 15.47
N LEU F 743 8.90 52.86 15.95
CA LEU F 743 8.27 53.31 17.18
C LEU F 743 6.78 53.57 17.04
N GLU F 744 6.23 53.48 15.85
CA GLU F 744 4.81 53.70 15.69
C GLU F 744 3.99 52.49 16.05
N GLU F 745 4.61 51.38 16.42
CA GLU F 745 3.92 50.19 16.85
C GLU F 745 3.60 50.22 18.34
N LEU F 746 4.01 51.14 19.01
CA LEU F 746 3.68 51.18 20.41
C LEU F 746 2.33 51.83 20.63
N PRO F 747 1.57 51.37 21.62
CA PRO F 747 0.40 52.11 22.05
C PRO F 747 0.80 53.43 22.67
N LYS F 748 -0.02 54.45 22.44
CA LYS F 748 0.34 55.82 22.83
C LYS F 748 -0.01 56.08 24.30
N GLU F 749 0.43 55.19 25.16
CA GLU F 749 0.64 55.52 26.56
C GLU F 749 1.91 54.91 27.10
N VAL F 750 2.41 53.83 26.51
CA VAL F 750 3.80 53.46 26.70
C VAL F 750 4.68 54.54 26.14
N LEU F 751 4.36 55.00 24.94
CA LEU F 751 5.21 55.92 24.21
C LEU F 751 5.22 57.31 24.83
N GLU F 752 4.25 57.63 25.67
CA GLU F 752 4.29 58.90 26.39
C GLU F 752 4.99 58.79 27.72
N GLY F 753 5.29 57.60 28.19
CA GLY F 753 5.94 57.44 29.47
C GLY F 753 7.44 57.24 29.33
N LEU F 754 7.91 57.06 28.10
CA LEU F 754 9.30 56.79 27.83
C LEU F 754 9.98 58.06 27.33
N GLU F 755 11.29 58.15 27.56
CA GLU F 755 12.11 59.23 27.04
C GLU F 755 13.13 58.63 26.09
N ILE F 756 12.80 58.55 24.82
CA ILE F 756 13.67 57.91 23.86
C ILE F 756 14.79 58.87 23.50
N LYS F 757 16.02 58.38 23.47
CA LYS F 757 17.14 59.15 22.98
C LYS F 757 17.75 58.42 21.79
N LEU F 758 17.82 59.10 20.65
CA LEU F 758 18.22 58.48 19.40
C LEU F 758 19.64 58.89 19.07
N VAL F 759 20.50 57.90 18.86
CA VAL F 759 21.92 58.15 18.69
C VAL F 759 22.38 57.64 17.34
N GLU F 760 23.58 58.08 16.96
CA GLU F 760 24.26 57.60 15.77
C GLU F 760 25.73 57.28 16.01
N ASP F 761 26.24 57.52 17.20
CA ASP F 761 27.65 57.40 17.51
C ASP F 761 27.75 56.83 18.90
N VAL F 762 28.83 56.11 19.17
CA VAL F 762 29.01 55.51 20.48
C VAL F 762 29.40 56.56 21.49
N GLY F 763 30.03 57.64 21.04
CA GLY F 763 30.46 58.68 21.95
C GLY F 763 29.31 59.39 22.63
N GLU F 764 28.18 59.50 21.96
CA GLU F 764 27.00 60.08 22.58
C GLU F 764 26.48 59.19 23.69
N VAL F 765 26.51 57.88 23.49
CA VAL F 765 26.07 56.95 24.52
C VAL F 765 26.99 56.98 25.72
N LEU F 766 28.30 56.98 25.49
CA LEU F 766 29.23 57.04 26.61
C LEU F 766 29.21 58.39 27.31
N GLU F 767 28.80 59.45 26.63
CA GLU F 767 28.60 60.70 27.33
C GLU F 767 27.35 60.65 28.19
N TYR F 768 26.31 60.01 27.71
CA TYR F 768 25.03 60.06 28.40
C TYR F 768 24.96 59.10 29.56
N LEU F 769 25.73 58.00 29.57
CA LEU F 769 25.57 57.03 30.64
C LEU F 769 26.58 57.11 31.76
N LEU F 770 27.83 57.40 31.50
CA LEU F 770 28.82 57.31 32.56
C LEU F 770 28.79 58.55 33.44
N LEU F 771 28.87 58.35 34.75
CA LEU F 771 28.99 59.48 35.66
C LEU F 771 30.36 60.13 35.51
N PRO F 772 30.46 61.45 35.74
CA PRO F 772 31.66 62.18 35.31
C PRO F 772 32.92 61.89 36.09
N GLU F 773 32.84 61.34 37.29
CA GLU F 773 34.06 61.23 38.08
C GLU F 773 34.23 59.81 38.58
N PRO F 774 35.48 59.36 38.73
CA PRO F 774 35.71 57.98 39.15
C PRO F 774 35.52 57.80 40.65
N THR F 775 35.23 56.55 41.02
CA THR F 775 34.99 56.19 42.41
C THR F 775 36.05 55.22 42.94
N MET F 776 36.23 54.06 42.31
CA MET F 776 37.18 53.08 42.82
C MET F 776 38.59 53.46 42.40
N PRO F 777 39.61 53.00 43.13
CA PRO F 777 40.99 53.22 42.68
C PRO F 777 41.28 52.40 41.43
N PRO F 778 41.88 53.02 40.42
CA PRO F 778 42.04 52.33 39.14
C PRO F 778 43.14 51.30 39.20
N VAL F 779 42.89 50.15 38.58
CA VAL F 779 43.93 49.14 38.40
C VAL F 779 44.98 49.66 37.43
N VAL F 780 46.24 49.54 37.82
CA VAL F 780 47.33 49.92 36.94
C VAL F 780 47.46 48.88 35.84
N UNK G 1 -41.13 -19.54 -17.92
CA UNK G 1 -40.58 -19.83 -16.60
C UNK G 1 -39.37 -18.97 -16.25
N UNK G 2 -39.63 -17.91 -15.48
CA UNK G 2 -38.69 -16.93 -14.96
C UNK G 2 -37.24 -16.99 -15.35
N UNK G 3 -36.83 -16.09 -16.22
CA UNK G 3 -35.46 -15.98 -16.66
C UNK G 3 -34.66 -14.99 -15.76
N UNK G 4 -33.33 -14.94 -15.91
CA UNK G 4 -32.47 -14.08 -15.07
C UNK G 4 -31.91 -12.92 -15.88
N UNK G 5 -30.97 -12.17 -15.29
CA UNK G 5 -30.37 -11.04 -16.00
C UNK G 5 -28.89 -10.92 -15.71
N UNK G 6 -28.51 -9.92 -14.92
CA UNK G 6 -27.11 -9.71 -14.57
C UNK G 6 -26.94 -9.42 -13.09
N UNK G 7 -25.83 -9.86 -12.52
CA UNK G 7 -25.54 -9.65 -11.10
C UNK G 7 -24.05 -9.44 -10.87
N UNK G 8 -23.63 -8.18 -10.86
CA UNK G 8 -22.23 -7.84 -10.65
C UNK G 8 -22.08 -6.75 -9.60
N UNK G 9 -21.33 -7.05 -8.54
CA UNK G 9 -21.10 -6.09 -7.45
C UNK G 9 -19.64 -5.65 -7.36
N UNK G 10 -19.29 -4.46 -7.88
CA UNK G 10 -17.95 -3.93 -7.74
C UNK G 10 -17.81 -3.42 -6.32
N UNK G 11 -16.68 -3.67 -5.69
CA UNK G 11 -16.52 -3.42 -4.27
C UNK G 11 -15.11 -2.98 -3.99
N UNK G 12 -14.96 -1.79 -3.42
CA UNK G 12 -13.63 -1.26 -3.14
C UNK G 12 -13.11 -1.85 -1.85
N UNK G 13 -11.80 -1.93 -1.72
CA UNK G 13 -11.17 -2.57 -0.59
C UNK G 13 -9.85 -1.90 -0.31
N UNK G 14 -9.49 -1.78 0.96
CA UNK G 14 -8.29 -1.06 1.35
C UNK G 14 -7.15 -2.04 1.56
N UNK G 15 -5.93 -1.58 1.31
CA UNK G 15 -4.77 -2.44 1.38
C UNK G 15 -3.60 -1.60 1.85
N UNK G 16 -2.68 -2.22 2.56
CA UNK G 16 -1.51 -1.53 3.06
C UNK G 16 -0.31 -1.83 2.17
N UNK G 17 0.67 -0.95 2.22
CA UNK G 17 1.88 -1.13 1.43
C UNK G 17 3.09 -0.88 2.31
N UNK G 18 4.22 -1.41 1.89
CA UNK G 18 5.42 -1.34 2.68
C UNK G 18 6.05 0.04 2.60
N UNK G 19 6.82 0.39 3.62
CA UNK G 19 7.34 1.74 3.77
C UNK G 19 8.49 1.99 2.78
N UNK G 20 8.45 3.15 2.13
CA UNK G 20 9.47 3.56 1.17
C UNK G 20 9.92 4.96 1.56
N UNK G 21 11.04 5.05 2.27
CA UNK G 21 11.44 6.29 2.91
C UNK G 21 12.70 6.82 2.25
N UNK G 22 13.01 8.08 2.56
CA UNK G 22 14.25 8.72 2.13
C UNK G 22 14.60 9.86 3.07
PB ADP H . 6.11 32.61 -13.83
O1B ADP H . 7.52 32.86 -13.38
O2B ADP H . 5.34 31.65 -12.97
O3B ADP H . 5.96 32.41 -15.31
PA ADP H . 4.16 34.47 -14.46
O1A ADP H . 4.66 34.95 -15.79
O2A ADP H . 3.12 33.38 -14.38
O3A ADP H . 5.41 34.03 -13.57
O5' ADP H . 3.60 35.73 -13.68
C5' ADP H . 4.29 36.97 -13.78
C4' ADP H . 3.24 38.01 -14.07
O4' ADP H . 3.86 39.22 -14.48
C3' ADP H . 2.38 37.57 -15.24
O3' ADP H . 1.06 37.32 -14.76
C2' ADP H . 2.32 38.73 -16.18
O2' ADP H . 0.96 39.08 -16.39
C1' ADP H . 3.02 39.84 -15.44
N9 ADP H . 3.79 40.64 -16.40
C8 ADP H . 3.29 41.65 -17.13
N7 ADP H . 4.23 42.19 -17.92
C5 ADP H . 5.36 41.53 -17.72
C6 ADP H . 6.72 41.62 -18.26
N6 ADP H . 7.05 42.53 -19.17
N1 ADP H . 7.61 40.74 -17.78
C2 ADP H . 7.26 39.83 -16.86
N3 ADP H . 6.05 39.69 -16.33
C4 ADP H . 5.06 40.50 -16.72
C2 4KZ I . 26.94 38.24 0.45
C3 4KZ I . 25.91 38.78 -0.31
C5 4KZ I . 24.98 39.72 1.59
C6 4KZ I . 26.02 39.19 2.37
C7 4KZ I . 28.01 37.43 -0.18
C10 4KZ I . 29.09 36.73 -2.25
C11 4KZ I . 28.70 35.66 -3.28
O19 4KZ I . 29.27 39.05 -2.79
C18 4KZ I . 29.70 37.92 -2.92
N20 4KZ I . 30.86 37.62 -3.45
C21 4KZ I . 31.93 38.54 -3.48
C22 4KZ I . 32.62 38.23 -2.16
C23 4KZ I . 32.35 39.27 -1.12
C24 4KZ I . 31.11 39.44 -0.58
C25 4KZ I . 30.90 40.42 0.40
C26 4KZ I . 31.92 41.25 0.84
C27 4KZ I . 33.16 41.06 0.30
C28 4KZ I . 33.35 40.08 -0.67
B29 4KZ I . 32.80 38.16 -4.68
O30 4KZ I . 33.18 36.77 -4.60
O31 4KZ I . 32.15 38.37 -5.96
C12 4KZ I . 29.89 34.80 -3.68
C13 4KZ I . 30.61 34.19 -2.68
C14 4KZ I . 31.71 33.40 -3.01
C15 4KZ I . 32.10 33.22 -4.33
C16 4KZ I . 31.38 33.83 -5.34
C17 4KZ I . 30.28 34.62 -5.02
N9 4KZ I . 27.96 37.21 -1.50
O8 4KZ I . 28.91 37.03 0.54
N1 4KZ I . 26.97 38.46 1.78
N4 4KZ I . 24.94 39.51 0.27
PG AGS J . 4.91 3.68 33.62
S1G AGS J . 3.50 3.15 32.40
O2G AGS J . 5.32 5.11 33.30
O3G AGS J . 6.18 2.85 33.36
PB AGS J . 3.24 3.92 35.84
O1B AGS J . 2.04 3.73 35.08
O2B AGS J . 3.47 5.36 36.23
O3B AGS J . 4.56 3.53 35.12
PA AGS J . 2.03 2.20 37.59
O1A AGS J . 1.92 1.08 36.72
O2A AGS J . 0.77 3.02 37.69
O3A AGS J . 3.16 3.16 37.18
O5' AGS J . 2.41 1.76 39.01
C5' AGS J . 3.25 0.66 39.33
C4' AGS J . 2.81 0.01 40.61
O4' AGS J . 3.10 0.87 41.73
C3' AGS J . 1.31 -0.30 40.70
O3' AGS J . 1.11 -1.59 41.27
C2' AGS J . 0.79 0.74 41.68
O2' AGS J . -0.27 0.20 42.45
C1' AGS J . 1.99 0.92 42.58
N9 AGS J . 1.99 2.20 43.24
C8 AGS J . 2.59 3.35 42.81
N7 AGS J . 2.41 4.38 43.59
C5 AGS J . 1.64 3.88 44.61
C6 AGS J . 1.11 4.46 45.76
N6 AGS J . 1.30 5.74 46.08
N1 AGS J . 0.38 3.70 46.58
C2 AGS J . 0.19 2.42 46.26
N3 AGS J . 0.64 1.75 45.19
C4 AGS J . 1.36 2.54 44.41
C2 4KZ K . 24.81 15.05 39.31
C3 4KZ K . 25.95 14.29 39.10
C5 4KZ K . 25.19 12.72 40.64
C6 4KZ K . 24.04 13.48 40.87
C7 4KZ K . 24.62 16.34 38.57
C10 4KZ K . 23.26 18.39 38.34
C11 4KZ K . 22.01 18.29 37.51
O19 4KZ K . 22.41 19.13 40.43
C18 4KZ K . 23.06 19.40 39.42
N20 4KZ K . 23.68 20.54 39.25
C21 4KZ K . 23.86 21.47 40.35
C22 4KZ K . 25.32 21.97 40.35
C23 4KZ K . 26.29 20.84 40.62
C24 4KZ K . 27.05 20.79 41.78
C25 4KZ K . 27.96 19.75 42.04
C26 4KZ K . 28.09 18.73 41.10
C27 4KZ K . 27.32 18.78 39.93
C28 4KZ K . 26.43 19.82 39.69
B29 4KZ K . 22.81 22.61 40.24
O30 4KZ K . 22.53 22.93 38.87
O31 4KZ K . 21.54 22.25 40.81
C12 4KZ K . 21.66 19.65 36.92
C13 4KZ K . 20.52 20.33 37.34
C14 4KZ K . 20.21 21.57 36.78
C15 4KZ K . 21.02 22.13 35.78
C16 4KZ K . 22.15 21.45 35.35
C17 4KZ K . 22.47 20.21 35.93
N9 4KZ K . 23.60 17.10 38.93
O8 4KZ K . 25.38 16.65 37.67
N1 4KZ K . 23.88 14.63 40.20
N4 4KZ K . 26.12 13.14 39.77
PB ADP L . 37.84 -14.47 -5.08
O1B ADP L . 38.90 -13.85 -4.24
O2B ADP L . 36.79 -13.51 -5.51
O3B ADP L . 37.32 -15.77 -4.56
PA ADP L . 37.93 -16.08 -7.31
O1A ADP L . 38.11 -17.44 -6.71
O2A ADP L . 36.56 -15.61 -7.63
O3A ADP L . 38.60 -14.95 -6.40
O5' ADP L . 38.76 -16.06 -8.68
C5' ADP L . 40.15 -16.31 -8.77
C4' ADP L . 40.44 -17.12 -10.01
O4' ADP L . 41.63 -17.89 -9.87
C3' ADP L . 39.34 -18.12 -10.25
O3' ADP L . 38.85 -17.92 -11.56
C2' ADP L . 39.97 -19.47 -10.21
O2' ADP L . 39.49 -20.27 -11.29
C1' ADP L . 41.42 -19.17 -10.46
N9 ADP L . 42.25 -20.25 -9.90
C8 ADP L . 42.59 -21.41 -10.50
N7 ADP L . 43.37 -22.18 -9.70
C5 ADP L . 43.53 -21.49 -8.59
C6 ADP L . 44.21 -21.71 -7.34
N6 ADP L . 44.92 -22.81 -7.12
N1 ADP L . 44.15 -20.76 -6.41
C2 ADP L . 43.46 -19.64 -6.62
N3 ADP L . 42.81 -19.37 -7.73
C4 ADP L . 42.81 -20.25 -8.72
C2 4KZ M . 49.94 0.28 5.12
C3 4KZ M . 49.75 -0.61 4.09
C5 4KZ M . 50.85 0.84 2.67
C6 4KZ M . 51.05 1.74 3.70
C7 4KZ M . 49.45 -0.05 6.49
C10 4KZ M . 49.70 -1.48 8.38
C11 4KZ M . 48.36 -2.20 8.40
O19 4KZ M . 51.46 -2.96 7.99
C18 4KZ M . 50.82 -2.35 8.83
N20 4KZ M . 51.09 -2.20 10.09
C21 4KZ M . 52.41 -2.29 10.62
C22 4KZ M . 52.66 -0.81 10.95
C23 4KZ M . 53.54 -0.02 9.99
C24 4KZ M . 53.74 1.33 10.23
C25 4KZ M . 54.54 2.10 9.38
C26 4KZ M . 55.13 1.54 8.27
C27 4KZ M . 54.93 0.20 8.03
C28 4KZ M . 54.12 -0.59 8.86
B29 4KZ M . 52.47 -3.27 11.80
O30 4KZ M . 51.55 -2.90 12.83
O31 4KZ M . 52.13 -4.62 11.44
C12 4KZ M . 47.95 -2.49 9.82
C13 4KZ M . 47.47 -3.76 10.15
C14 4KZ M . 47.10 -4.06 11.47
C15 4KZ M . 47.22 -3.10 12.47
C16 4KZ M . 47.70 -1.83 12.15
C17 4KZ M . 48.06 -1.52 10.83
N9 4KZ M . 50.04 -1.06 7.05
O8 4KZ M . 48.56 0.59 7.02
N1 4KZ M . 50.60 1.43 4.92
N4 4KZ M . 50.21 -0.31 2.88
PG AGS N . 23.69 -15.46 22.30
S1G AGS N . 21.95 -15.87 21.51
O2G AGS N . 23.60 -14.22 23.22
O3G AGS N . 24.65 -15.02 21.19
PB AGS N . 23.76 -17.77 23.91
O1B AGS N . 22.36 -18.04 23.68
O2B AGS N . 23.98 -17.29 25.32
O3B AGS N . 24.40 -16.62 23.05
PA AGS N . 23.69 -20.39 23.92
O1A AGS N . 22.94 -20.69 22.72
O2A AGS N . 22.82 -20.11 25.12
O3A AGS N . 24.54 -19.10 23.80
O5' AGS N . 24.63 -21.57 24.25
C5' AGS N . 25.87 -21.85 23.62
C4' AGS N . 26.23 -23.26 24.00
O4' AGS N . 26.87 -23.29 25.28
C3' AGS N . 25.04 -24.21 24.08
O3' AGS N . 25.26 -25.34 23.24
C2' AGS N . 25.00 -24.65 25.54
O2' AGS N . 24.68 -26.02 25.65
C1' AGS N . 26.43 -24.42 25.99
N9 AGS N . 26.54 -24.12 27.40
C8 AGS N . 26.67 -22.88 27.94
N7 AGS N . 26.72 -22.87 29.24
C5 AGS N . 26.61 -24.21 29.59
C6 AGS N . 26.60 -24.87 30.82
N6 AGS N . 26.71 -24.25 31.98
N1 AGS N . 26.48 -26.20 30.81
C2 AGS N . 26.37 -26.83 29.63
N3 AGS N . 26.36 -26.31 28.41
C4 AGS N . 26.49 -24.98 28.45
C2 4KZ O . 41.05 -2.87 29.06
C3 4KZ O . 40.62 -4.18 28.98
C5 4KZ O . 42.61 -4.80 27.96
C6 4KZ O . 43.06 -3.48 28.03
C7 4KZ O . 40.22 -1.81 29.67
C10 4KZ O . 38.82 -1.16 31.56
C11 4KZ O . 37.33 -1.36 31.40
O19 4KZ O . 39.48 -2.44 33.40
C18 4KZ O . 39.22 -1.32 32.98
N20 4KZ O . 39.47 -0.18 33.56
C21 4KZ O . 40.65 -0.03 34.37
C22 4KZ O . 41.49 0.93 33.55
C23 4KZ O . 42.88 0.47 33.26
C24 4KZ O . 43.09 -0.76 32.65
C25 4KZ O . 44.37 -1.17 32.35
C26 4KZ O . 45.45 -0.37 32.63
C27 4KZ O . 45.24 0.87 33.22
C28 4KZ O . 43.96 1.29 33.52
B29 4KZ O . 40.30 0.52 35.72
O30 4KZ O . 40.25 1.96 35.65
O31 4KZ O . 39.01 0.01 36.09
C12 4KZ O . 36.62 -0.30 32.21
C13 4KZ O . 35.96 -0.59 33.41
C14 4KZ O . 35.33 0.42 34.14
C15 4KZ O . 35.35 1.72 33.69
C16 4KZ O . 36.01 2.02 32.49
C17 4KZ O . 36.64 1.00 31.77
N9 4KZ O . 39.62 -2.11 30.81
O8 4KZ O . 40.12 -0.73 29.15
N1 4KZ O . 42.27 -2.55 28.58
N4 4KZ O . 41.41 -5.12 28.44
PB ADP P . 27.51 9.04 -25.42
O1B ADP P . 28.34 10.30 -25.48
O2B ADP P . 26.02 9.27 -25.28
O3B ADP P . 28.04 7.98 -24.50
PA ADP P . 27.02 8.96 -28.18
O1A ADP P . 27.73 8.36 -29.35
O2A ADP P . 25.52 8.84 -28.08
O3A ADP P . 27.69 8.36 -26.86
O5' ADP P . 27.35 10.53 -28.20
C5' ADP P . 28.57 10.96 -28.79
C4' ADP P . 28.27 11.95 -29.91
O4' ADP P . 29.46 12.29 -30.59
C3' ADP P . 27.37 11.30 -30.94
O3' ADP P . 26.29 12.19 -31.22
C2' ADP P . 28.22 11.18 -32.19
O2' ADP P . 27.43 11.44 -33.34
C1' ADP P . 29.21 12.28 -31.98
N9 ADP P . 30.41 11.97 -32.79
C8 ADP P . 30.62 12.45 -34.02
N7 ADP P . 31.78 12.03 -34.53
C5 ADP P . 32.33 11.25 -33.61
C6 ADP P . 33.58 10.47 -33.54
N6 ADP P . 34.43 10.48 -34.56
N1 ADP P . 33.81 9.78 -32.43
C2 ADP P . 32.93 9.80 -31.42
N3 ADP P . 31.78 10.48 -31.41
C4 ADP P . 31.43 11.21 -32.47
C2 4KZ Q . 43.35 20.81 -9.45
C3 4KZ Q . 43.28 20.84 -10.84
C5 4KZ Q . 42.10 22.84 -10.76
C6 4KZ Q . 42.18 22.83 -9.38
C7 4KZ Q . 44.06 19.70 -8.72
C10 4KZ Q . 44.99 17.45 -8.75
C11 4KZ Q . 44.33 16.14 -9.12
O19 4KZ Q . 46.69 17.14 -10.39
C18 4KZ Q . 46.40 17.47 -9.26
N20 4KZ Q . 47.32 17.87 -8.39
C21 4KZ Q . 48.72 17.86 -8.68
C22 4KZ Q . 49.39 18.87 -7.75
C23 4KZ Q . 49.04 20.29 -8.10
C24 4KZ Q . 48.54 21.17 -7.15
C25 4KZ Q . 48.24 22.49 -7.46
C26 4KZ Q . 48.44 22.94 -8.74
C27 4KZ Q . 48.96 22.07 -9.69
C28 4KZ Q . 49.25 20.75 -9.37
B29 4KZ Q . 49.33 16.44 -8.53
O30 4KZ Q . 48.88 15.83 -7.31
O31 4KZ Q . 48.92 15.55 -9.59
C12 4KZ Q . 44.96 15.00 -8.37
C13 4KZ Q . 44.79 14.93 -6.99
C14 4KZ Q . 45.35 13.87 -6.26
C15 4KZ Q . 46.07 12.89 -6.94
C16 4KZ Q . 46.22 12.95 -8.34
C17 4KZ Q . 45.67 14.01 -9.05
N9 4KZ Q . 44.18 18.52 -9.31
O8 4KZ Q . 44.55 19.95 -7.62
N1 4KZ Q . 42.80 21.82 -8.75
N4 4KZ Q . 42.66 21.85 -11.46
PG AGS R . -4.61 25.85 17.48
S1G AGS R . -5.98 24.67 16.79
O2G AGS R . -3.72 26.34 16.34
O3G AGS R . -3.67 25.09 18.41
PB AGS R . -6.26 28.06 17.86
O1B AGS R . -7.17 27.55 16.86
O2B AGS R . -5.45 29.23 17.36
O3B AGS R . -5.15 27.05 18.29
PA AGS R . -8.50 28.86 19.03
O1A AGS R . -9.30 27.68 19.18
O2A AGS R . -8.70 29.60 17.73
O3A AGS R . -7.00 28.59 19.10
O5' AGS R . -8.82 29.76 20.24
C5' AGS R . -8.60 29.29 21.56
C4' AGS R . -9.41 30.09 22.55
O4' AGS R . -8.82 31.40 22.73
C3' AGS R . -10.87 30.33 22.16
O3' AGS R . -11.68 30.21 23.32
C2' AGS R . -10.88 31.78 21.72
O2' AGS R . -12.12 32.39 22.01
C1' AGS R . -9.83 32.38 22.63
N9 AGS R . -9.24 33.59 22.10
C8 AGS R . -8.08 33.69 21.40
N7 AGS R . -7.79 34.90 21.02
C5 AGS R . -8.85 35.65 21.49
C6 AGS R . -9.15 37.02 21.41
N6 AGS R . -8.36 37.91 20.81
N1 AGS R . -10.28 37.45 22.00
C2 AGS R . -11.06 36.56 22.61
N3 AGS R . -10.89 35.25 22.74
C4 AGS R . -9.75 34.85 22.16
C2 4KZ S . 18.05 35.70 24.78
C3 4KZ S . 18.60 34.76 25.65
C5 4KZ S . 16.72 34.98 26.98
C6 4KZ S . 16.17 35.91 26.10
C7 4KZ S . 18.76 36.10 23.53
C10 4KZ S . 18.45 37.42 21.51
C11 4KZ S . 17.45 36.70 20.63
O19 4KZ S . 17.42 39.42 22.02
C18 4KZ S . 18.26 38.86 21.34
N20 4KZ S . 19.17 39.40 20.60
C21 4KZ S . 19.73 40.62 21.03
C22 4KZ S . 21.08 40.13 21.57
C23 4KZ S . 21.19 40.05 23.07
C24 4KZ S . 20.60 41.02 23.85
C25 4KZ S . 20.73 41.01 25.24
C26 4KZ S . 21.46 40.00 25.87
C27 4KZ S . 22.06 39.01 25.09
C28 4KZ S . 21.93 39.05 23.70
B29 4KZ S . 19.84 41.61 19.88
O30 4KZ S . 20.54 41.02 18.76
O31 4KZ S . 18.55 42.00 19.40
C12 4KZ S . 17.78 37.00 19.19
C13 4KZ S . 16.87 37.64 18.36
C14 4KZ S . 17.19 37.92 17.02
C15 4KZ S . 18.43 37.54 16.52
C16 4KZ S . 19.34 36.90 17.35
C17 4KZ S . 19.02 36.63 18.68
N9 4KZ S . 18.17 37.09 22.87
O8 4KZ S . 19.74 35.49 23.14
N1 4KZ S . 16.85 36.24 25.01
N4 4KZ S . 17.91 34.44 26.73
#